data_5LD2
#
_entry.id   5LD2
#
_cell.length_a   1
_cell.length_b   1
_cell.length_c   1
_cell.angle_alpha   90.00
_cell.angle_beta   90.00
_cell.angle_gamma   90.00
#
_symmetry.space_group_name_H-M   'P 1'
#
loop_
_entity.id
_entity.type
_entity.pdbx_description
1 polymer 'RecBCD enzyme subunit RecB,RecBCD enzyme subunit RecB,RecBCD enzyme subunit RecB'
2 polymer 'RecBCD enzyme subunit RecC'
3 polymer 'RecBCD enzyme subunit RecD'
4 polymer 'Fork-Hairpin DNA (70-MER)'
5 non-polymer 'PHOSPHOAMINOPHOSPHONIC ACID-ADENYLATE ESTER'
6 non-polymer 'MAGNESIUM ION'
#
loop_
_entity_poly.entity_id
_entity_poly.type
_entity_poly.pdbx_seq_one_letter_code
_entity_poly.pdbx_strand_id
1 'polypeptide(L)'
;GMSDVAETLDPLRLPLQGERLIEASAGTGKTFTIAALYLRLLLGLGGSAAFPRPLTVEELLVVTFTEAATAELRGRIRSN
IHELRIACLRETTDNPLYERLLEEIDDKAQAAQWLLLAERQMDEAAVFTIHGFCQRMLNLNAFESGMLFEQQLIEDESLL
RYQACADFWRRHCYPLPREIAQVVFETWKGPQALLRDINRYLQGEAPVIKAPPPDDETLASRHAQIVARIDTVKQQWRDA
VGELDALIESSGIDRRKFNRSNQAKWIDKISAWAEEETNSYQLPESLEKFSQRFLEDRTKAGGETPRHPLFEAIDQLLAE
PLSIRDLVITRALAEIRETVAREKRRRGELGFDDMLSRLDSALRSESGEVLAAAIRTRFPVAMIDEFQDTDPQQYRIFRR
IWHHQPETALLLIGDPKQAIYAFRGADIFTYMKARSEVHAHYTLDTNWRSAPGMVNSVNKLFSQTDDAFMFREIPFIPVK
SAGKNQALRFVFKGETQPAMKMWLMEGESCGVGDYQSTMAQVCAAQIRDWLQAGQRGEALLMNGDDARPVRASDISVLVR
SRQEAAQVRDALTLLEIPSVYLSNRDSVFETLEAQEMLWLLQAVMTPERENTLRSALATSMMGLNALDIETLNNDEHAWD
VVVEEFDGYRQIWRKRGVMPMLRALMSARNIAENLLATAGGERRLTDILHISELLQEAGTQLESEHALVRWLSQHILEPD
SNASSQQMRLESDKHLVQIVTIHKSKGLEYPLVWLPFITNFRVQEQAFYHDRHSFEAVLDLNAAPESVDLAEAERLAEDL
RLLYVALTRSVWHCSLGVAPLVRRRGDKKGDTDVHQSALGRLLQKGEPQDAAGLRTCIEALCDDDIAWQTAQTGDNQPWQ
VNDVSTAELNAKTLQRLPGDNWRVTSYSGLQQR(UNK)(UNK)(UNK)(UNK)(UNK)(UNK)(UNK)(UNK)(UNK)
(UNK)(UNK)(UNK)(UNK)(UNK)(UNK)(UNK)(UNK)(UNK)(UNK)(UNK)(UNK)(UNK)(UNK)(UNK)(UNK)
PTLTPHQFPRGASPGTFLHSLFEDLDFTQPVDPNWVREKLELGGFESQWEPVLTEWITAVLQAPLNETGVSLSQLSARNK
QVEMEFYLPISEPLIASQLDTLIRQFDPLSAGCPPLEFMQVRGMLKGFIDLVFRHEGRYYLLAYKSNWLGEDSSAYTQQA
MAAAMQAHRYDLQYQLYTLALHRYLRHRIADYDYEHHFGGVIYLFLRGVDKEHPQQGIYTTRPNAGLIALMDEMFAGMTL
EEA
;
B
2 'polypeptide(L)'
;MLRVYHSNRLDVLEALMEFIVERERLDDPFEPEMILVQSTGMAQWLQMTLSQKFGIAANIDFPLPASFIWDMFVRVLPEI
PKESAFNKQSMSWKLMTLLPQLLEREDFTLLRHYLTDDSDKRKLFQLSSKAADLFDQYLVYRPDWLAQWETGHLVEGLGE
AQAWQAPLWKALVEYTHQLGQPRWHRANLYQRFIETLESATTCPPGLPSRVFICGISALPPVYLQALQALGKHIEIHLLF
TNPCRYYWGDIKDPAYLAKLLTRQRRHSFEDRELPLFRDSENAGQLFNSDGEQDVGNPLLASWGKLGRDYIYLLSDLESS
QELDAFVDVTPDNLLHNIQSDILELENRAVAGVNIEEFSRSDNKRPLDPLDSSITFHVCHSPQREVEVLHDRLLAMLEED
PTLTPRDIIVMVADIDSYSPFIQAVFGSAPADRYLPYAISDRRARQSHPVLEAFISLLSLPDSRFVSEDVLALLDVPVLA
ARFDITEEGLRYLRQWVNESGIRWGIDDDNVRELELPATGQHTWRFGLTRMLLGYAMESAQGEWQSVLPYDESSGLIAEL
VGHLASLLMQLNIWRRGLAQERPLEEWLPVCRDMLNAFFLPDAETEAAMTLIEQQWQAIIAEGLGAQYGDAVPLSLLRDE
LAQRLDQERISQRFLAGPVNICTLMPMRSIPFKVVCLLGMNDGVYPRQLAPLGFDLMSQKPKRGDRSRRDDDRYLFLEAL
ISAQQKLYISYIGRSIQDNSERFPSVLVQELIDYIGQSHYLPGDEALNCDESEARVKAHLTCLHTRMPFDPQNYQPGERQ
SYAREWLPAASQAGKAHSEFVQPLPFTLPETVPLETLQRFWAHPVRAFFQMRLQVNFRTEDSEIPDTEPFILEGLSRYQI
NQQLLNALVEQDDAERLFRRFRAAGDLPYGAFGEIFWETQCQEMQQLADRVIACRQPGQSMEIDLACNGVQITGWLPQVQ
PDGLLRWRPSLLSVAQGMQLWLEHLVYCASGGNGESRLFLRKDGEWRFPPLAAEQALHYLSQLIEGYREGMSAPLLVLPE
SGGAWLKTCYDAQNDAMLDDDSTLQKARTKFLQAYEGNMMVRGEGDDIWYQRLWRQLTPETMEAIVEQSQRFLLPLFRFN
QS
;
C
3 'polypeptide(L)'
;MGKLQKQLLEAVEHKQLRPLDVQFALTVAGDEHPAVTLAAALLSHDAGEGHVCLPLSRLENNEASHPLLATCVSEIGELQ
NWEECLLASQAVSRGDEPTPMILCGDRLYLNRMWCNERTVARFFNEVNHAIEVDEALLAQTLDKLFPVSDEINWQKVAAA
VALTRRISVISGGPGTGKTTTVAKLLAALIQMADGERCRIRLAAPTGKAAARLTESLGKALRQLPLTDEQKKRIPEDAST
LHRLLGAQPGSQRLRHHAGNPLHLDVLVVDEASMIDLPMMSRLIDALPDHARVIFLGDRDQLASVEAGAVLGDICAYANA
GFTAERARQLSRLTGTHVPAGTGTEAASLRDSLCLLQKSYRFGSDSGIGQLAAAINRGDKTAVKTVFQQDFTDIEKRLLQ
SGEDYIAMLEEALAGYGRYLDLLQARAEPDLIIQAFNEYQLLCALREGPFGVAGLNERIEQFMQQKRKIHRHPHSRWYEG
RPVMIARNDSALGLFNGDIGIALDRGQGTRVWFAMPDGNIKSVQPSRLPEHETTWAMTVHKSQGSEFDHAALILPSQRTP
VVTRELVYTAVTRARRRLSLYADERILSAAIATRTERRSGLAALFSSRE
;
D
4 'polydeoxyribonucleotide'
;(DT)(DT)(DT)(DT)(DT)(DT)(DT)(DT)(DT)(DT)(DT)(DT)(DT)(DC)(DT)(DA)(DA)(DT)(DG)(DC)
(DG)(DA)(DG)(DC)(DA)(DC)(DT)(DG)(DC)(DT)(DA)(DC)(DA)(DG)(DC)(DA)(DT)(DT)(DT)(DC)
(DC)(DC)(DA)(DT)(DG)(DC)(DT)(DG)(DT)(DA)(DG)(DC)(DA)(DG)(DT)(DG)(DC)(DT)(DC)(DG)
(DC)(DA)(DT)(DT)(DA)(DG)(DA)(DT)(DT)(DT)
;
X
#
# COMPACT_ATOMS: atom_id res chain seq x y z
N ALA A 6 18.88 -54.23 16.75
CA ALA A 6 19.22 -52.89 17.21
C ALA A 6 20.30 -52.93 18.28
N GLU A 7 21.28 -52.05 18.18
CA GLU A 7 22.30 -51.95 19.20
C GLU A 7 22.19 -50.62 19.93
N THR A 8 22.60 -50.60 21.18
CA THR A 8 22.67 -49.36 21.92
C THR A 8 23.77 -48.48 21.35
N LEU A 9 23.69 -47.19 21.61
CA LEU A 9 24.56 -46.22 20.96
C LEU A 9 25.52 -45.58 21.96
N ASP A 10 26.78 -45.50 21.56
CA ASP A 10 27.75 -44.59 22.16
C ASP A 10 28.12 -43.54 21.13
N PRO A 11 27.90 -42.27 21.43
CA PRO A 11 28.22 -41.21 20.46
C PRO A 11 29.62 -41.32 19.90
N LEU A 12 30.56 -41.69 20.77
CA LEU A 12 31.95 -41.78 20.38
C LEU A 12 32.30 -43.11 19.72
N ARG A 13 31.42 -44.09 19.81
CA ARG A 13 31.65 -45.37 19.13
C ARG A 13 31.01 -45.45 17.76
N LEU A 14 30.15 -44.51 17.40
CA LEU A 14 29.42 -44.65 16.16
C LEU A 14 30.37 -44.48 14.98
N PRO A 15 30.47 -45.47 14.11
CA PRO A 15 31.22 -45.26 12.86
C PRO A 15 30.47 -44.27 12.01
N LEU A 16 31.20 -43.33 11.43
CA LEU A 16 30.54 -42.41 10.52
C LEU A 16 30.93 -42.74 9.09
N GLN A 17 30.23 -43.72 8.54
CA GLN A 17 30.45 -44.16 7.17
C GLN A 17 29.15 -44.71 6.61
N GLY A 18 28.83 -44.35 5.37
CA GLY A 18 27.61 -44.80 4.74
C GLY A 18 26.41 -44.23 5.46
N GLU A 19 25.26 -44.89 5.33
CA GLU A 19 24.03 -44.44 5.98
C GLU A 19 23.90 -45.06 7.37
N ARG A 20 23.42 -44.28 8.33
CA ARG A 20 23.26 -44.79 9.68
C ARG A 20 21.96 -44.26 10.25
N LEU A 21 21.16 -45.13 10.85
CA LEU A 21 19.92 -44.68 11.46
C LEU A 21 20.02 -44.77 12.97
N ILE A 22 19.64 -43.70 13.64
CA ILE A 22 19.61 -43.65 15.09
C ILE A 22 18.17 -43.42 15.52
N GLU A 23 17.64 -44.37 16.27
CA GLU A 23 16.26 -44.34 16.71
C GLU A 23 16.18 -44.46 18.22
N ALA A 24 15.24 -43.73 18.81
CA ALA A 24 15.07 -43.69 20.25
C ALA A 24 13.84 -42.87 20.60
N SER A 25 13.32 -43.04 21.81
CA SER A 25 12.03 -42.44 22.16
C SER A 25 12.20 -40.96 22.46
N ALA A 26 11.13 -40.32 22.92
CA ALA A 26 11.17 -38.89 23.17
C ALA A 26 12.08 -38.56 24.35
N GLY A 27 12.52 -37.31 24.38
CA GLY A 27 13.38 -36.85 25.45
C GLY A 27 14.64 -37.65 25.60
N THR A 28 15.01 -38.43 24.59
CA THR A 28 16.15 -39.31 24.73
C THR A 28 17.44 -38.62 24.35
N GLY A 29 17.38 -37.34 24.03
CA GLY A 29 18.58 -36.60 23.74
C GLY A 29 19.01 -36.71 22.30
N LYS A 30 18.06 -37.02 21.42
CA LYS A 30 18.39 -37.13 20.00
C LYS A 30 19.07 -35.86 19.51
N THR A 31 18.38 -34.73 19.67
CA THR A 31 18.97 -33.44 19.34
C THR A 31 20.28 -33.25 20.09
N PHE A 32 20.31 -33.67 21.35
CA PHE A 32 21.48 -33.43 22.19
C PHE A 32 22.73 -34.09 21.65
N THR A 33 22.60 -35.18 20.92
CA THR A 33 23.78 -35.90 20.46
C THR A 33 24.43 -35.22 19.27
N ILE A 34 23.61 -34.54 18.46
CA ILE A 34 24.05 -33.91 17.23
C ILE A 34 25.28 -33.06 17.50
N ALA A 35 25.30 -32.37 18.64
CA ALA A 35 26.48 -31.63 19.05
C ALA A 35 27.71 -32.52 19.06
N ALA A 36 27.64 -33.62 19.82
CA ALA A 36 28.80 -34.48 19.96
C ALA A 36 29.28 -34.99 18.62
N LEU A 37 28.37 -35.50 17.80
CA LEU A 37 28.82 -35.98 16.49
C LEU A 37 29.41 -34.84 15.68
N TYR A 38 28.88 -33.63 15.84
CA TYR A 38 29.40 -32.51 15.09
C TYR A 38 30.86 -32.26 15.45
N LEU A 39 31.15 -32.13 16.75
CA LEU A 39 32.53 -31.96 17.20
C LEU A 39 33.41 -33.06 16.64
N ARG A 40 33.02 -34.31 16.90
CA ARG A 40 33.74 -35.48 16.42
C ARG A 40 34.10 -35.34 14.94
N LEU A 41 33.13 -34.91 14.14
CA LEU A 41 33.38 -34.66 12.74
C LEU A 41 34.41 -33.57 12.52
N LEU A 42 34.34 -32.48 13.27
CA LEU A 42 35.34 -31.44 13.10
C LEU A 42 36.74 -31.94 13.33
N LEU A 43 36.93 -32.79 14.35
CA LEU A 43 38.27 -33.23 14.70
C LEU A 43 38.68 -34.54 14.03
N GLY A 44 37.76 -35.25 13.39
CA GLY A 44 38.13 -36.53 12.81
C GLY A 44 38.49 -37.56 13.85
N LEU A 45 37.57 -37.84 14.77
CA LEU A 45 37.84 -38.69 15.92
C LEU A 45 36.93 -39.90 15.97
N GLY A 46 37.34 -40.88 16.77
CA GLY A 46 36.69 -42.17 16.80
C GLY A 46 37.56 -43.26 16.20
N GLY A 47 38.70 -42.88 15.63
CA GLY A 47 39.61 -43.87 15.10
C GLY A 47 38.97 -44.70 14.01
N SER A 48 38.91 -46.01 14.24
CA SER A 48 38.20 -46.90 13.33
C SER A 48 36.83 -46.35 12.97
N ALA A 49 36.06 -45.94 13.97
CA ALA A 49 34.75 -45.39 13.72
C ALA A 49 34.81 -43.98 13.14
N ALA A 50 35.99 -43.37 13.10
CA ALA A 50 36.08 -42.01 12.62
C ALA A 50 35.97 -41.97 11.10
N PHE A 51 35.52 -40.82 10.62
CA PHE A 51 35.48 -40.45 9.22
C PHE A 51 36.91 -40.45 8.69
N PRO A 52 37.14 -40.61 7.40
CA PRO A 52 38.51 -40.66 6.88
C PRO A 52 39.35 -39.45 7.24
N ARG A 53 38.82 -38.25 7.06
CA ARG A 53 39.59 -37.03 7.19
C ARG A 53 38.82 -35.99 7.97
N PRO A 54 39.50 -35.10 8.69
CA PRO A 54 38.80 -34.03 9.41
C PRO A 54 38.09 -33.13 8.43
N LEU A 55 37.01 -32.51 8.90
CA LEU A 55 36.18 -31.71 8.02
C LEU A 55 36.11 -30.28 8.50
N THR A 56 35.71 -29.41 7.59
CA THR A 56 35.60 -27.98 7.84
C THR A 56 34.14 -27.64 8.08
N VAL A 57 33.91 -26.68 8.98
CA VAL A 57 32.57 -26.31 9.38
C VAL A 57 31.66 -26.13 8.17
N GLU A 58 32.17 -25.53 7.11
CA GLU A 58 31.33 -25.30 5.96
C GLU A 58 31.02 -26.57 5.18
N GLU A 59 31.66 -27.69 5.50
CA GLU A 59 31.37 -28.94 4.81
C GLU A 59 30.40 -29.83 5.55
N LEU A 60 29.94 -29.44 6.73
CA LEU A 60 29.03 -30.26 7.53
C LEU A 60 27.61 -29.78 7.27
N LEU A 61 26.75 -30.66 6.81
CA LEU A 61 25.37 -30.30 6.56
C LEU A 61 24.52 -30.85 7.68
N VAL A 62 23.74 -29.98 8.31
CA VAL A 62 22.76 -30.39 9.31
C VAL A 62 21.42 -29.82 8.88
N VAL A 63 20.41 -30.66 8.86
CA VAL A 63 19.09 -30.28 8.37
C VAL A 63 18.07 -30.59 9.45
N THR A 64 17.38 -29.56 9.93
CA THR A 64 16.47 -29.70 11.04
C THR A 64 15.07 -29.28 10.58
N PHE A 65 14.08 -29.44 11.45
CA PHE A 65 12.71 -29.29 11.03
C PHE A 65 12.20 -27.86 11.02
N THR A 66 12.52 -27.05 12.03
CA THR A 66 11.98 -25.72 12.11
C THR A 66 13.09 -24.68 12.06
N GLU A 67 12.74 -23.52 11.49
CA GLU A 67 13.64 -22.39 11.49
C GLU A 67 14.13 -22.04 12.88
N ALA A 68 13.24 -22.09 13.88
CA ALA A 68 13.68 -21.85 15.24
C ALA A 68 14.72 -22.87 15.67
N ALA A 69 14.48 -24.14 15.36
CA ALA A 69 15.42 -25.18 15.77
C ALA A 69 16.79 -24.93 15.17
N THR A 70 16.85 -24.49 13.91
CA THR A 70 18.13 -24.13 13.32
C THR A 70 18.87 -23.08 14.15
N ALA A 71 18.16 -22.05 14.60
CA ALA A 71 18.80 -21.05 15.44
C ALA A 71 19.35 -21.67 16.70
N GLU A 72 18.49 -22.38 17.44
CA GLU A 72 18.93 -22.97 18.69
C GLU A 72 20.16 -23.84 18.48
N LEU A 73 20.04 -24.86 17.64
CA LEU A 73 21.13 -25.79 17.43
C LEU A 73 22.39 -25.08 16.98
N ARG A 74 22.26 -24.10 16.08
CA ARG A 74 23.41 -23.29 15.73
C ARG A 74 24.08 -22.75 16.98
N GLY A 75 23.31 -22.12 17.85
CA GLY A 75 23.88 -21.59 19.07
C GLY A 75 24.58 -22.65 19.91
N ARG A 76 23.87 -23.75 20.20
CA ARG A 76 24.42 -24.79 21.07
C ARG A 76 25.73 -25.32 20.51
N ILE A 77 25.78 -25.54 19.21
CA ILE A 77 27.03 -25.99 18.61
C ILE A 77 28.11 -24.94 18.80
N ARG A 78 27.74 -23.68 18.63
CA ARG A 78 28.71 -22.61 18.89
C ARG A 78 29.27 -22.73 20.30
N SER A 79 28.40 -22.74 21.30
CA SER A 79 28.85 -22.85 22.68
C SER A 79 29.73 -24.06 22.87
N ASN A 80 29.29 -25.22 22.41
CA ASN A 80 30.02 -26.46 22.68
C ASN A 80 31.41 -26.42 22.07
N ILE A 81 31.53 -25.89 20.86
CA ILE A 81 32.85 -25.75 20.28
C ILE A 81 33.70 -24.85 21.16
N HIS A 82 33.11 -23.74 21.61
CA HIS A 82 33.86 -22.84 22.48
C HIS A 82 34.36 -23.55 23.72
N GLU A 83 33.44 -24.14 24.49
CA GLU A 83 33.82 -24.84 25.71
C GLU A 83 34.87 -25.89 25.45
N LEU A 84 34.68 -26.72 24.43
CA LEU A 84 35.65 -27.77 24.17
C LEU A 84 37.02 -27.18 23.90
N ARG A 85 37.08 -26.10 23.14
CA ARG A 85 38.36 -25.42 22.94
C ARG A 85 38.97 -24.98 24.25
N ILE A 86 38.19 -24.29 25.07
CA ILE A 86 38.65 -23.87 26.39
C ILE A 86 39.24 -25.05 27.14
N ALA A 87 38.56 -26.19 27.09
CA ALA A 87 39.04 -27.38 27.77
C ALA A 87 40.37 -27.84 27.18
N CYS A 88 40.45 -27.94 25.85
CA CYS A 88 41.67 -28.37 25.21
C CYS A 88 42.85 -27.53 25.65
N LEU A 89 42.63 -26.24 25.87
CA LEU A 89 43.70 -25.42 26.42
C LEU A 89 43.93 -25.66 27.90
N ARG A 90 42.90 -26.02 28.65
CA ARG A 90 43.10 -26.30 30.06
C ARG A 90 43.45 -27.75 30.32
N GLU A 91 43.32 -28.60 29.31
CA GLU A 91 43.65 -30.02 29.33
C GLU A 91 42.80 -30.81 30.31
N THR A 92 41.99 -30.15 31.12
CA THR A 92 41.03 -30.80 31.99
C THR A 92 39.69 -30.17 31.74
N THR A 93 38.62 -30.85 32.15
CA THR A 93 37.29 -30.26 32.07
C THR A 93 36.39 -30.91 33.10
N ASP A 94 35.33 -30.19 33.45
CA ASP A 94 34.40 -30.61 34.48
C ASP A 94 33.17 -31.29 33.90
N ASN A 95 33.17 -31.57 32.60
CA ASN A 95 32.01 -32.18 31.99
C ASN A 95 32.41 -33.55 31.43
N PRO A 96 31.57 -34.58 31.59
CA PRO A 96 32.05 -35.93 31.26
C PRO A 96 32.27 -36.16 29.78
N LEU A 97 31.36 -35.67 28.93
CA LEU A 97 31.49 -35.94 27.51
C LEU A 97 32.74 -35.30 26.94
N TYR A 98 32.97 -34.03 27.28
CA TYR A 98 34.20 -33.39 26.89
C TYR A 98 35.41 -34.14 27.44
N GLU A 99 35.30 -34.66 28.65
CA GLU A 99 36.40 -35.41 29.23
C GLU A 99 36.73 -36.64 28.41
N ARG A 100 35.71 -37.37 27.96
CA ARG A 100 35.98 -38.52 27.12
C ARG A 100 36.56 -38.10 25.77
N LEU A 101 36.03 -37.04 25.18
CA LEU A 101 36.62 -36.55 23.94
C LEU A 101 38.09 -36.28 24.11
N LEU A 102 38.47 -35.52 25.14
CA LEU A 102 39.86 -35.26 25.44
C LEU A 102 40.67 -36.52 25.69
N GLU A 103 40.08 -37.55 26.29
CA GLU A 103 40.82 -38.82 26.32
C GLU A 103 41.06 -39.36 24.93
N GLU A 104 40.12 -39.19 24.01
CA GLU A 104 40.33 -39.72 22.67
C GLU A 104 41.31 -38.87 21.88
N ILE A 105 41.31 -37.55 22.11
CA ILE A 105 42.10 -36.67 21.27
C ILE A 105 43.57 -36.98 21.47
N ASP A 106 44.35 -36.83 20.41
CA ASP A 106 45.76 -37.14 20.47
C ASP A 106 46.54 -35.89 20.87
N ASP A 107 46.69 -34.97 19.92
CA ASP A 107 47.39 -33.72 20.18
C ASP A 107 46.38 -32.65 20.53
N LYS A 108 46.48 -32.10 21.73
CA LYS A 108 45.47 -31.17 22.19
C LYS A 108 45.68 -29.79 21.60
N ALA A 109 46.93 -29.43 21.32
CA ALA A 109 47.21 -28.10 20.78
C ALA A 109 46.62 -27.93 19.39
N GLN A 110 47.01 -28.79 18.45
CA GLN A 110 46.46 -28.72 17.11
C GLN A 110 44.94 -28.78 17.14
N ALA A 111 44.41 -29.64 18.02
CA ALA A 111 42.98 -29.69 18.23
C ALA A 111 42.43 -28.30 18.54
N ALA A 112 43.05 -27.61 19.50
CA ALA A 112 42.58 -26.28 19.84
C ALA A 112 42.66 -25.34 18.66
N GLN A 113 43.67 -25.51 17.80
CA GLN A 113 43.77 -24.65 16.62
C GLN A 113 42.61 -24.89 15.67
N TRP A 114 42.37 -26.14 15.27
CA TRP A 114 41.23 -26.44 14.43
C TRP A 114 39.95 -25.89 15.03
N LEU A 115 39.77 -26.13 16.33
CA LEU A 115 38.57 -25.63 16.99
C LEU A 115 38.45 -24.13 16.81
N LEU A 116 39.51 -23.39 17.11
CA LEU A 116 39.43 -21.94 16.94
C LEU A 116 38.97 -21.59 15.54
N LEU A 117 39.59 -22.21 14.53
CA LEU A 117 39.22 -21.89 13.16
C LEU A 117 37.74 -22.17 12.92
N ALA A 118 37.26 -23.31 13.40
CA ALA A 118 35.84 -23.63 13.29
C ALA A 118 35.00 -22.53 13.91
N GLU A 119 35.29 -22.20 15.16
CA GLU A 119 34.63 -21.15 15.92
C GLU A 119 34.49 -19.89 15.09
N ARG A 120 35.55 -19.53 14.37
CA ARG A 120 35.45 -18.39 13.48
C ARG A 120 34.49 -18.68 12.34
N GLN A 121 34.61 -19.84 11.71
CA GLN A 121 33.76 -20.18 10.58
C GLN A 121 32.30 -20.26 10.95
N MET A 122 31.96 -20.24 12.24
CA MET A 122 30.60 -20.52 12.67
C MET A 122 29.56 -19.59 12.06
N ASP A 123 29.97 -18.48 11.47
CA ASP A 123 28.98 -17.59 10.87
C ASP A 123 28.26 -18.24 9.72
N GLU A 124 29.00 -18.87 8.81
CA GLU A 124 28.46 -19.47 7.60
C GLU A 124 28.16 -20.94 7.82
N ALA A 125 28.30 -21.41 9.06
CA ALA A 125 28.12 -22.81 9.38
C ALA A 125 26.83 -23.31 8.76
N ALA A 126 26.88 -24.52 8.23
CA ALA A 126 25.77 -24.99 7.43
C ALA A 126 24.75 -25.67 8.33
N VAL A 127 23.62 -25.01 8.52
CA VAL A 127 22.45 -25.58 9.16
C VAL A 127 21.26 -25.03 8.42
N PHE A 128 20.30 -25.90 8.11
CA PHE A 128 19.18 -25.47 7.31
C PHE A 128 17.95 -26.24 7.72
N THR A 129 16.83 -25.93 7.09
CA THR A 129 15.79 -26.92 6.92
C THR A 129 15.87 -27.42 5.49
N ILE A 130 15.03 -28.40 5.15
CA ILE A 130 15.00 -28.84 3.76
C ILE A 130 14.58 -27.68 2.87
N HIS A 131 13.42 -27.11 3.14
CA HIS A 131 12.94 -25.98 2.35
C HIS A 131 13.90 -24.82 2.40
N GLY A 132 14.74 -24.76 3.43
CA GLY A 132 15.84 -23.84 3.46
C GLY A 132 17.09 -24.38 2.82
N PHE A 133 17.22 -25.68 2.68
CA PHE A 133 18.34 -26.28 1.99
C PHE A 133 18.23 -26.20 0.49
N CYS A 134 17.22 -26.83 -0.09
CA CYS A 134 17.04 -26.78 -1.55
C CYS A 134 17.14 -25.35 -2.05
N GLN A 135 16.52 -24.42 -1.32
CA GLN A 135 16.64 -22.99 -1.60
C GLN A 135 18.07 -22.61 -1.90
N ARG A 136 18.95 -22.76 -0.92
CA ARG A 136 20.35 -22.44 -1.14
C ARG A 136 20.92 -23.26 -2.27
N MET A 137 20.80 -24.58 -2.20
CA MET A 137 21.53 -25.44 -3.11
C MET A 137 21.27 -25.07 -4.56
N LEU A 138 20.02 -24.81 -4.93
CA LEU A 138 19.74 -24.40 -6.29
C LEU A 138 20.53 -23.15 -6.64
N ASN A 139 20.39 -22.13 -5.82
CA ASN A 139 21.02 -20.85 -6.10
C ASN A 139 22.53 -21.01 -6.05
N LEU A 140 23.01 -22.05 -5.39
CA LEU A 140 24.44 -22.36 -5.38
C LEU A 140 24.84 -22.92 -6.74
N ASN A 141 24.38 -24.12 -7.09
CA ASN A 141 24.72 -24.67 -8.40
C ASN A 141 23.49 -24.56 -9.31
N ALA A 142 23.54 -23.57 -10.19
CA ALA A 142 22.36 -23.25 -10.98
C ALA A 142 22.26 -24.05 -12.27
N PHE A 143 23.36 -24.18 -13.02
CA PHE A 143 23.32 -24.86 -14.31
C PHE A 143 22.65 -26.21 -14.20
N GLU A 144 23.30 -27.09 -13.45
CA GLU A 144 22.85 -28.44 -13.21
C GLU A 144 21.35 -28.44 -12.95
N SER A 145 20.97 -27.77 -11.89
CA SER A 145 19.59 -27.59 -11.50
C SER A 145 18.76 -26.91 -12.54
N GLY A 146 19.34 -26.30 -13.57
CA GLY A 146 18.53 -25.70 -14.60
C GLY A 146 17.62 -24.63 -14.03
N MET A 147 18.22 -23.66 -13.36
CA MET A 147 17.50 -22.59 -12.70
C MET A 147 17.98 -21.26 -13.27
N LEU A 148 17.25 -20.20 -13.01
CA LEU A 148 17.86 -18.91 -13.23
C LEU A 148 18.86 -18.65 -12.12
N PHE A 149 19.64 -17.60 -12.26
CA PHE A 149 20.57 -17.28 -11.19
C PHE A 149 19.94 -16.45 -10.10
N GLU A 150 18.99 -15.59 -10.45
CA GLU A 150 18.27 -14.79 -9.48
C GLU A 150 16.81 -15.22 -9.47
N GLN A 151 16.40 -15.90 -8.41
CA GLN A 151 15.03 -16.35 -8.22
C GLN A 151 14.32 -15.38 -7.31
N GLN A 152 13.24 -14.78 -7.80
CA GLN A 152 12.38 -14.01 -6.93
C GLN A 152 11.35 -14.92 -6.30
N LEU A 153 11.42 -15.05 -4.98
CA LEU A 153 10.48 -15.91 -4.28
C LEU A 153 9.09 -15.29 -4.26
N ILE A 154 8.10 -16.14 -4.04
CA ILE A 154 6.73 -15.69 -3.76
C ILE A 154 6.16 -16.59 -2.67
N GLU A 155 5.74 -15.96 -1.56
CA GLU A 155 5.15 -16.69 -0.45
C GLU A 155 3.64 -16.85 -0.54
N ASP A 156 2.95 -16.10 -1.39
CA ASP A 156 1.51 -16.25 -1.54
C ASP A 156 1.29 -17.07 -2.79
N GLU A 157 1.05 -18.35 -2.60
CA GLU A 157 0.74 -19.25 -3.68
C GLU A 157 -0.74 -19.52 -3.76
N SER A 158 -1.51 -19.02 -2.80
CA SER A 158 -2.94 -19.27 -2.80
C SER A 158 -3.64 -18.40 -3.83
N LEU A 159 -3.08 -17.25 -4.14
CA LEU A 159 -3.72 -16.39 -5.11
C LEU A 159 -3.46 -16.87 -6.53
N LEU A 160 -2.23 -17.25 -6.86
CA LEU A 160 -1.98 -17.87 -8.15
C LEU A 160 -2.83 -19.12 -8.31
N ARG A 161 -2.87 -19.93 -7.27
CA ARG A 161 -3.61 -21.18 -7.33
C ARG A 161 -5.08 -20.90 -7.61
N TYR A 162 -5.72 -20.08 -6.77
CA TYR A 162 -7.13 -19.74 -7.00
C TYR A 162 -7.35 -19.19 -8.39
N GLN A 163 -6.47 -18.29 -8.84
CA GLN A 163 -6.52 -17.79 -10.20
C GLN A 163 -6.64 -18.93 -11.19
N ALA A 164 -5.72 -19.90 -11.11
CA ALA A 164 -5.77 -21.02 -12.03
C ALA A 164 -7.06 -21.80 -11.90
N CYS A 165 -7.58 -21.98 -10.69
CA CYS A 165 -8.82 -22.73 -10.55
C CYS A 165 -9.95 -22.04 -11.30
N ALA A 166 -10.05 -20.71 -11.16
CA ALA A 166 -11.01 -19.98 -11.97
C ALA A 166 -10.76 -20.13 -13.45
N ASP A 167 -9.50 -20.25 -13.86
CA ASP A 167 -9.22 -20.47 -15.27
C ASP A 167 -9.77 -21.81 -15.74
N PHE A 168 -9.46 -22.87 -14.99
CA PHE A 168 -10.02 -24.17 -15.32
C PHE A 168 -11.53 -24.10 -15.39
N TRP A 169 -12.15 -23.70 -14.30
CA TRP A 169 -13.61 -23.70 -14.23
C TRP A 169 -14.20 -22.79 -15.27
N ARG A 170 -13.42 -21.89 -15.86
CA ARG A 170 -13.90 -21.19 -17.05
C ARG A 170 -13.80 -22.01 -18.31
N ARG A 171 -12.68 -22.63 -18.59
CA ARG A 171 -12.64 -23.28 -19.89
C ARG A 171 -13.34 -24.62 -19.92
N HIS A 172 -13.38 -25.36 -18.81
CA HIS A 172 -14.01 -26.68 -18.79
C HIS A 172 -15.44 -26.70 -18.28
N CYS A 173 -16.07 -25.56 -18.02
CA CYS A 173 -17.43 -25.51 -17.50
C CYS A 173 -18.34 -24.62 -18.34
N TYR A 174 -17.95 -23.36 -18.53
CA TYR A 174 -18.66 -22.50 -19.48
C TYR A 174 -19.09 -23.20 -20.76
N PRO A 175 -18.28 -24.05 -21.41
CA PRO A 175 -18.76 -24.73 -22.62
C PRO A 175 -19.87 -25.73 -22.38
N LEU A 176 -20.10 -26.15 -21.14
CA LEU A 176 -21.04 -27.24 -20.91
C LEU A 176 -22.44 -26.85 -21.37
N PRO A 177 -23.16 -27.77 -22.02
CA PRO A 177 -24.59 -27.56 -22.27
C PRO A 177 -25.36 -27.62 -20.97
N ARG A 178 -26.59 -27.14 -21.00
CA ARG A 178 -27.40 -27.01 -19.80
C ARG A 178 -27.42 -28.28 -18.97
N GLU A 179 -27.61 -29.43 -19.60
CA GLU A 179 -27.96 -30.62 -18.85
C GLU A 179 -26.80 -31.17 -18.07
N ILE A 180 -25.60 -31.14 -18.65
CA ILE A 180 -24.42 -31.56 -17.89
C ILE A 180 -24.12 -30.55 -16.80
N ALA A 181 -24.14 -29.27 -17.16
CA ALA A 181 -23.94 -28.21 -16.18
C ALA A 181 -24.81 -28.43 -14.97
N GLN A 182 -26.06 -28.84 -15.20
CA GLN A 182 -26.97 -29.11 -14.10
C GLN A 182 -26.36 -30.09 -13.10
N VAL A 183 -25.60 -31.06 -13.61
CA VAL A 183 -24.97 -32.03 -12.73
C VAL A 183 -23.75 -31.43 -12.07
N VAL A 184 -22.97 -30.64 -12.80
CA VAL A 184 -21.82 -30.01 -12.17
C VAL A 184 -22.26 -29.14 -11.00
N PHE A 185 -23.35 -28.41 -11.17
CA PHE A 185 -23.80 -27.45 -10.19
C PHE A 185 -23.98 -28.08 -8.82
N GLU A 186 -24.54 -29.29 -8.77
CA GLU A 186 -24.87 -29.91 -7.51
C GLU A 186 -23.62 -30.18 -6.69
N THR A 187 -22.58 -30.70 -7.33
CA THR A 187 -21.45 -31.22 -6.58
C THR A 187 -20.63 -30.08 -5.98
N TRP A 188 -20.55 -28.96 -6.67
CA TRP A 188 -20.01 -27.73 -6.14
C TRP A 188 -20.64 -26.58 -6.91
N LYS A 189 -20.84 -25.45 -6.24
CA LYS A 189 -21.38 -24.29 -6.95
C LYS A 189 -20.38 -23.76 -7.97
N GLY A 190 -19.20 -23.37 -7.51
CA GLY A 190 -18.24 -22.70 -8.34
C GLY A 190 -16.85 -22.92 -7.80
N PRO A 191 -15.84 -22.50 -8.55
CA PRO A 191 -14.48 -22.93 -8.23
C PRO A 191 -14.04 -22.54 -6.85
N GLN A 192 -14.76 -21.59 -6.24
CA GLN A 192 -14.46 -21.23 -4.88
C GLN A 192 -14.54 -22.45 -3.97
N ALA A 193 -15.56 -23.29 -4.18
CA ALA A 193 -15.70 -24.51 -3.39
C ALA A 193 -14.81 -25.62 -3.90
N LEU A 194 -14.77 -25.80 -5.22
CA LEU A 194 -13.93 -26.84 -5.80
C LEU A 194 -12.50 -26.73 -5.29
N LEU A 195 -11.95 -25.52 -5.31
CA LEU A 195 -10.65 -25.29 -4.72
C LEU A 195 -10.58 -25.76 -3.29
N ARG A 196 -11.64 -25.55 -2.52
CA ARG A 196 -11.68 -25.98 -1.14
C ARG A 196 -11.63 -27.49 -1.02
N ASP A 197 -12.23 -28.20 -1.96
CA ASP A 197 -12.19 -29.65 -1.96
C ASP A 197 -10.83 -30.21 -2.34
N ILE A 198 -10.23 -29.73 -3.43
CA ILE A 198 -8.98 -30.30 -3.91
C ILE A 198 -7.75 -29.63 -3.32
N ASN A 199 -7.91 -28.65 -2.44
CA ASN A 199 -6.81 -27.73 -2.17
C ASN A 199 -5.65 -28.44 -1.52
N ARG A 200 -5.91 -29.34 -0.57
CA ARG A 200 -4.82 -30.07 0.05
C ARG A 200 -4.10 -30.94 -0.95
N TYR A 201 -4.76 -31.31 -2.04
CA TYR A 201 -4.15 -32.13 -3.06
C TYR A 201 -3.43 -31.35 -4.13
N LEU A 202 -3.70 -30.06 -4.26
CA LEU A 202 -2.90 -29.25 -5.18
C LEU A 202 -1.48 -29.06 -4.66
N GLN A 203 -1.31 -29.04 -3.35
CA GLN A 203 -0.05 -28.67 -2.73
C GLN A 203 0.80 -29.91 -2.46
N GLY A 204 2.10 -29.75 -2.59
CA GLY A 204 2.96 -30.86 -2.33
C GLY A 204 2.85 -31.91 -3.41
N GLU A 205 3.51 -33.04 -3.18
CA GLU A 205 3.55 -34.11 -4.16
C GLU A 205 2.16 -34.52 -4.59
N ALA A 206 2.00 -34.69 -5.90
CA ALA A 206 0.71 -35.10 -6.43
C ALA A 206 0.39 -36.52 -5.98
N PRO A 207 -0.81 -36.77 -5.49
CA PRO A 207 -1.20 -38.12 -5.10
C PRO A 207 -1.41 -39.00 -6.30
N VAL A 208 -1.48 -40.30 -6.05
CA VAL A 208 -1.90 -41.26 -7.06
C VAL A 208 -3.37 -41.58 -6.83
N ILE A 209 -4.14 -41.66 -7.91
CA ILE A 209 -5.58 -41.78 -7.84
C ILE A 209 -5.96 -43.23 -8.14
N LYS A 210 -6.69 -43.84 -7.22
CA LYS A 210 -7.06 -45.21 -7.43
C LYS A 210 -8.05 -45.33 -8.56
N ALA A 211 -7.74 -46.24 -9.47
CA ALA A 211 -8.57 -46.55 -10.62
C ALA A 211 -9.02 -45.27 -11.31
N PRO A 212 -8.12 -44.56 -11.98
CA PRO A 212 -8.48 -43.30 -12.58
C PRO A 212 -9.36 -43.54 -13.82
N PRO A 213 -10.28 -42.62 -14.09
CA PRO A 213 -10.98 -42.68 -15.37
C PRO A 213 -9.99 -42.69 -16.52
N PRO A 214 -10.33 -43.35 -17.62
CA PRO A 214 -9.48 -43.32 -18.81
C PRO A 214 -9.22 -41.88 -19.25
N ASP A 215 -8.06 -41.67 -19.86
CA ASP A 215 -7.62 -40.33 -20.22
C ASP A 215 -8.52 -39.65 -21.23
N ASP A 216 -9.14 -40.40 -22.12
CA ASP A 216 -9.91 -39.82 -23.22
C ASP A 216 -11.33 -39.45 -22.86
N GLU A 217 -11.82 -39.86 -21.69
CA GLU A 217 -13.21 -39.65 -21.35
C GLU A 217 -13.48 -38.20 -20.97
N THR A 218 -14.50 -37.61 -21.57
CA THR A 218 -14.89 -36.25 -21.28
C THR A 218 -16.00 -36.26 -20.24
N LEU A 219 -16.59 -35.08 -20.03
CA LEU A 219 -17.79 -35.02 -19.20
C LEU A 219 -18.99 -35.55 -19.95
N ALA A 220 -19.20 -35.10 -21.19
CA ALA A 220 -20.34 -35.55 -21.96
C ALA A 220 -20.34 -37.07 -22.10
N SER A 221 -19.15 -37.67 -22.21
CA SER A 221 -19.08 -39.12 -22.30
C SER A 221 -19.60 -39.78 -21.04
N ARG A 222 -18.98 -39.46 -19.89
CA ARG A 222 -19.45 -40.00 -18.62
C ARG A 222 -20.95 -39.79 -18.48
N HIS A 223 -21.40 -38.58 -18.78
CA HIS A 223 -22.80 -38.24 -18.57
C HIS A 223 -23.71 -39.07 -19.45
N ALA A 224 -23.38 -39.21 -20.73
CA ALA A 224 -24.18 -40.08 -21.59
C ALA A 224 -24.20 -41.50 -21.05
N GLN A 225 -23.05 -41.99 -20.61
CA GLN A 225 -22.99 -43.30 -19.97
C GLN A 225 -24.03 -43.41 -18.87
N ILE A 226 -24.00 -42.49 -17.90
CA ILE A 226 -24.88 -42.63 -16.75
C ILE A 226 -26.33 -42.43 -17.17
N VAL A 227 -26.55 -41.55 -18.14
CA VAL A 227 -27.87 -41.40 -18.74
C VAL A 227 -28.43 -42.75 -19.13
N ALA A 228 -27.67 -43.51 -19.93
CA ALA A 228 -28.19 -44.80 -20.35
C ALA A 228 -28.30 -45.77 -19.19
N ARG A 229 -27.33 -45.74 -18.27
CA ARG A 229 -27.37 -46.65 -17.15
C ARG A 229 -28.67 -46.53 -16.37
N ILE A 230 -29.14 -45.30 -16.17
CA ILE A 230 -30.43 -45.14 -15.51
C ILE A 230 -31.56 -45.44 -16.47
N ASP A 231 -31.39 -45.09 -17.74
CA ASP A 231 -32.49 -45.25 -18.69
C ASP A 231 -32.94 -46.70 -18.78
N THR A 232 -32.00 -47.64 -18.84
CA THR A 232 -32.39 -49.04 -18.92
C THR A 232 -33.29 -49.43 -17.75
N VAL A 233 -32.92 -49.01 -16.54
CA VAL A 233 -33.76 -49.30 -15.38
C VAL A 233 -35.10 -48.59 -15.52
N LYS A 234 -35.12 -47.43 -16.15
CA LYS A 234 -36.39 -46.72 -16.36
C LYS A 234 -37.34 -47.51 -17.24
N GLN A 235 -36.91 -47.86 -18.45
CA GLN A 235 -37.76 -48.70 -19.28
C GLN A 235 -38.18 -49.96 -18.54
N GLN A 236 -37.22 -50.66 -17.95
CA GLN A 236 -37.52 -51.95 -17.33
C GLN A 236 -38.56 -51.83 -16.23
N TRP A 237 -38.35 -50.92 -15.28
CA TRP A 237 -39.35 -50.74 -14.25
C TRP A 237 -40.69 -50.32 -14.84
N ARG A 238 -40.67 -49.52 -15.91
CA ARG A 238 -41.95 -49.21 -16.55
C ARG A 238 -42.62 -50.46 -17.09
N ASP A 239 -41.82 -51.47 -17.45
CA ASP A 239 -42.40 -52.67 -18.06
C ASP A 239 -42.92 -53.65 -17.02
N ALA A 240 -42.20 -53.82 -15.91
CA ALA A 240 -42.57 -54.82 -14.92
C ALA A 240 -43.60 -54.32 -13.92
N VAL A 241 -44.09 -53.09 -14.09
CA VAL A 241 -44.96 -52.48 -13.09
C VAL A 241 -46.37 -53.05 -13.19
N GLY A 242 -47.09 -52.98 -12.08
CA GLY A 242 -48.50 -53.30 -12.04
C GLY A 242 -48.85 -54.67 -11.51
N GLU A 243 -47.93 -55.35 -10.83
CA GLU A 243 -48.13 -56.72 -10.39
C GLU A 243 -47.59 -56.93 -8.99
N LEU A 244 -48.35 -57.63 -8.15
CA LEU A 244 -47.86 -58.10 -6.85
C LEU A 244 -47.58 -59.59 -6.92
N ASP A 245 -46.31 -59.91 -7.10
CA ASP A 245 -45.87 -61.30 -6.97
C ASP A 245 -45.18 -61.52 -5.62
N ALA A 246 -45.06 -60.45 -4.82
CA ALA A 246 -44.26 -60.53 -3.60
C ALA A 246 -45.05 -61.25 -2.51
N LEU A 247 -44.30 -61.87 -1.60
CA LEU A 247 -44.90 -62.47 -0.41
C LEU A 247 -45.07 -61.33 0.61
N ILE A 248 -46.31 -61.05 0.98
CA ILE A 248 -46.60 -59.85 1.75
C ILE A 248 -46.24 -60.08 3.21
N GLU A 249 -45.56 -59.10 3.81
CA GLU A 249 -45.06 -59.27 5.17
C GLU A 249 -45.47 -58.03 5.94
N SER A 250 -45.64 -58.17 7.26
CA SER A 250 -46.10 -57.06 8.10
C SER A 250 -45.15 -55.87 8.03
N SER A 251 -43.94 -56.08 8.56
CA SER A 251 -42.92 -55.05 8.69
C SER A 251 -42.73 -54.32 7.37
N GLY A 252 -42.59 -55.04 6.27
CA GLY A 252 -42.70 -54.33 5.01
C GLY A 252 -44.12 -53.84 4.91
N ILE A 253 -44.31 -52.53 4.86
CA ILE A 253 -45.64 -51.97 5.10
C ILE A 253 -46.37 -51.85 3.78
N ASP A 254 -47.64 -52.31 3.75
CA ASP A 254 -48.36 -52.50 2.50
C ASP A 254 -48.29 -51.26 1.60
N ARG A 255 -48.31 -50.08 2.21
CA ARG A 255 -48.20 -48.85 1.44
C ARG A 255 -46.89 -48.76 0.67
N ARG A 256 -45.98 -49.72 0.86
CA ARG A 256 -44.77 -49.76 0.04
C ARG A 256 -45.12 -49.83 -1.44
N LYS A 257 -46.27 -50.44 -1.78
CA LYS A 257 -46.68 -50.44 -3.19
C LYS A 257 -46.87 -49.02 -3.74
N PHE A 258 -47.18 -48.07 -2.87
CA PHE A 258 -47.28 -46.68 -3.30
C PHE A 258 -45.95 -46.17 -3.81
N ASN A 259 -44.85 -46.65 -3.21
CA ASN A 259 -43.53 -46.35 -3.74
C ASN A 259 -43.49 -46.62 -5.24
N ARG A 260 -44.07 -47.75 -5.67
CA ARG A 260 -44.00 -48.10 -7.09
C ARG A 260 -44.67 -47.04 -7.94
N SER A 261 -45.78 -46.48 -7.46
CA SER A 261 -46.41 -45.36 -8.16
C SER A 261 -45.39 -44.27 -8.42
N ASN A 262 -44.66 -43.87 -7.38
CA ASN A 262 -43.57 -42.92 -7.54
C ASN A 262 -42.65 -43.32 -8.69
N GLN A 263 -42.21 -44.57 -8.69
CA GLN A 263 -41.14 -44.93 -9.61
C GLN A 263 -41.63 -44.91 -11.04
N ALA A 264 -42.76 -45.56 -11.30
CA ALA A 264 -43.41 -45.44 -12.61
C ALA A 264 -43.71 -43.99 -12.94
N LYS A 265 -43.96 -43.15 -11.93
CA LYS A 265 -44.02 -41.71 -12.13
C LYS A 265 -42.63 -41.12 -12.28
N TRP A 266 -41.70 -41.51 -11.40
CA TRP A 266 -40.35 -40.97 -11.47
C TRP A 266 -39.70 -41.25 -12.81
N ILE A 267 -40.25 -42.19 -13.57
CA ILE A 267 -39.64 -42.43 -14.87
C ILE A 267 -40.34 -41.54 -15.86
N ASP A 268 -39.70 -40.41 -16.18
CA ASP A 268 -40.14 -39.50 -17.23
C ASP A 268 -38.94 -39.03 -18.04
N LYS A 269 -38.05 -38.27 -17.41
CA LYS A 269 -36.90 -37.74 -18.12
C LYS A 269 -35.58 -38.16 -17.48
N ILE A 270 -34.47 -37.85 -18.13
CA ILE A 270 -33.15 -38.24 -17.65
C ILE A 270 -32.50 -37.04 -16.97
N SER A 271 -33.20 -35.91 -17.00
CA SER A 271 -32.61 -34.65 -16.59
C SER A 271 -32.12 -34.69 -15.15
N ALA A 272 -32.79 -35.46 -14.29
CA ALA A 272 -32.36 -35.58 -12.90
C ALA A 272 -31.15 -36.50 -12.81
N TRP A 273 -30.27 -36.19 -11.87
CA TRP A 273 -29.18 -37.09 -11.56
C TRP A 273 -29.51 -37.97 -10.36
N ALA A 274 -30.59 -37.70 -9.66
CA ALA A 274 -30.89 -38.36 -8.39
C ALA A 274 -31.99 -39.38 -8.59
N GLU A 275 -31.67 -40.64 -8.36
CA GLU A 275 -32.69 -41.66 -8.29
C GLU A 275 -33.44 -41.55 -6.96
N GLU A 276 -34.64 -42.10 -6.93
CA GLU A 276 -35.49 -41.91 -5.78
C GLU A 276 -35.13 -42.82 -4.62
N GLU A 277 -35.44 -42.36 -3.42
CA GLU A 277 -35.18 -43.13 -2.22
C GLU A 277 -35.96 -44.43 -2.22
N THR A 278 -37.18 -44.40 -2.76
CA THR A 278 -38.02 -45.59 -2.82
C THR A 278 -37.31 -46.75 -3.52
N ASN A 279 -36.32 -46.45 -4.35
CA ASN A 279 -35.62 -47.50 -5.08
C ASN A 279 -34.94 -48.46 -4.12
N SER A 280 -34.55 -47.97 -2.94
CA SER A 280 -33.91 -48.85 -1.96
C SER A 280 -34.82 -50.01 -1.58
N TYR A 281 -36.13 -49.86 -1.80
CA TYR A 281 -37.06 -50.92 -1.43
C TYR A 281 -36.96 -52.11 -2.38
N GLN A 282 -36.57 -51.88 -3.62
CA GLN A 282 -36.60 -52.96 -4.61
C GLN A 282 -35.30 -53.73 -4.73
N LEU A 283 -34.36 -53.50 -3.84
CA LEU A 283 -33.12 -54.27 -3.83
C LEU A 283 -33.40 -55.71 -3.39
N PRO A 284 -32.98 -56.70 -4.17
CA PRO A 284 -33.15 -58.09 -3.71
C PRO A 284 -32.46 -58.36 -2.40
N GLU A 285 -31.34 -57.69 -2.13
CA GLU A 285 -30.75 -57.74 -0.80
C GLU A 285 -31.65 -57.08 0.23
N SER A 286 -32.34 -56.00 -0.17
CA SER A 286 -33.28 -55.36 0.75
C SER A 286 -34.51 -56.23 0.97
N LEU A 287 -35.19 -56.60 -0.11
CA LEU A 287 -36.47 -57.28 0.03
C LEU A 287 -36.30 -58.70 0.54
N GLU A 288 -35.36 -59.44 -0.04
CA GLU A 288 -35.17 -60.83 0.35
C GLU A 288 -34.92 -60.96 1.85
N LYS A 289 -34.41 -59.90 2.48
CA LYS A 289 -34.26 -59.90 3.93
C LYS A 289 -35.62 -59.89 4.61
N PHE A 290 -36.61 -59.26 4.01
CA PHE A 290 -37.94 -59.20 4.58
C PHE A 290 -38.80 -60.36 4.10
N THR A 305 -38.28 -64.54 -2.65
CA THR A 305 -38.77 -63.58 -3.62
C THR A 305 -37.66 -62.94 -4.47
N PRO A 306 -36.96 -63.76 -5.26
CA PRO A 306 -35.88 -63.20 -6.10
C PRO A 306 -36.38 -62.25 -7.17
N ARG A 307 -37.67 -62.31 -7.49
CA ARG A 307 -38.31 -61.53 -8.55
C ARG A 307 -37.71 -61.85 -9.92
N HIS A 308 -37.31 -60.81 -10.64
CA HIS A 308 -36.67 -60.99 -11.92
C HIS A 308 -35.35 -60.21 -11.93
N PRO A 309 -34.57 -60.32 -13.01
CA PRO A 309 -33.21 -59.74 -12.96
C PRO A 309 -33.16 -58.25 -12.68
N LEU A 310 -33.96 -57.44 -13.37
CA LEU A 310 -33.83 -56.00 -13.26
C LEU A 310 -34.07 -55.57 -11.82
N PHE A 311 -34.98 -56.29 -11.14
CA PHE A 311 -35.16 -56.13 -9.70
C PHE A 311 -33.83 -56.18 -8.97
N GLU A 312 -32.93 -57.05 -9.42
CA GLU A 312 -31.55 -57.10 -8.95
C GLU A 312 -30.66 -56.06 -9.63
N ALA A 313 -31.01 -55.61 -10.83
CA ALA A 313 -30.17 -54.64 -11.53
C ALA A 313 -30.14 -53.32 -10.80
N ILE A 314 -31.24 -52.95 -10.13
CA ILE A 314 -31.23 -51.73 -9.33
C ILE A 314 -30.09 -51.78 -8.34
N ASP A 315 -29.83 -52.94 -7.75
CA ASP A 315 -28.72 -53.07 -6.82
C ASP A 315 -27.40 -52.75 -7.52
N GLN A 316 -27.24 -53.22 -8.76
CA GLN A 316 -26.07 -52.83 -9.54
C GLN A 316 -26.04 -51.32 -9.75
N LEU A 317 -27.20 -50.72 -9.97
CA LEU A 317 -27.26 -49.29 -10.20
C LEU A 317 -26.90 -48.52 -8.94
N LEU A 318 -27.30 -49.03 -7.78
CA LEU A 318 -27.08 -48.33 -6.52
C LEU A 318 -25.78 -48.77 -5.87
N ALA A 319 -25.09 -49.74 -6.46
CA ALA A 319 -23.81 -50.18 -5.92
C ALA A 319 -22.73 -49.12 -6.07
N GLU A 320 -22.60 -48.55 -7.25
CA GLU A 320 -21.62 -47.50 -7.50
C GLU A 320 -22.32 -46.16 -7.53
N PRO A 321 -22.00 -45.24 -6.64
CA PRO A 321 -22.66 -43.93 -6.65
C PRO A 321 -22.46 -43.25 -8.00
N LEU A 322 -23.53 -42.64 -8.50
CA LEU A 322 -23.51 -42.05 -9.82
C LEU A 322 -23.05 -40.61 -9.69
N SER A 323 -21.87 -40.30 -10.22
CA SER A 323 -21.38 -38.95 -10.13
C SER A 323 -20.40 -38.66 -11.24
N ILE A 324 -20.24 -37.37 -11.53
CA ILE A 324 -19.17 -36.89 -12.38
C ILE A 324 -17.94 -36.52 -11.59
N ARG A 325 -18.04 -36.54 -10.26
CA ARG A 325 -17.03 -36.00 -9.36
C ARG A 325 -15.62 -36.46 -9.67
N ASP A 326 -15.38 -37.77 -9.57
CA ASP A 326 -14.03 -38.28 -9.73
C ASP A 326 -13.36 -37.76 -10.98
N LEU A 327 -14.10 -37.69 -12.08
CA LEU A 327 -13.49 -37.28 -13.34
C LEU A 327 -13.09 -35.82 -13.29
N VAL A 328 -13.94 -34.98 -12.71
CA VAL A 328 -13.63 -33.56 -12.67
C VAL A 328 -12.46 -33.30 -11.74
N ILE A 329 -12.47 -33.93 -10.57
CA ILE A 329 -11.33 -33.77 -9.67
C ILE A 329 -10.05 -34.28 -10.31
N THR A 330 -10.18 -35.29 -11.17
CA THR A 330 -8.98 -35.79 -11.83
C THR A 330 -8.46 -34.80 -12.86
N ARG A 331 -9.30 -34.43 -13.82
CA ARG A 331 -8.88 -33.50 -14.86
C ARG A 331 -8.40 -32.19 -14.26
N ALA A 332 -9.19 -31.61 -13.35
CA ALA A 332 -8.82 -30.35 -12.75
C ALA A 332 -7.56 -30.48 -11.93
N LEU A 333 -7.43 -31.58 -11.19
CA LEU A 333 -6.24 -31.71 -10.37
C LEU A 333 -5.00 -31.81 -11.24
N ALA A 334 -5.10 -32.47 -12.39
CA ALA A 334 -3.93 -32.55 -13.25
C ALA A 334 -3.67 -31.21 -13.94
N GLU A 335 -4.73 -30.49 -14.28
CA GLU A 335 -4.55 -29.27 -15.07
C GLU A 335 -4.06 -28.12 -14.21
N ILE A 336 -4.73 -27.86 -13.09
CA ILE A 336 -4.46 -26.68 -12.28
C ILE A 336 -3.02 -26.71 -11.81
N ARG A 337 -2.53 -27.90 -11.47
CA ARG A 337 -1.15 -28.07 -11.07
C ARG A 337 -0.21 -27.57 -12.15
N GLU A 338 -0.36 -28.10 -13.37
CA GLU A 338 0.47 -27.63 -14.47
C GLU A 338 0.36 -26.13 -14.63
N THR A 339 -0.85 -25.63 -14.88
CA THR A 339 -1.03 -24.21 -15.16
C THR A 339 -0.29 -23.33 -14.16
N VAL A 340 -0.49 -23.58 -12.87
CA VAL A 340 0.27 -22.86 -11.86
C VAL A 340 1.75 -22.94 -12.14
N ALA A 341 2.26 -24.16 -12.32
CA ALA A 341 3.69 -24.29 -12.57
C ALA A 341 4.14 -23.46 -13.76
N ARG A 342 3.29 -23.38 -14.79
CA ARG A 342 3.65 -22.62 -15.98
C ARG A 342 3.68 -21.14 -15.71
N GLU A 343 2.62 -20.61 -15.11
CA GLU A 343 2.59 -19.19 -14.81
C GLU A 343 3.77 -18.79 -13.93
N LYS A 344 4.10 -19.61 -12.94
CA LYS A 344 5.29 -19.30 -12.15
C LYS A 344 6.57 -19.39 -12.96
N ARG A 345 6.62 -20.30 -13.94
CA ARG A 345 7.78 -20.30 -14.82
C ARG A 345 7.86 -19.01 -15.62
N ARG A 346 6.73 -18.49 -16.08
CA ARG A 346 6.74 -17.28 -16.89
C ARG A 346 7.30 -16.10 -16.12
N ARG A 347 6.92 -15.96 -14.85
CA ARG A 347 7.44 -14.86 -14.08
C ARG A 347 8.84 -15.15 -13.55
N GLY A 348 9.25 -16.42 -13.60
CA GLY A 348 10.54 -16.77 -13.03
C GLY A 348 10.55 -16.74 -11.52
N GLU A 349 9.42 -17.04 -10.91
CA GLU A 349 9.25 -17.03 -9.46
C GLU A 349 9.46 -18.43 -8.93
N LEU A 350 9.24 -18.61 -7.63
CA LEU A 350 9.44 -19.91 -7.03
C LEU A 350 8.66 -19.95 -5.71
N GLY A 351 8.40 -21.17 -5.24
CA GLY A 351 7.65 -21.36 -4.01
C GLY A 351 8.11 -22.60 -3.27
N PHE A 352 7.67 -22.69 -2.01
CA PHE A 352 8.21 -23.67 -1.08
C PHE A 352 8.14 -25.08 -1.64
N ASP A 353 6.93 -25.61 -1.81
CA ASP A 353 6.78 -26.89 -2.47
C ASP A 353 7.50 -26.92 -3.80
N ASP A 354 7.50 -25.79 -4.49
CA ASP A 354 8.12 -25.77 -5.81
C ASP A 354 9.64 -25.90 -5.69
N MET A 355 10.22 -25.37 -4.61
CA MET A 355 11.66 -25.54 -4.40
C MET A 355 12.02 -27.01 -4.36
N LEU A 356 11.55 -27.71 -3.34
CA LEU A 356 11.82 -29.12 -3.19
C LEU A 356 11.52 -29.89 -4.46
N SER A 357 10.34 -29.63 -5.04
CA SER A 357 9.98 -30.31 -6.28
C SER A 357 11.03 -30.08 -7.35
N ARG A 358 11.51 -28.86 -7.49
CA ARG A 358 12.45 -28.55 -8.56
C ARG A 358 13.80 -29.21 -8.32
N LEU A 359 14.21 -29.34 -7.06
CA LEU A 359 15.47 -30.03 -6.83
C LEU A 359 15.32 -31.52 -7.12
N ASP A 360 14.20 -32.11 -6.69
CA ASP A 360 13.95 -33.50 -7.01
C ASP A 360 13.97 -33.72 -8.51
N SER A 361 13.18 -32.94 -9.24
CA SER A 361 13.17 -33.06 -10.69
C SER A 361 14.55 -32.88 -11.28
N ALA A 362 15.30 -31.90 -10.77
CA ALA A 362 16.64 -31.63 -11.30
C ALA A 362 17.52 -32.85 -11.17
N LEU A 363 17.56 -33.46 -9.99
CA LEU A 363 18.30 -34.71 -9.83
C LEU A 363 17.75 -35.78 -10.77
N ARG A 364 16.44 -35.93 -10.79
CA ARG A 364 15.76 -36.92 -11.63
C ARG A 364 16.27 -36.89 -13.06
N SER A 365 16.48 -35.71 -13.61
CA SER A 365 16.84 -35.57 -15.01
C SER A 365 18.22 -36.18 -15.24
N GLU A 366 18.49 -36.50 -16.51
CA GLU A 366 19.76 -37.09 -16.89
C GLU A 366 20.93 -36.20 -16.48
N SER A 367 20.79 -34.90 -16.70
CA SER A 367 21.85 -33.98 -16.31
C SER A 367 22.10 -34.02 -14.81
N GLY A 368 21.06 -34.30 -14.03
CA GLY A 368 21.13 -34.15 -12.59
C GLY A 368 22.26 -34.92 -11.95
N GLU A 369 22.76 -35.97 -12.61
CA GLU A 369 23.84 -36.73 -12.01
C GLU A 369 25.08 -35.89 -11.80
N VAL A 370 25.37 -34.99 -12.72
CA VAL A 370 26.40 -33.99 -12.47
C VAL A 370 26.09 -33.24 -11.19
N LEU A 371 24.86 -32.74 -11.09
CA LEU A 371 24.44 -32.00 -9.90
C LEU A 371 24.81 -32.75 -8.64
N ALA A 372 24.38 -34.01 -8.54
CA ALA A 372 24.62 -34.76 -7.33
C ALA A 372 26.10 -34.78 -7.00
N ALA A 373 26.94 -34.94 -8.02
CA ALA A 373 28.37 -35.03 -7.79
C ALA A 373 28.88 -33.79 -7.06
N ALA A 374 28.34 -32.63 -7.38
CA ALA A 374 28.76 -31.41 -6.71
C ALA A 374 28.39 -31.45 -5.23
N ILE A 375 27.20 -31.93 -4.92
CA ILE A 375 26.76 -31.93 -3.54
C ILE A 375 27.58 -32.92 -2.73
N ARG A 376 27.83 -34.10 -3.28
CA ARG A 376 28.70 -35.04 -2.59
C ARG A 376 30.07 -34.43 -2.36
N THR A 377 30.43 -33.41 -3.15
CA THR A 377 31.65 -32.66 -2.88
C THR A 377 31.42 -31.62 -1.79
N ARG A 378 30.33 -30.89 -1.92
CA ARG A 378 30.00 -29.83 -0.97
C ARG A 378 29.75 -30.28 0.47
N PHE A 379 29.10 -31.42 0.63
CA PHE A 379 28.71 -31.92 1.94
C PHE A 379 28.97 -33.41 1.98
N PRO A 380 30.20 -33.83 2.22
CA PRO A 380 30.44 -35.26 2.31
C PRO A 380 30.14 -35.74 3.71
N VAL A 381 29.06 -35.21 4.27
CA VAL A 381 28.31 -35.83 5.35
C VAL A 381 27.02 -35.06 5.40
N ALA A 382 25.96 -35.66 5.93
CA ALA A 382 24.75 -34.92 6.23
C ALA A 382 24.06 -35.56 7.42
N MET A 383 23.62 -34.74 8.36
CA MET A 383 22.92 -35.22 9.54
C MET A 383 21.50 -34.65 9.49
N ILE A 384 20.53 -35.49 9.17
CA ILE A 384 19.15 -35.07 9.12
C ILE A 384 18.51 -35.36 10.46
N ASP A 385 17.87 -34.36 11.03
CA ASP A 385 17.22 -34.48 12.32
C ASP A 385 15.71 -34.33 12.15
N GLU A 386 14.98 -34.86 13.10
CA GLU A 386 13.54 -35.02 12.98
C GLU A 386 13.24 -35.66 11.63
N PHE A 387 13.78 -36.85 11.45
CA PHE A 387 13.60 -37.56 10.20
C PHE A 387 12.34 -38.39 10.19
N GLN A 388 11.76 -38.67 11.35
CA GLN A 388 10.50 -39.41 11.38
C GLN A 388 9.45 -38.68 10.56
N ASP A 389 9.61 -37.38 10.41
CA ASP A 389 8.85 -36.62 9.44
C ASP A 389 9.69 -36.47 8.20
N THR A 390 9.27 -37.12 7.13
CA THR A 390 10.03 -37.21 5.90
C THR A 390 9.06 -37.32 4.75
N ASP A 391 9.48 -36.85 3.60
CA ASP A 391 8.58 -36.90 2.46
C ASP A 391 9.13 -37.91 1.47
N PRO A 392 8.29 -38.47 0.61
CA PRO A 392 8.83 -39.30 -0.46
C PRO A 392 9.92 -38.60 -1.23
N GLN A 393 9.68 -37.35 -1.61
CA GLN A 393 10.68 -36.58 -2.33
C GLN A 393 11.97 -36.48 -1.54
N GLN A 394 11.87 -36.04 -0.29
CA GLN A 394 13.04 -35.89 0.56
C GLN A 394 13.90 -37.14 0.53
N TYR A 395 13.29 -38.30 0.79
CA TYR A 395 14.10 -39.50 0.89
C TYR A 395 14.65 -39.92 -0.46
N ARG A 396 13.91 -39.62 -1.53
CA ARG A 396 14.40 -39.92 -2.85
C ARG A 396 15.67 -39.12 -3.07
N ILE A 397 15.69 -37.87 -2.59
CA ILE A 397 16.84 -37.01 -2.76
C ILE A 397 18.01 -37.54 -1.96
N PHE A 398 17.85 -37.61 -0.64
CA PHE A 398 18.96 -37.95 0.23
C PHE A 398 19.54 -39.30 -0.17
N ARG A 399 18.67 -40.24 -0.52
CA ARG A 399 19.16 -41.52 -1.00
C ARG A 399 19.98 -41.35 -2.28
N ARG A 400 19.38 -40.74 -3.31
CA ARG A 400 20.07 -40.61 -4.58
C ARG A 400 21.42 -39.93 -4.44
N ILE A 401 21.54 -39.03 -3.47
CA ILE A 401 22.84 -38.41 -3.24
C ILE A 401 23.76 -39.38 -2.50
N TRP A 402 23.42 -39.70 -1.26
CA TRP A 402 24.36 -40.41 -0.39
C TRP A 402 24.18 -41.91 -0.29
N HIS A 403 23.15 -42.51 -0.90
CA HIS A 403 22.99 -43.96 -0.72
C HIS A 403 24.22 -44.71 -1.17
N HIS A 404 24.98 -44.13 -2.08
CA HIS A 404 26.10 -44.83 -2.67
C HIS A 404 27.33 -43.94 -2.57
N GLN A 405 28.39 -44.39 -3.21
CA GLN A 405 29.70 -43.76 -3.21
C GLN A 405 30.32 -43.93 -1.84
N PRO A 406 31.63 -44.00 -1.75
CA PRO A 406 32.27 -44.12 -0.44
C PRO A 406 32.51 -42.75 0.13
N GLU A 407 33.13 -42.68 1.31
CA GLU A 407 33.67 -41.51 1.98
C GLU A 407 32.61 -40.48 2.34
N THR A 408 31.37 -40.62 1.86
CA THR A 408 30.29 -39.79 2.35
C THR A 408 29.55 -40.57 3.41
N ALA A 409 29.22 -39.91 4.50
CA ALA A 409 28.37 -40.52 5.49
C ALA A 409 26.94 -40.02 5.32
N LEU A 410 26.03 -40.59 6.10
CA LEU A 410 24.71 -40.00 6.24
C LEU A 410 24.24 -40.42 7.62
N LEU A 411 23.56 -39.52 8.32
CA LEU A 411 23.06 -39.81 9.65
C LEU A 411 21.59 -39.42 9.66
N LEU A 412 20.72 -40.41 9.75
CA LEU A 412 19.31 -40.16 9.92
C LEU A 412 18.95 -40.28 11.38
N ILE A 413 18.30 -39.24 11.90
CA ILE A 413 17.92 -39.24 13.30
C ILE A 413 16.42 -39.04 13.37
N GLY A 414 15.73 -39.97 14.00
CA GLY A 414 14.30 -39.82 14.16
C GLY A 414 13.70 -40.83 15.11
N ASP A 415 12.55 -40.46 15.66
CA ASP A 415 11.71 -41.36 16.44
C ASP A 415 10.41 -41.56 15.69
N PRO A 416 10.17 -42.73 15.10
CA PRO A 416 8.94 -42.89 14.32
C PRO A 416 7.68 -42.70 15.12
N LYS A 417 7.78 -42.82 16.45
CA LYS A 417 6.60 -42.60 17.27
C LYS A 417 6.09 -41.17 17.17
N GLN A 418 6.95 -40.24 16.76
CA GLN A 418 6.65 -38.82 16.85
C GLN A 418 6.14 -38.20 15.56
N ALA A 419 5.84 -39.00 14.53
CA ALA A 419 5.55 -38.31 13.27
C ALA A 419 4.09 -37.93 13.17
N ILE A 420 3.81 -36.64 13.41
CA ILE A 420 2.46 -36.10 13.49
C ILE A 420 2.07 -35.25 12.28
N TYR A 421 2.99 -35.05 11.34
CA TYR A 421 2.86 -34.02 10.30
C TYR A 421 2.23 -34.51 9.00
N ALA A 422 1.64 -35.70 9.01
CA ALA A 422 1.10 -36.28 7.78
C ALA A 422 0.25 -35.28 7.00
N PHE A 423 -0.47 -34.43 7.71
CA PHE A 423 -1.34 -33.44 7.07
C PHE A 423 -0.53 -32.54 6.15
N ARG A 424 0.71 -32.28 6.54
CA ARG A 424 1.56 -31.37 5.79
C ARG A 424 2.26 -32.10 4.66
N GLY A 425 1.97 -33.38 4.48
CA GLY A 425 2.51 -34.13 3.37
C GLY A 425 3.53 -35.17 3.76
N ALA A 426 4.04 -35.08 4.98
CA ALA A 426 4.95 -36.09 5.48
C ALA A 426 4.24 -37.43 5.55
N ASP A 427 5.02 -38.51 5.51
CA ASP A 427 4.45 -39.85 5.51
C ASP A 427 5.31 -40.77 6.34
N ILE A 428 4.69 -41.56 7.20
CA ILE A 428 5.42 -42.50 8.03
C ILE A 428 5.95 -43.65 7.18
N PHE A 429 5.18 -44.06 6.17
CA PHE A 429 5.52 -45.27 5.44
C PHE A 429 6.85 -45.12 4.72
N THR A 430 7.13 -43.95 4.18
CA THR A 430 8.45 -43.77 3.59
C THR A 430 9.55 -43.82 4.63
N TYR A 431 9.28 -43.35 5.85
CA TYR A 431 10.25 -43.55 6.91
C TYR A 431 10.50 -45.03 7.12
N MET A 432 9.44 -45.81 7.27
CA MET A 432 9.61 -47.24 7.44
C MET A 432 10.36 -47.86 6.28
N LYS A 433 10.19 -47.32 5.08
CA LYS A 433 10.97 -47.78 3.94
C LYS A 433 12.46 -47.54 4.18
N ALA A 434 12.83 -46.30 4.52
CA ALA A 434 14.22 -46.03 4.80
C ALA A 434 14.74 -46.92 5.91
N ARG A 435 13.95 -47.08 6.97
CA ARG A 435 14.29 -47.99 8.05
C ARG A 435 14.56 -49.39 7.50
N SER A 436 13.87 -49.77 6.43
CA SER A 436 14.11 -51.06 5.81
C SER A 436 15.46 -51.09 5.10
N GLU A 437 15.76 -50.05 4.34
CA GLU A 437 16.93 -50.10 3.47
C GLU A 437 18.22 -49.73 4.18
N VAL A 438 18.19 -49.45 5.47
CA VAL A 438 19.40 -49.17 6.23
C VAL A 438 19.78 -50.39 7.04
N HIS A 439 21.03 -50.82 6.90
CA HIS A 439 21.44 -52.05 7.55
C HIS A 439 21.58 -51.84 9.05
N ALA A 440 22.09 -50.69 9.46
CA ALA A 440 22.45 -50.43 10.84
C ALA A 440 21.35 -49.65 11.55
N HIS A 441 21.02 -50.08 12.76
CA HIS A 441 20.19 -49.30 13.65
C HIS A 441 20.95 -49.02 14.94
N TYR A 442 20.56 -47.97 15.63
CA TYR A 442 21.16 -47.62 16.90
C TYR A 442 20.09 -47.01 17.79
N THR A 443 20.17 -47.30 19.09
CA THR A 443 19.11 -46.97 20.03
C THR A 443 19.70 -46.26 21.24
N LEU A 444 19.02 -45.20 21.68
CA LEU A 444 19.43 -44.51 22.88
C LEU A 444 18.50 -44.88 24.03
N ASP A 445 19.10 -45.24 25.15
CA ASP A 445 18.40 -45.99 26.19
C ASP A 445 17.55 -45.13 27.12
N THR A 446 18.07 -43.99 27.55
CA THR A 446 17.57 -43.32 28.75
C THR A 446 16.86 -42.02 28.40
N ASN A 447 15.77 -41.73 29.09
CA ASN A 447 15.16 -40.43 28.98
C ASN A 447 15.83 -39.45 29.94
N TRP A 448 16.33 -38.36 29.39
CA TRP A 448 16.90 -37.28 30.17
C TRP A 448 15.94 -36.13 30.41
N ARG A 449 14.77 -36.15 29.80
CA ARG A 449 13.98 -34.92 29.76
C ARG A 449 13.24 -34.67 31.06
N SER A 450 12.52 -35.66 31.57
CA SER A 450 11.51 -35.40 32.58
C SER A 450 11.78 -36.22 33.84
N ALA A 451 10.90 -36.06 34.81
CA ALA A 451 11.02 -36.62 36.14
C ALA A 451 11.07 -38.14 36.10
N PRO A 452 11.59 -38.78 37.16
CA PRO A 452 11.50 -40.25 37.21
C PRO A 452 10.07 -40.73 37.29
N GLY A 453 9.17 -39.90 37.78
CA GLY A 453 7.76 -40.26 37.78
C GLY A 453 7.20 -40.24 36.38
N MET A 454 7.46 -39.16 35.65
CA MET A 454 6.88 -39.03 34.31
C MET A 454 7.28 -40.16 33.40
N VAL A 455 8.48 -40.71 33.54
CA VAL A 455 8.86 -41.83 32.70
C VAL A 455 7.94 -43.01 32.97
N ASN A 456 7.82 -43.39 34.23
CA ASN A 456 7.02 -44.55 34.59
C ASN A 456 5.55 -44.35 34.26
N SER A 457 5.07 -43.11 34.36
CA SER A 457 3.70 -42.85 33.96
C SER A 457 3.48 -43.21 32.50
N VAL A 458 4.23 -42.58 31.60
CA VAL A 458 4.05 -42.83 30.18
C VAL A 458 4.21 -44.30 29.87
N ASN A 459 5.32 -44.89 30.31
CA ASN A 459 5.54 -46.31 30.10
C ASN A 459 4.32 -47.12 30.51
N LYS A 460 3.75 -46.79 31.66
CA LYS A 460 2.57 -47.53 32.11
C LYS A 460 1.42 -47.33 31.14
N LEU A 461 1.25 -46.12 30.64
CA LEU A 461 0.07 -45.85 29.84
C LEU A 461 0.16 -46.50 28.47
N PHE A 462 1.36 -46.63 27.92
CA PHE A 462 1.53 -47.25 26.62
C PHE A 462 1.82 -48.74 26.69
N SER A 463 1.98 -49.29 27.88
CA SER A 463 2.13 -50.73 28.01
C SER A 463 0.79 -51.42 28.25
N GLN A 464 -0.29 -50.64 28.31
CA GLN A 464 -1.59 -51.19 28.66
C GLN A 464 -2.01 -52.28 27.69
N THR A 465 -1.92 -52.01 26.40
CA THR A 465 -2.24 -52.99 25.38
C THR A 465 -0.96 -53.56 24.81
N ASP A 466 -1.11 -54.42 23.81
CA ASP A 466 0.00 -54.83 22.97
C ASP A 466 -0.07 -54.07 21.66
N ASP A 467 1.11 -53.74 21.12
CA ASP A 467 1.21 -52.93 19.91
C ASP A 467 0.29 -51.72 20.00
N ALA A 468 0.61 -50.79 20.90
CA ALA A 468 -0.22 -49.63 21.12
C ALA A 468 -0.40 -48.84 19.83
N PHE A 469 0.69 -48.65 19.10
CA PHE A 469 0.70 -47.82 17.91
C PHE A 469 0.20 -48.54 16.68
N MET A 470 -0.17 -49.80 16.83
CA MET A 470 -0.91 -50.56 15.85
C MET A 470 -0.25 -50.50 14.47
N PHE A 471 1.06 -50.26 14.44
CA PHE A 471 1.90 -50.58 13.29
C PHE A 471 2.93 -51.60 13.76
N ARG A 472 2.93 -52.78 13.17
CA ARG A 472 3.80 -53.83 13.64
C ARG A 472 5.22 -53.34 13.67
N GLU A 473 5.51 -52.40 12.78
CA GLU A 473 6.85 -51.85 12.66
C GLU A 473 7.15 -50.77 13.68
N ILE A 474 6.19 -50.40 14.53
CA ILE A 474 6.42 -49.39 15.54
C ILE A 474 6.20 -50.02 16.91
N PRO A 475 7.15 -50.81 17.41
CA PRO A 475 7.00 -51.36 18.76
C PRO A 475 7.32 -50.32 19.81
N PHE A 476 6.59 -50.37 20.91
CA PHE A 476 6.96 -49.58 22.08
C PHE A 476 7.96 -50.34 22.93
N ILE A 477 8.84 -49.59 23.59
CA ILE A 477 9.78 -50.19 24.54
C ILE A 477 9.81 -49.33 25.79
N PRO A 478 10.06 -49.94 26.95
CA PRO A 478 10.21 -49.16 28.18
C PRO A 478 11.54 -48.42 28.21
N VAL A 479 11.49 -47.20 28.74
CA VAL A 479 12.66 -46.35 28.84
C VAL A 479 12.92 -46.09 30.31
N LYS A 480 14.14 -45.68 30.62
CA LYS A 480 14.58 -45.51 32.00
C LYS A 480 14.99 -44.07 32.23
N SER A 481 14.58 -43.51 33.36
CA SER A 481 14.96 -42.15 33.72
C SER A 481 16.44 -42.07 34.01
N ALA A 482 16.97 -40.85 33.98
CA ALA A 482 18.38 -40.65 34.26
C ALA A 482 18.61 -40.49 35.77
N GLY A 483 19.88 -40.33 36.13
CA GLY A 483 20.24 -40.15 37.52
C GLY A 483 20.27 -38.70 37.91
N LYS A 484 20.39 -37.82 36.92
CA LYS A 484 20.31 -36.39 37.17
C LYS A 484 18.91 -36.00 37.62
N ASN A 485 17.92 -36.72 37.10
CA ASN A 485 16.52 -36.37 37.34
C ASN A 485 15.93 -37.01 38.57
N GLN A 486 16.61 -37.97 39.19
CA GLN A 486 16.06 -38.79 40.25
C GLN A 486 15.43 -37.97 41.36
N ALA A 487 15.97 -36.78 41.62
CA ALA A 487 15.51 -35.98 42.73
C ALA A 487 14.37 -35.05 42.36
N LEU A 488 14.00 -34.99 41.09
CA LEU A 488 12.94 -34.10 40.65
C LEU A 488 11.64 -34.43 41.38
N ARG A 489 10.96 -33.36 41.78
CA ARG A 489 9.67 -33.45 42.44
C ARG A 489 8.95 -32.12 42.31
N PHE A 490 7.62 -32.15 42.37
CA PHE A 490 6.81 -30.96 42.35
C PHE A 490 5.90 -30.95 43.57
N VAL A 491 5.84 -29.82 44.27
CA VAL A 491 5.11 -29.74 45.52
C VAL A 491 4.04 -28.68 45.43
N PHE A 492 2.82 -29.03 45.82
CA PHE A 492 1.70 -28.10 45.82
C PHE A 492 1.04 -28.18 47.18
N LYS A 493 1.07 -27.08 47.94
CA LYS A 493 0.60 -27.08 49.31
C LYS A 493 1.20 -28.28 50.06
N GLY A 494 2.48 -28.19 50.36
CA GLY A 494 3.15 -29.30 51.02
C GLY A 494 3.37 -30.53 50.15
N GLU A 495 2.78 -31.67 50.54
CA GLU A 495 3.17 -32.97 50.03
C GLU A 495 3.17 -32.98 48.51
N THR A 496 4.09 -33.76 47.96
CA THR A 496 4.32 -33.76 46.53
C THR A 496 3.07 -34.15 45.76
N GLN A 497 2.93 -33.61 44.59
CA GLN A 497 1.85 -33.92 43.70
C GLN A 497 2.30 -35.02 42.76
N PRO A 498 1.52 -36.07 42.55
CA PRO A 498 1.95 -37.15 41.66
C PRO A 498 2.20 -36.62 40.26
N ALA A 499 3.11 -37.28 39.55
CA ALA A 499 3.63 -36.77 38.29
C ALA A 499 2.56 -36.52 37.24
N MET A 500 1.47 -37.25 37.31
CA MET A 500 0.43 -37.18 36.30
C MET A 500 -0.94 -37.24 36.98
N LYS A 501 -1.85 -36.38 36.54
CA LYS A 501 -3.19 -36.35 37.14
C LYS A 501 -4.24 -36.26 36.05
N MET A 502 -5.06 -37.30 35.94
CA MET A 502 -6.09 -37.36 34.92
C MET A 502 -7.40 -36.87 35.53
N TRP A 503 -8.00 -35.86 34.93
CA TRP A 503 -9.20 -35.24 35.47
C TRP A 503 -10.41 -35.87 34.80
N LEU A 504 -11.14 -36.67 35.55
CA LEU A 504 -12.26 -37.40 35.00
C LEU A 504 -13.54 -36.60 35.13
N MET A 505 -14.25 -36.46 34.02
CA MET A 505 -15.51 -35.75 34.01
C MET A 505 -16.59 -36.58 34.68
N GLU A 506 -17.60 -35.89 35.21
CA GLU A 506 -18.73 -36.52 35.87
C GLU A 506 -19.96 -36.45 34.98
N GLY A 507 -20.83 -37.46 35.11
CA GLY A 507 -21.98 -37.59 34.24
C GLY A 507 -21.83 -38.74 33.27
N GLU A 508 -22.85 -39.01 32.47
CA GLU A 508 -22.85 -40.20 31.63
C GLU A 508 -22.46 -39.92 30.19
N SER A 509 -23.32 -39.24 29.45
CA SER A 509 -23.02 -38.87 28.07
C SER A 509 -22.48 -37.45 28.03
N CYS A 510 -21.48 -37.23 27.20
CA CYS A 510 -20.92 -35.89 27.06
C CYS A 510 -20.76 -35.56 25.59
N GLY A 511 -21.28 -34.41 25.19
CA GLY A 511 -21.00 -33.88 23.87
C GLY A 511 -19.75 -33.03 23.87
N VAL A 512 -19.24 -32.77 22.65
CA VAL A 512 -17.98 -32.05 22.53
C VAL A 512 -18.09 -30.67 23.14
N GLY A 513 -19.23 -30.00 22.96
CA GLY A 513 -19.37 -28.65 23.48
C GLY A 513 -19.28 -28.61 24.99
N ASP A 514 -20.12 -29.40 25.67
CA ASP A 514 -20.05 -29.51 27.11
C ASP A 514 -18.61 -29.72 27.56
N TYR A 515 -17.94 -30.67 26.91
CA TYR A 515 -16.57 -31.00 27.24
C TYR A 515 -15.65 -29.79 27.09
N GLN A 516 -15.84 -29.00 26.04
CA GLN A 516 -14.95 -27.88 25.80
C GLN A 516 -15.18 -26.75 26.80
N SER A 517 -16.44 -26.48 27.13
CA SER A 517 -16.71 -25.53 28.21
C SER A 517 -16.08 -26.01 29.51
N THR A 518 -16.59 -27.14 30.02
CA THR A 518 -16.20 -27.60 31.34
C THR A 518 -14.71 -27.76 31.47
N MET A 519 -14.09 -28.52 30.58
CA MET A 519 -12.68 -28.86 30.77
C MET A 519 -11.79 -27.64 30.68
N ALA A 520 -12.03 -26.78 29.70
CA ALA A 520 -11.29 -25.51 29.68
C ALA A 520 -11.44 -24.79 31.00
N GLN A 521 -12.68 -24.60 31.44
CA GLN A 521 -12.93 -23.92 32.71
C GLN A 521 -12.14 -24.54 33.84
N VAL A 522 -12.26 -25.85 34.02
CA VAL A 522 -11.59 -26.53 35.11
C VAL A 522 -10.09 -26.33 35.01
N CYS A 523 -9.54 -26.46 33.81
CA CYS A 523 -8.13 -26.18 33.60
C CYS A 523 -7.78 -24.82 34.18
N ALA A 524 -8.56 -23.81 33.81
CA ALA A 524 -8.33 -22.46 34.32
C ALA A 524 -8.36 -22.44 35.84
N ALA A 525 -9.39 -23.02 36.44
CA ALA A 525 -9.48 -22.98 37.89
C ALA A 525 -8.25 -23.62 38.52
N GLN A 526 -7.80 -24.74 37.96
CA GLN A 526 -6.61 -25.39 38.47
C GLN A 526 -5.37 -24.51 38.28
N ILE A 527 -5.29 -23.84 37.13
CA ILE A 527 -4.15 -22.99 36.81
C ILE A 527 -3.98 -21.80 37.75
N ARG A 528 -5.07 -21.13 38.11
CA ARG A 528 -5.00 -19.99 39.02
C ARG A 528 -4.69 -20.44 40.42
N ASP A 529 -5.02 -21.68 40.77
CA ASP A 529 -4.69 -22.19 42.09
C ASP A 529 -3.20 -22.39 42.21
N TRP A 530 -2.61 -23.06 41.21
CA TRP A 530 -1.16 -23.18 41.17
C TRP A 530 -0.50 -21.83 41.25
N LEU A 531 -1.09 -20.82 40.60
CA LEU A 531 -0.48 -19.51 40.59
C LEU A 531 -0.53 -18.88 41.97
N GLN A 532 -1.73 -18.81 42.55
CA GLN A 532 -1.90 -18.18 43.85
C GLN A 532 -1.02 -18.85 44.88
N ALA A 533 -0.90 -20.17 44.81
CA ALA A 533 0.07 -20.87 45.64
C ALA A 533 1.49 -20.63 45.18
N GLY A 534 1.69 -20.06 44.00
CA GLY A 534 3.01 -19.78 43.50
C GLY A 534 3.53 -18.44 43.99
N GLN A 535 2.62 -17.50 44.25
CA GLN A 535 3.06 -16.20 44.73
C GLN A 535 3.36 -16.25 46.22
N ARG A 536 2.81 -17.25 46.92
CA ARG A 536 3.13 -17.41 48.32
C ARG A 536 4.32 -18.34 48.52
N GLY A 537 4.87 -18.88 47.44
CA GLY A 537 6.03 -19.74 47.56
C GLY A 537 5.75 -21.11 48.12
N GLU A 538 4.48 -21.48 48.27
CA GLU A 538 4.18 -22.83 48.72
C GLU A 538 4.47 -23.87 47.65
N ALA A 539 3.86 -23.73 46.47
CA ALA A 539 4.05 -24.68 45.39
C ALA A 539 5.36 -24.38 44.69
N LEU A 540 6.14 -25.42 44.45
CA LEU A 540 7.51 -25.28 43.96
C LEU A 540 7.82 -26.39 42.98
N LEU A 541 8.62 -26.05 41.98
CA LEU A 541 9.29 -27.01 41.14
C LEU A 541 10.65 -27.27 41.76
N MET A 542 10.89 -28.49 42.20
CA MET A 542 12.04 -28.79 43.03
C MET A 542 12.90 -29.87 42.40
N ASN A 543 14.17 -29.55 42.17
CA ASN A 543 15.17 -30.58 41.95
C ASN A 543 15.97 -30.74 43.23
N GLY A 544 15.75 -31.86 43.90
CA GLY A 544 16.30 -32.04 45.22
C GLY A 544 15.79 -30.98 46.18
N ASP A 545 16.72 -30.35 46.91
CA ASP A 545 16.36 -29.25 47.79
C ASP A 545 16.07 -27.96 47.06
N ASP A 546 16.64 -27.78 45.87
CA ASP A 546 16.46 -26.56 45.12
C ASP A 546 15.00 -26.40 44.74
N ALA A 547 14.59 -25.17 44.48
CA ALA A 547 13.19 -24.90 44.16
C ALA A 547 13.08 -23.63 43.36
N ARG A 548 11.83 -23.26 43.08
CA ARG A 548 11.41 -21.99 42.48
C ARG A 548 9.90 -22.00 42.43
N PRO A 549 9.25 -20.88 42.72
CA PRO A 549 7.79 -20.84 42.65
C PRO A 549 7.31 -21.02 41.22
N VAL A 550 6.03 -21.34 41.09
CA VAL A 550 5.50 -21.61 39.76
C VAL A 550 4.97 -20.30 39.18
N ARG A 551 5.71 -19.76 38.23
CA ARG A 551 5.28 -18.57 37.53
C ARG A 551 4.33 -18.97 36.42
N ALA A 552 3.46 -18.04 36.03
CA ALA A 552 2.56 -18.34 34.92
C ALA A 552 3.32 -18.65 33.64
N SER A 553 4.62 -18.35 33.59
CA SER A 553 5.46 -18.73 32.47
C SER A 553 5.59 -20.24 32.30
N ASP A 554 5.96 -20.94 33.36
CA ASP A 554 6.29 -22.35 33.28
C ASP A 554 5.11 -23.25 32.94
N ILE A 555 3.89 -22.74 33.08
CA ILE A 555 2.73 -23.52 32.67
C ILE A 555 2.55 -23.39 31.16
N SER A 556 2.27 -24.52 30.51
CA SER A 556 1.89 -24.52 29.10
C SER A 556 0.63 -25.36 28.93
N VAL A 557 -0.20 -24.95 27.99
CA VAL A 557 -1.49 -25.58 27.73
C VAL A 557 -1.47 -26.01 26.27
N LEU A 558 -1.48 -27.31 26.03
CA LEU A 558 -1.40 -27.77 24.65
C LEU A 558 -2.78 -28.10 24.12
N VAL A 559 -3.09 -27.50 22.97
CA VAL A 559 -4.38 -27.68 22.34
C VAL A 559 -4.15 -28.13 20.92
N ARG A 560 -5.16 -28.75 20.31
CA ARG A 560 -4.99 -29.28 18.97
C ARG A 560 -5.17 -28.19 17.92
N SER A 561 -6.18 -27.34 18.06
CA SER A 561 -6.54 -26.41 17.00
C SER A 561 -6.69 -25.00 17.56
N ARG A 562 -6.99 -24.07 16.66
CA ARG A 562 -7.12 -22.67 17.04
C ARG A 562 -8.37 -22.42 17.88
N GLN A 563 -9.53 -22.74 17.34
CA GLN A 563 -10.80 -22.48 18.04
C GLN A 563 -10.73 -22.99 19.44
N GLU A 564 -10.21 -24.21 19.58
CA GLU A 564 -9.90 -24.76 20.89
C GLU A 564 -9.11 -23.79 21.74
N ALA A 565 -8.02 -23.25 21.20
CA ALA A 565 -7.16 -22.40 22.01
C ALA A 565 -7.90 -21.14 22.47
N ALA A 566 -8.64 -20.51 21.56
CA ALA A 566 -9.44 -19.36 21.95
C ALA A 566 -10.41 -19.73 23.05
N GLN A 567 -11.06 -20.89 22.91
CA GLN A 567 -11.93 -21.41 23.95
C GLN A 567 -11.20 -21.48 25.28
N VAL A 568 -9.90 -21.80 25.26
CA VAL A 568 -9.14 -21.86 26.49
C VAL A 568 -8.90 -20.47 27.04
N ARG A 569 -8.48 -19.55 26.17
CA ARG A 569 -8.07 -18.23 26.62
C ARG A 569 -9.24 -17.46 27.21
N ASP A 570 -10.36 -17.42 26.49
CA ASP A 570 -11.50 -16.63 26.93
C ASP A 570 -11.88 -16.96 28.37
N ALA A 571 -12.03 -18.23 28.70
CA ALA A 571 -12.23 -18.64 30.08
C ALA A 571 -11.04 -18.32 30.96
N LEU A 572 -9.82 -18.53 30.47
CA LEU A 572 -8.62 -18.32 31.26
C LEU A 572 -8.31 -16.87 31.51
N THR A 573 -8.62 -15.98 30.59
CA THR A 573 -8.52 -14.56 30.89
C THR A 573 -9.69 -14.07 31.74
N LEU A 574 -10.86 -14.71 31.62
CA LEU A 574 -11.97 -14.40 32.51
C LEU A 574 -11.55 -14.50 33.96
N LEU A 575 -10.57 -15.34 34.27
CA LEU A 575 -10.04 -15.44 35.62
C LEU A 575 -8.88 -14.49 35.84
N GLU A 576 -8.65 -13.57 34.91
CA GLU A 576 -7.65 -12.52 35.10
C GLU A 576 -6.25 -13.12 35.15
N ILE A 577 -6.00 -14.12 34.32
CA ILE A 577 -4.65 -14.61 34.09
C ILE A 577 -4.25 -14.25 32.67
N PRO A 578 -3.26 -13.41 32.47
CA PRO A 578 -2.87 -13.04 31.12
C PRO A 578 -2.23 -14.22 30.42
N SER A 579 -2.62 -14.41 29.15
CA SER A 579 -2.21 -15.60 28.42
C SER A 579 -1.92 -15.24 26.98
N VAL A 580 -0.96 -15.94 26.38
CA VAL A 580 -0.62 -15.75 24.97
C VAL A 580 -0.90 -17.05 24.26
N TYR A 581 -1.09 -16.99 22.94
CA TYR A 581 -1.20 -18.16 22.11
C TYR A 581 -0.11 -18.13 21.05
N LEU A 582 0.87 -19.01 21.18
CA LEU A 582 2.09 -18.89 20.41
C LEU A 582 1.92 -19.21 18.93
N SER A 583 0.88 -19.94 18.57
CA SER A 583 0.67 -20.32 17.18
C SER A 583 -0.18 -19.31 16.43
N ASN A 584 -0.54 -18.21 17.09
CA ASN A 584 -1.49 -17.28 16.49
C ASN A 584 -0.92 -16.70 15.21
N ARG A 585 -1.61 -16.97 14.10
CA ARG A 585 -1.24 -16.42 12.81
C ARG A 585 -2.10 -15.24 12.43
N ASP A 586 -3.04 -14.84 13.28
CA ASP A 586 -3.90 -13.72 12.98
C ASP A 586 -3.07 -12.45 12.81
N SER A 587 -3.56 -11.57 11.95
CA SER A 587 -2.83 -10.36 11.61
C SER A 587 -3.43 -9.15 12.30
N VAL A 588 -2.58 -8.18 12.59
CA VAL A 588 -2.98 -7.01 13.35
C VAL A 588 -4.18 -6.33 12.71
N PHE A 589 -4.13 -6.15 11.39
CA PHE A 589 -5.13 -5.38 10.70
C PHE A 589 -6.53 -5.93 10.88
N GLU A 590 -6.67 -7.18 11.28
CA GLU A 590 -8.00 -7.69 11.54
C GLU A 590 -8.59 -7.14 12.82
N THR A 591 -7.79 -6.62 13.72
CA THR A 591 -8.33 -6.11 14.97
C THR A 591 -9.12 -4.82 14.72
N LEU A 592 -9.70 -4.30 15.79
CA LEU A 592 -10.45 -3.06 15.69
C LEU A 592 -9.55 -1.84 15.76
N GLU A 593 -8.36 -2.00 16.31
CA GLU A 593 -7.48 -0.85 16.46
C GLU A 593 -7.01 -0.34 15.11
N ALA A 594 -6.72 -1.24 14.17
CA ALA A 594 -6.46 -0.81 12.81
C ALA A 594 -7.60 0.05 12.30
N GLN A 595 -8.83 -0.36 12.58
CA GLN A 595 -9.96 0.42 12.12
C GLN A 595 -9.98 1.81 12.76
N GLU A 596 -9.77 1.87 14.08
CA GLU A 596 -9.73 3.18 14.72
C GLU A 596 -8.65 4.04 14.09
N MET A 597 -7.45 3.49 13.93
CA MET A 597 -6.39 4.22 13.23
C MET A 597 -6.88 4.76 11.91
N LEU A 598 -7.64 3.96 11.16
CA LEU A 598 -8.21 4.46 9.92
C LEU A 598 -9.06 5.69 10.17
N TRP A 599 -9.98 5.61 11.11
CA TRP A 599 -10.82 6.76 11.40
C TRP A 599 -10.01 7.99 11.77
N LEU A 600 -8.91 7.82 12.49
CA LEU A 600 -8.14 8.99 12.85
C LEU A 600 -7.42 9.55 11.63
N LEU A 601 -6.50 8.80 11.05
CA LEU A 601 -5.78 9.28 9.88
C LEU A 601 -6.74 9.90 8.88
N GLN A 602 -7.84 9.22 8.62
CA GLN A 602 -8.82 9.73 7.68
C GLN A 602 -9.37 11.07 8.14
N ALA A 603 -9.51 11.27 9.45
CA ALA A 603 -9.97 12.57 9.93
C ALA A 603 -8.90 13.63 9.78
N VAL A 604 -7.72 13.39 10.32
CA VAL A 604 -6.66 14.38 10.25
C VAL A 604 -6.40 14.79 8.81
N MET A 605 -6.65 13.89 7.87
CA MET A 605 -6.42 14.23 6.47
C MET A 605 -7.33 15.37 6.04
N THR A 606 -8.60 15.33 6.41
CA THR A 606 -9.56 16.36 6.02
C THR A 606 -10.44 16.78 7.19
N PRO A 607 -9.85 17.46 8.19
CA PRO A 607 -10.65 17.88 9.34
C PRO A 607 -11.77 18.84 8.99
N GLU A 608 -11.76 19.39 7.78
CA GLU A 608 -12.78 20.34 7.40
C GLU A 608 -14.16 19.72 7.53
N ARG A 609 -14.26 18.44 7.22
CA ARG A 609 -15.54 17.73 7.23
C ARG A 609 -15.95 17.43 8.65
N GLU A 610 -17.12 17.92 9.04
CA GLU A 610 -17.59 17.74 10.40
C GLU A 610 -17.69 16.27 10.75
N ASN A 611 -18.27 15.47 9.86
CA ASN A 611 -18.56 14.09 10.21
C ASN A 611 -17.29 13.29 10.38
N THR A 612 -16.45 13.27 9.34
CA THR A 612 -15.28 12.40 9.33
C THR A 612 -14.30 12.73 10.43
N LEU A 613 -14.53 13.83 11.16
CA LEU A 613 -13.76 14.11 12.35
C LEU A 613 -14.44 13.54 13.59
N ARG A 614 -15.67 13.99 13.85
CA ARG A 614 -16.43 13.49 14.98
C ARG A 614 -16.38 11.97 15.08
N SER A 615 -16.48 11.28 13.96
CA SER A 615 -16.26 9.84 13.95
C SER A 615 -14.96 9.47 14.63
N ALA A 616 -13.88 10.15 14.27
CA ALA A 616 -12.60 9.82 14.88
C ALA A 616 -12.59 10.17 16.35
N LEU A 617 -13.36 11.17 16.75
CA LEU A 617 -13.39 11.51 18.17
C LEU A 617 -14.11 10.45 18.99
N ALA A 618 -15.12 9.82 18.44
CA ALA A 618 -15.89 8.86 19.24
C ALA A 618 -15.12 7.57 19.53
N THR A 619 -13.98 7.35 18.89
CA THR A 619 -13.31 6.07 19.01
C THR A 619 -12.89 5.81 20.45
N SER A 620 -12.97 4.55 20.85
CA SER A 620 -12.53 4.13 22.18
C SER A 620 -11.10 4.57 22.43
N MET A 621 -10.30 4.62 21.37
CA MET A 621 -8.95 5.12 21.48
C MET A 621 -8.91 6.53 22.04
N MET A 622 -9.74 7.43 21.52
CA MET A 622 -9.78 8.77 22.08
C MET A 622 -10.32 8.77 23.50
N GLY A 623 -11.18 7.82 23.83
CA GLY A 623 -11.65 7.72 25.19
C GLY A 623 -12.48 8.90 25.63
N LEU A 624 -13.59 9.15 24.94
CA LEU A 624 -14.45 10.27 25.24
C LEU A 624 -15.81 9.75 25.69
N ASN A 625 -16.39 10.42 26.67
CA ASN A 625 -17.71 10.02 27.12
C ASN A 625 -18.76 10.40 26.10
N ALA A 626 -20.00 10.01 26.38
CA ALA A 626 -21.11 10.55 25.60
C ALA A 626 -21.33 12.01 25.94
N LEU A 627 -21.02 12.40 27.17
CA LEU A 627 -21.16 13.79 27.57
C LEU A 627 -20.14 14.64 26.83
N ASP A 628 -18.92 14.13 26.67
CA ASP A 628 -17.89 14.86 25.95
C ASP A 628 -18.35 15.18 24.54
N ILE A 629 -18.71 14.16 23.78
CA ILE A 629 -19.14 14.38 22.41
C ILE A 629 -20.38 15.25 22.39
N GLU A 630 -21.26 15.07 23.37
CA GLU A 630 -22.49 15.86 23.39
C GLU A 630 -22.21 17.34 23.53
N THR A 631 -21.53 17.74 24.60
CA THR A 631 -21.21 19.14 24.78
C THR A 631 -20.39 19.66 23.61
N LEU A 632 -19.44 18.86 23.17
CA LEU A 632 -18.53 19.23 22.10
C LEU A 632 -19.27 19.42 20.78
N ASN A 633 -20.49 18.91 20.70
CA ASN A 633 -21.36 19.23 19.58
C ASN A 633 -22.07 20.57 19.74
N ASN A 634 -21.97 21.21 20.91
CA ASN A 634 -22.75 22.40 21.19
C ASN A 634 -21.90 23.66 21.12
N ASP A 635 -20.95 23.82 22.04
CA ASP A 635 -20.10 25.01 22.03
C ASP A 635 -19.26 25.01 20.76
N GLU A 636 -19.32 26.11 20.02
CA GLU A 636 -18.57 26.17 18.77
C GLU A 636 -17.09 26.37 19.02
N HIS A 637 -16.73 27.05 20.10
CA HIS A 637 -15.33 27.35 20.35
C HIS A 637 -14.52 26.07 20.50
N ALA A 638 -14.96 25.17 21.38
CA ALA A 638 -14.23 23.92 21.57
C ALA A 638 -14.09 23.18 20.26
N TRP A 639 -15.20 23.02 19.53
CA TRP A 639 -15.16 22.32 18.26
C TRP A 639 -14.14 22.94 17.32
N ASP A 640 -14.05 24.27 17.33
CA ASP A 640 -13.06 24.93 16.51
C ASP A 640 -11.65 24.64 17.01
N VAL A 641 -11.50 24.46 18.32
CA VAL A 641 -10.19 24.15 18.86
C VAL A 641 -9.74 22.77 18.38
N VAL A 642 -10.63 21.78 18.49
CA VAL A 642 -10.32 20.45 17.99
C VAL A 642 -9.93 20.52 16.52
N VAL A 643 -10.81 21.12 15.71
CA VAL A 643 -10.49 21.27 14.29
C VAL A 643 -9.10 21.86 14.13
N GLU A 644 -8.77 22.83 14.99
CA GLU A 644 -7.47 23.47 14.90
C GLU A 644 -6.35 22.48 15.12
N GLU A 645 -6.38 21.79 16.26
CA GLU A 645 -5.30 20.88 16.62
C GLU A 645 -5.11 19.84 15.54
N PHE A 646 -6.18 19.28 15.01
CA PHE A 646 -6.00 18.36 13.91
C PHE A 646 -5.38 19.06 12.71
N ASP A 647 -5.73 20.31 12.49
CA ASP A 647 -5.10 21.01 11.38
C ASP A 647 -3.61 21.18 11.59
N GLY A 648 -3.15 21.30 12.83
CA GLY A 648 -1.72 21.28 13.06
C GLY A 648 -1.15 19.90 12.85
N TYR A 649 -1.94 18.87 13.17
CA TYR A 649 -1.49 17.51 12.95
C TYR A 649 -1.24 17.25 11.49
N ARG A 650 -2.08 17.77 10.62
CA ARG A 650 -1.88 17.56 9.20
C ARG A 650 -0.51 18.12 8.84
N GLN A 651 -0.17 19.25 9.44
CA GLN A 651 1.10 19.89 9.16
C GLN A 651 2.25 18.98 9.55
N ILE A 652 2.22 18.47 10.78
CA ILE A 652 3.23 17.51 11.21
C ILE A 652 3.29 16.33 10.24
N TRP A 653 2.12 15.90 9.80
CA TRP A 653 1.97 14.80 8.87
C TRP A 653 2.72 15.07 7.58
N ARG A 654 2.48 16.24 6.98
CA ARG A 654 3.12 16.56 5.71
C ARG A 654 4.62 16.73 5.86
N LYS A 655 5.05 17.48 6.87
CA LYS A 655 6.47 17.78 6.98
C LYS A 655 7.24 16.57 7.49
N ARG A 656 6.98 16.16 8.71
CA ARG A 656 7.81 15.19 9.40
C ARG A 656 7.48 13.74 9.10
N GLY A 657 6.45 13.47 8.32
CA GLY A 657 6.04 12.10 8.08
C GLY A 657 4.87 11.71 8.96
N VAL A 658 4.73 10.40 9.13
CA VAL A 658 3.56 9.87 9.84
C VAL A 658 3.85 9.71 11.32
N MET A 659 4.67 8.72 11.67
CA MET A 659 4.93 8.39 13.07
C MET A 659 5.14 9.61 13.94
N PRO A 660 5.87 10.64 13.53
CA PRO A 660 5.86 11.87 14.32
C PRO A 660 4.47 12.40 14.59
N MET A 661 3.57 12.38 13.61
CA MET A 661 2.23 12.88 13.88
C MET A 661 1.55 12.08 14.97
N LEU A 662 1.37 10.78 14.75
CA LEU A 662 0.72 9.93 15.73
C LEU A 662 1.38 10.02 17.08
N ARG A 663 2.69 10.24 17.14
CA ARG A 663 3.32 10.55 18.40
C ARG A 663 2.70 11.79 19.01
N ALA A 664 2.70 12.91 18.27
CA ALA A 664 2.16 14.14 18.83
C ALA A 664 0.72 13.96 19.29
N LEU A 665 -0.08 13.26 18.51
CA LEU A 665 -1.46 13.02 18.90
C LEU A 665 -1.56 12.22 20.18
N MET A 666 -0.76 11.17 20.30
CA MET A 666 -0.76 10.37 21.51
C MET A 666 -0.35 11.18 22.74
N SER A 667 0.69 12.00 22.62
CA SER A 667 1.07 12.83 23.75
C SER A 667 -0.05 13.78 24.14
N ALA A 668 -0.55 14.56 23.17
CA ALA A 668 -1.53 15.60 23.50
C ALA A 668 -2.80 14.99 24.07
N ARG A 669 -3.31 13.94 23.44
CA ARG A 669 -4.54 13.31 23.90
C ARG A 669 -4.36 12.51 25.19
N ASN A 670 -3.11 12.25 25.55
CA ASN A 670 -2.78 11.45 26.71
C ASN A 670 -3.24 10.01 26.58
N ILE A 671 -3.49 9.54 25.37
CA ILE A 671 -4.12 8.23 25.23
C ILE A 671 -3.18 7.12 25.66
N ALA A 672 -1.89 7.26 25.31
CA ALA A 672 -0.94 6.20 25.63
C ALA A 672 -0.91 5.93 27.13
N GLU A 673 -1.24 6.95 27.92
CA GLU A 673 -1.33 6.75 29.34
C GLU A 673 -2.69 6.21 29.75
N ASN A 674 -3.76 6.76 29.19
CA ASN A 674 -5.10 6.42 29.65
C ASN A 674 -5.44 4.98 29.33
N LEU A 675 -4.89 4.45 28.25
CA LEU A 675 -5.09 3.03 27.97
C LEU A 675 -4.43 2.18 29.04
N LEU A 676 -3.17 2.46 29.34
CA LEU A 676 -2.47 1.69 30.37
C LEU A 676 -3.18 1.79 31.70
N ALA A 677 -3.82 2.92 31.98
CA ALA A 677 -4.68 2.99 33.14
C ALA A 677 -5.84 2.00 33.00
N THR A 678 -6.48 1.98 31.85
CA THR A 678 -7.61 1.09 31.62
C THR A 678 -7.15 -0.37 31.67
N ALA A 679 -8.05 -1.23 32.13
CA ALA A 679 -7.75 -2.65 32.24
C ALA A 679 -7.75 -3.30 30.86
N GLY A 680 -6.71 -4.06 30.57
CA GLY A 680 -6.53 -4.76 29.31
C GLY A 680 -6.01 -3.86 28.21
N GLY A 681 -6.11 -2.56 28.41
CA GLY A 681 -5.74 -1.60 27.40
C GLY A 681 -4.30 -1.71 27.01
N GLU A 682 -3.50 -2.42 27.80
CA GLU A 682 -2.11 -2.64 27.44
C GLU A 682 -2.01 -3.28 26.07
N ARG A 683 -2.75 -4.38 25.87
CA ARG A 683 -2.81 -5.02 24.57
C ARG A 683 -3.16 -4.02 23.48
N ARG A 684 -4.27 -3.32 23.66
CA ARG A 684 -4.72 -2.33 22.69
C ARG A 684 -3.60 -1.36 22.33
N LEU A 685 -2.88 -0.86 23.32
CA LEU A 685 -1.79 0.06 23.08
C LEU A 685 -0.67 -0.57 22.28
N THR A 686 -0.30 -1.81 22.58
CA THR A 686 0.65 -2.50 21.71
C THR A 686 0.16 -2.54 20.28
N ASP A 687 -1.09 -2.91 20.03
CA ASP A 687 -1.57 -2.89 18.66
C ASP A 687 -1.42 -1.54 18.01
N ILE A 688 -1.74 -0.47 18.73
CA ILE A 688 -1.64 0.85 18.13
C ILE A 688 -0.20 1.14 17.73
N LEU A 689 0.73 0.98 18.67
CA LEU A 689 2.13 1.23 18.33
C LEU A 689 2.56 0.39 17.14
N HIS A 690 2.20 -0.89 17.15
CA HIS A 690 2.62 -1.76 16.07
C HIS A 690 2.15 -1.23 14.74
N ILE A 691 0.85 -0.97 14.62
CA ILE A 691 0.29 -0.43 13.39
C ILE A 691 1.07 0.79 12.94
N SER A 692 1.34 1.71 13.85
CA SER A 692 2.12 2.87 13.47
C SER A 692 3.46 2.45 12.86
N GLU A 693 4.18 1.56 13.53
CA GLU A 693 5.45 1.10 12.98
C GLU A 693 5.30 0.59 11.56
N LEU A 694 4.18 -0.07 11.25
CA LEU A 694 3.99 -0.45 9.86
C LEU A 694 3.72 0.73 8.96
N LEU A 695 2.95 1.70 9.44
CA LEU A 695 2.66 2.88 8.63
C LEU A 695 3.93 3.63 8.27
N GLN A 696 5.00 3.41 9.02
CA GLN A 696 6.28 3.90 8.51
C GLN A 696 6.75 3.07 7.32
N GLU A 697 6.83 1.76 7.48
CA GLU A 697 7.42 0.92 6.44
C GLU A 697 6.72 1.10 5.11
N ALA A 698 5.39 1.14 5.13
CA ALA A 698 4.68 1.51 3.93
C ALA A 698 4.65 3.00 3.71
N GLY A 699 4.93 3.78 4.75
CA GLY A 699 4.86 5.22 4.63
C GLY A 699 5.93 5.81 3.75
N THR A 700 7.16 5.28 3.83
CA THR A 700 8.22 5.82 2.98
C THR A 700 7.95 5.52 1.52
N GLN A 701 7.82 4.24 1.19
CA GLN A 701 7.77 3.81 -0.20
C GLN A 701 6.71 4.56 -0.98
N LEU A 702 5.60 4.89 -0.33
CA LEU A 702 4.56 5.70 -0.94
C LEU A 702 4.86 7.17 -0.69
N GLU A 703 4.81 7.96 -1.75
CA GLU A 703 5.15 9.37 -1.60
C GLU A 703 3.98 10.16 -1.03
N SER A 704 2.78 9.90 -1.52
CA SER A 704 1.63 10.68 -1.11
C SER A 704 1.31 10.47 0.36
N GLU A 705 0.90 11.57 0.99
CA GLU A 705 0.14 11.51 2.23
C GLU A 705 -1.18 10.79 2.08
N HIS A 706 -1.87 10.99 0.95
CA HIS A 706 -3.22 10.47 0.76
C HIS A 706 -3.23 9.01 0.35
N ALA A 707 -2.33 8.64 -0.55
CA ALA A 707 -2.22 7.24 -0.96
C ALA A 707 -1.90 6.33 0.20
N LEU A 708 -1.47 6.87 1.34
CA LEU A 708 -1.28 6.02 2.50
C LEU A 708 -2.62 5.62 3.10
N VAL A 709 -3.51 6.60 3.33
CA VAL A 709 -4.87 6.25 3.71
C VAL A 709 -5.50 5.34 2.67
N ARG A 710 -5.13 5.51 1.40
CA ARG A 710 -5.52 4.52 0.41
C ARG A 710 -5.06 3.14 0.81
N TRP A 711 -3.78 3.02 1.15
CA TRP A 711 -3.16 1.74 1.46
C TRP A 711 -3.75 1.07 2.68
N LEU A 712 -3.91 1.81 3.77
CA LEU A 712 -4.33 1.21 5.02
C LEU A 712 -5.65 0.50 4.88
N SER A 713 -6.63 1.13 4.24
CA SER A 713 -7.90 0.45 4.02
C SER A 713 -7.70 -0.88 3.32
N GLN A 714 -6.96 -0.87 2.21
CA GLN A 714 -6.76 -2.09 1.45
C GLN A 714 -6.19 -3.20 2.32
N HIS A 715 -5.34 -2.84 3.27
CA HIS A 715 -4.92 -3.89 4.19
C HIS A 715 -5.97 -4.22 5.25
N ILE A 716 -6.81 -3.27 5.66
CA ILE A 716 -7.92 -3.61 6.55
C ILE A 716 -8.82 -4.66 5.93
N LEU A 717 -8.99 -4.65 4.62
CA LEU A 717 -9.84 -5.63 3.97
C LEU A 717 -9.18 -7.01 3.96
N GLU A 718 -8.02 -7.14 3.33
CA GLU A 718 -7.34 -8.42 3.26
C GLU A 718 -6.21 -8.46 4.28
N PRO A 719 -6.34 -9.17 5.38
CA PRO A 719 -5.28 -9.23 6.38
C PRO A 719 -4.06 -10.04 5.96
N ASP A 720 -4.27 -10.92 5.00
CA ASP A 720 -3.35 -11.98 4.56
C ASP A 720 -2.94 -12.93 5.67
N SER A 721 -1.79 -13.59 5.54
CA SER A 721 -1.19 -14.41 6.60
C SER A 721 0.11 -13.80 7.09
N ASN A 722 0.59 -12.77 6.42
CA ASN A 722 2.04 -12.62 6.27
C ASN A 722 2.72 -12.31 7.60
N ALA A 723 4.03 -12.55 7.61
CA ALA A 723 4.76 -12.64 8.88
C ALA A 723 4.72 -11.32 9.64
N SER A 724 5.19 -10.24 9.03
CA SER A 724 5.39 -9.01 9.78
C SER A 724 4.08 -8.44 10.29
N SER A 725 3.01 -8.61 9.54
CA SER A 725 1.78 -8.02 10.05
C SER A 725 1.11 -8.87 11.11
N GLN A 726 1.70 -10.02 11.45
CA GLN A 726 1.21 -10.87 12.51
C GLN A 726 1.43 -10.22 13.87
N GLN A 727 0.48 -10.44 14.79
CA GLN A 727 0.47 -9.72 16.05
C GLN A 727 1.73 -9.95 16.87
N MET A 728 2.20 -8.92 17.54
CA MET A 728 3.27 -9.07 18.52
C MET A 728 2.72 -9.53 19.84
N ARG A 729 3.57 -10.23 20.61
CA ARG A 729 3.24 -10.62 21.97
C ARG A 729 2.82 -9.38 22.77
N LEU A 730 1.81 -9.54 23.63
CA LEU A 730 1.25 -8.35 24.27
C LEU A 730 2.21 -7.76 25.29
N GLU A 731 2.65 -8.56 26.26
CA GLU A 731 3.61 -8.04 27.21
C GLU A 731 4.57 -9.15 27.61
N SER A 732 5.86 -8.81 27.65
CA SER A 732 6.83 -9.71 28.23
C SER A 732 7.13 -9.40 29.68
N ASP A 733 6.56 -8.32 30.21
CA ASP A 733 6.82 -7.95 31.59
C ASP A 733 6.41 -9.08 32.52
N LYS A 734 5.17 -9.51 32.41
CA LYS A 734 4.63 -10.55 33.27
C LYS A 734 4.79 -11.89 32.58
N HIS A 735 5.22 -12.88 33.34
CA HIS A 735 5.21 -14.24 32.86
C HIS A 735 3.81 -14.61 32.41
N LEU A 736 3.72 -15.40 31.35
CA LEU A 736 2.46 -15.64 30.68
C LEU A 736 2.19 -17.13 30.47
N VAL A 737 0.90 -17.44 30.35
CA VAL A 737 0.50 -18.78 29.96
C VAL A 737 0.70 -18.91 28.46
N GLN A 738 1.44 -19.95 28.07
CA GLN A 738 2.08 -20.05 26.76
C GLN A 738 1.20 -21.19 26.28
N ILE A 739 0.22 -20.91 25.42
CA ILE A 739 -0.93 -21.78 25.16
C ILE A 739 -0.48 -22.01 23.73
N VAL A 740 -0.30 -23.27 23.36
CA VAL A 740 0.44 -23.63 22.16
C VAL A 740 -0.13 -24.92 21.60
N THR A 741 -0.12 -25.03 20.28
CA THR A 741 -0.60 -26.25 19.64
C THR A 741 0.44 -27.35 19.73
N ILE A 742 -0.03 -28.59 19.60
CA ILE A 742 0.86 -29.74 19.71
C ILE A 742 2.03 -29.59 18.78
N HIS A 743 1.77 -29.41 17.48
CA HIS A 743 2.83 -29.45 16.50
C HIS A 743 3.87 -28.37 16.78
N LYS A 744 3.44 -27.22 17.27
CA LYS A 744 4.36 -26.15 17.58
C LYS A 744 5.04 -26.37 18.91
N SER A 745 4.75 -27.49 19.57
CA SER A 745 5.47 -27.90 20.76
C SER A 745 6.58 -28.91 20.51
N LYS A 746 6.73 -29.38 19.28
CA LYS A 746 7.68 -30.45 19.01
C LYS A 746 9.10 -29.98 19.28
N GLY A 747 9.89 -30.84 19.90
CA GLY A 747 11.23 -30.47 20.29
C GLY A 747 11.33 -29.44 21.39
N LEU A 748 10.22 -29.05 22.00
CA LEU A 748 10.22 -28.05 23.06
C LEU A 748 10.04 -28.73 24.41
N GLU A 749 10.03 -27.91 25.46
CA GLU A 749 9.99 -28.43 26.82
C GLU A 749 9.18 -27.50 27.71
N TYR A 750 8.27 -28.07 28.49
CA TYR A 750 7.23 -27.35 29.20
C TYR A 750 7.03 -27.86 30.63
N PRO A 751 7.70 -27.28 31.63
CA PRO A 751 7.78 -27.91 32.95
C PRO A 751 6.45 -28.39 33.52
N LEU A 752 5.36 -27.69 33.28
CA LEU A 752 4.03 -28.11 33.69
C LEU A 752 3.11 -28.01 32.50
N VAL A 753 2.36 -29.06 32.21
CA VAL A 753 1.67 -29.19 30.93
C VAL A 753 0.22 -29.61 31.03
N TRP A 754 -0.66 -28.87 30.35
CA TRP A 754 -2.10 -29.15 30.33
C TRP A 754 -2.66 -29.62 29.00
N LEU A 755 -3.44 -30.69 29.05
CA LEU A 755 -4.05 -31.28 27.87
C LEU A 755 -5.54 -31.35 28.14
N PRO A 756 -6.22 -30.21 28.18
CA PRO A 756 -7.62 -30.23 28.60
C PRO A 756 -8.51 -31.04 27.68
N PHE A 757 -8.38 -30.86 26.38
CA PHE A 757 -9.34 -31.40 25.43
C PHE A 757 -8.89 -32.70 24.80
N ILE A 758 -7.79 -33.27 25.28
CA ILE A 758 -7.13 -34.37 24.59
C ILE A 758 -8.08 -35.48 24.19
N THR A 759 -9.12 -35.74 24.98
CA THR A 759 -10.08 -36.78 24.65
C THR A 759 -10.67 -36.63 23.26
N ASN A 760 -10.85 -35.40 22.79
CA ASN A 760 -11.61 -35.13 21.58
C ASN A 760 -11.01 -35.87 20.39
N PHE A 761 -11.85 -36.14 19.40
CA PHE A 761 -11.41 -36.81 18.18
C PHE A 761 -12.18 -36.28 16.99
N ARG A 762 -11.65 -36.56 15.81
CA ARG A 762 -12.27 -36.19 14.56
C ARG A 762 -12.27 -37.44 13.67
N VAL A 763 -13.45 -37.92 13.29
CA VAL A 763 -13.53 -39.06 12.39
C VAL A 763 -13.43 -38.55 10.96
N GLN A 764 -12.44 -39.04 10.24
CA GLN A 764 -12.18 -38.54 8.90
C GLN A 764 -13.16 -39.13 7.91
N GLU A 765 -13.95 -38.26 7.30
CA GLU A 765 -14.87 -38.64 6.24
C GLU A 765 -14.18 -38.75 4.89
N GLN A 766 -13.10 -38.01 4.68
CA GLN A 766 -12.34 -38.09 3.45
C GLN A 766 -11.61 -39.42 3.38
N ALA A 767 -11.52 -39.99 2.18
CA ALA A 767 -10.84 -41.27 2.01
C ALA A 767 -9.53 -41.02 1.28
N PHE A 768 -8.44 -41.08 2.04
CA PHE A 768 -7.09 -40.98 1.52
C PHE A 768 -6.22 -41.86 2.39
N TYR A 769 -5.37 -42.67 1.79
CA TYR A 769 -4.60 -43.61 2.61
C TYR A 769 -3.32 -43.97 1.88
N HIS A 770 -2.62 -44.95 2.41
CA HIS A 770 -1.41 -45.48 1.80
C HIS A 770 -1.63 -46.96 1.54
N ASP A 771 -1.19 -47.43 0.39
CA ASP A 771 -1.25 -48.87 0.16
C ASP A 771 -0.23 -49.54 1.07
N ARG A 772 -0.64 -50.63 1.69
CA ARG A 772 0.25 -51.37 2.57
C ARG A 772 1.40 -51.99 1.79
N HIS A 773 1.16 -52.30 0.52
CA HIS A 773 2.15 -52.99 -0.29
C HIS A 773 3.12 -52.02 -0.94
N SER A 774 2.65 -51.22 -1.88
CA SER A 774 3.50 -50.26 -2.56
C SER A 774 3.91 -49.12 -1.65
N PHE A 775 3.21 -48.90 -0.55
CA PHE A 775 3.41 -47.74 0.31
C PHE A 775 3.33 -46.45 -0.48
N GLU A 776 2.30 -46.32 -1.30
CA GLU A 776 2.10 -45.16 -2.14
C GLU A 776 0.82 -44.45 -1.72
N ALA A 777 0.86 -43.12 -1.70
CA ALA A 777 -0.31 -42.37 -1.29
C ALA A 777 -1.38 -42.56 -2.35
N VAL A 778 -2.54 -43.04 -1.93
CA VAL A 778 -3.64 -43.33 -2.82
C VAL A 778 -4.85 -42.58 -2.35
N LEU A 779 -5.46 -41.84 -3.27
CA LEU A 779 -6.73 -41.19 -3.06
C LEU A 779 -7.80 -41.97 -3.80
N ASP A 780 -8.87 -42.30 -3.10
CA ASP A 780 -10.05 -42.88 -3.75
C ASP A 780 -11.11 -41.80 -3.83
N LEU A 781 -11.34 -41.29 -5.03
CA LEU A 781 -12.38 -40.31 -5.22
C LEU A 781 -13.76 -40.89 -4.97
N ASN A 782 -13.88 -42.21 -4.97
CA ASN A 782 -15.12 -42.89 -4.66
C ASN A 782 -15.13 -43.25 -3.19
N ALA A 783 -16.32 -43.26 -2.61
CA ALA A 783 -16.47 -43.35 -1.17
C ALA A 783 -16.47 -44.77 -0.65
N ALA A 784 -16.16 -45.75 -1.50
CA ALA A 784 -16.31 -47.17 -1.15
C ALA A 784 -15.72 -47.45 0.23
N PRO A 785 -16.48 -48.08 1.12
CA PRO A 785 -16.14 -48.04 2.55
C PRO A 785 -14.78 -48.62 2.90
N GLU A 786 -14.27 -49.57 2.12
CA GLU A 786 -12.96 -50.14 2.42
C GLU A 786 -11.94 -49.05 2.63
N SER A 787 -11.59 -48.32 1.57
CA SER A 787 -10.62 -47.25 1.65
C SER A 787 -10.91 -46.27 2.77
N VAL A 788 -12.18 -45.99 3.05
CA VAL A 788 -12.49 -45.16 4.22
C VAL A 788 -11.92 -45.79 5.48
N ASP A 789 -12.11 -47.10 5.64
CA ASP A 789 -11.56 -47.79 6.79
C ASP A 789 -10.03 -47.73 6.77
N LEU A 790 -9.42 -48.12 5.67
CA LEU A 790 -7.97 -48.11 5.54
C LEU A 790 -7.38 -46.76 5.90
N ALA A 791 -8.12 -45.68 5.69
CA ALA A 791 -7.69 -44.36 6.12
C ALA A 791 -7.95 -44.10 7.59
N GLU A 792 -9.13 -44.45 8.08
CA GLU A 792 -9.48 -44.11 9.46
C GLU A 792 -8.58 -44.85 10.45
N ALA A 793 -8.09 -46.02 10.07
CA ALA A 793 -7.04 -46.65 10.88
C ALA A 793 -5.84 -45.71 10.97
N GLU A 794 -5.49 -45.09 9.86
CA GLU A 794 -4.35 -44.19 9.84
C GLU A 794 -4.61 -42.97 10.73
N ARG A 795 -5.81 -42.43 10.62
CA ARG A 795 -6.17 -41.26 11.41
C ARG A 795 -6.03 -41.61 12.88
N LEU A 796 -6.42 -42.82 13.26
CA LEU A 796 -6.31 -43.19 14.66
C LEU A 796 -4.87 -43.35 15.11
N ALA A 797 -4.07 -44.14 14.39
CA ALA A 797 -2.66 -44.27 14.76
C ALA A 797 -1.98 -42.92 14.89
N GLU A 798 -2.21 -42.04 13.92
CA GLU A 798 -1.65 -40.70 14.02
C GLU A 798 -2.08 -40.04 15.31
N ASP A 799 -3.36 -40.13 15.65
CA ASP A 799 -3.84 -39.53 16.89
C ASP A 799 -3.06 -40.07 18.08
N LEU A 800 -2.77 -41.37 18.08
CA LEU A 800 -1.89 -41.90 19.10
C LEU A 800 -0.56 -41.15 19.13
N ARG A 801 0.06 -40.97 17.97
CA ARG A 801 1.35 -40.30 17.96
C ARG A 801 1.25 -38.88 18.51
N LEU A 802 0.15 -38.18 18.22
CA LEU A 802 -0.14 -36.93 18.92
C LEU A 802 -0.12 -37.12 20.42
N LEU A 803 -0.83 -38.12 20.91
CA LEU A 803 -0.86 -38.33 22.35
C LEU A 803 0.53 -38.51 22.92
N TYR A 804 1.32 -39.39 22.31
CA TYR A 804 2.69 -39.59 22.77
C TYR A 804 3.43 -38.27 22.87
N VAL A 805 3.57 -37.57 21.74
CA VAL A 805 4.30 -36.31 21.75
C VAL A 805 3.79 -35.39 22.85
N ALA A 806 2.48 -35.34 23.02
CA ALA A 806 1.91 -34.45 24.03
C ALA A 806 2.32 -34.85 25.43
N LEU A 807 2.41 -36.14 25.70
CA LEU A 807 2.78 -36.59 27.04
C LEU A 807 4.26 -36.44 27.33
N THR A 808 5.10 -36.49 26.32
CA THR A 808 6.52 -36.41 26.63
C THR A 808 7.01 -34.99 26.81
N ARG A 809 6.14 -34.02 26.58
CA ARG A 809 6.50 -32.62 26.74
C ARG A 809 6.81 -32.16 28.18
N SER A 810 6.08 -32.71 29.15
CA SER A 810 6.17 -32.28 30.52
C SER A 810 7.49 -32.68 31.14
N VAL A 811 7.88 -31.96 32.18
CA VAL A 811 9.04 -32.29 32.97
C VAL A 811 8.64 -32.78 34.35
N TRP A 812 8.01 -31.93 35.14
CA TRP A 812 7.50 -32.36 36.43
C TRP A 812 6.10 -32.94 36.27
N HIS A 813 5.14 -32.12 35.89
CA HIS A 813 3.75 -32.54 35.95
C HIS A 813 3.01 -32.24 34.66
N CYS A 814 2.18 -33.18 34.25
CA CYS A 814 1.26 -32.95 33.14
C CYS A 814 -0.12 -33.42 33.58
N SER A 815 -1.13 -32.61 33.33
CA SER A 815 -2.50 -32.98 33.61
C SER A 815 -3.24 -33.09 32.29
N LEU A 816 -4.24 -33.95 32.21
CA LEU A 816 -4.96 -34.18 30.98
C LEU A 816 -6.40 -34.54 31.28
N GLY A 817 -7.30 -34.12 30.40
CA GLY A 817 -8.72 -34.31 30.66
C GLY A 817 -9.19 -35.63 30.11
N VAL A 818 -10.24 -36.16 30.73
CA VAL A 818 -10.86 -37.40 30.29
C VAL A 818 -12.36 -37.25 30.47
N ALA A 819 -13.14 -37.66 29.48
CA ALA A 819 -14.57 -37.48 29.58
C ALA A 819 -15.25 -38.62 28.86
N PRO A 820 -16.46 -38.96 29.27
CA PRO A 820 -17.29 -39.86 28.46
C PRO A 820 -17.90 -39.14 27.28
N LEU A 821 -17.07 -38.85 26.29
CA LEU A 821 -17.47 -38.12 25.10
C LEU A 821 -18.32 -39.02 24.22
N VAL A 822 -19.36 -38.45 23.60
CA VAL A 822 -20.26 -39.19 22.75
C VAL A 822 -20.42 -38.42 21.44
N ARG A 823 -19.97 -39.03 20.34
CA ARG A 823 -20.10 -38.48 19.00
C ARG A 823 -21.48 -38.75 18.41
N ARG A 824 -21.85 -40.02 18.29
CA ARG A 824 -23.19 -40.39 17.86
C ARG A 824 -24.24 -39.62 18.66
N ARG A 825 -25.25 -39.16 17.96
CA ARG A 825 -26.23 -38.23 18.52
C ARG A 825 -27.27 -38.90 19.44
N GLY A 826 -27.37 -40.23 19.54
CA GLY A 826 -28.28 -40.83 20.50
C GLY A 826 -27.85 -40.61 21.93
N ASP A 827 -28.80 -40.27 22.80
CA ASP A 827 -28.43 -39.83 24.15
C ASP A 827 -27.96 -40.99 25.01
N LYS A 828 -28.89 -41.85 25.42
CA LYS A 828 -28.61 -42.90 26.39
C LYS A 828 -28.55 -44.25 25.69
N LYS A 829 -27.35 -44.80 25.60
CA LYS A 829 -27.12 -46.15 25.10
C LYS A 829 -26.27 -47.02 26.01
N GLY A 830 -25.05 -46.61 26.35
CA GLY A 830 -24.01 -47.54 26.76
C GLY A 830 -22.94 -47.51 25.71
N ASP A 831 -23.23 -46.79 24.63
CA ASP A 831 -22.21 -46.42 23.65
C ASP A 831 -21.41 -45.26 24.18
N THR A 832 -20.10 -45.46 24.31
CA THR A 832 -19.18 -44.35 24.46
C THR A 832 -18.07 -44.53 23.45
N ASP A 833 -17.86 -43.49 22.65
CA ASP A 833 -17.04 -43.63 21.46
C ASP A 833 -15.57 -43.37 21.80
N VAL A 834 -15.28 -43.21 23.10
CA VAL A 834 -13.95 -42.89 23.60
C VAL A 834 -12.90 -43.85 23.05
N HIS A 835 -13.30 -45.11 22.81
CA HIS A 835 -12.39 -46.02 22.14
C HIS A 835 -11.92 -45.52 20.80
N GLN A 836 -12.63 -44.57 20.19
CA GLN A 836 -12.14 -43.90 18.99
C GLN A 836 -11.25 -42.72 19.29
N SER A 837 -11.17 -42.29 20.53
CA SER A 837 -10.16 -41.32 20.91
C SER A 837 -8.82 -42.02 21.01
N ALA A 838 -7.76 -41.26 20.72
CA ALA A 838 -6.41 -41.79 20.89
C ALA A 838 -6.20 -42.27 22.32
N LEU A 839 -6.54 -41.44 23.30
CA LEU A 839 -6.25 -41.80 24.68
C LEU A 839 -7.15 -42.91 25.15
N GLY A 840 -8.46 -42.81 24.86
CA GLY A 840 -9.39 -43.82 25.31
C GLY A 840 -8.94 -45.21 24.99
N ARG A 841 -8.52 -45.43 23.73
CA ARG A 841 -8.05 -46.75 23.34
C ARG A 841 -6.92 -47.24 24.22
N LEU A 842 -6.13 -46.31 24.78
CA LEU A 842 -5.05 -46.71 25.66
C LEU A 842 -5.44 -47.06 27.10
N LEU A 843 -6.61 -46.56 27.49
CA LEU A 843 -7.16 -46.79 28.83
C LEU A 843 -8.00 -48.04 28.78
N GLN A 844 -8.77 -48.18 27.71
CA GLN A 844 -9.66 -49.31 27.53
C GLN A 844 -9.00 -50.45 26.76
N LYS A 845 -7.74 -50.26 26.37
CA LYS A 845 -7.04 -51.29 25.62
C LYS A 845 -7.83 -51.62 24.35
N GLY A 846 -8.37 -50.59 23.74
CA GLY A 846 -9.18 -50.73 22.53
C GLY A 846 -10.46 -51.51 22.71
N GLU A 847 -11.09 -51.38 23.88
CA GLU A 847 -12.33 -52.07 24.15
C GLU A 847 -13.45 -51.08 24.49
N PRO A 848 -14.64 -51.25 23.79
CA PRO A 848 -15.70 -50.28 24.16
C PRO A 848 -16.22 -50.56 25.56
N GLN A 849 -16.61 -49.50 26.29
CA GLN A 849 -17.10 -49.68 27.63
C GLN A 849 -18.30 -48.79 27.81
N ASP A 850 -18.78 -48.70 29.04
CA ASP A 850 -19.71 -47.64 29.40
C ASP A 850 -18.93 -46.60 30.17
N ALA A 851 -19.60 -45.50 30.52
CA ALA A 851 -18.92 -44.46 31.30
C ALA A 851 -18.39 -45.02 32.60
N ALA A 852 -19.15 -45.90 33.25
CA ALA A 852 -18.66 -46.56 34.45
C ALA A 852 -17.39 -47.35 34.17
N GLY A 853 -17.40 -48.18 33.12
CA GLY A 853 -16.20 -48.88 32.74
C GLY A 853 -15.04 -47.94 32.48
N LEU A 854 -15.32 -46.78 31.88
CA LEU A 854 -14.30 -45.76 31.72
C LEU A 854 -13.70 -45.39 33.07
N ARG A 855 -14.55 -45.06 34.02
CA ARG A 855 -14.09 -44.66 35.36
C ARG A 855 -13.27 -45.75 36.04
N THR A 856 -13.69 -46.99 35.91
CA THR A 856 -12.96 -48.10 36.50
C THR A 856 -11.59 -48.27 35.84
N CYS A 857 -11.55 -48.31 34.52
CA CYS A 857 -10.28 -48.50 33.83
C CYS A 857 -9.30 -47.40 34.17
N ILE A 858 -9.80 -46.19 34.41
CA ILE A 858 -8.92 -45.15 34.94
C ILE A 858 -8.42 -45.55 36.32
N GLU A 859 -9.32 -45.99 37.18
CA GLU A 859 -8.96 -46.33 38.55
C GLU A 859 -7.97 -47.47 38.62
N ALA A 860 -7.87 -48.29 37.57
CA ALA A 860 -7.08 -49.52 37.62
C ALA A 860 -5.59 -49.24 37.64
N LEU A 861 -5.14 -48.28 36.84
CA LEU A 861 -3.72 -48.06 36.66
C LEU A 861 -3.15 -47.02 37.61
N CYS A 862 -3.99 -46.50 38.49
CA CYS A 862 -3.70 -45.26 39.21
C CYS A 862 -2.97 -45.59 40.50
N ASP A 863 -1.64 -45.45 40.47
CA ASP A 863 -0.80 -45.69 41.64
C ASP A 863 0.36 -44.71 41.66
N ASP A 864 0.40 -43.81 42.63
CA ASP A 864 1.63 -43.11 43.01
C ASP A 864 2.23 -42.25 41.91
N ASP A 865 1.74 -42.44 40.69
CA ASP A 865 2.12 -41.57 39.58
C ASP A 865 0.88 -40.97 38.96
N ILE A 866 0.14 -41.76 38.26
CA ILE A 866 -1.16 -41.35 37.76
C ILE A 866 -2.11 -41.25 38.95
N ALA A 867 -2.80 -40.12 39.04
CA ALA A 867 -3.78 -39.94 40.09
C ALA A 867 -4.96 -39.20 39.50
N TRP A 868 -6.17 -39.70 39.72
CA TRP A 868 -7.32 -39.16 39.04
C TRP A 868 -8.24 -38.50 40.05
N GLN A 869 -8.67 -37.28 39.74
CA GLN A 869 -9.71 -36.61 40.48
C GLN A 869 -10.86 -36.30 39.55
N THR A 870 -12.06 -36.37 40.09
CA THR A 870 -13.24 -36.02 39.32
C THR A 870 -13.19 -34.56 38.94
N ALA A 871 -13.84 -34.22 37.81
CA ALA A 871 -13.77 -32.87 37.28
C ALA A 871 -14.96 -32.10 37.86
N GLN A 872 -14.62 -31.16 38.75
CA GLN A 872 -15.63 -30.38 39.45
C GLN A 872 -15.46 -28.91 39.14
N THR A 873 -16.43 -28.35 38.43
CA THR A 873 -16.44 -26.93 38.14
C THR A 873 -16.51 -26.13 39.43
N GLY A 874 -15.67 -25.10 39.55
CA GLY A 874 -15.78 -24.16 40.65
C GLY A 874 -15.20 -22.81 40.32
N ASP A 875 -15.71 -21.77 40.98
CA ASP A 875 -15.21 -20.40 40.81
C ASP A 875 -15.16 -19.74 42.18
N ASN A 876 -13.99 -19.24 42.55
CA ASN A 876 -13.80 -18.46 43.75
C ASN A 876 -13.58 -17.00 43.42
N GLN A 877 -12.39 -16.69 42.90
CA GLN A 877 -11.93 -15.35 42.61
C GLN A 877 -11.07 -15.44 41.36
N PRO A 878 -11.08 -14.41 40.51
CA PRO A 878 -10.34 -14.50 39.25
C PRO A 878 -8.90 -14.85 39.55
N TRP A 879 -8.35 -14.06 40.46
CA TRP A 879 -6.99 -14.26 40.95
C TRP A 879 -6.68 -13.08 41.86
N GLN A 880 -5.66 -13.22 42.69
CA GLN A 880 -5.31 -12.16 43.62
C GLN A 880 -3.94 -11.59 43.26
N VAL A 881 -4.00 -10.38 42.71
CA VAL A 881 -2.80 -9.72 42.23
C VAL A 881 -1.94 -9.24 43.39
N ASN A 882 -2.55 -8.55 44.37
CA ASN A 882 -1.90 -7.84 45.49
C ASN A 882 -1.16 -6.60 45.00
N ASP A 883 -1.19 -6.32 43.70
CA ASP A 883 -0.62 -5.19 42.98
C ASP A 883 0.89 -5.05 43.10
N VAL A 884 1.40 -3.80 43.06
CA VAL A 884 2.82 -3.51 42.88
C VAL A 884 3.13 -2.15 43.49
N SER A 885 4.38 -1.99 43.96
CA SER A 885 4.93 -0.71 44.38
C SER A 885 6.17 -0.42 43.55
N THR A 886 6.36 0.85 43.15
CA THR A 886 7.48 1.16 42.29
C THR A 886 8.38 2.21 42.99
N ALA A 887 8.07 3.49 42.83
CA ALA A 887 9.03 4.55 43.20
C ALA A 887 8.58 5.95 42.76
N GLU A 888 9.40 6.93 43.10
CA GLU A 888 9.51 8.15 42.30
C GLU A 888 10.34 7.87 41.06
N LEU A 889 10.06 8.59 39.98
CA LEU A 889 10.89 8.48 38.79
C LEU A 889 10.76 9.75 37.96
N ASN A 890 11.78 10.05 37.17
CA ASN A 890 11.86 11.27 36.38
C ASN A 890 12.70 11.03 35.15
N ALA A 891 12.52 11.85 34.13
CA ALA A 891 13.38 11.80 32.96
C ALA A 891 14.42 12.91 33.05
N LYS A 892 15.66 12.58 32.69
CA LYS A 892 16.66 13.62 32.61
C LYS A 892 16.32 14.55 31.46
N THR A 893 16.89 15.75 31.46
CA THR A 893 16.66 16.68 30.39
C THR A 893 17.96 17.34 29.96
N LEU A 894 18.19 17.35 28.65
CA LEU A 894 19.38 17.97 28.09
C LEU A 894 19.44 19.44 28.51
N GLN A 895 20.65 19.94 28.72
CA GLN A 895 20.85 21.36 28.98
C GLN A 895 21.41 22.09 27.77
N ARG A 896 22.59 21.73 27.29
CA ARG A 896 23.16 22.40 26.13
C ARG A 896 22.27 22.21 24.92
N LEU A 897 22.41 23.09 23.96
CA LEU A 897 21.71 22.90 22.69
C LEU A 897 22.12 21.56 22.11
N PRO A 898 21.24 20.88 21.37
CA PRO A 898 21.64 19.60 20.78
C PRO A 898 22.88 19.72 19.93
N GLY A 899 22.93 20.74 19.08
CA GLY A 899 24.16 21.09 18.42
C GLY A 899 24.00 22.41 17.70
N ASP A 900 25.10 23.13 17.51
CA ASP A 900 25.03 24.44 16.87
C ASP A 900 24.96 24.27 15.37
N ASN A 901 25.19 25.34 14.62
CA ASN A 901 25.12 25.31 13.17
C ASN A 901 26.54 25.10 12.63
N TRP A 902 26.76 23.94 12.03
CA TRP A 902 27.86 23.68 11.11
C TRP A 902 27.30 23.07 9.84
N ARG A 903 27.30 23.83 8.75
CA ARG A 903 26.76 23.28 7.52
C ARG A 903 27.58 23.50 6.27
N VAL A 904 27.62 22.48 5.43
CA VAL A 904 28.29 22.57 4.15
C VAL A 904 27.23 22.96 3.14
N THR A 905 27.39 24.14 2.55
CA THR A 905 26.36 24.67 1.68
C THR A 905 26.98 25.27 0.43
N SER A 906 26.14 25.40 -0.60
CA SER A 906 26.49 26.14 -1.78
C SER A 906 25.88 27.53 -1.70
N TYR A 907 26.17 28.35 -2.70
CA TYR A 907 25.48 29.63 -2.78
C TYR A 907 23.98 29.43 -2.88
N SER A 908 23.55 28.29 -3.42
CA SER A 908 22.12 28.00 -3.46
C SER A 908 21.53 27.88 -2.07
N GLY A 909 22.33 27.43 -1.09
CA GLY A 909 21.87 27.34 0.28
C GLY A 909 21.85 28.69 0.96
N LEU A 910 22.13 29.73 0.19
CA LEU A 910 22.12 31.10 0.65
C LEU A 910 20.86 31.85 0.26
N GLN A 911 20.49 31.85 -1.02
CA GLN A 911 19.30 32.59 -1.39
C GLN A 911 18.13 31.99 -0.63
N GLN A 912 18.04 30.66 -0.64
CA GLN A 912 17.00 29.96 0.09
C GLN A 912 15.63 30.56 -0.21
N ARG A 913 14.83 30.77 0.84
CA ARG A 913 13.50 31.35 0.70
C ARG A 913 13.29 32.34 1.83
N UNK A 914 12.45 33.33 1.60
CA UNK A 914 12.21 34.32 2.62
C UNK A 914 10.83 34.20 3.25
N UNK A 915 10.81 34.12 4.57
CA UNK A 915 9.56 34.02 5.30
C UNK A 915 9.33 35.40 5.89
N UNK A 916 8.20 36.01 5.52
CA UNK A 916 7.89 37.34 5.99
C UNK A 916 7.30 38.13 4.83
N UNK A 917 7.45 39.45 4.90
CA UNK A 917 6.93 40.33 3.87
C UNK A 917 7.57 40.09 2.50
N UNK A 918 8.86 39.82 2.48
CA UNK A 918 9.57 39.60 1.22
C UNK A 918 9.99 38.15 1.03
N UNK A 919 9.61 37.59 -0.12
CA UNK A 919 9.95 36.22 -0.48
C UNK A 919 10.86 36.29 -1.70
N UNK A 920 11.96 35.56 -1.67
CA UNK A 920 12.90 35.59 -2.79
C UNK A 920 12.74 34.43 -3.75
N UNK A 921 12.52 34.78 -5.01
CA UNK A 921 12.34 33.80 -6.09
C UNK A 921 13.07 34.29 -7.32
N UNK A 922 13.51 33.36 -8.16
CA UNK A 922 14.23 33.73 -9.39
C UNK A 922 13.33 34.53 -10.34
N UNK A 923 12.10 34.07 -10.49
CA UNK A 923 11.09 34.69 -11.35
C UNK A 923 10.48 35.96 -10.76
N UNK A 924 9.90 36.80 -11.62
CA UNK A 924 9.25 38.03 -11.18
C UNK A 924 7.75 37.80 -11.08
N UNK A 925 7.18 38.12 -9.93
CA UNK A 925 5.74 37.93 -9.69
C UNK A 925 4.84 38.75 -10.60
N UNK A 926 5.20 40.00 -10.85
CA UNK A 926 4.39 40.87 -11.70
C UNK A 926 4.34 40.33 -13.12
N UNK A 927 3.14 40.37 -13.71
CA UNK A 927 2.96 39.89 -15.08
C UNK A 927 2.08 40.81 -15.90
N UNK A 928 2.36 40.90 -17.20
CA UNK A 928 1.59 41.74 -18.10
C UNK A 928 1.07 40.90 -19.27
N UNK A 929 -0.23 41.02 -19.55
CA UNK A 929 -0.85 40.28 -20.65
C UNK A 929 -0.63 40.96 -22.00
N UNK A 930 -0.52 40.17 -23.05
CA UNK A 930 -0.33 40.69 -24.39
C UNK A 930 -1.61 40.43 -25.18
N UNK A 931 -2.24 41.52 -25.62
CA UNK A 931 -3.50 41.39 -26.32
C UNK A 931 -3.37 41.59 -27.81
N UNK A 932 -2.14 41.79 -28.28
CA UNK A 932 -1.90 41.90 -29.71
C UNK A 932 -2.13 40.47 -30.18
N UNK A 933 -2.60 40.27 -31.41
CA UNK A 933 -2.86 38.90 -31.86
C UNK A 933 -2.36 38.49 -33.25
N PRO A 939 11.10 30.54 -39.04
CA PRO A 939 11.95 29.37 -38.79
C PRO A 939 11.87 28.96 -37.32
N THR A 940 11.79 27.67 -37.08
CA THR A 940 11.72 27.14 -35.72
C THR A 940 13.11 26.91 -35.16
N LEU A 941 14.12 27.19 -36.00
CA LEU A 941 15.50 27.00 -35.59
C LEU A 941 16.04 28.19 -34.81
N THR A 942 15.59 28.31 -33.57
CA THR A 942 16.04 29.36 -32.68
C THR A 942 16.48 28.90 -31.30
N PRO A 943 17.45 29.70 -30.70
CA PRO A 943 17.89 29.28 -29.37
C PRO A 943 16.86 29.31 -28.22
N HIS A 944 15.98 30.31 -28.20
CA HIS A 944 14.98 30.49 -27.14
C HIS A 944 14.05 29.28 -26.98
N GLN A 945 13.79 28.62 -28.09
CA GLN A 945 12.91 27.47 -28.08
C GLN A 945 13.50 26.24 -27.38
N PHE A 946 14.78 26.29 -26.96
CA PHE A 946 15.36 25.06 -26.42
C PHE A 946 14.62 24.73 -25.14
N PRO A 947 14.45 23.44 -24.80
CA PRO A 947 13.72 23.06 -23.58
C PRO A 947 14.37 23.65 -22.33
N ARG A 948 13.59 23.70 -21.24
CA ARG A 948 14.07 24.30 -20.01
C ARG A 948 13.83 23.44 -18.80
N GLY A 949 14.67 23.65 -17.81
CA GLY A 949 14.62 22.90 -16.57
C GLY A 949 16.04 22.64 -16.14
N ALA A 950 16.19 21.84 -15.08
CA ALA A 950 17.52 21.39 -14.70
C ALA A 950 18.05 20.42 -15.74
N SER A 951 17.16 19.61 -16.32
CA SER A 951 17.57 18.62 -17.31
C SER A 951 18.14 19.27 -18.57
N PRO A 952 17.41 20.16 -19.25
CA PRO A 952 17.99 20.76 -20.46
C PRO A 952 19.28 21.50 -20.22
N GLY A 953 19.34 22.27 -19.13
CA GLY A 953 20.55 22.98 -18.80
C GLY A 953 21.73 22.07 -18.55
N THR A 954 21.50 20.97 -17.81
CA THR A 954 22.57 20.02 -17.59
C THR A 954 23.10 19.46 -18.91
N PHE A 955 22.22 19.25 -19.88
CA PHE A 955 22.68 18.87 -21.21
C PHE A 955 23.55 19.95 -21.81
N LEU A 956 23.03 21.18 -21.89
CA LEU A 956 23.76 22.30 -22.46
C LEU A 956 25.16 22.41 -21.87
N HIS A 957 25.24 22.45 -20.55
CA HIS A 957 26.54 22.44 -19.88
C HIS A 957 27.37 21.25 -20.32
N SER A 958 26.77 20.05 -20.31
CA SER A 958 27.57 18.84 -20.52
C SER A 958 28.15 18.80 -21.91
N LEU A 959 27.53 19.48 -22.88
CA LEU A 959 28.18 19.71 -24.16
C LEU A 959 29.57 20.30 -23.95
N PHE A 960 29.61 21.53 -23.47
CA PHE A 960 30.86 22.27 -23.36
C PHE A 960 31.85 21.65 -22.40
N GLU A 961 31.39 20.70 -21.58
CA GLU A 961 32.27 19.99 -20.66
C GLU A 961 33.33 19.16 -21.37
N ASP A 962 32.95 18.28 -22.28
CA ASP A 962 33.96 17.63 -23.09
C ASP A 962 34.31 18.41 -24.34
N LEU A 963 33.51 19.39 -24.73
CA LEU A 963 33.57 19.94 -26.08
C LEU A 963 34.93 20.59 -26.35
N ASP A 964 35.36 20.49 -27.60
CA ASP A 964 36.66 21.04 -28.00
C ASP A 964 36.46 22.41 -28.63
N PHE A 965 37.17 23.39 -28.10
CA PHE A 965 36.96 24.77 -28.55
C PHE A 965 37.70 25.05 -29.85
N THR A 966 38.90 24.48 -30.03
CA THR A 966 39.70 24.83 -31.20
C THR A 966 39.18 24.19 -32.49
N GLN A 967 38.49 23.07 -32.41
CA GLN A 967 37.94 22.50 -33.63
C GLN A 967 36.53 23.01 -33.85
N PRO A 968 36.12 23.24 -35.11
CA PRO A 968 34.72 23.57 -35.38
C PRO A 968 33.77 22.43 -35.03
N VAL A 969 32.48 22.65 -35.20
CA VAL A 969 31.49 21.73 -34.68
C VAL A 969 31.15 20.68 -35.72
N ASP A 970 31.09 19.44 -35.28
CA ASP A 970 30.71 18.34 -36.15
C ASP A 970 29.23 18.01 -35.94
N PRO A 971 28.37 18.25 -36.91
CA PRO A 971 26.95 17.93 -36.73
C PRO A 971 26.69 16.49 -36.35
N ASN A 972 27.48 15.55 -36.86
CA ASN A 972 27.35 14.17 -36.43
C ASN A 972 27.54 14.08 -34.92
N TRP A 973 28.58 14.73 -34.42
CA TRP A 973 28.82 14.77 -32.98
C TRP A 973 27.61 15.33 -32.26
N VAL A 974 26.99 16.35 -32.85
CA VAL A 974 25.79 16.92 -32.26
C VAL A 974 24.68 15.87 -32.17
N ARG A 975 24.36 15.27 -33.31
CA ARG A 975 23.28 14.32 -33.40
C ARG A 975 23.48 13.20 -32.40
N GLU A 976 24.72 12.78 -32.20
CA GLU A 976 24.95 11.70 -31.25
C GLU A 976 24.99 12.18 -29.82
N LYS A 977 25.14 13.48 -29.59
CA LYS A 977 24.89 14.00 -28.25
C LYS A 977 23.39 14.05 -27.99
N LEU A 978 22.66 14.81 -28.80
CA LEU A 978 21.20 14.84 -28.70
C LEU A 978 20.59 13.46 -28.68
N GLU A 979 21.16 12.52 -29.44
CA GLU A 979 20.62 11.17 -29.43
C GLU A 979 20.79 10.56 -28.04
N LEU A 980 21.96 10.78 -27.45
CA LEU A 980 22.26 10.29 -26.11
C LEU A 980 21.35 10.98 -25.11
N GLY A 981 21.17 12.27 -25.33
CA GLY A 981 20.32 13.11 -24.49
C GLY A 981 18.87 12.68 -24.62
N GLY A 982 18.56 12.04 -25.73
CA GLY A 982 17.22 11.60 -26.03
C GLY A 982 16.51 12.65 -26.89
N PHE A 983 17.18 13.77 -27.11
CA PHE A 983 16.64 14.82 -27.95
C PHE A 983 16.61 14.29 -29.36
N GLU A 984 15.59 14.65 -30.13
CA GLU A 984 15.45 14.16 -31.49
C GLU A 984 16.50 14.80 -32.41
N SER A 985 16.31 14.59 -33.72
CA SER A 985 17.07 15.28 -34.75
C SER A 985 16.51 16.64 -35.06
N GLN A 986 15.42 17.04 -34.41
CA GLN A 986 14.81 18.35 -34.55
C GLN A 986 15.75 19.47 -34.11
N TRP A 987 16.84 19.04 -33.47
CA TRP A 987 17.79 19.93 -32.82
C TRP A 987 19.11 20.01 -33.56
N GLU A 988 19.73 18.86 -33.86
CA GLU A 988 21.08 18.78 -34.40
C GLU A 988 21.45 19.86 -35.43
N PRO A 989 20.65 20.14 -36.47
CA PRO A 989 21.03 21.23 -37.37
C PRO A 989 20.82 22.59 -36.73
N VAL A 990 19.89 22.67 -35.77
CA VAL A 990 19.64 23.90 -35.03
C VAL A 990 20.75 24.21 -34.04
N LEU A 991 21.35 23.20 -33.43
CA LEU A 991 22.41 23.39 -32.46
C LEU A 991 23.75 23.72 -33.11
N THR A 992 24.26 22.82 -33.94
CA THR A 992 25.61 22.86 -34.49
C THR A 992 25.99 24.22 -35.07
N GLU A 993 25.01 24.97 -35.51
CA GLU A 993 25.23 26.35 -35.94
C GLU A 993 25.50 27.25 -34.74
N TRP A 994 24.54 27.31 -33.83
CA TRP A 994 24.57 28.12 -32.62
C TRP A 994 25.87 27.98 -31.83
N ILE A 995 26.30 26.74 -31.59
CA ILE A 995 27.52 26.52 -30.83
C ILE A 995 28.67 27.30 -31.46
N THR A 996 28.81 27.21 -32.78
CA THR A 996 29.87 27.95 -33.45
C THR A 996 29.79 29.43 -33.14
N ALA A 997 28.58 29.99 -33.14
CA ALA A 997 28.41 31.38 -32.72
C ALA A 997 28.96 31.60 -31.32
N VAL A 998 28.73 30.63 -30.42
CA VAL A 998 29.26 30.75 -29.07
C VAL A 998 30.79 30.78 -29.11
N LEU A 999 31.40 29.72 -29.62
CA LEU A 999 32.84 29.56 -29.57
C LEU A 999 33.56 30.69 -30.28
N GLN A 1000 32.91 31.32 -31.25
CA GLN A 1000 33.51 32.36 -32.07
C GLN A 1000 33.32 33.75 -31.49
N ALA A 1001 32.49 33.91 -30.47
CA ALA A 1001 32.22 35.23 -29.94
C ALA A 1001 33.47 35.78 -29.23
N PRO A 1002 33.89 37.00 -29.52
CA PRO A 1002 34.98 37.59 -28.74
C PRO A 1002 34.46 38.06 -27.40
N LEU A 1003 35.36 38.16 -26.43
CA LEU A 1003 34.97 38.38 -25.05
C LEU A 1003 35.77 39.51 -24.41
N ASN A 1004 35.14 40.14 -23.43
CA ASN A 1004 35.69 41.23 -22.62
C ASN A 1004 36.27 42.32 -23.51
N GLU A 1005 37.32 42.99 -23.03
CA GLU A 1005 38.02 43.96 -23.85
C GLU A 1005 39.17 43.33 -24.61
N THR A 1006 39.73 42.25 -24.06
CA THR A 1006 40.83 41.57 -24.75
C THR A 1006 40.39 41.00 -26.09
N GLY A 1007 39.09 40.80 -26.27
CA GLY A 1007 38.58 40.22 -27.49
C GLY A 1007 38.92 38.76 -27.70
N VAL A 1008 38.90 37.96 -26.64
CA VAL A 1008 39.32 36.57 -26.77
C VAL A 1008 38.19 35.74 -27.36
N SER A 1009 38.55 34.86 -28.29
CA SER A 1009 37.64 33.87 -28.84
C SER A 1009 37.80 32.57 -28.08
N LEU A 1010 36.66 32.00 -27.67
CA LEU A 1010 36.69 30.70 -27.02
C LEU A 1010 37.48 29.70 -27.84
N SER A 1011 37.42 29.85 -29.17
CA SER A 1011 38.13 28.97 -30.09
C SER A 1011 39.63 29.01 -29.87
N GLN A 1012 40.17 30.09 -29.35
CA GLN A 1012 41.63 30.26 -29.31
C GLN A 1012 42.28 29.55 -28.14
N LEU A 1013 41.50 28.90 -27.29
CA LEU A 1013 41.98 28.39 -26.02
C LEU A 1013 42.52 26.99 -26.23
N SER A 1014 43.80 26.80 -25.93
CA SER A 1014 44.41 25.49 -25.98
C SER A 1014 44.09 24.72 -24.71
N ALA A 1015 43.95 23.40 -24.85
CA ALA A 1015 43.65 22.57 -23.70
C ALA A 1015 44.69 22.71 -22.59
N ARG A 1016 45.86 23.25 -22.86
CA ARG A 1016 46.82 23.57 -21.82
C ARG A 1016 46.35 24.72 -20.95
N ASN A 1017 45.61 25.67 -21.52
CA ASN A 1017 45.10 26.79 -20.75
C ASN A 1017 43.67 26.60 -20.28
N LYS A 1018 43.06 25.46 -20.50
CA LYS A 1018 41.70 25.21 -20.06
C LYS A 1018 41.70 24.51 -18.71
N GLN A 1019 40.70 24.86 -17.90
CA GLN A 1019 40.40 24.06 -16.73
C GLN A 1019 38.88 23.95 -16.66
N VAL A 1020 38.36 22.73 -16.69
CA VAL A 1020 36.94 22.50 -16.88
C VAL A 1020 36.30 22.06 -15.56
N GLU A 1021 35.27 22.78 -15.15
CA GLU A 1021 34.40 22.36 -14.06
C GLU A 1021 35.19 22.11 -12.77
N MET A 1022 35.68 23.19 -12.20
CA MET A 1022 36.43 23.07 -10.95
C MET A 1022 35.47 22.96 -9.78
N GLU A 1023 35.60 21.92 -8.99
CA GLU A 1023 34.89 21.85 -7.72
C GLU A 1023 35.79 22.37 -6.62
N PHE A 1024 35.25 23.27 -5.79
CA PHE A 1024 36.05 23.79 -4.70
C PHE A 1024 35.30 23.68 -3.39
N TYR A 1025 36.08 23.62 -2.32
CA TYR A 1025 35.57 23.70 -0.95
C TYR A 1025 36.24 24.88 -0.27
N LEU A 1026 35.42 25.83 0.19
CA LEU A 1026 35.89 27.07 0.79
C LEU A 1026 35.43 27.11 2.24
N PRO A 1027 36.33 27.01 3.20
CA PRO A 1027 35.92 27.03 4.60
C PRO A 1027 35.57 28.43 5.06
N ILE A 1028 34.52 28.51 5.88
CA ILE A 1028 34.07 29.73 6.52
C ILE A 1028 34.12 29.49 8.02
N SER A 1029 34.98 30.24 8.71
CA SER A 1029 35.41 29.92 10.05
C SER A 1029 34.43 30.41 11.11
N GLU A 1030 34.41 31.66 11.35
CA GLU A 1030 33.42 32.13 12.29
C GLU A 1030 32.07 32.27 11.60
N PRO A 1031 30.96 32.19 12.34
CA PRO A 1031 29.65 32.26 11.69
C PRO A 1031 29.55 33.47 10.78
N LEU A 1032 29.01 33.23 9.59
CA LEU A 1032 28.92 34.25 8.56
C LEU A 1032 27.53 34.86 8.65
N ILE A 1033 27.45 36.11 9.10
CA ILE A 1033 26.17 36.78 9.28
C ILE A 1033 25.89 37.66 8.07
N ALA A 1034 24.65 37.62 7.60
CA ALA A 1034 24.22 38.39 6.45
C ALA A 1034 24.58 39.86 6.59
N SER A 1035 23.95 40.56 7.54
CA SER A 1035 24.09 42.01 7.61
C SER A 1035 25.53 42.43 7.84
N GLN A 1036 26.29 41.60 8.54
CA GLN A 1036 27.72 41.88 8.71
C GLN A 1036 28.49 41.69 7.42
N LEU A 1037 27.85 41.17 6.38
CA LEU A 1037 28.45 41.01 5.08
C LEU A 1037 27.89 41.99 4.06
N ASP A 1038 26.58 41.95 3.81
CA ASP A 1038 25.99 42.76 2.75
C ASP A 1038 26.30 44.24 2.88
N THR A 1039 26.69 44.70 4.06
CA THR A 1039 27.19 46.07 4.14
C THR A 1039 28.54 46.18 3.45
N LEU A 1040 29.42 45.21 3.69
CA LEU A 1040 30.69 45.17 2.97
C LEU A 1040 30.46 45.02 1.48
N ILE A 1041 29.49 44.19 1.10
CA ILE A 1041 29.12 44.05 -0.31
C ILE A 1041 28.71 45.42 -0.86
N ARG A 1042 27.56 45.90 -0.40
CA ARG A 1042 26.96 47.14 -0.91
C ARG A 1042 27.96 48.28 -0.93
N GLN A 1043 28.79 48.38 0.10
CA GLN A 1043 29.77 49.45 0.18
C GLN A 1043 30.61 49.56 -1.08
N PHE A 1044 31.29 48.49 -1.48
CA PHE A 1044 32.18 48.53 -2.64
C PHE A 1044 31.51 48.06 -3.92
N ASP A 1045 30.29 47.54 -3.84
CA ASP A 1045 29.64 46.94 -5.01
C ASP A 1045 28.55 47.86 -5.52
N PRO A 1046 28.63 48.30 -6.77
CA PRO A 1046 27.48 49.00 -7.35
C PRO A 1046 26.27 48.10 -7.53
N LEU A 1047 26.50 46.81 -7.79
CA LEU A 1047 25.39 45.93 -8.11
C LEU A 1047 24.57 45.58 -6.89
N SER A 1048 25.15 45.75 -5.70
CA SER A 1048 24.45 45.34 -4.48
C SER A 1048 23.54 46.46 -3.97
N ALA A 1049 23.51 47.58 -4.67
CA ALA A 1049 22.55 48.61 -4.34
C ALA A 1049 21.14 48.09 -4.58
N GLY A 1050 20.99 47.21 -5.56
CA GLY A 1050 19.70 46.66 -5.95
C GLY A 1050 19.19 45.67 -4.92
N CYS A 1051 17.89 45.76 -4.62
CA CYS A 1051 17.17 44.77 -3.81
C CYS A 1051 17.63 44.81 -2.35
N PRO A 1052 16.89 44.19 -1.43
CA PRO A 1052 17.25 44.30 -0.01
C PRO A 1052 18.59 43.65 0.27
N PRO A 1053 19.07 43.73 1.52
CA PRO A 1053 20.23 42.93 1.89
C PRO A 1053 19.86 41.45 1.85
N LEU A 1054 20.75 40.67 1.25
CA LEU A 1054 20.58 39.22 1.27
C LEU A 1054 20.47 38.72 2.71
N GLU A 1055 19.58 37.75 2.90
CA GLU A 1055 19.28 37.21 4.22
C GLU A 1055 19.48 35.71 4.22
N PHE A 1056 20.41 35.24 5.03
CA PHE A 1056 20.58 33.82 5.26
C PHE A 1056 20.94 33.66 6.72
N MET A 1057 20.51 32.55 7.33
CA MET A 1057 20.73 32.35 8.75
C MET A 1057 22.21 32.20 9.05
N GLN A 1058 22.58 32.39 10.30
CA GLN A 1058 23.98 32.26 10.70
C GLN A 1058 24.49 30.91 10.24
N VAL A 1059 25.67 30.89 9.66
CA VAL A 1059 26.23 29.66 9.10
C VAL A 1059 27.72 29.63 9.36
N ARG A 1060 28.21 28.43 9.65
CA ARG A 1060 29.63 28.21 9.87
C ARG A 1060 29.97 26.87 9.25
N GLY A 1061 31.02 26.79 8.46
CA GLY A 1061 31.12 25.55 7.74
C GLY A 1061 31.87 25.59 6.43
N MET A 1062 31.52 24.71 5.51
CA MET A 1062 32.20 24.65 4.24
C MET A 1062 31.24 25.16 3.17
N LEU A 1063 31.81 25.68 2.08
CA LEU A 1063 31.03 26.17 0.96
C LEU A 1063 31.50 25.49 -0.31
N LYS A 1064 30.57 25.13 -1.18
CA LYS A 1064 30.85 24.35 -2.38
C LYS A 1064 30.52 25.15 -3.63
N GLY A 1065 31.11 24.74 -4.74
CA GLY A 1065 30.74 25.30 -6.01
C GLY A 1065 31.53 24.70 -7.13
N PHE A 1066 30.98 24.85 -8.34
CA PHE A 1066 31.61 24.41 -9.57
C PHE A 1066 31.86 25.63 -10.43
N ILE A 1067 33.11 25.98 -10.65
CA ILE A 1067 33.43 26.88 -11.75
C ILE A 1067 33.12 26.17 -13.05
N ASP A 1068 32.31 26.81 -13.90
CA ASP A 1068 32.10 26.27 -15.23
C ASP A 1068 33.41 26.17 -15.99
N LEU A 1069 34.14 27.27 -16.13
CA LEU A 1069 35.39 27.22 -16.86
C LEU A 1069 36.38 28.24 -16.32
N VAL A 1070 37.65 27.84 -16.26
CA VAL A 1070 38.77 28.71 -15.92
C VAL A 1070 39.86 28.56 -16.95
N PHE A 1071 40.37 29.69 -17.45
CA PHE A 1071 41.38 29.71 -18.49
C PHE A 1071 42.22 30.96 -18.36
N ARG A 1072 43.44 30.88 -18.86
CA ARG A 1072 44.38 31.99 -18.80
C ARG A 1072 44.71 32.47 -20.20
N HIS A 1073 44.66 33.78 -20.39
CA HIS A 1073 45.00 34.42 -21.65
C HIS A 1073 45.91 35.59 -21.38
N GLU A 1074 47.01 35.68 -22.14
CA GLU A 1074 47.99 36.75 -21.96
C GLU A 1074 48.58 36.71 -20.54
N GLY A 1075 48.85 35.50 -20.06
CA GLY A 1075 49.25 35.33 -18.67
C GLY A 1075 48.25 35.84 -17.66
N ARG A 1076 46.98 35.93 -18.02
CA ARG A 1076 45.95 36.53 -17.17
C ARG A 1076 44.70 35.66 -17.12
N TYR A 1077 44.35 35.23 -15.91
CA TYR A 1077 43.29 34.27 -15.65
C TYR A 1077 41.92 34.90 -15.83
N TYR A 1078 40.92 34.04 -15.98
CA TYR A 1078 39.54 34.47 -16.12
C TYR A 1078 38.64 33.46 -15.42
N LEU A 1079 37.40 33.85 -15.22
CA LEU A 1079 36.40 33.04 -14.54
C LEU A 1079 35.15 33.06 -15.40
N LEU A 1080 34.63 31.90 -15.75
CA LEU A 1080 33.56 31.82 -16.74
C LEU A 1080 32.42 30.95 -16.24
N ALA A 1081 31.20 31.45 -16.34
CA ALA A 1081 30.02 30.74 -15.84
C ALA A 1081 28.88 30.85 -16.83
N TYR A 1082 28.31 29.71 -17.20
CA TYR A 1082 27.23 29.66 -18.18
C TYR A 1082 25.89 29.76 -17.47
N LYS A 1083 24.94 30.48 -18.04
CA LYS A 1083 23.57 30.51 -17.54
C LYS A 1083 22.61 30.47 -18.72
N SER A 1084 21.43 29.88 -18.52
CA SER A 1084 20.57 29.63 -19.66
C SER A 1084 19.16 30.22 -19.56
N ASN A 1085 18.28 29.53 -18.82
CA ASN A 1085 16.96 30.00 -18.37
C ASN A 1085 16.13 30.74 -19.43
N TRP A 1086 15.46 31.82 -19.01
CA TRP A 1086 14.70 32.73 -19.88
C TRP A 1086 13.70 32.00 -20.80
N LEU A 1087 12.57 31.61 -20.22
CA LEU A 1087 11.51 30.97 -20.98
C LEU A 1087 10.82 31.92 -21.96
N GLY A 1088 10.84 33.22 -21.67
CA GLY A 1088 9.87 34.09 -22.32
C GLY A 1088 10.38 34.74 -23.59
N GLU A 1089 11.70 34.79 -23.76
CA GLU A 1089 12.30 35.76 -24.66
C GLU A 1089 13.34 35.12 -25.58
N ASP A 1090 13.70 35.85 -26.63
CA ASP A 1090 14.75 35.48 -27.58
C ASP A 1090 15.74 36.61 -27.83
N SER A 1091 15.23 37.77 -28.24
CA SER A 1091 15.95 38.94 -28.70
C SER A 1091 16.59 39.71 -27.57
N SER A 1092 16.81 41.01 -27.82
CA SER A 1092 17.59 41.95 -27.01
C SER A 1092 17.11 42.02 -25.56
N ALA A 1093 16.15 41.19 -25.18
CA ALA A 1093 15.77 41.05 -23.77
C ALA A 1093 16.99 40.70 -22.93
N TYR A 1094 18.08 40.38 -23.61
CA TYR A 1094 19.40 40.36 -23.01
C TYR A 1094 20.15 41.60 -23.48
N THR A 1095 20.33 42.57 -22.59
CA THR A 1095 21.20 43.70 -22.86
C THR A 1095 22.15 43.92 -21.70
N GLN A 1096 23.02 44.91 -21.87
CA GLN A 1096 23.82 45.42 -20.77
C GLN A 1096 22.94 45.73 -19.58
N GLN A 1097 21.78 46.34 -19.83
CA GLN A 1097 20.90 46.63 -18.71
C GLN A 1097 20.23 45.37 -18.19
N ALA A 1098 19.55 44.61 -19.04
CA ALA A 1098 18.74 43.50 -18.57
C ALA A 1098 19.57 42.36 -18.01
N MET A 1099 20.78 42.13 -18.54
CA MET A 1099 21.67 41.17 -17.91
C MET A 1099 21.94 41.58 -16.47
N ALA A 1100 22.44 42.80 -16.26
CA ALA A 1100 22.61 43.33 -14.92
C ALA A 1100 21.33 43.29 -14.10
N ALA A 1101 20.17 43.35 -14.76
CA ALA A 1101 18.91 43.25 -14.04
C ALA A 1101 18.72 41.85 -13.48
N ALA A 1102 18.78 40.84 -14.34
CA ALA A 1102 18.64 39.45 -13.93
C ALA A 1102 19.71 39.02 -12.94
N MET A 1103 20.95 39.44 -13.13
CA MET A 1103 21.98 39.21 -12.13
C MET A 1103 21.49 39.63 -10.76
N GLN A 1104 20.97 40.85 -10.64
CA GLN A 1104 20.40 41.32 -9.40
C GLN A 1104 19.13 40.60 -9.00
N ALA A 1105 18.44 39.97 -9.94
CA ALA A 1105 17.22 39.24 -9.65
C ALA A 1105 17.49 37.85 -9.09
N HIS A 1106 18.45 37.13 -9.65
CA HIS A 1106 18.85 35.83 -9.15
C HIS A 1106 20.04 35.90 -8.21
N ARG A 1107 20.51 37.10 -7.88
CA ARG A 1107 21.60 37.28 -6.92
C ARG A 1107 22.85 36.52 -7.34
N TYR A 1108 23.13 36.52 -8.63
CA TYR A 1108 24.43 36.04 -9.06
C TYR A 1108 25.55 36.95 -8.58
N ASP A 1109 25.23 38.11 -8.03
CA ASP A 1109 26.26 38.98 -7.50
C ASP A 1109 27.10 38.26 -6.44
N LEU A 1110 26.48 37.99 -5.29
CA LEU A 1110 27.17 37.27 -4.24
C LEU A 1110 27.85 36.03 -4.79
N GLN A 1111 27.20 35.35 -5.74
CA GLN A 1111 27.80 34.16 -6.32
C GLN A 1111 29.15 34.46 -6.94
N TYR A 1112 29.21 35.39 -7.90
CA TYR A 1112 30.50 35.60 -8.55
C TYR A 1112 31.52 36.11 -7.57
N GLN A 1113 31.11 36.96 -6.63
CA GLN A 1113 32.07 37.40 -5.63
C GLN A 1113 32.64 36.21 -4.87
N LEU A 1114 31.80 35.26 -4.49
CA LEU A 1114 32.27 34.09 -3.75
C LEU A 1114 33.26 33.29 -4.57
N TYR A 1115 32.90 32.95 -5.81
CA TYR A 1115 33.86 32.24 -6.65
C TYR A 1115 35.18 32.99 -6.69
N THR A 1116 35.14 34.27 -7.06
CA THR A 1116 36.36 35.07 -7.11
C THR A 1116 37.18 34.90 -5.85
N LEU A 1117 36.50 34.83 -4.71
CA LEU A 1117 37.25 34.50 -3.50
C LEU A 1117 37.90 33.14 -3.64
N ALA A 1118 37.17 32.16 -4.14
CA ALA A 1118 37.73 30.81 -4.23
C ALA A 1118 38.91 30.79 -5.17
N LEU A 1119 38.67 31.11 -6.45
CA LEU A 1119 39.73 31.21 -7.43
C LEU A 1119 40.90 32.02 -6.90
N HIS A 1120 40.61 33.10 -6.18
CA HIS A 1120 41.66 33.89 -5.57
C HIS A 1120 42.52 33.02 -4.67
N ARG A 1121 41.90 32.34 -3.71
CA ARG A 1121 42.70 31.55 -2.78
C ARG A 1121 43.42 30.43 -3.49
N TYR A 1122 42.81 29.86 -4.51
CA TYR A 1122 43.44 28.77 -5.22
C TYR A 1122 44.67 29.25 -5.97
N LEU A 1123 44.59 30.44 -6.56
CA LEU A 1123 45.78 30.96 -7.22
C LEU A 1123 46.85 31.34 -6.20
N ARG A 1124 46.47 32.07 -5.17
CA ARG A 1124 47.39 32.37 -4.08
C ARG A 1124 48.07 31.12 -3.58
N HIS A 1125 47.37 29.99 -3.62
CA HIS A 1125 47.97 28.73 -3.23
C HIS A 1125 48.93 28.22 -4.28
N ARG A 1126 48.47 28.14 -5.53
CA ARG A 1126 49.23 27.42 -6.53
C ARG A 1126 50.38 28.24 -7.06
N ILE A 1127 50.14 29.51 -7.38
CA ILE A 1127 51.11 30.34 -8.09
C ILE A 1127 52.09 30.92 -7.09
N ALA A 1128 53.37 30.57 -7.26
CA ALA A 1128 54.42 31.21 -6.50
C ALA A 1128 54.46 32.69 -6.88
N ASP A 1129 54.56 33.55 -5.88
CA ASP A 1129 54.49 34.99 -6.08
C ASP A 1129 53.24 35.36 -6.86
N TYR A 1130 52.09 35.13 -6.27
CA TYR A 1130 50.82 35.52 -6.86
C TYR A 1130 50.41 36.89 -6.35
N ASP A 1131 49.82 37.68 -7.24
CA ASP A 1131 49.21 38.94 -6.87
C ASP A 1131 47.85 39.04 -7.55
N TYR A 1132 46.86 39.47 -6.78
CA TYR A 1132 45.52 39.60 -7.33
C TYR A 1132 45.51 40.50 -8.55
N GLU A 1133 45.98 41.74 -8.39
CA GLU A 1133 45.87 42.69 -9.48
C GLU A 1133 46.66 42.29 -10.71
N HIS A 1134 47.86 41.77 -10.55
CA HIS A 1134 48.67 41.43 -11.71
C HIS A 1134 48.06 40.32 -12.55
N HIS A 1135 47.73 39.17 -11.94
CA HIS A 1135 47.40 37.98 -12.70
C HIS A 1135 45.92 37.84 -13.05
N PHE A 1136 45.03 38.62 -12.46
CA PHE A 1136 43.61 38.33 -12.53
C PHE A 1136 42.89 39.23 -13.52
N GLY A 1137 41.96 38.65 -14.28
CA GLY A 1137 41.32 39.29 -15.40
C GLY A 1137 39.85 39.66 -15.30
N GLY A 1138 39.18 39.38 -14.21
CA GLY A 1138 37.76 39.66 -14.15
C GLY A 1138 36.90 38.41 -14.29
N VAL A 1139 35.59 38.66 -14.32
CA VAL A 1139 34.58 37.61 -14.24
C VAL A 1139 33.61 37.75 -15.41
N ILE A 1140 33.23 36.60 -15.97
CA ILE A 1140 32.48 36.51 -17.21
C ILE A 1140 31.31 35.57 -17.00
N TYR A 1141 30.10 36.13 -17.01
CA TYR A 1141 28.87 35.37 -17.14
C TYR A 1141 28.47 35.32 -18.61
N LEU A 1142 28.32 34.11 -19.13
CA LEU A 1142 27.92 33.88 -20.50
C LEU A 1142 26.54 33.26 -20.50
N PHE A 1143 25.57 33.96 -21.05
CA PHE A 1143 24.23 33.43 -21.20
C PHE A 1143 24.18 32.73 -22.55
N LEU A 1144 24.07 31.41 -22.56
CA LEU A 1144 24.21 30.64 -23.79
C LEU A 1144 23.22 31.12 -24.84
N ARG A 1145 21.93 31.04 -24.52
CA ARG A 1145 20.89 31.57 -25.39
C ARG A 1145 21.16 33.02 -25.73
N GLY A 1146 21.83 33.74 -24.84
CA GLY A 1146 22.14 35.13 -25.08
C GLY A 1146 23.04 35.38 -26.26
N VAL A 1147 23.75 34.36 -26.74
CA VAL A 1147 24.73 34.60 -27.79
C VAL A 1147 24.05 34.70 -29.14
N ASP A 1148 24.29 35.81 -29.83
CA ASP A 1148 23.71 36.08 -31.13
C ASP A 1148 24.79 36.64 -32.06
N LYS A 1149 24.80 36.13 -33.29
CA LYS A 1149 25.79 36.56 -34.29
C LYS A 1149 25.66 38.05 -34.58
N GLU A 1150 24.49 38.63 -34.31
CA GLU A 1150 24.24 40.02 -34.67
C GLU A 1150 24.90 40.98 -33.69
N HIS A 1151 24.73 40.74 -32.39
CA HIS A 1151 25.21 41.67 -31.39
C HIS A 1151 26.31 41.03 -30.55
N PRO A 1152 27.52 41.60 -30.57
CA PRO A 1152 28.59 41.03 -29.74
C PRO A 1152 28.33 41.16 -28.25
N GLN A 1153 27.57 42.18 -27.83
CA GLN A 1153 27.38 42.42 -26.41
C GLN A 1153 26.35 41.48 -25.80
N GLN A 1154 25.26 41.22 -26.53
CA GLN A 1154 24.16 40.46 -25.96
C GLN A 1154 24.62 39.09 -25.50
N GLY A 1155 24.29 38.74 -24.27
CA GLY A 1155 24.59 37.44 -23.72
C GLY A 1155 25.88 37.34 -22.93
N ILE A 1156 26.84 38.22 -23.16
CA ILE A 1156 28.09 38.17 -22.42
C ILE A 1156 28.07 39.28 -21.39
N TYR A 1157 28.69 39.02 -20.25
CA TYR A 1157 28.71 40.01 -19.18
C TYR A 1157 30.01 39.85 -18.41
N THR A 1158 30.63 40.97 -18.03
CA THR A 1158 31.93 40.94 -17.38
C THR A 1158 31.97 42.00 -16.30
N THR A 1159 32.47 41.64 -15.13
CA THR A 1159 32.74 42.60 -14.07
C THR A 1159 33.97 42.16 -13.29
N ARG A 1160 34.66 43.11 -12.70
CA ARG A 1160 35.83 42.81 -11.92
C ARG A 1160 35.58 43.07 -10.45
N PRO A 1161 35.81 42.11 -9.57
CA PRO A 1161 35.84 42.40 -8.14
C PRO A 1161 36.85 43.48 -7.82
N ASN A 1162 36.48 44.36 -6.90
CA ASN A 1162 37.14 45.64 -6.68
C ASN A 1162 38.59 45.51 -6.28
N ALA A 1163 39.02 44.32 -5.84
CA ALA A 1163 40.31 44.08 -5.20
C ALA A 1163 40.35 44.73 -3.84
N GLY A 1164 39.40 45.61 -3.54
CA GLY A 1164 39.23 46.14 -2.21
C GLY A 1164 38.12 45.41 -1.48
N LEU A 1165 37.25 44.76 -2.24
CA LEU A 1165 36.21 43.95 -1.61
C LEU A 1165 36.75 42.58 -1.20
N ILE A 1166 37.59 41.99 -2.05
CA ILE A 1166 38.16 40.70 -1.74
C ILE A 1166 39.12 40.82 -0.57
N ALA A 1167 39.90 41.90 -0.53
CA ALA A 1167 40.86 42.10 0.55
C ALA A 1167 40.21 41.97 1.91
N LEU A 1168 39.06 42.60 2.10
CA LEU A 1168 38.34 42.50 3.36
C LEU A 1168 37.51 41.24 3.47
N MET A 1169 36.97 40.74 2.36
CA MET A 1169 36.12 39.56 2.42
C MET A 1169 36.90 38.34 2.87
N ASP A 1170 38.00 38.05 2.17
CA ASP A 1170 38.86 36.94 2.59
C ASP A 1170 39.19 37.02 4.08
N GLU A 1171 39.58 38.21 4.54
CA GLU A 1171 39.79 38.38 5.96
C GLU A 1171 38.55 37.99 6.76
N MET A 1172 37.37 38.35 6.25
CA MET A 1172 36.14 38.04 6.98
C MET A 1172 35.96 36.54 7.14
N PHE A 1173 36.17 35.78 6.07
CA PHE A 1173 36.02 34.34 6.18
C PHE A 1173 37.15 33.71 6.97
N ALA A 1174 38.28 34.40 7.09
CA ALA A 1174 39.35 33.86 7.93
C ALA A 1174 39.03 34.06 9.41
N GLY A 1175 38.34 35.14 9.74
CA GLY A 1175 37.97 35.42 11.11
C GLY A 1175 37.06 36.62 11.22
N MET B 1 59.97 7.86 -7.39
CA MET B 1 60.05 6.76 -6.45
C MET B 1 58.68 6.47 -5.87
N LEU B 2 58.45 5.21 -5.49
CA LEU B 2 57.21 4.79 -4.87
C LEU B 2 57.39 4.85 -3.36
N ARG B 3 56.69 5.79 -2.74
CA ARG B 3 56.75 5.97 -1.30
C ARG B 3 55.54 5.33 -0.65
N VAL B 4 55.77 4.72 0.52
CA VAL B 4 54.74 4.02 1.25
C VAL B 4 54.67 4.60 2.64
N TYR B 5 53.51 5.10 3.03
CA TYR B 5 53.32 5.72 4.33
C TYR B 5 52.46 4.82 5.18
N HIS B 6 53.07 4.21 6.20
CA HIS B 6 52.31 3.42 7.13
C HIS B 6 51.89 4.26 8.32
N SER B 7 50.71 3.99 8.86
CA SER B 7 50.24 4.73 10.01
C SER B 7 49.33 3.91 10.88
N ASN B 8 49.24 4.32 12.14
CA ASN B 8 48.16 3.88 13.00
C ASN B 8 46.83 4.38 12.46
N ARG B 9 46.70 5.69 12.31
CA ARG B 9 45.42 6.32 12.07
C ARG B 9 45.52 7.25 10.87
N LEU B 10 44.37 7.58 10.30
CA LEU B 10 44.34 8.37 9.08
C LEU B 10 44.76 9.81 9.35
N ASP B 11 44.24 10.41 10.41
CA ASP B 11 44.47 11.84 10.64
C ASP B 11 45.93 12.21 10.58
N VAL B 12 46.81 11.28 10.90
CA VAL B 12 48.21 11.51 10.60
C VAL B 12 48.42 11.59 9.10
N LEU B 13 47.98 10.55 8.38
CA LEU B 13 48.30 10.46 6.96
C LEU B 13 47.77 11.65 6.19
N GLU B 14 46.52 12.03 6.45
CA GLU B 14 45.96 13.18 5.77
C GLU B 14 46.86 14.40 5.95
N ALA B 15 47.31 14.62 7.18
CA ALA B 15 48.26 15.69 7.44
C ALA B 15 49.59 15.51 6.73
N LEU B 16 50.11 14.28 6.61
CA LEU B 16 51.31 14.10 5.82
C LEU B 16 51.10 14.55 4.39
N MET B 17 50.02 14.10 3.77
CA MET B 17 49.68 14.59 2.44
C MET B 17 49.68 16.11 2.40
N GLU B 18 49.07 16.74 3.42
CA GLU B 18 49.12 18.19 3.51
C GLU B 18 50.56 18.68 3.41
N PHE B 19 51.46 18.08 4.18
CA PHE B 19 52.85 18.50 4.16
C PHE B 19 53.49 18.32 2.80
N ILE B 20 53.24 17.19 2.15
CA ILE B 20 53.76 16.97 0.82
C ILE B 20 53.28 18.03 -0.16
N VAL B 21 51.99 18.34 -0.17
CA VAL B 21 51.54 19.44 -1.01
C VAL B 21 52.22 20.74 -0.62
N GLU B 22 52.50 20.93 0.65
CA GLU B 22 53.01 22.21 1.13
C GLU B 22 54.43 22.45 0.65
N ARG B 23 55.32 21.50 0.91
CA ARG B 23 56.73 21.69 0.58
C ARG B 23 56.93 21.91 -0.92
N GLU B 24 56.17 21.21 -1.75
CA GLU B 24 56.38 21.20 -3.19
C GLU B 24 55.10 21.61 -3.91
N ARG B 25 55.23 22.52 -4.87
CA ARG B 25 54.10 23.08 -5.59
C ARG B 25 54.30 22.83 -7.07
N LEU B 26 53.32 22.16 -7.69
CA LEU B 26 53.40 21.89 -9.12
C LEU B 26 53.65 23.17 -9.88
N ASP B 27 54.48 23.07 -10.92
CA ASP B 27 54.79 24.26 -11.71
C ASP B 27 53.54 24.76 -12.42
N ASP B 28 52.94 23.94 -13.27
CA ASP B 28 51.75 24.34 -13.99
C ASP B 28 50.62 24.57 -13.00
N PRO B 29 49.89 25.67 -13.09
CA PRO B 29 48.74 25.83 -12.18
C PRO B 29 47.63 24.87 -12.48
N PHE B 30 47.30 24.64 -13.76
CA PHE B 30 46.07 23.94 -14.09
C PHE B 30 46.19 22.43 -13.97
N GLU B 31 47.37 21.89 -13.78
CA GLU B 31 47.47 20.46 -13.60
C GLU B 31 46.75 20.05 -12.33
N PRO B 32 45.66 19.29 -12.43
CA PRO B 32 44.96 18.84 -11.23
C PRO B 32 45.82 17.84 -10.47
N GLU B 33 45.45 17.60 -9.23
CA GLU B 33 46.25 16.72 -8.40
C GLU B 33 45.56 15.37 -8.26
N MET B 34 46.30 14.31 -8.56
CA MET B 34 45.76 12.95 -8.61
C MET B 34 45.79 12.39 -7.20
N ILE B 35 44.62 12.05 -6.68
CA ILE B 35 44.53 11.29 -5.44
C ILE B 35 43.52 10.18 -5.66
N LEU B 36 43.96 8.94 -5.47
CA LEU B 36 43.11 7.79 -5.71
C LEU B 36 42.26 7.51 -4.49
N VAL B 37 40.98 7.27 -4.72
CA VAL B 37 40.06 6.87 -3.67
C VAL B 37 39.16 5.79 -4.22
N GLN B 38 38.69 4.93 -3.32
CA GLN B 38 37.82 3.85 -3.69
C GLN B 38 36.34 4.19 -3.49
N SER B 39 36.03 5.36 -2.92
CA SER B 39 34.65 5.75 -2.72
C SER B 39 34.53 7.25 -2.87
N THR B 40 33.30 7.74 -2.80
CA THR B 40 33.05 9.17 -2.80
C THR B 40 33.21 9.77 -1.41
N GLY B 41 32.68 9.10 -0.40
CA GLY B 41 32.77 9.63 0.95
C GLY B 41 34.20 9.95 1.35
N MET B 42 35.13 9.04 1.04
CA MET B 42 36.52 9.30 1.36
C MET B 42 37.00 10.57 0.69
N ALA B 43 36.69 10.74 -0.59
CA ALA B 43 37.07 11.96 -1.29
C ALA B 43 36.53 13.18 -0.56
N GLN B 44 35.22 13.22 -0.37
CA GLN B 44 34.58 14.37 0.25
C GLN B 44 35.25 14.71 1.57
N TRP B 45 35.59 13.69 2.35
CA TRP B 45 36.30 13.92 3.59
C TRP B 45 37.65 14.58 3.31
N LEU B 46 38.44 14.01 2.41
CA LEU B 46 39.76 14.55 2.14
C LEU B 46 39.70 16.01 1.75
N GLN B 47 38.78 16.36 0.87
CA GLN B 47 38.57 17.76 0.54
C GLN B 47 38.32 18.56 1.82
N MET B 48 37.25 18.24 2.53
CA MET B 48 36.89 19.04 3.70
C MET B 48 38.07 19.21 4.65
N THR B 49 38.95 18.22 4.72
CA THR B 49 40.10 18.35 5.61
C THR B 49 41.20 19.23 5.04
N LEU B 50 41.54 19.05 3.76
CA LEU B 50 42.54 19.90 3.14
C LEU B 50 42.10 21.35 3.15
N SER B 51 40.95 21.64 2.53
CA SER B 51 40.51 23.02 2.40
C SER B 51 40.48 23.72 3.75
N GLN B 52 40.28 22.98 4.82
CA GLN B 52 40.36 23.59 6.13
C GLN B 52 41.79 24.01 6.45
N LYS B 53 42.77 23.18 6.09
CA LYS B 53 44.15 23.59 6.37
C LYS B 53 44.61 24.68 5.41
N PHE B 54 44.58 24.43 4.11
CA PHE B 54 45.13 25.39 3.17
C PHE B 54 44.31 26.66 3.12
N GLY B 55 43.00 26.55 3.32
CA GLY B 55 42.07 27.61 3.06
C GLY B 55 41.28 27.39 1.79
N ILE B 56 41.74 26.51 0.92
CA ILE B 56 40.93 26.06 -0.20
C ILE B 56 41.49 24.75 -0.74
N ALA B 57 40.63 23.98 -1.42
CA ALA B 57 41.03 22.79 -2.15
C ALA B 57 40.21 22.69 -3.44
N ALA B 58 40.89 22.63 -4.58
CA ALA B 58 40.21 22.51 -5.85
C ALA B 58 41.18 21.94 -6.87
N ASN B 59 40.63 21.43 -7.97
CA ASN B 59 41.40 20.65 -8.93
C ASN B 59 42.13 19.50 -8.26
N ILE B 60 41.37 18.58 -7.69
CA ILE B 60 41.90 17.36 -7.17
C ILE B 60 41.12 16.21 -7.79
N ASP B 61 41.79 15.44 -8.65
CA ASP B 61 41.15 14.37 -9.39
C ASP B 61 41.05 13.14 -8.50
N PHE B 62 39.86 12.54 -8.49
CA PHE B 62 39.52 11.43 -7.61
C PHE B 62 38.98 10.28 -8.42
N PRO B 63 39.84 9.59 -9.17
CA PRO B 63 39.35 8.47 -9.98
C PRO B 63 39.40 7.16 -9.21
N LEU B 64 38.93 6.09 -9.81
CA LEU B 64 39.13 4.77 -9.22
C LEU B 64 40.42 4.18 -9.76
N PRO B 65 41.12 3.36 -8.99
CA PRO B 65 42.40 2.84 -9.48
C PRO B 65 42.29 2.18 -10.84
N ALA B 66 41.21 1.43 -11.07
CA ALA B 66 41.03 0.83 -12.39
C ALA B 66 40.83 1.92 -13.45
N SER B 67 39.94 2.87 -13.17
CA SER B 67 39.72 3.95 -14.12
C SER B 67 40.99 4.75 -14.34
N PHE B 68 41.71 5.05 -13.27
CA PHE B 68 42.97 5.76 -13.41
C PHE B 68 43.93 4.99 -14.29
N ILE B 69 44.28 3.76 -13.87
CA ILE B 69 45.24 2.95 -14.60
C ILE B 69 44.85 2.88 -16.07
N TRP B 70 43.56 2.72 -16.36
CA TRP B 70 43.14 2.72 -17.74
C TRP B 70 43.47 4.04 -18.41
N ASP B 71 43.12 5.14 -17.75
CA ASP B 71 43.41 6.47 -18.26
C ASP B 71 44.87 6.54 -18.66
N MET B 72 45.71 5.90 -17.88
CA MET B 72 47.14 6.05 -18.03
C MET B 72 47.72 5.27 -19.20
N PHE B 73 47.22 4.07 -19.48
CA PHE B 73 47.63 3.38 -20.70
C PHE B 73 47.53 4.31 -21.89
N VAL B 74 46.40 5.00 -22.03
CA VAL B 74 46.21 5.95 -23.11
C VAL B 74 47.37 6.92 -23.19
N ARG B 75 47.94 7.31 -22.06
CA ARG B 75 49.03 8.27 -22.08
C ARG B 75 50.37 7.64 -22.41
N VAL B 76 50.70 6.49 -21.84
CA VAL B 76 51.99 5.93 -22.16
C VAL B 76 51.99 5.32 -23.55
N LEU B 77 50.86 4.77 -23.98
CA LEU B 77 50.90 3.99 -25.21
C LEU B 77 49.92 4.53 -26.24
N PRO B 78 50.32 4.59 -27.50
CA PRO B 78 49.44 5.05 -28.56
C PRO B 78 48.41 4.00 -28.93
N GLU B 79 47.41 4.43 -29.71
CA GLU B 79 46.45 3.56 -30.41
C GLU B 79 45.34 3.08 -29.50
N ILE B 80 45.46 3.25 -28.20
CA ILE B 80 44.50 2.74 -27.23
C ILE B 80 43.22 3.57 -27.35
N PRO B 81 42.06 2.94 -27.38
CA PRO B 81 40.82 3.73 -27.36
C PRO B 81 40.58 4.31 -25.99
N LYS B 82 39.71 5.32 -25.90
CA LYS B 82 39.53 5.98 -24.61
C LYS B 82 38.79 5.08 -23.63
N GLU B 83 37.72 4.43 -24.06
CA GLU B 83 37.10 3.36 -23.28
C GLU B 83 37.42 2.03 -23.94
N SER B 84 37.64 1.00 -23.12
CA SER B 84 38.18 -0.23 -23.65
C SER B 84 37.14 -0.97 -24.47
N ALA B 85 37.58 -2.10 -25.02
CA ALA B 85 36.77 -2.92 -25.91
C ALA B 85 36.10 -4.07 -25.18
N PHE B 86 36.26 -4.16 -23.87
CA PHE B 86 35.64 -5.22 -23.09
C PHE B 86 35.06 -4.58 -21.83
N ASN B 87 33.78 -4.82 -21.62
CA ASN B 87 33.07 -4.22 -20.50
C ASN B 87 32.16 -5.24 -19.87
N LYS B 88 31.86 -5.01 -18.60
CA LYS B 88 30.84 -5.82 -17.92
C LYS B 88 29.49 -5.68 -18.62
N GLN B 89 29.36 -4.74 -19.53
CA GLN B 89 28.12 -4.55 -20.28
C GLN B 89 28.20 -5.13 -21.69
N SER B 90 29.10 -4.59 -22.51
CA SER B 90 29.17 -5.04 -23.91
C SER B 90 29.44 -6.53 -24.00
N MET B 91 30.43 -7.02 -23.24
CA MET B 91 30.76 -8.44 -23.31
C MET B 91 29.52 -9.29 -23.11
N SER B 92 28.56 -8.79 -22.34
CA SER B 92 27.28 -9.47 -22.25
C SER B 92 26.66 -9.62 -23.63
N TRP B 93 26.47 -8.51 -24.33
CA TRP B 93 25.79 -8.58 -25.61
C TRP B 93 26.57 -9.37 -26.65
N LYS B 94 27.89 -9.47 -26.48
CA LYS B 94 28.64 -10.30 -27.42
C LYS B 94 28.48 -11.78 -27.08
N LEU B 95 28.57 -12.13 -25.80
CA LEU B 95 28.35 -13.53 -25.44
C LEU B 95 26.97 -13.99 -25.84
N MET B 96 25.96 -13.15 -25.65
CA MET B 96 24.62 -13.52 -26.05
C MET B 96 24.55 -13.82 -27.53
N THR B 97 25.56 -13.42 -28.30
CA THR B 97 25.74 -13.90 -29.68
C THR B 97 26.48 -15.23 -29.71
N LEU B 98 27.72 -15.24 -29.20
CA LEU B 98 28.56 -16.42 -29.37
C LEU B 98 27.89 -17.69 -28.88
N LEU B 99 27.21 -17.65 -27.73
CA LEU B 99 26.74 -18.89 -27.12
C LEU B 99 25.85 -19.71 -28.05
N PRO B 100 24.78 -19.16 -28.63
CA PRO B 100 23.98 -19.98 -29.56
C PRO B 100 24.79 -20.60 -30.67
N GLN B 101 25.70 -19.84 -31.30
CA GLN B 101 26.55 -20.40 -32.33
C GLN B 101 27.35 -21.58 -31.81
N LEU B 102 27.77 -21.52 -30.56
CA LEU B 102 28.72 -22.49 -30.05
C LEU B 102 28.07 -23.68 -29.38
N LEU B 103 26.75 -23.73 -29.34
CA LEU B 103 26.09 -24.88 -28.74
C LEU B 103 26.41 -26.13 -29.52
N GLU B 104 26.42 -27.26 -28.82
CA GLU B 104 26.85 -28.54 -29.39
C GLU B 104 28.15 -28.34 -30.14
N ARG B 105 29.16 -27.88 -29.43
CA ARG B 105 30.52 -27.86 -29.95
C ARG B 105 31.30 -29.06 -29.39
N GLU B 106 30.59 -29.95 -28.70
CA GLU B 106 31.11 -31.17 -28.09
C GLU B 106 31.81 -30.87 -26.77
N ASP B 107 32.10 -29.60 -26.55
CA ASP B 107 32.64 -29.11 -25.30
C ASP B 107 31.55 -28.50 -24.43
N PHE B 108 30.81 -27.55 -24.96
CA PHE B 108 29.92 -26.71 -24.20
C PHE B 108 28.67 -27.48 -23.81
N THR B 109 28.72 -28.80 -24.02
CA THR B 109 27.58 -29.66 -23.76
C THR B 109 26.89 -29.34 -22.45
N LEU B 110 27.68 -29.24 -21.37
CA LEU B 110 27.09 -28.92 -20.07
C LEU B 110 26.15 -27.73 -20.18
N LEU B 111 26.60 -26.68 -20.86
CA LEU B 111 25.71 -25.56 -21.16
C LEU B 111 24.53 -26.01 -21.99
N ARG B 112 24.78 -26.86 -23.00
CA ARG B 112 23.72 -27.19 -23.94
C ARG B 112 22.55 -27.83 -23.24
N HIS B 113 22.81 -28.62 -22.21
CA HIS B 113 21.74 -29.08 -21.35
C HIS B 113 21.07 -27.96 -20.58
N TYR B 114 21.80 -26.90 -20.24
CA TYR B 114 21.19 -25.79 -19.52
C TYR B 114 20.24 -25.00 -20.42
N LEU B 115 20.71 -24.59 -21.59
CA LEU B 115 19.97 -23.65 -22.40
C LEU B 115 18.82 -24.31 -23.14
N THR B 116 19.17 -25.26 -24.03
CA THR B 116 18.29 -25.69 -25.11
C THR B 116 16.93 -26.12 -24.62
N ASP B 117 16.79 -26.35 -23.32
CA ASP B 117 15.53 -26.77 -22.72
C ASP B 117 14.39 -25.94 -23.29
N ASP B 118 14.40 -24.63 -23.01
CA ASP B 118 13.40 -23.69 -23.52
C ASP B 118 13.75 -22.31 -23.00
N SER B 119 13.17 -21.30 -23.64
CA SER B 119 13.36 -19.92 -23.19
C SER B 119 12.58 -18.98 -24.11
N ASP B 120 12.34 -17.78 -23.58
CA ASP B 120 12.07 -16.60 -24.39
C ASP B 120 13.38 -15.83 -24.57
N LYS B 121 14.50 -16.47 -24.21
CA LYS B 121 15.87 -15.95 -24.13
C LYS B 121 16.26 -15.42 -22.76
N ARG B 122 15.37 -15.46 -21.79
CA ARG B 122 15.73 -15.01 -20.44
C ARG B 122 16.99 -15.70 -19.92
N LYS B 123 16.99 -17.03 -19.88
CA LYS B 123 18.13 -17.75 -19.34
C LYS B 123 19.41 -17.33 -20.04
N LEU B 124 19.43 -17.41 -21.36
CA LEU B 124 20.62 -17.05 -22.11
C LEU B 124 21.17 -15.70 -21.68
N PHE B 125 20.28 -14.76 -21.37
CA PHE B 125 20.75 -13.46 -20.96
C PHE B 125 21.35 -13.51 -19.57
N GLN B 126 20.68 -14.19 -18.63
CA GLN B 126 21.26 -14.32 -17.30
C GLN B 126 22.67 -14.87 -17.38
N LEU B 127 22.82 -16.00 -18.06
CA LEU B 127 24.13 -16.64 -18.19
C LEU B 127 25.13 -15.70 -18.84
N SER B 128 24.72 -15.04 -19.91
CA SER B 128 25.60 -14.06 -20.54
C SER B 128 26.13 -13.07 -19.51
N SER B 129 25.22 -12.48 -18.74
CA SER B 129 25.63 -11.47 -17.78
C SER B 129 26.66 -12.01 -16.81
N LYS B 130 26.39 -13.18 -16.22
CA LYS B 130 27.34 -13.69 -15.24
C LYS B 130 28.69 -14.03 -15.86
N ALA B 131 28.69 -14.73 -16.99
CA ALA B 131 29.96 -15.02 -17.65
C ALA B 131 30.74 -13.75 -17.88
N ALA B 132 30.10 -12.73 -18.46
CA ALA B 132 30.76 -11.44 -18.63
C ALA B 132 31.41 -11.00 -17.34
N ASP B 133 30.64 -11.04 -16.25
CA ASP B 133 31.17 -10.58 -14.96
C ASP B 133 32.44 -11.32 -14.61
N LEU B 134 32.42 -12.65 -14.71
CA LEU B 134 33.62 -13.40 -14.41
C LEU B 134 34.77 -12.94 -15.28
N PHE B 135 34.61 -12.98 -16.60
CA PHE B 135 35.73 -12.62 -17.47
C PHE B 135 36.30 -11.28 -17.10
N ASP B 136 35.47 -10.35 -16.66
CA ASP B 136 36.02 -9.10 -16.17
C ASP B 136 36.90 -9.36 -14.96
N GLN B 137 36.38 -10.10 -13.99
CA GLN B 137 37.18 -10.40 -12.80
C GLN B 137 38.50 -11.02 -13.20
N TYR B 138 38.45 -12.06 -14.02
CA TYR B 138 39.66 -12.69 -14.52
C TYR B 138 40.61 -11.66 -15.09
N LEU B 139 40.09 -10.78 -15.96
CA LEU B 139 40.93 -9.72 -16.53
C LEU B 139 41.72 -9.04 -15.44
N VAL B 140 41.04 -8.46 -14.47
CA VAL B 140 41.77 -7.82 -13.39
C VAL B 140 42.71 -8.81 -12.70
N TYR B 141 42.15 -9.79 -11.99
CA TYR B 141 42.89 -10.61 -11.04
C TYR B 141 43.61 -11.81 -11.63
N ARG B 142 43.29 -12.24 -12.84
CA ARG B 142 43.92 -13.43 -13.43
C ARG B 142 44.19 -13.23 -14.91
N PRO B 143 45.02 -12.27 -15.28
CA PRO B 143 45.28 -12.05 -16.71
C PRO B 143 46.11 -13.13 -17.36
N ASP B 144 46.98 -13.80 -16.62
CA ASP B 144 47.79 -14.88 -17.16
C ASP B 144 46.93 -15.97 -17.80
N TRP B 145 45.83 -16.31 -17.15
CA TRP B 145 44.92 -17.27 -17.73
C TRP B 145 44.46 -16.81 -19.10
N LEU B 146 43.82 -15.65 -19.16
CA LEU B 146 43.31 -15.16 -20.42
C LEU B 146 44.41 -15.09 -21.47
N ALA B 147 45.65 -14.87 -21.04
CA ALA B 147 46.76 -15.08 -21.96
C ALA B 147 46.81 -16.54 -22.41
N GLN B 148 46.48 -17.48 -21.52
CA GLN B 148 46.53 -18.88 -21.94
C GLN B 148 45.39 -19.21 -22.89
N TRP B 149 44.16 -18.97 -22.46
CA TRP B 149 42.99 -19.32 -23.25
C TRP B 149 42.96 -18.56 -24.56
N GLU B 150 43.51 -17.36 -24.58
CA GLU B 150 43.71 -16.62 -25.82
C GLU B 150 44.52 -17.43 -26.81
N THR B 151 45.47 -18.24 -26.32
CA THR B 151 46.25 -19.08 -27.20
C THR B 151 45.48 -20.32 -27.61
N GLY B 152 44.72 -20.90 -26.69
CA GLY B 152 44.17 -22.23 -26.85
C GLY B 152 44.79 -23.26 -25.93
N HIS B 153 45.84 -22.94 -25.19
CA HIS B 153 46.32 -23.80 -24.14
C HIS B 153 45.36 -23.79 -22.96
N LEU B 154 45.49 -24.80 -22.09
CA LEU B 154 44.74 -24.85 -20.85
C LEU B 154 45.69 -24.79 -19.67
N VAL B 155 45.15 -24.40 -18.52
CA VAL B 155 45.92 -24.24 -17.31
C VAL B 155 45.83 -25.53 -16.50
N GLU B 156 46.98 -26.05 -16.08
CA GLU B 156 46.99 -27.22 -15.24
C GLU B 156 46.67 -26.86 -13.80
N GLY B 157 46.12 -27.82 -13.07
CA GLY B 157 45.79 -27.60 -11.68
C GLY B 157 44.71 -26.58 -11.51
N LEU B 158 43.74 -26.57 -12.41
CA LEU B 158 42.69 -25.57 -12.39
C LEU B 158 41.36 -26.29 -12.38
N GLY B 159 40.43 -25.75 -11.60
CA GLY B 159 39.20 -26.49 -11.33
C GLY B 159 38.46 -26.82 -12.61
N GLU B 160 37.56 -27.79 -12.51
CA GLU B 160 36.73 -28.16 -13.65
C GLU B 160 35.80 -27.01 -14.01
N ALA B 161 35.28 -27.08 -15.24
CA ALA B 161 34.35 -26.12 -15.83
C ALA B 161 35.14 -24.99 -16.46
N GLN B 162 36.45 -25.00 -16.25
CA GLN B 162 37.31 -24.25 -17.15
C GLN B 162 36.98 -24.57 -18.59
N ALA B 163 36.92 -25.86 -18.90
CA ALA B 163 36.88 -26.36 -20.25
C ALA B 163 35.81 -25.69 -21.09
N TRP B 164 34.69 -25.31 -20.50
CA TRP B 164 33.70 -24.56 -21.28
C TRP B 164 33.87 -23.07 -21.15
N GLN B 165 34.72 -22.58 -20.25
CA GLN B 165 34.97 -21.14 -20.20
C GLN B 165 36.02 -20.70 -21.20
N ALA B 166 37.13 -21.43 -21.27
CA ALA B 166 38.22 -20.96 -22.11
C ALA B 166 37.81 -20.81 -23.57
N PRO B 167 37.33 -21.85 -24.26
CA PRO B 167 36.98 -21.65 -25.67
C PRO B 167 35.97 -20.56 -25.86
N LEU B 168 35.08 -20.33 -24.91
CA LEU B 168 34.22 -19.18 -25.03
C LEU B 168 35.04 -17.90 -25.01
N TRP B 169 36.08 -17.84 -24.19
CA TRP B 169 36.91 -16.65 -24.16
C TRP B 169 37.63 -16.44 -25.47
N LYS B 170 38.36 -17.45 -25.93
CA LYS B 170 39.00 -17.38 -27.23
C LYS B 170 38.01 -16.93 -28.29
N ALA B 171 36.83 -17.55 -28.30
CA ALA B 171 35.81 -17.18 -29.27
C ALA B 171 35.42 -15.73 -29.13
N LEU B 172 35.55 -15.17 -27.92
CA LEU B 172 35.21 -13.77 -27.75
C LEU B 172 36.29 -12.88 -28.33
N VAL B 173 37.55 -13.19 -28.05
CA VAL B 173 38.65 -12.43 -28.63
C VAL B 173 38.53 -12.42 -30.14
N GLU B 174 38.40 -13.61 -30.72
CA GLU B 174 38.35 -13.73 -32.16
C GLU B 174 37.13 -13.01 -32.74
N TYR B 175 35.96 -13.25 -32.16
CA TYR B 175 34.75 -12.62 -32.65
C TYR B 175 34.84 -11.10 -32.59
N THR B 176 35.34 -10.57 -31.48
CA THR B 176 35.44 -9.13 -31.40
C THR B 176 36.53 -8.59 -32.28
N HIS B 177 37.44 -9.45 -32.74
CA HIS B 177 38.31 -9.05 -33.82
C HIS B 177 37.52 -8.94 -35.11
N GLN B 178 36.66 -9.91 -35.38
CA GLN B 178 35.91 -9.91 -36.63
C GLN B 178 35.02 -8.69 -36.73
N LEU B 179 34.35 -8.32 -35.65
CA LEU B 179 33.68 -7.03 -35.66
C LEU B 179 34.64 -5.87 -35.85
N GLY B 180 35.93 -6.08 -35.60
CA GLY B 180 36.96 -5.10 -35.88
C GLY B 180 37.22 -4.13 -34.76
N GLN B 181 36.41 -4.18 -33.71
CA GLN B 181 36.58 -3.28 -32.59
C GLN B 181 37.96 -3.45 -32.00
N PRO B 182 38.52 -2.43 -31.34
CA PRO B 182 39.95 -2.44 -30.98
C PRO B 182 40.32 -3.70 -30.21
N ARG B 183 41.41 -4.33 -30.62
CA ARG B 183 41.85 -5.55 -29.96
C ARG B 183 42.27 -5.30 -28.52
N TRP B 184 42.73 -4.10 -28.20
CA TRP B 184 43.39 -3.86 -26.93
C TRP B 184 42.43 -4.01 -25.76
N HIS B 185 42.95 -4.55 -24.66
CA HIS B 185 42.17 -4.73 -23.44
C HIS B 185 43.10 -4.80 -22.24
N ARG B 186 42.53 -4.66 -21.07
CA ARG B 186 43.30 -4.57 -19.84
C ARG B 186 44.22 -5.75 -19.62
N ALA B 187 43.89 -6.93 -20.12
CA ALA B 187 44.70 -8.09 -19.80
C ALA B 187 46.01 -8.13 -20.59
N ASN B 188 45.95 -8.00 -21.89
CA ASN B 188 47.17 -8.06 -22.69
C ASN B 188 47.93 -6.76 -22.66
N LEU B 189 47.29 -5.69 -22.22
CA LEU B 189 47.89 -4.38 -22.35
C LEU B 189 48.88 -4.10 -21.23
N TYR B 190 48.52 -4.44 -19.99
CA TYR B 190 49.28 -3.93 -18.86
C TYR B 190 50.69 -4.49 -18.87
N GLN B 191 50.89 -5.63 -19.53
CA GLN B 191 52.22 -6.22 -19.56
C GLN B 191 53.14 -5.39 -20.43
N ARG B 192 52.73 -5.11 -21.67
CA ARG B 192 53.50 -4.23 -22.52
C ARG B 192 53.61 -2.83 -21.93
N PHE B 193 52.63 -2.42 -21.12
CA PHE B 193 52.77 -1.17 -20.39
C PHE B 193 53.92 -1.22 -19.41
N ILE B 194 53.99 -2.27 -18.60
CA ILE B 194 55.10 -2.37 -17.65
C ILE B 194 56.42 -2.43 -18.40
N GLU B 195 56.43 -3.15 -19.51
CA GLU B 195 57.67 -3.37 -20.24
C GLU B 195 58.17 -2.10 -20.92
N THR B 196 57.26 -1.27 -21.43
CA THR B 196 57.72 -0.07 -22.11
C THR B 196 58.27 0.96 -21.13
N LEU B 197 57.73 1.03 -19.92
CA LEU B 197 58.33 1.85 -18.90
C LEU B 197 59.59 1.24 -18.33
N GLU B 198 59.73 -0.09 -18.43
CA GLU B 198 60.94 -0.73 -17.93
C GLU B 198 62.18 -0.12 -18.56
N SER B 199 62.25 -0.09 -19.89
CA SER B 199 63.29 0.61 -20.61
C SER B 199 62.67 1.82 -21.30
N ALA B 200 62.93 3.00 -20.75
CA ALA B 200 62.43 4.24 -21.29
C ALA B 200 63.26 5.38 -20.76
N THR B 201 63.13 6.54 -21.40
CA THR B 201 63.59 7.79 -20.80
C THR B 201 62.70 8.12 -19.61
N THR B 202 63.29 8.73 -18.58
CA THR B 202 62.56 8.96 -17.33
C THR B 202 61.44 9.97 -17.52
N CYS B 203 61.35 10.55 -18.72
CA CYS B 203 60.35 11.57 -18.91
C CYS B 203 59.45 11.25 -20.09
N PRO B 204 58.49 10.34 -19.94
CA PRO B 204 57.47 10.16 -20.96
C PRO B 204 56.47 11.30 -20.91
N PRO B 205 55.96 11.73 -22.06
CA PRO B 205 55.06 12.89 -22.08
C PRO B 205 53.71 12.55 -21.46
N GLY B 206 53.08 13.55 -20.88
CA GLY B 206 51.68 13.46 -20.49
C GLY B 206 51.40 12.96 -19.09
N LEU B 207 52.37 12.41 -18.40
CA LEU B 207 52.11 11.84 -17.10
C LEU B 207 52.12 12.90 -16.02
N PRO B 208 51.21 12.80 -15.05
CA PRO B 208 51.11 13.82 -14.01
C PRO B 208 52.29 13.80 -13.05
N SER B 209 52.42 14.89 -12.29
CA SER B 209 53.61 15.10 -11.48
C SER B 209 53.76 14.06 -10.40
N ARG B 210 52.76 13.95 -9.53
CA ARG B 210 52.83 13.10 -8.35
C ARG B 210 51.42 12.67 -8.00
N VAL B 211 51.28 11.43 -7.54
CA VAL B 211 49.99 10.80 -7.36
C VAL B 211 49.89 10.23 -5.95
N PHE B 212 48.69 10.24 -5.41
CA PHE B 212 48.44 9.79 -4.05
C PHE B 212 47.45 8.64 -4.05
N ILE B 213 47.68 7.71 -3.14
CA ILE B 213 46.78 6.59 -2.92
C ILE B 213 46.33 6.71 -1.47
N CYS B 214 45.08 7.09 -1.25
CA CYS B 214 44.63 7.46 0.08
C CYS B 214 43.44 6.62 0.48
N GLY B 215 43.59 5.86 1.56
CA GLY B 215 42.47 5.16 2.14
C GLY B 215 42.08 3.88 1.44
N ILE B 216 42.77 3.48 0.39
CA ILE B 216 42.49 2.23 -0.30
C ILE B 216 43.39 1.17 0.28
N SER B 217 42.79 0.19 0.96
CA SER B 217 43.52 -0.90 1.57
C SER B 217 43.54 -2.16 0.71
N ALA B 218 42.95 -2.14 -0.47
CA ALA B 218 42.93 -3.34 -1.31
C ALA B 218 43.19 -2.94 -2.75
N LEU B 219 44.24 -3.51 -3.34
CA LEU B 219 44.51 -3.39 -4.75
C LEU B 219 44.93 -4.74 -5.31
N PRO B 220 44.49 -5.10 -6.50
CA PRO B 220 44.90 -6.37 -7.08
C PRO B 220 46.38 -6.35 -7.39
N PRO B 221 47.05 -7.51 -7.33
CA PRO B 221 48.51 -7.49 -7.48
C PRO B 221 48.94 -6.84 -8.77
N VAL B 222 48.13 -6.93 -9.81
CA VAL B 222 48.50 -6.38 -11.11
C VAL B 222 48.75 -4.89 -11.00
N TYR B 223 47.88 -4.18 -10.30
CA TYR B 223 48.06 -2.74 -10.17
C TYR B 223 49.37 -2.40 -9.46
N LEU B 224 49.75 -3.21 -8.49
CA LEU B 224 51.03 -2.94 -7.82
C LEU B 224 52.20 -3.25 -8.72
N GLN B 225 52.12 -4.33 -9.49
CA GLN B 225 53.13 -4.58 -10.51
C GLN B 225 53.26 -3.38 -11.42
N ALA B 226 52.13 -2.75 -11.74
CA ALA B 226 52.13 -1.60 -12.62
C ALA B 226 52.77 -0.39 -11.96
N LEU B 227 52.24 0.00 -10.81
CA LEU B 227 52.69 1.22 -10.16
C LEU B 227 54.15 1.13 -9.75
N GLN B 228 54.60 -0.07 -9.41
CA GLN B 228 56.02 -0.23 -9.11
C GLN B 228 56.86 0.22 -10.28
N ALA B 229 56.61 -0.34 -11.47
CA ALA B 229 57.35 0.07 -12.64
C ALA B 229 57.08 1.52 -13.00
N LEU B 230 55.93 2.05 -12.61
CA LEU B 230 55.69 3.46 -12.81
C LEU B 230 56.61 4.32 -11.95
N GLY B 231 56.99 3.81 -10.78
CA GLY B 231 57.73 4.61 -9.82
C GLY B 231 59.01 5.19 -10.38
N LYS B 232 59.53 4.60 -11.46
CA LYS B 232 60.76 5.08 -12.05
C LYS B 232 60.64 6.50 -12.55
N HIS B 233 59.42 7.05 -12.57
CA HIS B 233 59.20 8.34 -13.23
C HIS B 233 58.45 9.29 -12.31
N ILE B 234 57.18 8.98 -12.06
CA ILE B 234 56.28 9.84 -11.31
C ILE B 234 56.38 9.45 -9.86
N GLU B 235 56.29 10.43 -8.96
CA GLU B 235 56.36 10.10 -7.55
C GLU B 235 54.98 9.76 -7.02
N ILE B 236 54.85 8.57 -6.43
CA ILE B 236 53.58 8.09 -5.92
C ILE B 236 53.72 7.92 -4.42
N HIS B 237 52.67 8.26 -3.69
CA HIS B 237 52.65 8.14 -2.25
C HIS B 237 51.53 7.21 -1.84
N LEU B 238 51.89 6.11 -1.17
CA LEU B 238 50.88 5.21 -0.63
C LEU B 238 50.57 5.62 0.80
N LEU B 239 49.37 6.13 1.00
CA LEU B 239 48.83 6.43 2.32
C LEU B 239 48.04 5.21 2.75
N PHE B 240 48.54 4.51 3.76
CA PHE B 240 47.98 3.24 4.15
C PHE B 240 47.85 3.16 5.66
N THR B 241 46.64 2.88 6.13
CA THR B 241 46.40 2.64 7.54
C THR B 241 46.47 1.14 7.79
N ASN B 242 47.25 0.75 8.79
CA ASN B 242 47.18 -0.61 9.29
C ASN B 242 47.24 -0.55 10.82
N PRO B 243 46.45 -1.33 11.49
CA PRO B 243 46.40 -1.24 12.95
C PRO B 243 47.70 -1.61 13.62
N CYS B 244 48.31 -2.70 13.18
CA CYS B 244 49.51 -3.19 13.82
C CYS B 244 50.72 -2.46 13.29
N ARG B 245 51.57 -2.00 14.21
CA ARG B 245 52.78 -1.31 13.80
C ARG B 245 53.86 -2.28 13.35
N TYR B 246 53.90 -3.46 13.94
CA TYR B 246 54.86 -4.47 13.56
C TYR B 246 54.39 -5.12 12.26
N TYR B 247 55.09 -6.17 11.82
CA TYR B 247 54.68 -6.86 10.60
C TYR B 247 53.83 -8.06 10.98
N TRP B 248 52.54 -7.97 10.69
CA TRP B 248 51.57 -9.01 11.00
C TRP B 248 51.25 -9.84 9.77
N GLY B 249 51.91 -9.53 8.65
CA GLY B 249 51.72 -10.27 7.43
C GLY B 249 52.26 -11.68 7.52
N ASP B 250 52.22 -12.37 6.38
CA ASP B 250 52.68 -13.75 6.31
C ASP B 250 54.16 -13.82 5.96
N ILE B 251 54.59 -15.03 5.65
CA ILE B 251 55.93 -15.32 5.18
C ILE B 251 55.82 -16.30 4.03
N LYS B 252 56.56 -16.04 2.95
CA LYS B 252 56.46 -16.92 1.80
C LYS B 252 57.29 -18.17 2.03
N ASP B 253 58.60 -18.01 1.95
CA ASP B 253 59.53 -19.10 2.18
C ASP B 253 60.51 -18.66 3.26
N PRO B 254 61.09 -19.59 4.00
CA PRO B 254 62.07 -19.19 5.01
C PRO B 254 63.26 -18.45 4.40
N ALA B 255 63.39 -18.53 3.08
CA ALA B 255 64.28 -17.65 2.34
C ALA B 255 63.66 -16.30 2.03
N TYR B 256 62.34 -16.17 2.19
CA TYR B 256 61.67 -14.90 1.91
C TYR B 256 61.64 -13.97 3.12
N LEU B 257 61.94 -14.48 4.31
CA LEU B 257 62.01 -13.61 5.48
C LEU B 257 63.23 -12.72 5.46
N ALA B 258 64.29 -13.14 4.78
CA ALA B 258 65.49 -12.32 4.66
C ALA B 258 65.16 -10.98 4.03
N LYS B 259 64.50 -10.99 2.87
CA LYS B 259 64.14 -9.74 2.21
C LYS B 259 63.23 -8.89 3.06
N LEU B 260 62.33 -9.72 3.99
CA LEU B 260 61.33 -8.94 4.71
C LEU B 260 61.94 -8.39 5.99
N LEU B 261 63.35 -8.73 6.33
CA LEU B 261 64.06 -8.25 7.51
C LEU B 261 64.53 -6.82 7.34
N THR B 262 64.18 -6.18 6.23
CA THR B 262 64.56 -4.78 6.03
C THR B 262 63.74 -3.90 6.98
N ARG B 263 64.02 -2.61 7.02
CA ARG B 263 63.49 -1.80 8.11
C ARG B 263 62.59 -0.72 7.54
N GLN B 264 61.70 -0.21 8.37
CA GLN B 264 60.81 0.88 8.01
C GLN B 264 61.28 2.16 8.69
N ARG B 265 61.87 3.06 7.91
CA ARG B 265 62.38 4.31 8.47
C ARG B 265 61.22 5.17 8.97
N ARG B 266 61.45 5.84 10.09
CA ARG B 266 60.42 6.70 10.67
C ARG B 266 60.84 8.16 10.60
N HIS B 267 59.96 8.98 10.03
CA HIS B 267 60.22 10.40 9.89
C HIS B 267 60.34 11.09 11.24
N SER B 268 59.50 10.69 12.18
CA SER B 268 59.51 11.28 13.52
C SER B 268 60.80 11.06 14.30
N PHE B 269 61.36 9.85 14.25
CA PHE B 269 62.59 9.59 14.99
C PHE B 269 63.67 8.78 14.26
N GLU B 270 63.48 7.41 14.15
CA GLU B 270 64.51 6.55 13.60
C GLU B 270 63.89 5.28 13.03
N ASP B 271 64.71 4.54 12.28
CA ASP B 271 64.24 3.35 11.59
C ASP B 271 63.78 2.30 12.59
N ARG B 272 62.79 1.58 12.18
CA ARG B 272 62.25 0.56 13.07
C ARG B 272 61.73 -0.66 12.33
N GLU B 273 61.84 -1.81 12.96
CA GLU B 273 61.35 -3.02 12.34
C GLU B 273 60.60 -3.80 13.42
N LEU B 274 60.30 -5.07 13.15
CA LEU B 274 59.49 -5.88 14.05
C LEU B 274 60.32 -6.38 15.23
N PRO B 275 59.68 -6.84 16.30
CA PRO B 275 60.42 -7.24 17.50
C PRO B 275 61.05 -8.63 17.38
N LEU B 276 62.06 -8.86 18.22
CA LEU B 276 62.72 -10.15 18.42
C LEU B 276 63.37 -10.69 17.15
N PHE B 277 63.66 -9.83 16.18
CA PHE B 277 64.57 -10.08 15.07
C PHE B 277 64.34 -11.46 14.45
N ARG B 278 65.30 -12.28 14.39
CA ARG B 278 65.24 -13.61 13.77
C ARG B 278 64.60 -14.64 14.69
N ASP B 279 64.62 -14.38 16.01
CA ASP B 279 64.03 -15.35 16.93
C ASP B 279 62.52 -15.40 16.76
N SER B 280 61.89 -14.27 16.46
CA SER B 280 60.45 -14.30 16.24
C SER B 280 60.10 -14.99 14.93
N GLU B 281 61.08 -15.14 14.03
CA GLU B 281 60.82 -15.87 12.80
C GLU B 281 60.65 -17.37 13.07
N ASN B 282 61.61 -17.98 13.76
CA ASN B 282 61.48 -19.37 14.16
C ASN B 282 60.26 -19.54 15.05
N ALA B 283 60.39 -19.17 16.32
CA ALA B 283 59.29 -18.94 17.26
C ALA B 283 58.19 -19.99 17.17
N GLY B 284 56.93 -19.55 17.31
CA GLY B 284 55.81 -20.28 16.76
C GLY B 284 55.14 -19.51 15.64
N GLN B 285 55.51 -18.23 15.50
CA GLN B 285 54.83 -17.29 14.61
C GLN B 285 54.78 -17.78 13.17
N LEU B 286 55.92 -17.74 12.47
CA LEU B 286 56.03 -18.23 11.11
C LEU B 286 56.42 -19.70 11.24
N PHE B 287 55.49 -20.57 10.86
CA PHE B 287 55.55 -21.97 11.24
C PHE B 287 55.32 -22.85 9.99
N ASN B 288 55.61 -24.15 10.15
CA ASN B 288 55.39 -25.17 9.12
C ASN B 288 55.86 -24.62 7.76
N SER B 289 55.03 -24.76 6.74
CA SER B 289 55.16 -23.97 5.51
C SER B 289 54.20 -22.80 5.46
N ASP B 290 53.31 -22.65 6.46
CA ASP B 290 52.20 -21.71 6.34
C ASP B 290 52.60 -20.33 6.85
N GLY B 291 51.62 -19.44 6.92
CA GLY B 291 51.83 -18.06 7.31
C GLY B 291 51.96 -17.89 8.81
N GLU B 292 51.78 -16.66 9.29
CA GLU B 292 51.95 -16.40 10.71
C GLU B 292 50.87 -17.09 11.53
N GLN B 293 51.27 -17.67 12.65
CA GLN B 293 50.42 -18.58 13.41
C GLN B 293 49.75 -17.87 14.58
N ASP B 294 50.54 -17.49 15.59
CA ASP B 294 49.98 -16.84 16.77
C ASP B 294 49.36 -15.48 16.41
N VAL B 295 50.10 -14.67 15.65
CA VAL B 295 49.61 -13.40 15.11
C VAL B 295 49.25 -12.48 16.28
N GLY B 296 49.87 -12.86 17.38
CA GLY B 296 49.65 -11.96 18.49
C GLY B 296 48.19 -11.85 18.86
N ASN B 297 47.68 -10.62 18.78
CA ASN B 297 46.32 -10.34 19.15
C ASN B 297 45.36 -11.30 18.47
N PRO B 298 44.50 -11.97 19.22
CA PRO B 298 43.56 -12.91 18.61
C PRO B 298 42.56 -12.22 17.72
N LEU B 299 42.12 -11.02 18.09
CA LEU B 299 41.22 -10.27 17.24
C LEU B 299 41.81 -10.09 15.84
N LEU B 300 42.98 -9.47 15.75
CA LEU B 300 43.54 -9.13 14.47
C LEU B 300 43.67 -10.36 13.58
N ALA B 301 44.16 -11.46 14.13
CA ALA B 301 44.32 -12.68 13.37
C ALA B 301 43.02 -13.08 12.68
N SER B 302 41.91 -12.99 13.39
CA SER B 302 40.65 -13.46 12.85
C SER B 302 40.00 -12.47 11.91
N TRP B 303 40.02 -11.21 12.26
CA TRP B 303 39.29 -10.20 11.49
C TRP B 303 40.07 -9.69 10.29
N GLY B 304 41.37 -9.54 10.42
CA GLY B 304 42.12 -8.77 9.45
C GLY B 304 42.55 -9.52 8.22
N LYS B 305 41.92 -10.64 7.89
CA LYS B 305 42.41 -11.52 6.84
C LYS B 305 42.59 -10.81 5.51
N LEU B 306 41.94 -9.66 5.31
CA LEU B 306 42.16 -8.88 4.10
C LEU B 306 43.50 -8.15 4.15
N GLY B 307 43.64 -7.22 5.09
CA GLY B 307 44.84 -6.42 5.21
C GLY B 307 46.08 -7.29 5.29
N ARG B 308 45.91 -8.53 5.75
CA ARG B 308 46.97 -9.52 5.66
C ARG B 308 47.56 -9.51 4.27
N ASP B 309 46.79 -10.01 3.31
CA ASP B 309 47.29 -10.18 1.96
C ASP B 309 47.81 -8.88 1.38
N TYR B 310 47.13 -7.78 1.66
CA TYR B 310 47.53 -6.51 1.08
C TYR B 310 48.89 -6.07 1.59
N ILE B 311 49.04 -5.98 2.92
CA ILE B 311 50.32 -5.58 3.48
C ILE B 311 51.40 -6.58 3.07
N TYR B 312 51.01 -7.81 2.76
CA TYR B 312 51.96 -8.74 2.22
C TYR B 312 52.35 -8.37 0.81
N LEU B 313 51.44 -7.75 0.06
CA LEU B 313 51.83 -7.24 -1.25
C LEU B 313 52.78 -6.06 -1.11
N LEU B 314 52.39 -5.06 -0.34
CA LEU B 314 53.16 -3.83 -0.31
C LEU B 314 54.62 -4.07 0.03
N SER B 315 54.90 -5.00 0.94
CA SER B 315 56.28 -5.30 1.30
C SER B 315 57.03 -6.04 0.22
N ASP B 316 56.35 -6.50 -0.82
CA ASP B 316 57.01 -7.26 -1.86
C ASP B 316 57.58 -6.38 -2.96
N LEU B 317 57.40 -5.06 -2.87
CA LEU B 317 57.88 -4.15 -3.89
C LEU B 317 59.36 -3.86 -3.68
N GLU B 318 60.13 -3.96 -4.77
CA GLU B 318 61.58 -3.86 -4.67
C GLU B 318 62.03 -2.41 -4.47
N SER B 319 61.55 -1.52 -5.32
CA SER B 319 61.97 -0.13 -5.30
C SER B 319 61.26 0.71 -4.25
N SER B 320 60.26 0.14 -3.59
CA SER B 320 59.45 0.91 -2.66
C SER B 320 60.29 1.42 -1.50
N GLN B 321 60.03 2.66 -1.11
CA GLN B 321 60.60 3.24 0.10
C GLN B 321 59.49 3.40 1.12
N GLU B 322 59.54 2.60 2.18
CA GLU B 322 58.49 2.60 3.19
C GLU B 322 58.96 3.37 4.41
N LEU B 323 58.07 4.22 4.93
CA LEU B 323 58.31 4.88 6.20
C LEU B 323 57.03 4.85 7.02
N ASP B 324 57.18 4.86 8.34
CA ASP B 324 56.11 4.52 9.26
C ASP B 324 55.95 5.59 10.32
N ALA B 325 54.76 6.16 10.40
CA ALA B 325 54.40 7.08 11.46
C ALA B 325 53.24 6.46 12.25
N PHE B 326 53.53 6.00 13.45
CA PHE B 326 52.50 5.43 14.31
C PHE B 326 52.36 6.26 15.58
N VAL B 327 51.15 6.74 15.83
CA VAL B 327 50.89 7.50 17.04
C VAL B 327 50.42 6.52 18.10
N ASP B 328 51.24 6.33 19.12
CA ASP B 328 50.88 5.44 20.20
C ASP B 328 49.64 5.94 20.90
N VAL B 329 48.79 5.03 21.33
CA VAL B 329 47.60 5.37 22.09
C VAL B 329 47.81 4.92 23.53
N THR B 330 47.54 5.82 24.47
CA THR B 330 47.84 5.57 25.86
C THR B 330 46.67 4.85 26.51
N PRO B 331 46.83 3.62 26.98
CA PRO B 331 45.69 2.87 27.51
C PRO B 331 45.11 3.57 28.72
N ASP B 332 43.82 3.91 28.62
CA ASP B 332 43.05 4.34 29.79
C ASP B 332 41.67 3.70 29.77
N ASN B 333 40.85 4.08 28.80
CA ASN B 333 39.53 3.51 28.63
C ASN B 333 39.62 2.10 28.09
N LEU B 334 38.55 1.36 28.26
CA LEU B 334 38.48 0.03 27.66
C LEU B 334 38.80 0.09 26.18
N LEU B 335 38.12 0.97 25.45
CA LEU B 335 38.36 1.12 24.02
C LEU B 335 39.85 1.30 23.72
N HIS B 336 40.48 2.27 24.38
CA HIS B 336 41.90 2.49 24.12
C HIS B 336 42.73 1.28 24.51
N ASN B 337 42.27 0.50 25.49
CA ASN B 337 42.96 -0.73 25.80
C ASN B 337 42.92 -1.67 24.60
N ILE B 338 41.77 -1.74 23.94
CA ILE B 338 41.65 -2.65 22.81
C ILE B 338 42.45 -2.15 21.63
N GLN B 339 42.21 -0.91 21.22
CA GLN B 339 42.92 -0.36 20.08
C GLN B 339 44.42 -0.46 20.30
N SER B 340 44.86 -0.20 21.53
CA SER B 340 46.25 -0.44 21.90
C SER B 340 46.65 -1.88 21.63
N ASP B 341 46.03 -2.82 22.36
CA ASP B 341 46.41 -4.22 22.25
C ASP B 341 46.48 -4.68 20.82
N ILE B 342 45.65 -4.11 19.95
CA ILE B 342 45.79 -4.37 18.53
C ILE B 342 47.09 -3.74 18.03
N LEU B 343 47.37 -2.51 18.43
CA LEU B 343 48.50 -1.79 17.86
C LEU B 343 49.82 -2.49 18.13
N GLU B 344 50.15 -2.72 19.40
CA GLU B 344 51.45 -3.29 19.69
C GLU B 344 51.51 -4.77 19.45
N LEU B 345 50.39 -5.38 19.04
CA LEU B 345 50.35 -6.80 18.72
C LEU B 345 50.76 -7.64 19.93
N GLU B 346 49.87 -7.66 20.91
CA GLU B 346 50.06 -8.51 22.07
C GLU B 346 48.76 -9.21 22.38
N ASN B 347 48.85 -10.34 23.06
CA ASN B 347 47.67 -11.10 23.46
C ASN B 347 47.39 -10.84 24.93
N ARG B 348 46.28 -10.18 25.22
CA ARG B 348 45.90 -9.91 26.60
C ARG B 348 44.89 -10.91 27.14
N ALA B 349 44.54 -11.93 26.37
CA ALA B 349 43.52 -12.88 26.81
C ALA B 349 44.10 -13.80 27.86
N VAL B 350 43.39 -13.95 28.98
CA VAL B 350 43.80 -14.87 30.02
C VAL B 350 43.13 -16.20 29.75
N ALA B 351 43.93 -17.20 29.39
CA ALA B 351 43.37 -18.49 29.00
C ALA B 351 42.95 -19.31 30.21
N GLY B 352 43.68 -19.19 31.32
CA GLY B 352 43.52 -20.11 32.42
C GLY B 352 44.23 -21.41 32.08
N VAL B 353 45.40 -21.29 31.47
CA VAL B 353 46.15 -22.44 30.99
C VAL B 353 46.38 -23.45 32.12
N ASN B 354 46.79 -22.96 33.28
CA ASN B 354 47.00 -23.81 34.44
C ASN B 354 46.24 -23.25 35.64
N ILE B 355 46.09 -24.08 36.67
CA ILE B 355 45.15 -23.78 37.74
C ILE B 355 45.65 -22.60 38.59
N GLU B 356 46.94 -22.57 38.90
CA GLU B 356 47.48 -21.44 39.66
C GLU B 356 47.24 -20.13 38.91
N GLU B 357 47.37 -20.16 37.58
CA GLU B 357 46.92 -19.03 36.79
C GLU B 357 45.41 -18.89 36.85
N PHE B 358 44.70 -20.02 36.92
CA PHE B 358 43.26 -20.00 36.69
C PHE B 358 42.48 -19.46 37.88
N SER B 359 43.05 -19.49 39.09
CA SER B 359 42.29 -19.06 40.26
C SER B 359 42.22 -17.54 40.34
N ARG B 360 43.35 -16.91 40.64
CA ARG B 360 43.38 -15.46 40.78
C ARG B 360 43.01 -14.78 39.46
N SER B 361 42.12 -13.81 39.55
CA SER B 361 41.66 -13.08 38.39
C SER B 361 42.36 -11.74 38.17
N ASP B 362 43.21 -11.31 39.10
CA ASP B 362 43.66 -9.92 39.10
C ASP B 362 44.69 -9.63 38.03
N ASN B 363 45.25 -10.66 37.41
CA ASN B 363 46.24 -10.47 36.35
C ASN B 363 45.59 -10.13 35.02
N LYS B 364 44.27 -10.04 34.96
CA LYS B 364 43.61 -9.38 33.86
C LYS B 364 43.82 -7.87 34.01
N ARG B 365 43.33 -7.11 33.08
CA ARG B 365 43.45 -5.70 33.35
C ARG B 365 42.21 -5.22 34.09
N PRO B 366 42.34 -4.26 35.01
CA PRO B 366 41.16 -3.77 35.73
C PRO B 366 40.30 -2.90 34.84
N LEU B 367 39.00 -2.93 35.10
CA LEU B 367 38.04 -2.20 34.28
C LEU B 367 37.19 -1.28 35.14
N ASP B 368 37.29 0.01 34.90
CA ASP B 368 36.48 0.98 35.62
C ASP B 368 35.01 0.73 35.34
N PRO B 369 34.14 0.78 36.36
CA PRO B 369 32.71 0.63 36.09
C PRO B 369 32.13 1.78 35.31
N LEU B 370 32.85 2.89 35.20
CA LEU B 370 32.25 4.09 34.65
C LEU B 370 32.40 4.17 33.13
N ASP B 371 33.19 3.28 32.54
CA ASP B 371 33.58 3.46 31.14
C ASP B 371 32.44 3.12 30.19
N SER B 372 32.07 4.11 29.38
CA SER B 372 31.14 3.91 28.28
C SER B 372 31.85 3.72 26.95
N SER B 373 33.19 3.66 26.95
CA SER B 373 33.95 3.61 25.70
C SER B 373 33.43 2.53 24.77
N ILE B 374 33.35 1.29 25.25
CA ILE B 374 32.77 0.20 24.50
C ILE B 374 31.54 -0.29 25.24
N THR B 375 30.40 -0.28 24.56
CA THR B 375 29.16 -0.69 25.18
C THR B 375 28.38 -1.56 24.22
N PHE B 376 27.63 -2.50 24.78
CA PHE B 376 26.86 -3.48 24.05
C PHE B 376 25.42 -3.37 24.49
N HIS B 377 24.51 -3.39 23.55
CA HIS B 377 23.14 -3.06 23.85
C HIS B 377 22.21 -4.03 23.17
N VAL B 378 21.39 -4.68 23.96
CA VAL B 378 20.45 -5.68 23.48
C VAL B 378 19.07 -5.05 23.46
N CYS B 379 18.47 -4.98 22.29
CA CYS B 379 17.14 -4.43 22.18
C CYS B 379 16.20 -5.51 21.64
N HIS B 380 14.93 -5.16 21.48
CA HIS B 380 13.95 -6.08 20.94
C HIS B 380 13.65 -5.86 19.47
N SER B 381 13.20 -4.71 19.06
CA SER B 381 12.91 -4.61 17.64
C SER B 381 13.84 -3.59 17.01
N PRO B 382 13.83 -3.41 15.70
CA PRO B 382 14.65 -2.35 15.11
C PRO B 382 14.20 -1.00 15.60
N GLN B 383 12.88 -0.81 15.62
CA GLN B 383 12.26 0.36 16.21
C GLN B 383 12.83 0.68 17.57
N ARG B 384 12.53 -0.18 18.53
CA ARG B 384 13.00 0.02 19.90
C ARG B 384 14.49 0.27 19.93
N GLU B 385 15.25 -0.42 19.07
CA GLU B 385 16.69 -0.30 19.11
C GLU B 385 17.15 1.09 18.74
N VAL B 386 16.73 1.56 17.58
CA VAL B 386 17.06 2.93 17.19
C VAL B 386 16.63 3.90 18.28
N GLU B 387 15.46 3.64 18.88
CA GLU B 387 14.96 4.58 19.85
C GLU B 387 15.87 4.66 21.07
N VAL B 388 16.47 3.54 21.46
CA VAL B 388 17.46 3.58 22.53
C VAL B 388 18.70 4.33 22.06
N LEU B 389 19.18 4.01 20.85
CA LEU B 389 20.32 4.72 20.28
C LEU B 389 20.17 6.23 20.42
N HIS B 390 19.01 6.76 20.07
CA HIS B 390 18.80 8.20 20.19
C HIS B 390 19.14 8.69 21.58
N ASP B 391 18.54 8.08 22.59
CA ASP B 391 18.77 8.51 23.95
C ASP B 391 20.25 8.47 24.29
N ARG B 392 20.93 7.40 23.90
CA ARG B 392 22.34 7.31 24.26
C ARG B 392 23.17 8.35 23.53
N LEU B 393 22.77 8.73 22.32
CA LEU B 393 23.46 9.83 21.66
C LEU B 393 23.32 11.11 22.45
N LEU B 394 22.09 11.45 22.83
CA LEU B 394 21.92 12.65 23.65
C LEU B 394 22.80 12.59 24.88
N ALA B 395 22.71 11.50 25.64
CA ALA B 395 23.49 11.40 26.87
C ALA B 395 24.97 11.60 26.58
N MET B 396 25.46 11.05 25.47
CA MET B 396 26.86 11.23 25.13
C MET B 396 27.18 12.68 24.84
N LEU B 397 26.28 13.40 24.19
CA LEU B 397 26.51 14.81 23.94
C LEU B 397 26.56 15.59 25.24
N GLU B 398 25.62 15.30 26.14
CA GLU B 398 25.54 16.04 27.38
C GLU B 398 26.75 15.77 28.27
N GLU B 399 27.32 14.57 28.17
CA GLU B 399 28.36 14.17 29.10
C GLU B 399 29.72 14.78 28.76
N ASP B 400 29.94 15.18 27.52
CA ASP B 400 31.19 15.82 27.15
C ASP B 400 30.92 17.18 26.53
N PRO B 401 31.70 18.21 26.87
CA PRO B 401 31.36 19.56 26.40
C PRO B 401 31.51 19.74 24.91
N THR B 402 32.58 19.25 24.31
CA THR B 402 32.77 19.41 22.88
C THR B 402 32.44 18.07 22.25
N LEU B 403 31.23 17.97 21.72
CA LEU B 403 30.92 16.86 20.83
C LEU B 403 30.00 17.42 19.76
N THR B 404 30.42 17.35 18.56
CA THR B 404 29.55 17.84 17.51
C THR B 404 28.90 16.66 16.82
N PRO B 405 27.57 16.66 16.66
CA PRO B 405 26.91 15.54 16.01
C PRO B 405 27.52 15.16 14.69
N ARG B 406 28.25 16.08 14.06
CA ARG B 406 29.12 15.74 12.94
C ARG B 406 30.11 14.64 13.31
N ASP B 407 30.50 14.55 14.57
CA ASP B 407 31.54 13.61 15.00
C ASP B 407 30.99 12.22 15.27
N ILE B 408 29.71 12.00 15.04
CA ILE B 408 29.06 10.74 15.37
C ILE B 408 28.61 10.10 14.08
N ILE B 409 28.77 8.78 13.98
CA ILE B 409 28.30 8.04 12.84
C ILE B 409 27.48 6.87 13.33
N VAL B 410 26.55 6.43 12.52
CA VAL B 410 25.72 5.28 12.83
C VAL B 410 25.72 4.38 11.60
N MET B 411 26.15 3.15 11.78
CA MET B 411 26.28 2.23 10.68
C MET B 411 25.34 1.06 10.83
N VAL B 412 24.97 0.50 9.68
CA VAL B 412 23.88 -0.45 9.58
C VAL B 412 24.27 -1.53 8.59
N ALA B 413 23.77 -2.74 8.82
CA ALA B 413 23.98 -3.80 7.86
C ALA B 413 23.38 -3.44 6.51
N ASP B 414 22.08 -3.16 6.48
CA ASP B 414 21.43 -2.70 5.26
C ASP B 414 20.57 -1.49 5.56
N ILE B 415 20.95 -0.35 5.01
CA ILE B 415 20.38 0.92 5.44
C ILE B 415 18.91 1.02 5.09
N ASP B 416 18.45 0.36 4.03
CA ASP B 416 17.05 0.49 3.64
C ASP B 416 16.09 -0.20 4.58
N SER B 417 16.51 -1.26 5.26
CA SER B 417 15.69 -1.86 6.28
C SER B 417 15.48 -0.94 7.47
N TYR B 418 16.49 -0.17 7.84
CA TYR B 418 16.39 0.74 8.97
C TYR B 418 16.03 2.17 8.64
N SER B 419 15.86 2.51 7.37
CA SER B 419 15.58 3.90 7.07
C SER B 419 14.32 4.39 7.76
N PRO B 420 13.16 3.75 7.56
CA PRO B 420 11.92 4.32 8.08
C PRO B 420 11.96 4.56 9.58
N PHE B 421 12.60 3.67 10.32
CA PHE B 421 12.64 3.83 11.76
C PHE B 421 13.48 5.03 12.15
N ILE B 422 14.68 5.13 11.61
CA ILE B 422 15.52 6.31 11.82
C ILE B 422 14.72 7.57 11.55
N GLN B 423 14.15 7.66 10.36
CA GLN B 423 13.37 8.82 9.98
C GLN B 423 12.21 9.05 10.93
N ALA B 424 11.72 7.99 11.58
CA ALA B 424 10.64 8.15 12.55
C ALA B 424 11.12 8.79 13.85
N VAL B 425 12.14 8.20 14.48
CA VAL B 425 12.46 8.64 15.83
C VAL B 425 13.25 9.94 15.79
N PHE B 426 14.21 10.07 14.87
CA PHE B 426 14.89 11.34 14.80
C PHE B 426 13.96 12.44 14.33
N GLY B 427 12.90 12.09 13.63
CA GLY B 427 11.97 13.08 13.12
C GLY B 427 10.98 13.56 14.15
N SER B 428 10.53 12.65 15.01
CA SER B 428 9.49 13.01 15.98
C SER B 428 10.05 13.71 17.21
N ALA B 429 11.36 13.71 17.39
CA ALA B 429 11.98 14.29 18.58
C ALA B 429 11.57 15.75 18.75
N PRO B 430 11.19 16.15 19.96
CA PRO B 430 10.82 17.54 20.20
C PRO B 430 12.00 18.49 20.07
N ALA B 431 11.68 19.76 19.95
CA ALA B 431 12.64 20.82 19.63
C ALA B 431 13.90 20.74 20.49
N ASP B 432 13.76 21.01 21.78
CA ASP B 432 14.91 20.98 22.68
C ASP B 432 15.70 19.69 22.52
N ARG B 433 15.00 18.60 22.28
CA ARG B 433 15.62 17.30 22.13
C ARG B 433 16.19 17.11 20.74
N TYR B 434 15.54 17.66 19.73
CA TYR B 434 15.79 17.38 18.32
C TYR B 434 17.23 17.64 17.89
N LEU B 435 17.86 16.65 17.27
CA LEU B 435 19.18 16.84 16.69
C LEU B 435 19.18 16.42 15.23
N PRO B 436 19.94 17.10 14.40
CA PRO B 436 19.82 16.88 12.95
C PRO B 436 20.49 15.61 12.52
N TYR B 437 20.09 15.04 11.38
CA TYR B 437 20.66 13.79 10.90
C TYR B 437 20.69 13.79 9.39
N ALA B 438 21.52 12.91 8.84
CA ALA B 438 21.60 12.71 7.40
C ALA B 438 21.82 11.23 7.13
N ILE B 439 21.04 10.70 6.19
CA ILE B 439 21.13 9.29 5.84
C ILE B 439 21.76 9.19 4.46
N SER B 440 22.85 8.46 4.36
CA SER B 440 23.55 8.26 3.11
C SER B 440 23.41 6.82 2.69
N ASP B 441 23.54 6.59 1.39
CA ASP B 441 23.46 5.26 0.78
C ASP B 441 22.04 4.74 0.69
N ARG B 442 21.04 5.50 1.14
CA ARG B 442 19.68 5.14 0.76
C ARG B 442 19.62 4.94 -0.73
N ARG B 443 18.91 3.89 -1.14
CA ARG B 443 18.57 3.75 -2.53
C ARG B 443 17.93 5.05 -3.00
N ALA B 444 18.36 5.53 -4.15
CA ALA B 444 17.95 6.85 -4.58
C ALA B 444 16.66 6.72 -5.37
N ARG B 445 15.55 7.16 -4.77
CA ARG B 445 14.25 7.18 -5.42
C ARG B 445 13.81 8.63 -5.54
N GLN B 446 13.96 9.21 -6.74
CA GLN B 446 13.55 10.59 -6.93
C GLN B 446 12.07 10.68 -7.30
N SER B 447 11.63 9.82 -8.22
CA SER B 447 10.22 9.67 -8.50
C SER B 447 9.88 8.20 -8.49
N HIS B 448 9.14 7.79 -7.49
CA HIS B 448 8.60 6.45 -7.41
C HIS B 448 7.54 6.18 -8.47
N PRO B 449 6.48 6.97 -8.56
CA PRO B 449 5.31 6.50 -9.31
C PRO B 449 5.52 6.41 -10.81
N VAL B 450 6.15 7.41 -11.42
CA VAL B 450 6.27 7.40 -12.88
C VAL B 450 7.05 6.19 -13.34
N LEU B 451 8.15 5.89 -12.66
CA LEU B 451 8.94 4.73 -13.02
C LEU B 451 8.10 3.46 -12.95
N GLU B 452 7.45 3.24 -11.81
CA GLU B 452 6.69 2.03 -11.63
C GLU B 452 5.59 1.91 -12.67
N ALA B 453 4.75 2.94 -12.79
CA ALA B 453 3.70 2.93 -13.78
C ALA B 453 4.26 2.63 -15.17
N PHE B 454 5.40 3.21 -15.50
CA PHE B 454 5.97 2.97 -16.82
C PHE B 454 6.36 1.51 -16.99
N ILE B 455 7.06 0.95 -16.01
CA ILE B 455 7.42 -0.47 -16.12
C ILE B 455 6.18 -1.32 -16.31
N SER B 456 5.15 -1.05 -15.52
CA SER B 456 3.91 -1.76 -15.73
C SER B 456 3.39 -1.56 -17.16
N LEU B 457 3.67 -0.39 -17.75
CA LEU B 457 3.30 -0.19 -19.14
C LEU B 457 4.09 -1.10 -20.06
N LEU B 458 5.37 -1.33 -19.78
CA LEU B 458 6.07 -2.33 -20.57
C LEU B 458 5.50 -3.71 -20.34
N SER B 459 4.80 -3.91 -19.23
CA SER B 459 4.29 -5.24 -18.90
C SER B 459 2.96 -5.54 -19.55
N LEU B 460 2.40 -4.61 -20.32
CA LEU B 460 1.09 -4.83 -20.93
C LEU B 460 0.93 -6.15 -21.68
N PRO B 461 1.77 -6.47 -22.66
CA PRO B 461 1.48 -7.64 -23.51
C PRO B 461 1.15 -8.89 -22.74
N ASP B 462 1.71 -9.07 -21.56
CA ASP B 462 1.21 -10.10 -20.66
C ASP B 462 -0.09 -9.65 -20.02
N SER B 463 -0.15 -8.39 -19.60
CA SER B 463 -1.03 -8.01 -18.51
C SER B 463 -2.48 -8.39 -18.80
N ARG B 464 -3.17 -8.78 -17.74
CA ARG B 464 -4.55 -9.23 -17.80
C ARG B 464 -5.55 -8.10 -17.65
N PHE B 465 -5.09 -6.91 -17.27
CA PHE B 465 -5.93 -5.72 -17.19
C PHE B 465 -7.04 -5.90 -16.17
N VAL B 466 -6.66 -6.38 -15.00
CA VAL B 466 -7.59 -6.37 -13.88
C VAL B 466 -7.93 -4.93 -13.56
N SER B 467 -9.20 -4.69 -13.22
CA SER B 467 -9.70 -3.32 -13.06
C SER B 467 -8.81 -2.49 -12.15
N GLU B 468 -8.55 -2.99 -10.95
CA GLU B 468 -7.75 -2.22 -10.01
C GLU B 468 -6.37 -1.93 -10.60
N ASP B 469 -5.82 -2.86 -11.36
CA ASP B 469 -4.52 -2.64 -11.96
C ASP B 469 -4.54 -1.53 -12.98
N VAL B 470 -5.58 -1.45 -13.82
CA VAL B 470 -5.72 -0.32 -14.74
C VAL B 470 -5.89 0.98 -13.99
N LEU B 471 -6.71 1.00 -12.95
CA LEU B 471 -6.92 2.24 -12.22
C LEU B 471 -5.64 2.74 -11.57
N ALA B 472 -4.82 1.84 -11.05
CA ALA B 472 -3.53 2.25 -10.51
C ALA B 472 -2.73 3.06 -11.52
N LEU B 473 -2.88 2.79 -12.81
CA LEU B 473 -2.28 3.65 -13.81
C LEU B 473 -2.85 5.06 -13.76
N LEU B 474 -4.13 5.21 -13.42
CA LEU B 474 -4.69 6.54 -13.25
C LEU B 474 -4.29 7.19 -11.95
N ASP B 475 -3.92 6.40 -10.93
CA ASP B 475 -3.47 6.98 -9.69
C ASP B 475 -2.39 8.03 -9.93
N VAL B 476 -1.47 7.74 -10.84
CA VAL B 476 -0.38 8.64 -11.14
C VAL B 476 -0.96 9.88 -11.82
N PRO B 477 -0.82 11.06 -11.22
CA PRO B 477 -1.52 12.23 -11.75
C PRO B 477 -1.02 12.65 -13.12
N VAL B 478 0.18 12.25 -13.52
CA VAL B 478 0.62 12.60 -14.87
C VAL B 478 -0.12 11.79 -15.91
N LEU B 479 -0.13 10.47 -15.76
CA LEU B 479 -0.83 9.64 -16.73
C LEU B 479 -2.31 10.00 -16.81
N ALA B 480 -2.86 10.58 -15.76
CA ALA B 480 -4.19 11.16 -15.88
C ALA B 480 -4.13 12.49 -16.62
N ALA B 481 -3.10 13.28 -16.35
CA ALA B 481 -2.98 14.60 -16.97
C ALA B 481 -2.95 14.49 -18.48
N ARG B 482 -2.19 13.55 -19.02
CA ARG B 482 -2.19 13.29 -20.44
C ARG B 482 -3.60 13.08 -20.96
N PHE B 483 -4.41 12.34 -20.21
CA PHE B 483 -5.77 12.02 -20.56
C PHE B 483 -6.79 12.94 -19.89
N ASP B 484 -6.30 14.00 -19.27
CA ASP B 484 -7.08 15.09 -18.66
C ASP B 484 -8.24 14.58 -17.82
N ILE B 485 -7.94 13.58 -16.99
CA ILE B 485 -8.90 13.11 -16.00
C ILE B 485 -8.51 13.71 -14.67
N THR B 486 -9.31 14.65 -14.19
CA THR B 486 -9.03 15.34 -12.94
C THR B 486 -9.19 14.38 -11.77
N GLU B 487 -8.62 14.80 -10.63
CA GLU B 487 -8.73 13.98 -9.43
C GLU B 487 -10.17 13.90 -8.94
N GLU B 488 -10.92 14.99 -9.10
CA GLU B 488 -12.31 14.96 -8.67
C GLU B 488 -13.11 13.97 -9.50
N GLY B 489 -12.93 13.99 -10.81
CA GLY B 489 -13.63 13.05 -11.66
C GLY B 489 -13.18 11.62 -11.43
N LEU B 490 -11.95 11.44 -10.97
CA LEU B 490 -11.44 10.10 -10.77
C LEU B 490 -12.15 9.37 -9.64
N ARG B 491 -12.81 10.10 -8.74
CA ARG B 491 -13.70 9.44 -7.79
C ARG B 491 -14.81 8.69 -8.52
N TYR B 492 -15.28 9.23 -9.62
CA TYR B 492 -16.34 8.58 -10.38
C TYR B 492 -15.88 7.31 -11.07
N LEU B 493 -14.73 7.36 -11.74
CA LEU B 493 -14.23 6.16 -12.38
C LEU B 493 -13.91 5.06 -11.40
N ARG B 494 -13.96 5.34 -10.10
CA ARG B 494 -13.84 4.26 -9.14
C ARG B 494 -15.17 3.55 -8.97
N GLN B 495 -16.26 4.28 -8.86
CA GLN B 495 -17.53 3.59 -8.69
C GLN B 495 -18.03 3.02 -10.00
N TRP B 496 -17.97 3.80 -11.07
CA TRP B 496 -18.47 3.34 -12.36
C TRP B 496 -17.85 2.01 -12.73
N VAL B 497 -16.52 1.97 -12.79
CA VAL B 497 -15.83 0.71 -13.05
C VAL B 497 -16.35 -0.39 -12.14
N ASN B 498 -16.45 -0.10 -10.85
CA ASN B 498 -17.00 -1.10 -9.94
C ASN B 498 -18.41 -1.46 -10.35
N GLU B 499 -19.26 -0.45 -10.52
CA GLU B 499 -20.68 -0.70 -10.65
C GLU B 499 -21.04 -1.18 -12.04
N SER B 500 -20.25 -0.79 -13.04
CA SER B 500 -20.61 -1.11 -14.42
C SER B 500 -20.11 -2.48 -14.82
N GLY B 501 -19.52 -3.20 -13.89
CA GLY B 501 -19.17 -4.57 -14.18
C GLY B 501 -17.97 -4.71 -15.09
N ILE B 502 -16.92 -3.99 -14.78
CA ILE B 502 -15.66 -4.13 -15.47
C ILE B 502 -14.67 -4.85 -14.60
N ARG B 503 -14.29 -6.06 -15.00
CA ARG B 503 -13.42 -6.86 -14.17
C ARG B 503 -12.26 -7.47 -14.96
N TRP B 504 -12.59 -8.31 -15.92
CA TRP B 504 -11.62 -9.14 -16.61
C TRP B 504 -10.89 -8.31 -17.66
N GLY B 505 -10.21 -8.97 -18.59
CA GLY B 505 -9.38 -8.30 -19.56
C GLY B 505 -10.11 -7.35 -20.50
N ILE B 506 -9.36 -6.72 -21.41
CA ILE B 506 -9.80 -5.48 -22.03
C ILE B 506 -10.83 -5.73 -23.12
N ASP B 507 -10.60 -6.74 -23.93
CA ASP B 507 -11.40 -6.89 -25.12
C ASP B 507 -11.97 -8.30 -25.16
N ASP B 508 -12.75 -8.58 -26.19
CA ASP B 508 -13.07 -9.96 -26.47
C ASP B 508 -11.83 -10.68 -26.99
N ASP B 509 -11.06 -10.00 -27.85
CA ASP B 509 -9.87 -10.62 -28.39
C ASP B 509 -8.90 -11.01 -27.28
N ASN B 510 -8.62 -10.09 -26.36
CA ASN B 510 -7.69 -10.39 -25.28
C ASN B 510 -8.13 -11.61 -24.51
N VAL B 511 -9.43 -11.87 -24.43
CA VAL B 511 -9.91 -13.08 -23.79
C VAL B 511 -9.40 -14.30 -24.52
N ARG B 512 -9.65 -14.38 -25.82
CA ARG B 512 -9.26 -15.56 -26.58
C ARG B 512 -7.75 -15.70 -26.70
N GLU B 513 -7.03 -14.60 -26.53
CA GLU B 513 -5.57 -14.69 -26.55
C GLU B 513 -5.07 -15.57 -25.42
N LEU B 514 -5.72 -15.50 -24.27
CA LEU B 514 -5.37 -16.35 -23.14
C LEU B 514 -6.09 -17.68 -23.19
N GLU B 515 -6.81 -17.94 -24.29
CA GLU B 515 -7.47 -19.21 -24.51
C GLU B 515 -8.61 -19.44 -23.51
N LEU B 516 -9.07 -18.42 -22.96
CA LEU B 516 -10.29 -18.62 -22.22
C LEU B 516 -11.49 -18.37 -23.10
N PRO B 517 -12.54 -19.17 -22.95
CA PRO B 517 -13.67 -19.08 -23.86
C PRO B 517 -14.19 -17.67 -23.93
N ALA B 518 -14.44 -17.21 -25.15
CA ALA B 518 -14.98 -15.88 -25.33
C ALA B 518 -16.33 -15.79 -24.65
N THR B 519 -16.45 -14.84 -23.76
CA THR B 519 -17.69 -14.59 -23.04
C THR B 519 -18.47 -13.42 -23.62
N GLY B 520 -17.87 -12.24 -23.68
CA GLY B 520 -18.59 -11.08 -24.17
C GLY B 520 -19.13 -10.25 -23.03
N GLN B 521 -18.78 -10.60 -21.79
CA GLN B 521 -19.17 -9.76 -20.68
C GLN B 521 -17.96 -9.52 -19.80
N HIS B 522 -18.05 -8.50 -18.95
CA HIS B 522 -17.05 -8.24 -17.93
C HIS B 522 -15.71 -7.88 -18.52
N THR B 523 -15.72 -7.26 -19.68
CA THR B 523 -14.51 -6.74 -20.30
C THR B 523 -14.65 -5.25 -20.48
N TRP B 524 -13.51 -4.56 -20.48
CA TRP B 524 -13.53 -3.11 -20.61
C TRP B 524 -14.32 -2.68 -21.84
N ARG B 525 -14.39 -3.53 -22.86
CA ARG B 525 -15.33 -3.27 -23.94
C ARG B 525 -16.76 -3.38 -23.45
N PHE B 526 -17.08 -4.48 -22.77
CA PHE B 526 -18.42 -4.64 -22.21
C PHE B 526 -18.77 -3.47 -21.31
N GLY B 527 -17.86 -3.11 -20.43
CA GLY B 527 -18.15 -2.04 -19.50
C GLY B 527 -18.33 -0.71 -20.19
N LEU B 528 -17.38 -0.33 -21.04
CA LEU B 528 -17.48 0.94 -21.74
C LEU B 528 -18.75 1.02 -22.55
N THR B 529 -18.97 0.06 -23.45
CA THR B 529 -20.21 0.01 -24.21
C THR B 529 -21.41 0.16 -23.30
N ARG B 530 -21.35 -0.47 -22.13
CA ARG B 530 -22.42 -0.35 -21.17
C ARG B 530 -22.54 1.09 -20.66
N MET B 531 -21.42 1.79 -20.54
CA MET B 531 -21.44 3.16 -20.05
C MET B 531 -22.01 4.11 -21.09
N LEU B 532 -21.43 4.09 -22.29
CA LEU B 532 -21.92 4.93 -23.38
C LEU B 532 -23.39 4.69 -23.62
N LEU B 533 -23.74 3.43 -23.89
CA LEU B 533 -25.15 3.09 -24.05
C LEU B 533 -25.95 3.58 -22.85
N GLY B 534 -25.31 3.62 -21.68
CA GLY B 534 -25.94 4.26 -20.55
C GLY B 534 -26.11 5.76 -20.75
N TYR B 535 -25.26 6.34 -21.59
CA TYR B 535 -25.38 7.77 -21.83
C TYR B 535 -26.50 8.07 -22.81
N ALA B 536 -26.67 7.24 -23.83
CA ALA B 536 -27.67 7.55 -24.84
C ALA B 536 -29.08 7.27 -24.33
N MET B 537 -29.27 6.11 -23.73
CA MET B 537 -30.60 5.62 -23.41
C MET B 537 -30.69 5.24 -21.95
N GLU B 538 -31.79 5.65 -21.33
CA GLU B 538 -32.07 5.28 -19.95
C GLU B 538 -32.13 3.75 -19.82
N SER B 539 -31.73 3.27 -18.65
CA SER B 539 -31.71 1.82 -18.42
C SER B 539 -33.10 1.22 -18.41
N ALA B 540 -34.09 1.99 -17.98
CA ALA B 540 -35.43 1.45 -17.86
C ALA B 540 -36.05 1.15 -19.21
N GLN B 541 -35.52 1.75 -20.27
CA GLN B 541 -36.01 1.42 -21.61
C GLN B 541 -35.78 -0.04 -21.93
N GLY B 542 -34.55 -0.51 -21.77
CA GLY B 542 -34.31 -1.93 -21.82
C GLY B 542 -32.97 -2.29 -22.40
N GLU B 543 -32.73 -3.58 -22.60
CA GLU B 543 -31.51 -4.02 -23.25
C GLU B 543 -31.57 -3.69 -24.73
N TRP B 544 -30.41 -3.65 -25.38
CA TRP B 544 -30.36 -3.35 -26.81
C TRP B 544 -29.71 -4.48 -27.53
N GLN B 545 -28.39 -4.64 -27.50
CA GLN B 545 -27.71 -5.75 -28.16
C GLN B 545 -27.52 -6.92 -27.21
N SER B 546 -28.33 -6.89 -26.15
CA SER B 546 -28.09 -7.62 -24.91
C SER B 546 -26.93 -6.99 -24.17
N VAL B 547 -26.96 -5.67 -24.09
CA VAL B 547 -26.19 -4.90 -23.14
C VAL B 547 -27.18 -3.99 -22.44
N LEU B 548 -27.09 -3.95 -21.12
CA LEU B 548 -27.97 -3.10 -20.36
C LEU B 548 -27.33 -1.74 -20.18
N PRO B 549 -27.95 -0.67 -20.66
CA PRO B 549 -27.36 0.66 -20.49
C PRO B 549 -27.13 0.95 -19.03
N TYR B 550 -25.96 1.51 -18.73
CA TYR B 550 -25.61 1.83 -17.36
C TYR B 550 -26.02 3.26 -17.05
N ASP B 551 -27.00 3.40 -16.16
CA ASP B 551 -27.72 4.67 -16.06
C ASP B 551 -26.83 5.80 -15.54
N GLU B 552 -25.87 5.49 -14.67
CA GLU B 552 -25.28 6.53 -13.83
C GLU B 552 -24.67 7.70 -14.58
N SER B 553 -24.04 7.48 -15.74
CA SER B 553 -23.55 8.68 -16.38
C SER B 553 -24.51 9.05 -17.48
N SER B 554 -25.43 9.96 -17.17
CA SER B 554 -26.33 10.50 -18.16
C SER B 554 -26.04 11.93 -18.57
N GLY B 555 -25.16 12.64 -17.89
CA GLY B 555 -25.07 14.06 -18.07
C GLY B 555 -23.81 14.53 -18.76
N LEU B 556 -23.42 15.75 -18.45
CA LEU B 556 -22.19 16.32 -18.97
C LEU B 556 -21.07 15.52 -18.31
N ILE B 557 -21.29 15.06 -17.08
CA ILE B 557 -20.26 14.28 -16.41
C ILE B 557 -19.73 13.20 -17.34
N ALA B 558 -20.59 12.67 -18.20
CA ALA B 558 -20.26 11.53 -19.03
C ALA B 558 -19.06 11.81 -19.90
N GLU B 559 -18.66 13.09 -19.97
CA GLU B 559 -17.43 13.44 -20.65
C GLU B 559 -16.30 12.51 -20.26
N LEU B 560 -16.14 12.27 -18.95
CA LEU B 560 -15.05 11.44 -18.47
C LEU B 560 -14.97 10.13 -19.22
N VAL B 561 -16.13 9.55 -19.53
CA VAL B 561 -16.14 8.26 -20.23
C VAL B 561 -15.32 8.35 -21.50
N GLY B 562 -15.60 9.35 -22.31
CA GLY B 562 -14.85 9.51 -23.55
C GLY B 562 -13.36 9.59 -23.30
N HIS B 563 -12.96 10.28 -22.22
CA HIS B 563 -11.56 10.29 -21.86
C HIS B 563 -11.09 8.90 -21.48
N LEU B 564 -11.84 8.23 -20.60
CA LEU B 564 -11.50 6.87 -20.23
C LEU B 564 -11.32 5.99 -21.46
N ALA B 565 -12.33 5.97 -22.31
CA ALA B 565 -12.29 5.15 -23.52
C ALA B 565 -11.13 5.53 -24.42
N SER B 566 -10.57 6.73 -24.27
CA SER B 566 -9.41 7.07 -25.08
C SER B 566 -8.15 6.46 -24.50
N LEU B 567 -8.07 6.38 -23.18
CA LEU B 567 -7.02 5.61 -22.52
C LEU B 567 -6.97 4.19 -23.02
N LEU B 568 -8.08 3.45 -22.87
CA LEU B 568 -8.04 2.02 -23.14
C LEU B 568 -7.66 1.73 -24.57
N MET B 569 -8.19 2.49 -25.52
CA MET B 569 -7.78 2.33 -26.90
C MET B 569 -6.25 2.31 -27.00
N GLN B 570 -5.60 3.31 -26.43
CA GLN B 570 -4.14 3.30 -26.40
C GLN B 570 -3.62 2.04 -25.76
N LEU B 571 -4.09 1.74 -24.55
CA LEU B 571 -3.68 0.52 -23.89
C LEU B 571 -3.85 -0.67 -24.82
N ASN B 572 -4.91 -0.68 -25.60
CA ASN B 572 -5.08 -1.76 -26.54
C ASN B 572 -4.00 -1.71 -27.62
N ILE B 573 -3.89 -0.58 -28.30
CA ILE B 573 -2.98 -0.46 -29.43
C ILE B 573 -1.59 -0.93 -29.03
N TRP B 574 -1.05 -0.38 -27.96
CA TRP B 574 0.32 -0.71 -27.61
C TRP B 574 0.49 -2.17 -27.24
N ARG B 575 -0.51 -2.81 -26.64
CA ARG B 575 -0.27 -4.20 -26.29
C ARG B 575 -0.13 -5.06 -27.54
N ARG B 576 -0.62 -4.56 -28.66
CA ARG B 576 -0.36 -5.24 -29.92
C ARG B 576 1.02 -4.86 -30.46
N GLY B 577 1.40 -3.59 -30.31
CA GLY B 577 2.63 -3.14 -30.91
C GLY B 577 3.86 -3.70 -30.24
N LEU B 578 3.74 -4.08 -28.98
CA LEU B 578 4.87 -4.59 -28.22
C LEU B 578 5.06 -6.09 -28.35
N ALA B 579 4.09 -6.81 -28.90
CA ALA B 579 4.12 -8.26 -28.84
C ALA B 579 5.34 -8.84 -29.55
N GLN B 580 5.48 -8.54 -30.83
CA GLN B 580 6.49 -9.21 -31.64
C GLN B 580 7.90 -8.80 -31.21
N GLU B 581 8.81 -9.76 -31.30
CA GLU B 581 10.22 -9.45 -31.08
C GLU B 581 10.69 -8.47 -32.13
N ARG B 582 11.78 -7.77 -31.81
CA ARG B 582 12.34 -6.78 -32.73
C ARG B 582 13.85 -6.78 -32.55
N PRO B 583 14.60 -6.49 -33.61
CA PRO B 583 15.99 -6.08 -33.42
C PRO B 583 16.05 -4.78 -32.65
N LEU B 584 17.24 -4.48 -32.11
CA LEU B 584 17.36 -3.35 -31.20
C LEU B 584 16.99 -2.03 -31.85
N GLU B 585 17.66 -1.69 -32.94
CA GLU B 585 17.42 -0.39 -33.56
C GLU B 585 15.96 -0.24 -33.93
N GLU B 586 15.20 -1.33 -33.91
CA GLU B 586 13.76 -1.21 -33.91
C GLU B 586 13.22 -0.86 -32.54
N TRP B 587 13.93 -1.22 -31.46
CA TRP B 587 13.48 -0.82 -30.14
C TRP B 587 13.91 0.59 -29.75
N LEU B 588 14.88 1.18 -30.45
CA LEU B 588 15.26 2.55 -30.10
C LEU B 588 14.10 3.52 -30.06
N PRO B 589 13.29 3.68 -31.11
CA PRO B 589 12.26 4.72 -31.08
C PRO B 589 11.13 4.48 -30.10
N VAL B 590 10.99 3.26 -29.58
CA VAL B 590 9.77 2.90 -28.86
C VAL B 590 9.57 3.76 -27.62
N CYS B 591 10.55 3.75 -26.72
CA CYS B 591 10.36 4.34 -25.39
C CYS B 591 9.90 5.80 -25.49
N ARG B 592 10.28 6.48 -26.56
CA ARG B 592 9.86 7.86 -26.72
C ARG B 592 8.39 7.93 -27.07
N ASP B 593 7.98 7.17 -28.08
CA ASP B 593 6.58 7.11 -28.46
C ASP B 593 5.71 6.75 -27.26
N MET B 594 6.20 5.84 -26.42
CA MET B 594 5.41 5.42 -25.28
C MET B 594 5.34 6.50 -24.22
N LEU B 595 6.49 7.05 -23.84
CA LEU B 595 6.48 8.11 -22.83
C LEU B 595 5.61 9.28 -23.27
N ASN B 596 5.93 9.89 -24.39
CA ASN B 596 5.13 11.03 -24.82
C ASN B 596 3.71 10.63 -25.17
N ALA B 597 3.47 9.37 -25.46
CA ALA B 597 2.11 8.88 -25.69
C ALA B 597 1.26 8.91 -24.43
N PHE B 598 1.70 8.24 -23.37
CA PHE B 598 0.91 8.12 -22.16
C PHE B 598 1.09 9.24 -21.14
N PHE B 599 2.13 10.05 -21.24
CA PHE B 599 2.49 10.95 -20.17
C PHE B 599 2.50 12.39 -20.64
N LEU B 600 2.09 13.28 -19.75
CA LEU B 600 2.24 14.72 -19.96
C LEU B 600 3.28 15.20 -18.96
N PRO B 601 4.48 15.53 -19.41
CA PRO B 601 5.53 15.89 -18.46
C PRO B 601 5.19 17.11 -17.62
N ASP B 602 5.91 17.29 -16.52
CA ASP B 602 5.66 18.43 -15.64
C ASP B 602 6.98 18.83 -14.99
N ALA B 603 6.94 19.90 -14.19
CA ALA B 603 8.16 20.41 -13.57
C ALA B 603 8.84 19.36 -12.72
N GLU B 604 8.06 18.55 -12.00
CA GLU B 604 8.66 17.49 -11.22
C GLU B 604 9.13 16.34 -12.10
N THR B 605 8.30 15.94 -13.07
CA THR B 605 8.50 14.64 -13.70
C THR B 605 9.64 14.66 -14.71
N GLU B 606 9.79 15.77 -15.44
CA GLU B 606 10.73 15.79 -16.57
C GLU B 606 12.09 15.25 -16.17
N ALA B 607 12.53 15.55 -14.95
CA ALA B 607 13.74 14.92 -14.43
C ALA B 607 13.63 13.41 -14.51
N ALA B 608 12.49 12.86 -14.11
CA ALA B 608 12.32 11.41 -14.12
C ALA B 608 12.28 10.87 -15.54
N MET B 609 11.41 11.44 -16.38
CA MET B 609 11.26 10.91 -17.72
C MET B 609 12.57 10.97 -18.50
N THR B 610 13.32 12.05 -18.35
CA THR B 610 14.64 12.11 -18.97
C THR B 610 15.52 10.98 -18.47
N LEU B 611 15.41 10.61 -17.19
CA LEU B 611 16.17 9.47 -16.70
C LEU B 611 15.71 8.18 -17.36
N ILE B 612 14.41 8.07 -17.62
CA ILE B 612 13.91 6.86 -18.28
C ILE B 612 14.50 6.73 -19.67
N GLU B 613 14.32 7.75 -20.50
CA GLU B 613 14.91 7.71 -21.84
C GLU B 613 16.40 7.47 -21.78
N GLN B 614 17.09 8.23 -20.93
CA GLN B 614 18.53 8.11 -20.83
C GLN B 614 18.95 6.68 -20.53
N GLN B 615 18.32 6.06 -19.55
CA GLN B 615 18.71 4.71 -19.16
C GLN B 615 18.36 3.71 -20.26
N TRP B 616 17.11 3.72 -20.71
CA TRP B 616 16.68 2.86 -21.79
C TRP B 616 17.65 2.92 -22.97
N GLN B 617 17.75 4.10 -23.56
CA GLN B 617 18.60 4.28 -24.72
C GLN B 617 20.06 3.96 -24.41
N ALA B 618 20.46 4.07 -23.15
CA ALA B 618 21.77 3.59 -22.77
C ALA B 618 21.87 2.09 -22.93
N ILE B 619 20.83 1.37 -22.50
CA ILE B 619 20.82 -0.09 -22.67
C ILE B 619 20.93 -0.44 -24.14
N ILE B 620 19.99 0.07 -24.94
CA ILE B 620 19.98 -0.32 -26.34
C ILE B 620 21.30 0.06 -26.99
N ALA B 621 21.81 1.25 -26.70
CA ALA B 621 23.09 1.64 -27.28
C ALA B 621 24.18 0.65 -26.92
N GLU B 622 24.22 0.23 -25.65
CA GLU B 622 25.13 -0.85 -25.26
C GLU B 622 24.96 -2.04 -26.19
N GLY B 623 23.71 -2.34 -26.55
CA GLY B 623 23.48 -3.48 -27.43
C GLY B 623 24.02 -3.25 -28.83
N LEU B 624 23.61 -2.17 -29.47
CA LEU B 624 24.00 -1.91 -30.85
C LEU B 624 25.51 -1.85 -30.99
N GLY B 625 26.17 -1.09 -30.12
CA GLY B 625 27.61 -0.98 -30.21
C GLY B 625 28.31 -2.31 -30.11
N ALA B 626 27.62 -3.31 -29.59
CA ALA B 626 28.14 -4.66 -29.52
C ALA B 626 27.82 -5.48 -30.74
N GLN B 627 27.04 -4.95 -31.68
CA GLN B 627 26.66 -5.66 -32.90
C GLN B 627 25.87 -6.93 -32.58
N TYR B 628 24.63 -6.75 -32.16
CA TYR B 628 23.75 -7.87 -31.87
C TYR B 628 22.53 -7.80 -32.79
N GLY B 629 22.44 -8.74 -33.72
CA GLY B 629 21.41 -8.73 -34.75
C GLY B 629 20.03 -9.24 -34.39
N ASP B 630 19.94 -10.34 -33.65
CA ASP B 630 18.69 -11.09 -33.54
C ASP B 630 17.57 -10.23 -32.96
N ALA B 631 16.34 -10.57 -33.35
CA ALA B 631 15.18 -9.94 -32.76
C ALA B 631 15.16 -10.20 -31.27
N VAL B 632 14.61 -9.26 -30.51
CA VAL B 632 14.71 -9.36 -29.06
C VAL B 632 13.32 -9.31 -28.47
N PRO B 633 13.01 -10.13 -27.48
CA PRO B 633 11.72 -10.01 -26.81
C PRO B 633 11.75 -8.86 -25.82
N LEU B 634 10.58 -8.27 -25.62
CA LEU B 634 10.49 -7.13 -24.72
C LEU B 634 10.83 -7.54 -23.30
N SER B 635 10.40 -8.73 -22.88
CA SER B 635 10.64 -9.18 -21.52
C SER B 635 12.12 -9.24 -21.18
N LEU B 636 13.00 -9.19 -22.17
CA LEU B 636 14.41 -9.07 -21.88
C LEU B 636 14.75 -7.67 -21.41
N LEU B 637 14.28 -6.66 -22.13
CA LEU B 637 14.65 -5.29 -21.79
C LEU B 637 13.90 -4.79 -20.57
N ARG B 638 12.62 -5.11 -20.47
CA ARG B 638 11.82 -4.61 -19.36
C ARG B 638 12.47 -4.91 -18.03
N ASP B 639 13.11 -6.07 -17.91
CA ASP B 639 13.73 -6.48 -16.66
C ASP B 639 15.18 -6.07 -16.58
N GLU B 640 15.77 -5.59 -17.66
CA GLU B 640 17.04 -4.90 -17.56
C GLU B 640 16.84 -3.51 -17.00
N LEU B 641 15.89 -2.79 -17.58
CA LEU B 641 15.66 -1.40 -17.19
C LEU B 641 15.22 -1.28 -15.75
N ALA B 642 14.44 -2.23 -15.24
CA ALA B 642 14.10 -2.21 -13.83
C ALA B 642 15.33 -2.18 -12.96
N GLN B 643 16.31 -3.03 -13.29
CA GLN B 643 17.59 -3.06 -12.61
C GLN B 643 18.35 -1.77 -12.79
N ARG B 644 18.22 -1.14 -13.96
CA ARG B 644 18.98 0.07 -14.22
C ARG B 644 18.44 1.29 -13.48
N LEU B 645 17.14 1.37 -13.24
CA LEU B 645 16.58 2.57 -12.65
C LEU B 645 16.83 2.69 -11.15
N ASP B 646 16.91 1.57 -10.42
CA ASP B 646 17.15 1.63 -8.99
C ASP B 646 18.62 1.49 -8.62
N GLN B 647 19.48 1.32 -9.60
CA GLN B 647 20.90 1.10 -9.34
C GLN B 647 21.54 2.28 -8.64
N GLU B 648 20.95 3.46 -8.75
CA GLU B 648 21.62 4.68 -8.31
C GLU B 648 21.49 4.88 -6.81
N ARG B 649 22.49 5.52 -6.23
CA ARG B 649 22.50 5.83 -4.81
C ARG B 649 22.83 7.30 -4.62
N ILE B 650 22.33 7.89 -3.54
CA ILE B 650 22.60 9.27 -3.21
C ILE B 650 23.37 9.36 -1.90
N SER B 651 24.66 9.68 -2.00
CA SER B 651 25.54 9.85 -0.85
C SER B 651 25.77 11.31 -0.49
N GLN B 652 25.09 12.24 -1.18
CA GLN B 652 25.48 13.64 -1.21
C GLN B 652 25.78 14.21 0.18
N ARG B 653 24.87 13.99 1.13
CA ARG B 653 24.84 14.76 2.37
C ARG B 653 25.75 14.16 3.44
N PHE B 654 26.58 13.22 3.03
CA PHE B 654 27.31 12.35 3.96
C PHE B 654 27.95 13.12 5.12
N LEU B 655 28.91 13.96 4.78
CA LEU B 655 29.68 14.76 5.73
C LEU B 655 29.20 16.19 5.91
N ALA B 656 27.94 16.44 5.59
CA ALA B 656 27.37 17.78 5.70
C ALA B 656 27.52 18.22 7.16
N GLY B 657 27.37 17.27 8.07
CA GLY B 657 27.51 17.53 9.49
C GLY B 657 26.38 17.01 10.34
N PRO B 658 25.20 16.69 9.67
CA PRO B 658 24.15 16.14 10.55
C PRO B 658 24.63 14.75 10.94
N VAL B 659 24.41 14.32 12.18
CA VAL B 659 24.87 12.99 12.55
C VAL B 659 24.67 12.05 11.38
N ASN B 660 25.60 11.14 11.19
CA ASN B 660 25.72 10.39 9.95
C ASN B 660 25.11 9.01 10.14
N ILE B 661 24.17 8.66 9.27
CA ILE B 661 23.61 7.33 9.21
C ILE B 661 24.03 6.75 7.88
N CYS B 662 24.55 5.53 7.87
CA CYS B 662 24.93 4.98 6.57
C CYS B 662 25.38 3.55 6.73
N THR B 663 25.33 2.81 5.62
CA THR B 663 25.73 1.42 5.62
C THR B 663 27.25 1.30 5.62
N LEU B 664 27.74 0.13 5.97
CA LEU B 664 29.19 -0.08 6.03
C LEU B 664 29.71 -0.31 4.62
N MET B 665 30.55 0.60 4.13
CA MET B 665 31.08 0.53 2.79
C MET B 665 32.55 0.18 2.82
N PRO B 666 33.00 -0.81 2.07
CA PRO B 666 34.43 -1.10 1.99
C PRO B 666 35.22 0.13 1.59
N MET B 667 36.45 0.22 2.13
CA MET B 667 37.44 1.20 1.73
C MET B 667 37.04 2.62 2.11
N ARG B 668 35.87 2.78 2.73
CA ARG B 668 35.53 4.04 3.39
C ARG B 668 35.71 3.87 4.89
N SER B 669 36.77 4.48 5.40
CA SER B 669 37.02 4.53 6.84
C SER B 669 37.42 5.95 7.21
N ILE B 670 36.57 6.62 7.98
CA ILE B 670 36.79 8.00 8.38
C ILE B 670 36.92 8.03 9.90
N PRO B 671 38.07 8.43 10.44
CA PRO B 671 38.20 8.57 11.88
C PRO B 671 37.08 9.40 12.48
N PHE B 672 36.50 8.89 13.57
CA PHE B 672 35.40 9.53 14.27
C PHE B 672 35.62 9.40 15.76
N LYS B 673 34.92 10.26 16.51
CA LYS B 673 34.90 10.12 17.95
C LYS B 673 33.89 9.10 18.43
N VAL B 674 32.77 8.94 17.73
CA VAL B 674 31.72 8.04 18.17
C VAL B 674 31.22 7.24 17.00
N VAL B 675 31.29 5.91 17.12
CA VAL B 675 30.86 5.01 16.06
C VAL B 675 29.78 4.10 16.59
N CYS B 676 28.63 4.09 15.95
CA CYS B 676 27.51 3.25 16.35
C CYS B 676 27.34 2.15 15.32
N LEU B 677 26.91 0.98 15.77
CA LEU B 677 26.72 -0.16 14.89
C LEU B 677 25.41 -0.80 15.27
N LEU B 678 24.52 -0.95 14.31
CA LEU B 678 23.21 -1.50 14.58
C LEU B 678 23.00 -2.77 13.79
N GLY B 679 22.07 -3.60 14.25
CA GLY B 679 21.73 -4.80 13.54
C GLY B 679 22.92 -5.71 13.37
N MET B 680 23.55 -6.08 14.46
CA MET B 680 24.64 -7.06 14.47
C MET B 680 24.12 -8.48 14.68
N ASN B 681 22.81 -8.66 14.61
CA ASN B 681 22.26 -9.99 14.75
C ASN B 681 22.98 -10.96 13.84
N ASP B 682 23.25 -12.14 14.40
CA ASP B 682 23.91 -13.20 13.67
C ASP B 682 23.19 -13.49 12.37
N GLY B 683 23.97 -13.69 11.31
CA GLY B 683 23.47 -13.98 10.00
C GLY B 683 23.04 -12.79 9.17
N VAL B 684 22.73 -11.66 9.80
CA VAL B 684 22.47 -10.44 9.05
C VAL B 684 23.79 -9.80 8.71
N TYR B 685 24.73 -9.86 9.65
CA TYR B 685 26.07 -9.41 9.36
C TYR B 685 27.01 -10.49 9.83
N PRO B 686 28.05 -10.80 9.05
CA PRO B 686 28.40 -10.22 7.77
C PRO B 686 27.38 -10.54 6.72
N ARG B 687 27.54 -9.96 5.55
CA ARG B 687 26.54 -10.07 4.49
C ARG B 687 26.95 -11.16 3.53
N GLN B 688 25.99 -11.93 3.05
CA GLN B 688 26.39 -13.05 2.22
C GLN B 688 25.92 -13.12 0.79
N LEU B 689 26.91 -13.16 -0.09
CA LEU B 689 26.68 -13.33 -1.49
C LEU B 689 27.67 -14.44 -1.78
N ALA B 690 27.18 -15.61 -2.16
CA ALA B 690 28.08 -16.70 -2.48
C ALA B 690 28.83 -16.38 -3.77
N PRO B 691 29.99 -16.98 -4.00
CA PRO B 691 30.57 -16.93 -5.34
C PRO B 691 29.68 -17.68 -6.31
N LEU B 692 29.82 -17.33 -7.59
CA LEU B 692 28.90 -17.79 -8.61
C LEU B 692 28.79 -19.31 -8.65
N GLY B 693 29.87 -20.00 -8.33
CA GLY B 693 29.87 -21.45 -8.19
C GLY B 693 30.49 -22.18 -9.36
N PHE B 694 30.48 -21.57 -10.55
CA PHE B 694 31.37 -21.99 -11.62
C PHE B 694 32.58 -21.08 -11.73
N ASP B 695 32.72 -20.11 -10.83
CA ASP B 695 33.94 -19.32 -10.74
C ASP B 695 35.14 -20.20 -10.50
N LEU B 696 36.20 -20.01 -11.29
CA LEU B 696 37.44 -20.72 -11.05
C LEU B 696 38.27 -20.07 -9.94
N MET B 697 38.17 -18.75 -9.80
CA MET B 697 38.95 -18.07 -8.78
C MET B 697 38.63 -18.61 -7.39
N SER B 698 37.35 -18.75 -7.06
CA SER B 698 36.99 -19.25 -5.74
C SER B 698 37.52 -20.66 -5.51
N GLN B 699 37.89 -21.37 -6.57
CA GLN B 699 38.47 -22.69 -6.38
C GLN B 699 39.87 -22.61 -5.81
N LYS B 700 40.76 -21.89 -6.49
CA LYS B 700 42.16 -21.77 -6.08
C LYS B 700 42.49 -20.30 -5.89
N PRO B 701 42.31 -19.79 -4.68
CA PRO B 701 42.59 -18.37 -4.44
C PRO B 701 44.08 -18.09 -4.45
N LYS B 702 44.43 -16.89 -4.89
CA LYS B 702 45.74 -16.31 -4.69
C LYS B 702 45.66 -15.25 -3.60
N ARG B 703 46.76 -14.55 -3.37
CA ARG B 703 46.82 -13.49 -2.37
C ARG B 703 45.68 -12.48 -2.52
N GLY B 704 45.73 -11.69 -3.57
CA GLY B 704 44.94 -10.48 -3.60
C GLY B 704 43.47 -10.63 -3.91
N ASP B 705 42.93 -11.85 -3.82
CA ASP B 705 41.52 -12.04 -4.11
C ASP B 705 40.67 -11.30 -3.08
N ARG B 706 39.57 -10.74 -3.54
CA ARG B 706 38.59 -10.08 -2.69
C ARG B 706 37.30 -10.87 -2.67
N SER B 707 36.80 -11.14 -1.47
CA SER B 707 35.55 -11.88 -1.31
C SER B 707 34.71 -11.15 -0.28
N ARG B 708 33.43 -10.97 -0.58
CA ARG B 708 32.57 -10.08 0.21
C ARG B 708 32.65 -10.32 1.69
N ARG B 709 32.66 -11.59 2.10
CA ARG B 709 32.69 -11.88 3.52
C ARG B 709 33.94 -11.32 4.18
N ASP B 710 35.11 -11.61 3.62
CA ASP B 710 36.33 -11.03 4.18
C ASP B 710 36.28 -9.51 4.17
N ASP B 711 35.56 -8.91 3.23
CA ASP B 711 35.40 -7.48 3.25
C ASP B 711 34.66 -7.03 4.51
N ASP B 712 33.51 -7.63 4.78
CA ASP B 712 32.77 -7.23 5.98
C ASP B 712 33.59 -7.48 7.23
N ARG B 713 34.14 -8.68 7.37
CA ARG B 713 34.97 -9.00 8.53
C ARG B 713 36.09 -7.99 8.71
N TYR B 714 36.63 -7.45 7.62
CA TYR B 714 37.67 -6.45 7.80
C TYR B 714 37.09 -5.09 8.16
N LEU B 715 35.93 -4.75 7.61
CA LEU B 715 35.30 -3.49 7.95
C LEU B 715 35.06 -3.40 9.44
N PHE B 716 34.44 -4.42 10.01
CA PHE B 716 34.17 -4.39 11.44
C PHE B 716 35.44 -4.12 12.23
N LEU B 717 36.60 -4.45 11.68
CA LEU B 717 37.85 -4.06 12.32
C LEU B 717 38.15 -2.59 12.09
N GLU B 718 37.98 -2.12 10.85
CA GLU B 718 38.21 -0.71 10.57
C GLU B 718 37.42 0.16 11.54
N ALA B 719 36.11 -0.03 11.59
CA ALA B 719 35.26 0.78 12.45
C ALA B 719 35.73 0.74 13.90
N LEU B 720 36.28 -0.38 14.35
CA LEU B 720 36.85 -0.43 15.68
C LEU B 720 38.05 0.50 15.79
N ILE B 721 39.00 0.38 14.86
CA ILE B 721 40.18 1.22 14.90
C ILE B 721 39.83 2.70 14.79
N SER B 722 38.74 3.01 14.11
CA SER B 722 38.42 4.39 13.78
C SER B 722 37.80 5.16 14.93
N ALA B 723 36.97 4.53 15.74
CA ALA B 723 36.30 5.27 16.79
C ALA B 723 37.30 5.73 17.84
N GLN B 724 37.36 7.04 18.05
CA GLN B 724 38.35 7.62 18.93
C GLN B 724 37.90 7.83 20.37
N GLN B 725 36.61 7.75 20.67
CA GLN B 725 36.15 7.84 22.04
C GLN B 725 35.17 6.75 22.40
N LYS B 726 33.99 6.77 21.79
CA LYS B 726 32.95 5.84 22.18
C LYS B 726 32.58 4.94 21.02
N LEU B 727 32.72 3.63 21.25
CA LEU B 727 32.19 2.61 20.37
C LEU B 727 30.87 2.12 20.94
N TYR B 728 29.91 1.89 20.06
CA TYR B 728 28.54 1.56 20.45
C TYR B 728 28.09 0.40 19.57
N ILE B 729 27.78 -0.74 20.16
CA ILE B 729 27.38 -1.89 19.37
C ILE B 729 26.04 -2.39 19.88
N SER B 730 25.15 -2.68 18.95
CA SER B 730 23.82 -3.10 19.34
C SER B 730 23.37 -4.26 18.48
N TYR B 731 22.51 -5.12 19.03
CA TYR B 731 21.93 -6.21 18.27
C TYR B 731 20.63 -6.62 18.92
N ILE B 732 19.74 -7.24 18.15
CA ILE B 732 18.45 -7.62 18.70
C ILE B 732 18.59 -8.92 19.47
N GLY B 733 18.31 -8.87 20.76
CA GLY B 733 18.42 -10.08 21.54
C GLY B 733 17.28 -11.03 21.30
N ARG B 734 16.06 -10.52 21.41
CA ARG B 734 14.86 -11.34 21.38
C ARG B 734 13.88 -10.73 20.39
N SER B 735 13.34 -11.55 19.51
CA SER B 735 12.30 -11.05 18.61
C SER B 735 11.16 -10.49 19.43
N ILE B 736 10.82 -9.23 19.18
CA ILE B 736 9.81 -8.59 20.01
C ILE B 736 8.49 -9.31 19.87
N GLN B 737 8.24 -9.89 18.70
CA GLN B 737 6.93 -10.44 18.40
C GLN B 737 6.63 -11.73 19.14
N ASP B 738 7.47 -12.75 19.00
CA ASP B 738 7.18 -14.03 19.64
C ASP B 738 7.94 -14.23 20.93
N ASN B 739 8.78 -13.27 21.33
CA ASN B 739 9.87 -13.50 22.25
C ASN B 739 10.60 -14.80 21.91
N SER B 740 11.12 -14.82 20.69
CA SER B 740 12.03 -15.88 20.29
C SER B 740 13.40 -15.44 20.73
N GLU B 741 14.42 -16.27 20.51
CA GLU B 741 15.77 -15.81 20.77
C GLU B 741 16.39 -15.42 19.45
N ARG B 742 17.24 -14.41 19.49
CA ARG B 742 18.12 -14.05 18.40
C ARG B 742 19.55 -14.06 18.94
N PHE B 743 20.52 -13.82 18.09
CA PHE B 743 21.91 -13.94 18.48
C PHE B 743 22.73 -12.80 17.93
N PRO B 744 23.87 -12.51 18.55
CA PRO B 744 24.80 -11.52 17.99
C PRO B 744 25.60 -12.15 16.87
N SER B 745 26.08 -11.31 15.95
CA SER B 745 26.98 -11.78 14.91
C SER B 745 28.23 -12.39 15.54
N VAL B 746 28.87 -13.31 14.83
CA VAL B 746 30.03 -13.98 15.37
C VAL B 746 31.12 -12.99 15.71
N LEU B 747 31.20 -11.88 14.98
CA LEU B 747 32.23 -10.90 15.28
C LEU B 747 32.02 -10.29 16.66
N VAL B 748 30.83 -9.75 16.92
CA VAL B 748 30.51 -9.25 18.25
C VAL B 748 30.81 -10.30 19.29
N GLN B 749 30.47 -11.55 18.99
CA GLN B 749 30.74 -12.63 19.92
C GLN B 749 32.22 -12.71 20.26
N GLU B 750 33.08 -12.70 19.23
CA GLU B 750 34.50 -12.75 19.48
C GLU B 750 34.95 -11.54 20.28
N LEU B 751 34.34 -10.39 20.04
CA LEU B 751 34.80 -9.19 20.70
C LEU B 751 34.49 -9.29 22.17
N ILE B 752 33.22 -9.55 22.52
CA ILE B 752 32.85 -9.64 23.92
C ILE B 752 33.66 -10.74 24.57
N ASP B 753 33.98 -11.81 23.84
CA ASP B 753 34.87 -12.82 24.39
C ASP B 753 36.20 -12.23 24.77
N TYR B 754 36.80 -11.45 23.86
CA TYR B 754 38.13 -10.94 24.11
C TYR B 754 38.14 -9.98 25.29
N ILE B 755 37.16 -9.09 25.33
CA ILE B 755 37.01 -8.18 26.45
C ILE B 755 36.97 -9.00 27.72
N GLY B 756 35.95 -9.85 27.84
CA GLY B 756 35.76 -10.61 29.05
C GLY B 756 36.97 -11.44 29.45
N GLN B 757 37.78 -11.85 28.48
CA GLN B 757 38.97 -12.59 28.86
C GLN B 757 40.13 -11.68 29.23
N SER B 758 40.13 -10.42 28.82
CA SER B 758 41.25 -9.55 29.10
C SER B 758 41.07 -8.62 30.29
N HIS B 759 39.91 -8.58 30.91
CA HIS B 759 39.64 -7.59 31.95
C HIS B 759 38.85 -8.21 33.10
N TYR B 760 38.84 -7.51 34.22
CA TYR B 760 38.04 -7.89 35.37
C TYR B 760 37.49 -6.63 36.02
N LEU B 761 36.29 -6.75 36.56
CA LEU B 761 35.71 -5.65 37.29
C LEU B 761 36.44 -5.46 38.61
N PRO B 762 36.51 -4.23 39.12
CA PRO B 762 37.25 -3.99 40.37
C PRO B 762 36.59 -4.63 41.58
N GLY B 763 35.34 -5.07 41.47
CA GLY B 763 34.68 -5.65 42.63
C GLY B 763 35.40 -6.88 43.16
N ASP B 764 35.60 -7.88 42.31
CA ASP B 764 36.27 -9.11 42.73
C ASP B 764 37.65 -9.16 42.08
N GLU B 765 38.68 -8.91 42.87
CA GLU B 765 40.05 -8.97 42.39
C GLU B 765 40.67 -10.35 42.56
N ALA B 766 40.05 -11.23 43.35
CA ALA B 766 40.34 -12.66 43.29
C ALA B 766 38.99 -13.36 43.20
N LEU B 767 38.68 -13.91 42.03
CA LEU B 767 37.53 -14.80 41.95
C LEU B 767 37.88 -16.04 41.15
N ASN B 768 38.01 -15.86 39.84
CA ASN B 768 38.20 -16.96 38.91
C ASN B 768 38.29 -16.38 37.50
N CYS B 769 38.86 -17.13 36.56
CA CYS B 769 38.95 -16.60 35.21
C CYS B 769 37.57 -16.49 34.58
N ASP B 770 36.86 -17.62 34.52
CA ASP B 770 35.59 -17.65 33.82
C ASP B 770 34.52 -16.89 34.57
N GLU B 771 34.60 -16.88 35.89
CA GLU B 771 33.55 -16.25 36.68
C GLU B 771 33.64 -14.73 36.58
N SER B 772 34.84 -14.19 36.79
CA SER B 772 35.04 -12.78 36.48
C SER B 772 34.69 -12.49 35.04
N GLU B 773 34.90 -13.46 34.15
CA GLU B 773 34.56 -13.24 32.74
C GLU B 773 33.07 -13.01 32.55
N ALA B 774 32.25 -13.99 32.93
CA ALA B 774 30.80 -13.83 32.75
C ALA B 774 30.29 -12.64 33.55
N ARG B 775 30.96 -12.33 34.65
CA ARG B 775 30.61 -11.14 35.41
C ARG B 775 30.78 -9.89 34.56
N VAL B 776 31.98 -9.66 34.02
CA VAL B 776 32.21 -8.50 33.17
C VAL B 776 31.23 -8.50 32.01
N LYS B 777 31.21 -9.59 31.24
CA LYS B 777 30.32 -9.66 30.08
C LYS B 777 28.88 -9.33 30.48
N ALA B 778 28.53 -9.58 31.73
CA ALA B 778 27.23 -9.12 32.19
C ALA B 778 27.23 -7.63 32.45
N HIS B 779 28.35 -7.06 32.89
CA HIS B 779 28.35 -5.64 33.18
C HIS B 779 28.33 -4.79 31.93
N LEU B 780 28.96 -5.26 30.86
CA LEU B 780 29.01 -4.46 29.65
C LEU B 780 27.73 -4.52 28.84
N THR B 781 27.00 -5.62 28.93
CA THR B 781 25.78 -5.82 28.16
C THR B 781 24.63 -5.17 28.89
N CYS B 782 23.91 -4.30 28.19
CA CYS B 782 22.68 -3.74 28.70
C CYS B 782 21.50 -4.35 27.95
N LEU B 783 20.47 -4.72 28.69
CA LEU B 783 19.25 -5.24 28.08
C LEU B 783 18.22 -4.15 28.20
N HIS B 784 17.92 -3.50 27.07
CA HIS B 784 16.88 -2.51 27.07
C HIS B 784 15.53 -3.21 26.96
N THR B 785 14.49 -2.54 27.45
CA THR B 785 13.24 -3.22 27.65
C THR B 785 12.43 -3.27 26.36
N ARG B 786 11.31 -3.98 26.44
CA ARG B 786 10.53 -4.26 25.25
C ARG B 786 9.66 -3.08 24.89
N MET B 787 9.26 -2.31 25.86
CA MET B 787 8.37 -1.23 25.50
C MET B 787 8.94 0.09 25.99
N PRO B 788 8.67 1.20 25.30
CA PRO B 788 9.22 2.47 25.73
C PRO B 788 8.66 2.93 27.06
N PHE B 789 7.41 2.59 27.35
CA PHE B 789 6.78 3.05 28.58
C PHE B 789 7.09 2.16 29.76
N ASP B 790 7.91 1.17 29.56
CA ASP B 790 8.36 0.38 30.68
C ASP B 790 9.10 1.27 31.68
N PRO B 791 8.62 1.37 32.92
CA PRO B 791 9.17 2.36 33.84
C PRO B 791 10.62 2.14 34.22
N GLN B 792 11.15 0.93 34.02
CA GLN B 792 12.57 0.71 34.29
C GLN B 792 13.45 1.74 33.62
N ASN B 793 13.10 2.18 32.42
CA ASN B 793 13.84 3.20 31.70
C ASN B 793 14.07 4.45 32.53
N TYR B 794 13.08 4.90 33.28
CA TYR B 794 13.10 6.20 33.92
C TYR B 794 13.59 6.19 35.35
N GLN B 795 13.86 5.04 35.92
CA GLN B 795 14.39 4.99 37.27
C GLN B 795 15.75 5.67 37.30
N PRO B 796 15.92 6.69 38.14
CA PRO B 796 17.11 7.51 38.10
C PRO B 796 18.37 6.70 38.30
N GLY B 797 19.33 6.92 37.42
CA GLY B 797 20.55 6.15 37.36
C GLY B 797 21.40 6.56 36.19
N GLU B 798 22.26 5.66 35.74
CA GLU B 798 23.11 5.96 34.59
C GLU B 798 22.31 5.94 33.29
N ARG B 799 21.81 4.78 32.89
CA ARG B 799 20.94 4.69 31.73
C ARG B 799 19.57 5.17 32.18
N GLN B 800 19.14 6.28 31.62
CA GLN B 800 17.84 6.87 31.87
C GLN B 800 17.40 7.56 30.59
N SER B 801 16.13 7.44 30.26
CA SER B 801 15.68 7.88 28.96
C SER B 801 15.34 9.36 28.96
N TYR B 802 15.73 10.05 27.90
CA TYR B 802 15.40 11.45 27.76
C TYR B 802 14.00 11.69 27.24
N ALA B 803 13.27 10.63 26.86
CA ALA B 803 11.94 10.84 26.33
C ALA B 803 10.99 11.12 27.47
N ARG B 804 10.44 12.32 27.51
CA ARG B 804 9.51 12.68 28.56
C ARG B 804 8.08 12.37 28.16
N GLU B 805 7.87 12.04 26.90
CA GLU B 805 6.54 11.78 26.38
C GLU B 805 5.94 10.50 26.92
N TRP B 806 6.76 9.51 27.22
CA TRP B 806 6.26 8.27 27.80
C TRP B 806 6.27 8.29 29.31
N LEU B 807 6.80 9.34 29.91
CA LEU B 807 6.99 9.36 31.35
C LEU B 807 5.67 9.14 32.08
N PRO B 808 4.64 9.98 31.88
CA PRO B 808 3.42 9.77 32.66
C PRO B 808 2.82 8.39 32.46
N ALA B 809 3.08 7.80 31.30
CA ALA B 809 2.67 6.41 31.09
C ALA B 809 3.42 5.48 32.03
N ALA B 810 4.75 5.60 32.09
CA ALA B 810 5.53 4.75 32.97
C ALA B 810 5.17 4.96 34.43
N SER B 811 4.98 6.22 34.84
CA SER B 811 4.53 6.49 36.19
C SER B 811 3.15 5.94 36.45
N GLN B 812 2.43 5.54 35.40
CA GLN B 812 1.09 5.02 35.52
C GLN B 812 0.20 6.05 36.22
N ALA B 813 0.27 7.29 35.75
CA ALA B 813 -0.45 8.39 36.35
C ALA B 813 -1.77 8.69 35.66
N GLY B 814 -2.11 7.97 34.60
CA GLY B 814 -3.31 8.29 33.86
C GLY B 814 -4.54 7.70 34.52
N LYS B 815 -5.69 8.27 34.19
CA LYS B 815 -6.97 7.79 34.68
C LYS B 815 -7.67 6.98 33.60
N ALA B 816 -8.35 5.92 34.02
CA ALA B 816 -8.94 5.00 33.07
C ALA B 816 -10.12 5.66 32.34
N HIS B 817 -10.47 5.09 31.20
CA HIS B 817 -11.61 5.59 30.45
C HIS B 817 -12.87 5.30 31.23
N SER B 818 -13.68 6.33 31.46
CA SER B 818 -14.95 6.12 32.12
C SER B 818 -15.87 5.31 31.23
N GLU B 819 -16.89 4.71 31.85
CA GLU B 819 -17.91 4.02 31.08
C GLU B 819 -18.53 4.96 30.06
N PHE B 820 -18.52 4.54 28.80
CA PHE B 820 -18.92 5.42 27.71
C PHE B 820 -20.27 6.05 27.97
N VAL B 821 -21.20 5.27 28.51
CA VAL B 821 -22.55 5.79 28.71
C VAL B 821 -22.53 6.80 29.83
N GLN B 822 -23.04 7.98 29.55
CA GLN B 822 -23.39 8.96 30.54
C GLN B 822 -24.80 9.44 30.22
N PRO B 823 -25.65 9.67 31.21
CA PRO B 823 -26.99 10.18 30.91
C PRO B 823 -26.88 11.57 30.30
N LEU B 824 -27.69 11.82 29.28
CA LEU B 824 -27.72 13.11 28.63
C LEU B 824 -29.13 13.67 28.64
N PRO B 825 -29.30 14.96 28.85
CA PRO B 825 -30.65 15.54 28.85
C PRO B 825 -31.23 15.58 27.45
N PHE B 826 -32.54 15.35 27.37
CA PHE B 826 -33.25 15.43 26.11
C PHE B 826 -34.70 15.82 26.36
N THR B 827 -35.30 16.48 25.39
CA THR B 827 -36.68 16.95 25.48
C THR B 827 -37.42 16.58 24.21
N LEU B 828 -38.44 15.76 24.33
CA LEU B 828 -39.15 15.27 23.17
C LEU B 828 -39.96 16.40 22.53
N PRO B 829 -39.77 16.67 21.25
CA PRO B 829 -40.60 17.66 20.57
C PRO B 829 -42.07 17.24 20.57
N GLU B 830 -42.89 18.10 19.99
CA GLU B 830 -44.31 17.79 19.89
C GLU B 830 -44.61 16.88 18.72
N THR B 831 -43.81 16.92 17.67
CA THR B 831 -44.08 16.18 16.45
C THR B 831 -42.91 15.25 16.18
N VAL B 832 -43.20 13.95 16.11
CA VAL B 832 -42.19 12.95 15.79
C VAL B 832 -42.57 12.30 14.46
N PRO B 833 -41.79 12.52 13.40
CA PRO B 833 -42.12 11.90 12.13
C PRO B 833 -41.99 10.40 12.23
N LEU B 834 -43.04 9.69 11.80
CA LEU B 834 -43.05 8.24 11.98
C LEU B 834 -41.77 7.61 11.46
N GLU B 835 -41.22 8.17 10.39
CA GLU B 835 -39.96 7.65 9.89
C GLU B 835 -38.88 7.76 10.94
N THR B 836 -38.97 8.75 11.83
CA THR B 836 -37.97 8.82 12.89
C THR B 836 -38.11 7.63 13.83
N LEU B 837 -39.33 7.30 14.23
CA LEU B 837 -39.52 6.14 15.07
C LEU B 837 -39.05 4.87 14.38
N GLN B 838 -39.49 4.66 13.14
CA GLN B 838 -39.04 3.48 12.40
C GLN B 838 -37.53 3.39 12.39
N ARG B 839 -36.87 4.45 11.94
CA ARG B 839 -35.42 4.44 11.88
C ARG B 839 -34.81 4.19 13.25
N PHE B 840 -35.46 4.63 14.31
CA PHE B 840 -34.97 4.34 15.65
C PHE B 840 -35.05 2.86 16.00
N TRP B 841 -36.24 2.27 15.94
CA TRP B 841 -36.40 0.93 16.48
C TRP B 841 -35.68 -0.13 15.68
N ALA B 842 -35.25 0.17 14.46
CA ALA B 842 -34.53 -0.84 13.68
C ALA B 842 -33.29 -1.31 14.42
N HIS B 843 -32.49 -0.38 14.93
CA HIS B 843 -31.33 -0.73 15.72
C HIS B 843 -31.19 0.28 16.84
N PRO B 844 -31.90 0.09 17.96
CA PRO B 844 -31.98 1.13 18.98
C PRO B 844 -30.64 1.59 19.52
N VAL B 845 -29.62 0.75 19.49
CA VAL B 845 -28.32 1.21 19.93
C VAL B 845 -27.71 2.14 18.90
N ARG B 846 -27.71 1.70 17.63
CA ARG B 846 -27.13 2.50 16.57
C ARG B 846 -27.73 3.89 16.53
N ALA B 847 -29.02 3.98 16.78
CA ALA B 847 -29.71 5.26 16.82
C ALA B 847 -28.97 6.26 17.69
N PHE B 848 -28.86 5.95 18.98
CA PHE B 848 -28.28 6.88 19.94
C PHE B 848 -26.92 7.41 19.51
N PHE B 849 -26.20 6.65 18.69
CA PHE B 849 -24.97 7.20 18.11
C PHE B 849 -25.25 8.09 16.91
N GLN B 850 -26.07 7.63 15.97
CA GLN B 850 -26.29 8.48 14.81
C GLN B 850 -27.40 9.47 15.09
N MET B 851 -28.58 8.99 15.45
CA MET B 851 -29.69 9.88 15.78
C MET B 851 -29.27 11.01 16.71
N ARG B 852 -28.89 10.67 17.93
CA ARG B 852 -28.76 11.67 18.98
C ARG B 852 -27.53 12.54 18.78
N LEU B 853 -26.34 11.97 18.99
CA LEU B 853 -25.11 12.73 19.04
C LEU B 853 -24.40 12.77 17.70
N GLN B 854 -25.06 12.24 16.68
CA GLN B 854 -24.54 12.32 15.30
C GLN B 854 -23.26 11.59 14.90
N VAL B 855 -22.81 10.61 15.69
CA VAL B 855 -21.63 9.86 15.32
C VAL B 855 -22.07 8.70 14.45
N ASN B 856 -21.49 8.59 13.27
CA ASN B 856 -21.67 7.41 12.45
C ASN B 856 -20.34 6.99 11.86
N PHE B 857 -20.05 5.71 12.01
CA PHE B 857 -18.79 5.13 11.59
C PHE B 857 -18.95 4.58 10.18
N ARG B 858 -18.34 5.25 9.22
CA ARG B 858 -18.46 4.78 7.86
C ARG B 858 -17.30 3.88 7.53
N THR B 859 -17.59 2.60 7.37
CA THR B 859 -16.54 1.68 6.95
C THR B 859 -16.14 1.99 5.52
N GLU B 860 -14.88 1.72 5.21
CA GLU B 860 -14.42 1.92 3.85
C GLU B 860 -15.25 1.09 2.90
N ASP B 861 -15.47 1.63 1.69
CA ASP B 861 -16.21 0.90 0.67
C ASP B 861 -15.45 -0.36 0.26
N SER B 862 -16.20 -1.30 -0.31
CA SER B 862 -15.62 -2.57 -0.70
C SER B 862 -14.77 -2.41 -1.95
N GLU B 863 -13.69 -3.18 -2.02
CA GLU B 863 -12.82 -3.16 -3.17
C GLU B 863 -13.53 -3.80 -4.36
N ILE B 864 -13.12 -3.39 -5.57
CA ILE B 864 -13.66 -4.04 -6.76
C ILE B 864 -13.31 -5.52 -6.73
N PRO B 865 -14.27 -6.41 -6.88
CA PRO B 865 -13.93 -7.84 -6.95
C PRO B 865 -13.08 -8.12 -8.16
N ASP B 866 -12.38 -9.25 -8.11
CA ASP B 866 -11.40 -9.55 -9.14
C ASP B 866 -11.93 -10.43 -10.25
N THR B 867 -13.17 -10.88 -10.17
CA THR B 867 -13.61 -11.82 -11.19
C THR B 867 -15.10 -11.75 -11.42
N GLU B 868 -15.50 -12.13 -12.63
CA GLU B 868 -16.90 -12.22 -12.98
C GLU B 868 -17.61 -13.09 -11.96
N PRO B 869 -18.84 -12.77 -11.62
CA PRO B 869 -19.50 -13.54 -10.55
C PRO B 869 -19.68 -14.99 -10.92
N PHE B 870 -19.15 -15.87 -10.10
CA PHE B 870 -19.39 -17.30 -10.20
C PHE B 870 -20.67 -17.71 -9.51
N ILE B 871 -20.90 -17.21 -8.31
CA ILE B 871 -22.11 -17.45 -7.55
C ILE B 871 -22.52 -16.14 -6.91
N LEU B 872 -23.77 -16.07 -6.50
CA LEU B 872 -24.30 -14.87 -5.88
C LEU B 872 -24.55 -15.13 -4.41
N GLU B 873 -24.16 -14.17 -3.59
CA GLU B 873 -24.20 -14.34 -2.15
C GLU B 873 -24.39 -12.98 -1.52
N GLY B 874 -24.90 -12.97 -0.30
CA GLY B 874 -25.02 -11.71 0.35
C GLY B 874 -26.01 -10.77 -0.31
N LEU B 875 -25.79 -9.49 -0.01
CA LEU B 875 -26.72 -8.47 -0.46
C LEU B 875 -26.81 -8.45 -1.98
N SER B 876 -25.79 -8.99 -2.65
CA SER B 876 -25.85 -9.12 -4.10
C SER B 876 -27.07 -9.91 -4.52
N ARG B 877 -27.16 -11.16 -4.04
CA ARG B 877 -28.32 -11.97 -4.41
C ARG B 877 -29.57 -11.48 -3.70
N TYR B 878 -29.41 -10.80 -2.57
CA TYR B 878 -30.59 -10.27 -1.89
C TYR B 878 -31.33 -9.28 -2.76
N GLN B 879 -30.60 -8.31 -3.33
CA GLN B 879 -31.24 -7.38 -4.24
C GLN B 879 -32.00 -8.12 -5.33
N ILE B 880 -31.39 -9.14 -5.90
CA ILE B 880 -32.02 -9.88 -6.98
C ILE B 880 -33.30 -10.52 -6.51
N ASN B 881 -33.30 -11.11 -5.32
CA ASN B 881 -34.54 -11.65 -4.79
C ASN B 881 -35.59 -10.57 -4.63
N GLN B 882 -35.15 -9.36 -4.30
CA GLN B 882 -36.11 -8.27 -4.11
C GLN B 882 -36.79 -7.91 -5.43
N GLN B 883 -36.00 -7.59 -6.45
CA GLN B 883 -36.55 -7.32 -7.77
C GLN B 883 -37.40 -8.48 -8.26
N LEU B 884 -36.84 -9.68 -8.26
CA LEU B 884 -37.54 -10.85 -8.75
C LEU B 884 -38.88 -11.02 -8.07
N LEU B 885 -38.90 -10.97 -6.74
CA LEU B 885 -40.15 -11.13 -6.03
C LEU B 885 -41.14 -10.05 -6.40
N ASN B 886 -40.71 -8.79 -6.37
CA ASN B 886 -41.63 -7.71 -6.74
C ASN B 886 -42.14 -7.88 -8.16
N ALA B 887 -41.44 -8.67 -8.97
CA ALA B 887 -41.97 -8.99 -10.28
C ALA B 887 -43.01 -10.10 -10.20
N LEU B 888 -42.73 -11.15 -9.43
CA LEU B 888 -43.66 -12.27 -9.38
C LEU B 888 -44.98 -11.89 -8.74
N VAL B 889 -44.94 -11.07 -7.69
CA VAL B 889 -46.17 -10.64 -7.04
C VAL B 889 -47.05 -9.85 -8.01
N GLU B 890 -46.46 -8.98 -8.81
CA GLU B 890 -47.23 -8.34 -9.87
C GLU B 890 -47.65 -9.32 -10.95
N GLN B 891 -47.14 -10.54 -10.93
CA GLN B 891 -47.43 -11.55 -11.95
C GLN B 891 -46.96 -11.09 -13.32
N ASP B 892 -45.99 -10.19 -13.33
CA ASP B 892 -45.23 -9.90 -14.52
C ASP B 892 -44.29 -11.06 -14.82
N ASP B 893 -43.86 -11.15 -16.08
CA ASP B 893 -43.06 -12.30 -16.49
C ASP B 893 -41.63 -12.18 -15.98
N ALA B 894 -41.15 -13.28 -15.39
CA ALA B 894 -39.80 -13.27 -14.85
C ALA B 894 -38.75 -13.40 -15.96
N GLU B 895 -39.17 -13.83 -17.15
CA GLU B 895 -38.20 -14.00 -18.22
C GLU B 895 -37.60 -12.67 -18.65
N ARG B 896 -38.44 -11.66 -18.81
CA ARG B 896 -37.96 -10.35 -19.19
C ARG B 896 -36.89 -9.87 -18.24
N LEU B 897 -37.22 -9.80 -16.95
CA LEU B 897 -36.23 -9.42 -15.95
C LEU B 897 -35.00 -10.28 -16.04
N PHE B 898 -35.16 -11.59 -16.24
CA PHE B 898 -33.98 -12.42 -16.43
C PHE B 898 -33.09 -11.85 -17.50
N ARG B 899 -33.64 -11.57 -18.68
CA ARG B 899 -32.83 -10.96 -19.72
C ARG B 899 -32.18 -9.68 -19.24
N ARG B 900 -32.90 -8.92 -18.41
CA ARG B 900 -32.33 -7.67 -17.92
C ARG B 900 -31.07 -7.94 -17.10
N PHE B 901 -31.13 -8.86 -16.16
CA PHE B 901 -29.91 -9.18 -15.41
C PHE B 901 -28.83 -9.74 -16.29
N ARG B 902 -29.14 -10.73 -17.12
CA ARG B 902 -28.11 -11.33 -17.97
C ARG B 902 -27.37 -10.26 -18.73
N ALA B 903 -28.11 -9.40 -19.45
CA ALA B 903 -27.49 -8.28 -20.12
C ALA B 903 -26.72 -7.39 -19.16
N ALA B 904 -27.19 -7.25 -17.93
CA ALA B 904 -26.47 -6.45 -16.96
C ALA B 904 -25.17 -7.09 -16.55
N GLY B 905 -24.90 -8.30 -17.03
CA GLY B 905 -23.68 -9.00 -16.70
C GLY B 905 -23.69 -9.48 -15.27
N ASP B 906 -24.84 -9.35 -14.62
CA ASP B 906 -24.93 -9.57 -13.20
C ASP B 906 -24.91 -11.03 -12.79
N LEU B 907 -25.45 -11.91 -13.60
CA LEU B 907 -25.58 -13.31 -13.30
C LEU B 907 -24.36 -14.09 -13.74
N PRO B 908 -24.18 -15.30 -13.20
CA PRO B 908 -23.16 -16.20 -13.73
C PRO B 908 -23.43 -16.51 -15.20
N TYR B 909 -22.39 -16.84 -15.93
CA TYR B 909 -22.48 -16.94 -17.38
C TYR B 909 -23.33 -18.11 -17.81
N GLY B 910 -24.08 -17.91 -18.90
CA GLY B 910 -24.67 -18.99 -19.65
C GLY B 910 -25.53 -19.95 -18.85
N ALA B 911 -25.17 -21.23 -18.90
CA ALA B 911 -25.99 -22.28 -18.31
C ALA B 911 -26.31 -21.97 -16.85
N PHE B 912 -25.28 -21.65 -16.07
CA PHE B 912 -25.46 -21.41 -14.66
C PHE B 912 -26.31 -20.19 -14.39
N GLY B 913 -26.37 -19.25 -15.32
CA GLY B 913 -27.33 -18.19 -15.20
C GLY B 913 -28.72 -18.77 -15.18
N GLU B 914 -28.96 -19.71 -16.10
CA GLU B 914 -30.28 -20.31 -16.21
C GLU B 914 -30.59 -21.14 -14.97
N ILE B 915 -29.61 -21.93 -14.51
CA ILE B 915 -29.81 -22.82 -13.37
C ILE B 915 -30.09 -22.00 -12.12
N PHE B 916 -29.13 -21.15 -11.73
CA PHE B 916 -29.32 -20.30 -10.56
C PHE B 916 -30.63 -19.55 -10.65
N TRP B 917 -30.91 -19.01 -11.83
CA TRP B 917 -32.14 -18.27 -12.02
C TRP B 917 -33.36 -19.12 -11.75
N GLU B 918 -33.30 -20.39 -12.11
CA GLU B 918 -34.49 -21.22 -11.95
C GLU B 918 -34.53 -22.00 -10.66
N THR B 919 -33.50 -21.95 -9.82
CA THR B 919 -33.76 -22.29 -8.44
C THR B 919 -34.37 -21.10 -7.71
N GLN B 920 -33.83 -19.91 -7.95
CA GLN B 920 -34.38 -18.74 -7.30
C GLN B 920 -35.84 -18.53 -7.66
N CYS B 921 -36.16 -18.57 -8.95
CA CYS B 921 -37.56 -18.47 -9.35
C CYS B 921 -38.41 -19.49 -8.64
N GLN B 922 -37.82 -20.61 -8.25
CA GLN B 922 -38.58 -21.66 -7.59
C GLN B 922 -38.75 -21.41 -6.10
N GLU B 923 -37.83 -20.69 -5.47
CA GLU B 923 -38.08 -20.27 -4.10
C GLU B 923 -39.01 -19.06 -4.04
N MET B 924 -38.68 -18.02 -4.81
CA MET B 924 -39.48 -16.81 -4.81
C MET B 924 -40.85 -17.05 -5.44
N GLN B 925 -41.01 -18.14 -6.18
CA GLN B 925 -42.34 -18.50 -6.64
C GLN B 925 -43.17 -19.01 -5.48
N GLN B 926 -42.60 -19.94 -4.72
CA GLN B 926 -43.22 -20.44 -3.51
C GLN B 926 -43.67 -19.31 -2.60
N LEU B 927 -42.75 -18.42 -2.25
CA LEU B 927 -43.15 -17.27 -1.44
C LEU B 927 -44.16 -16.42 -2.18
N ALA B 928 -43.98 -16.29 -3.48
CA ALA B 928 -44.78 -15.37 -4.28
C ALA B 928 -46.25 -15.71 -4.18
N ASP B 929 -46.59 -16.99 -4.38
CA ASP B 929 -47.98 -17.40 -4.29
C ASP B 929 -48.57 -17.01 -2.96
N ARG B 930 -47.93 -17.44 -1.87
CA ARG B 930 -48.45 -17.14 -0.55
C ARG B 930 -48.69 -15.66 -0.40
N VAL B 931 -47.85 -14.83 -1.01
CA VAL B 931 -48.13 -13.40 -1.04
C VAL B 931 -49.42 -13.12 -1.81
N ILE B 932 -49.56 -13.73 -2.98
CA ILE B 932 -50.66 -13.38 -3.88
C ILE B 932 -52.00 -13.81 -3.30
N ALA B 933 -51.99 -14.81 -2.43
CA ALA B 933 -53.22 -15.34 -1.87
C ALA B 933 -54.09 -14.26 -1.25
N CYS B 934 -53.54 -13.48 -0.32
CA CYS B 934 -54.36 -12.54 0.42
C CYS B 934 -54.37 -11.13 -0.13
N ARG B 935 -53.66 -10.85 -1.21
CA ARG B 935 -53.41 -9.47 -1.59
C ARG B 935 -54.63 -8.86 -2.24
N GLN B 936 -55.12 -7.76 -1.67
CA GLN B 936 -56.12 -6.90 -2.27
C GLN B 936 -55.50 -5.53 -2.48
N PRO B 937 -55.42 -5.05 -3.72
CA PRO B 937 -54.82 -3.73 -3.95
C PRO B 937 -55.45 -2.67 -3.08
N GLY B 938 -54.63 -1.76 -2.59
CA GLY B 938 -55.10 -0.76 -1.62
C GLY B 938 -54.35 0.53 -1.77
N GLN B 939 -54.86 1.56 -1.09
CA GLN B 939 -54.36 2.91 -1.24
C GLN B 939 -53.59 3.35 0.00
N SER B 940 -52.53 4.13 -0.24
CA SER B 940 -51.73 4.64 0.86
C SER B 940 -52.55 5.58 1.72
N MET B 941 -52.15 5.67 2.98
CA MET B 941 -52.84 6.51 3.93
C MET B 941 -51.85 7.30 4.76
N GLU B 942 -52.21 8.53 5.07
CA GLU B 942 -51.40 9.39 5.90
C GLU B 942 -51.92 9.33 7.32
N ILE B 943 -51.00 9.42 8.30
CA ILE B 943 -51.34 9.20 9.70
C ILE B 943 -50.96 10.42 10.51
N ASP B 944 -51.88 10.84 11.38
CA ASP B 944 -51.64 11.86 12.40
C ASP B 944 -52.29 11.40 13.68
N LEU B 945 -51.57 11.52 14.79
CA LEU B 945 -51.99 10.96 16.07
C LEU B 945 -51.51 11.80 17.23
N ALA B 946 -52.21 11.68 18.34
CA ALA B 946 -51.76 12.23 19.61
C ALA B 946 -51.46 11.05 20.52
N CYS B 947 -50.18 10.84 20.80
CA CYS B 947 -49.76 9.80 21.73
C CYS B 947 -48.87 10.44 22.77
N ASN B 948 -49.31 10.41 24.03
CA ASN B 948 -48.61 11.05 25.13
C ASN B 948 -48.31 12.51 24.80
N GLY B 949 -49.34 13.23 24.40
CA GLY B 949 -49.17 14.61 23.99
C GLY B 949 -48.14 14.83 22.93
N VAL B 950 -47.91 13.86 22.05
CA VAL B 950 -46.90 13.95 21.00
C VAL B 950 -47.57 13.57 19.69
N GLN B 951 -47.52 14.48 18.72
CA GLN B 951 -48.20 14.31 17.45
C GLN B 951 -47.32 13.50 16.52
N ILE B 952 -47.82 12.35 16.10
CA ILE B 952 -47.10 11.55 15.11
C ILE B 952 -47.75 11.73 13.75
N THR B 953 -46.94 12.11 12.78
CA THR B 953 -47.38 12.20 11.40
C THR B 953 -46.56 11.23 10.58
N GLY B 954 -47.10 10.78 9.47
CA GLY B 954 -46.39 9.85 8.62
C GLY B 954 -47.26 9.38 7.48
N TRP B 955 -46.73 8.42 6.73
CA TRP B 955 -47.40 7.84 5.59
C TRP B 955 -47.24 6.32 5.66
N LEU B 956 -48.31 5.61 5.38
CA LEU B 956 -48.21 4.18 5.21
C LEU B 956 -48.59 3.84 3.78
N PRO B 957 -47.67 3.28 3.01
CA PRO B 957 -48.00 2.92 1.64
C PRO B 957 -48.85 1.66 1.57
N GLN B 958 -49.77 1.63 0.61
CA GLN B 958 -50.52 0.42 0.32
C GLN B 958 -51.20 -0.14 1.55
N VAL B 959 -52.22 0.55 2.03
CA VAL B 959 -53.12 0.01 3.03
C VAL B 959 -54.25 -0.67 2.27
N GLN B 960 -54.31 -1.99 2.39
CA GLN B 960 -55.44 -2.68 1.78
C GLN B 960 -56.58 -2.74 2.78
N PRO B 961 -57.81 -2.87 2.29
CA PRO B 961 -58.95 -3.01 3.20
C PRO B 961 -58.74 -4.05 4.28
N ASP B 962 -58.05 -5.14 3.97
CA ASP B 962 -57.84 -6.17 4.97
C ASP B 962 -56.89 -5.70 6.06
N GLY B 963 -55.86 -4.94 5.67
CA GLY B 963 -54.88 -4.54 6.65
C GLY B 963 -53.52 -4.34 6.07
N LEU B 964 -52.49 -4.50 6.89
CA LEU B 964 -51.11 -4.34 6.43
C LEU B 964 -50.60 -5.67 5.89
N LEU B 965 -50.12 -5.63 4.66
CA LEU B 965 -49.43 -6.74 4.03
C LEU B 965 -48.04 -6.24 3.65
N ARG B 966 -47.02 -6.95 4.12
CA ARG B 966 -45.65 -6.63 3.78
C ARG B 966 -44.94 -7.95 3.52
N TRP B 967 -44.00 -7.96 2.59
CA TRP B 967 -43.29 -9.17 2.23
C TRP B 967 -41.83 -8.85 1.96
N ARG B 968 -40.93 -9.61 2.55
CA ARG B 968 -39.55 -9.39 2.21
C ARG B 968 -38.84 -10.72 2.00
N PRO B 969 -37.98 -10.80 1.03
CA PRO B 969 -37.24 -12.04 0.77
C PRO B 969 -36.13 -12.26 1.77
N SER B 970 -36.49 -12.34 3.03
CA SER B 970 -35.51 -12.47 4.10
C SER B 970 -35.85 -13.66 4.99
N LEU B 971 -34.94 -13.94 5.92
CA LEU B 971 -35.23 -14.93 6.94
C LEU B 971 -36.03 -14.31 8.07
N LEU B 972 -36.84 -15.13 8.72
CA LEU B 972 -37.68 -14.63 9.79
C LEU B 972 -36.81 -14.24 10.98
N SER B 973 -36.92 -12.98 11.37
CA SER B 973 -36.13 -12.42 12.45
C SER B 973 -37.00 -11.43 13.20
N VAL B 974 -36.60 -11.15 14.43
CA VAL B 974 -37.43 -10.33 15.29
C VAL B 974 -37.51 -8.91 14.77
N ALA B 975 -36.36 -8.31 14.48
CA ALA B 975 -36.28 -6.90 14.13
C ALA B 975 -37.34 -6.53 13.10
N GLN B 976 -37.46 -7.36 12.06
CA GLN B 976 -38.57 -7.25 11.13
C GLN B 976 -39.88 -7.21 11.90
N GLY B 977 -40.01 -8.11 12.87
CA GLY B 977 -41.19 -8.14 13.71
C GLY B 977 -41.46 -6.81 14.38
N MET B 978 -40.46 -6.24 15.04
CA MET B 978 -40.65 -4.93 15.65
C MET B 978 -41.14 -3.93 14.62
N GLN B 979 -40.59 -4.00 13.42
CA GLN B 979 -40.99 -3.06 12.39
C GLN B 979 -42.47 -3.18 12.11
N LEU B 980 -42.94 -4.40 11.84
CA LEU B 980 -44.36 -4.60 11.58
C LEU B 980 -45.19 -4.28 12.79
N TRP B 981 -44.58 -4.35 13.97
CA TRP B 981 -45.32 -4.06 15.20
C TRP B 981 -45.60 -2.58 15.31
N LEU B 982 -44.57 -1.75 15.18
CA LEU B 982 -44.77 -0.31 15.14
C LEU B 982 -45.73 0.06 14.04
N GLU B 983 -45.40 -0.31 12.81
CA GLU B 983 -46.22 0.07 11.67
C GLU B 983 -47.64 -0.45 11.81
N HIS B 984 -47.83 -1.52 12.57
CA HIS B 984 -49.17 -2.00 12.86
C HIS B 984 -49.89 -1.09 13.85
N LEU B 985 -49.27 -0.89 15.02
CA LEU B 985 -49.95 -0.16 16.07
C LEU B 985 -50.33 1.24 15.62
N VAL B 986 -49.51 1.85 14.79
CA VAL B 986 -49.91 3.15 14.29
C VAL B 986 -51.14 3.02 13.41
N TYR B 987 -51.27 1.88 12.72
CA TYR B 987 -52.41 1.68 11.83
C TYR B 987 -53.68 1.45 12.60
N CYS B 988 -53.66 0.55 13.57
CA CYS B 988 -54.80 0.41 14.46
C CYS B 988 -55.09 1.73 15.16
N ALA B 989 -54.05 2.50 15.45
CA ALA B 989 -54.21 3.70 16.25
C ALA B 989 -55.07 4.72 15.55
N SER B 990 -55.04 4.73 14.22
CA SER B 990 -55.98 5.53 13.45
C SER B 990 -56.89 4.60 12.64
N GLY B 991 -58.12 4.48 13.11
CA GLY B 991 -59.12 3.67 12.43
C GLY B 991 -58.56 2.31 12.07
N GLY B 992 -58.69 1.94 10.81
CA GLY B 992 -57.97 0.82 10.25
C GLY B 992 -58.18 -0.51 10.92
N ASN B 993 -59.42 -0.96 11.02
CA ASN B 993 -59.67 -2.29 11.52
C ASN B 993 -59.21 -3.32 10.51
N GLY B 994 -58.45 -4.29 10.99
CA GLY B 994 -57.94 -5.33 10.14
C GLY B 994 -56.65 -5.87 10.67
N GLU B 995 -56.13 -6.88 9.99
CA GLU B 995 -54.94 -7.56 10.46
C GLU B 995 -53.69 -6.97 9.85
N SER B 996 -52.56 -7.55 10.24
CA SER B 996 -51.26 -7.14 9.71
C SER B 996 -50.45 -8.40 9.56
N ARG B 997 -49.84 -8.59 8.39
CA ARG B 997 -49.14 -9.82 8.10
C ARG B 997 -47.85 -9.55 7.35
N LEU B 998 -46.90 -10.45 7.54
CA LEU B 998 -45.58 -10.34 6.97
C LEU B 998 -45.17 -11.75 6.58
N PHE B 999 -44.67 -11.93 5.37
CA PHE B 999 -44.27 -13.25 4.89
C PHE B 999 -42.80 -13.23 4.51
N LEU B 1000 -42.08 -14.30 4.86
CA LEU B 1000 -40.65 -14.31 4.63
C LEU B 1000 -40.21 -15.68 4.13
N ARG B 1001 -38.92 -15.79 3.82
CA ARG B 1001 -38.34 -17.00 3.26
C ARG B 1001 -38.40 -18.16 4.24
N LYS B 1002 -38.30 -19.37 3.70
CA LYS B 1002 -38.51 -20.59 4.45
C LYS B 1002 -39.84 -20.55 5.19
N ASP B 1003 -40.81 -19.87 4.58
CA ASP B 1003 -42.16 -19.78 5.10
C ASP B 1003 -42.21 -19.19 6.50
N GLY B 1004 -41.62 -18.01 6.64
CA GLY B 1004 -41.79 -17.24 7.87
C GLY B 1004 -43.03 -16.39 7.81
N GLU B 1005 -43.60 -16.10 8.97
CA GLU B 1005 -44.77 -15.23 9.02
C GLU B 1005 -44.81 -14.49 10.35
N TRP B 1006 -45.26 -13.23 10.29
CA TRP B 1006 -45.65 -12.47 11.47
C TRP B 1006 -47.07 -11.99 11.23
N ARG B 1007 -47.98 -12.32 12.13
CA ARG B 1007 -49.35 -11.87 11.97
C ARG B 1007 -49.86 -11.33 13.29
N PHE B 1008 -50.31 -10.08 13.28
CA PHE B 1008 -50.77 -9.44 14.49
C PHE B 1008 -52.27 -9.18 14.37
N PRO B 1009 -53.07 -9.71 15.27
CA PRO B 1009 -54.51 -9.47 15.21
C PRO B 1009 -54.81 -7.99 15.37
N PRO B 1010 -56.00 -7.55 14.97
CA PRO B 1010 -56.34 -6.14 15.15
C PRO B 1010 -56.46 -5.80 16.62
N LEU B 1011 -56.40 -4.50 16.93
CA LEU B 1011 -56.44 -4.03 18.31
C LEU B 1011 -57.29 -2.78 18.40
N ALA B 1012 -57.92 -2.59 19.56
CA ALA B 1012 -58.73 -1.40 19.79
C ALA B 1012 -57.84 -0.18 20.01
N ALA B 1013 -58.40 0.99 19.73
CA ALA B 1013 -57.66 2.24 19.84
C ALA B 1013 -57.03 2.40 21.22
N GLU B 1014 -57.71 1.91 22.26
CA GLU B 1014 -57.15 1.99 23.61
C GLU B 1014 -55.80 1.29 23.68
N GLN B 1015 -55.82 -0.04 23.58
CA GLN B 1015 -54.56 -0.79 23.67
C GLN B 1015 -53.56 -0.32 22.62
N ALA B 1016 -54.05 0.08 21.44
CA ALA B 1016 -53.16 0.62 20.43
C ALA B 1016 -52.37 1.80 20.97
N LEU B 1017 -53.08 2.80 21.47
CA LEU B 1017 -52.42 3.99 21.99
C LEU B 1017 -51.57 3.67 23.20
N HIS B 1018 -51.96 2.65 23.96
CA HIS B 1018 -51.17 2.31 25.14
C HIS B 1018 -49.84 1.69 24.76
N TYR B 1019 -49.85 0.72 23.85
CA TYR B 1019 -48.59 0.14 23.42
C TYR B 1019 -47.75 1.16 22.68
N LEU B 1020 -48.37 1.94 21.81
CA LEU B 1020 -47.64 2.99 21.13
C LEU B 1020 -46.98 3.92 22.13
N SER B 1021 -47.68 4.22 23.22
CA SER B 1021 -47.06 4.97 24.31
C SER B 1021 -45.78 4.29 24.74
N GLN B 1022 -45.83 2.99 24.99
CA GLN B 1022 -44.63 2.30 25.45
C GLN B 1022 -43.51 2.46 24.43
N LEU B 1023 -43.84 2.36 23.15
CA LEU B 1023 -42.82 2.56 22.14
C LEU B 1023 -42.17 3.94 22.26
N ILE B 1024 -42.99 4.99 22.20
CA ILE B 1024 -42.46 6.34 22.23
C ILE B 1024 -41.60 6.55 23.47
N GLU B 1025 -42.15 6.19 24.64
CA GLU B 1025 -41.35 6.25 25.85
C GLU B 1025 -40.02 5.55 25.66
N GLY B 1026 -40.01 4.43 24.96
CA GLY B 1026 -38.75 3.87 24.52
C GLY B 1026 -37.92 4.87 23.74
N TYR B 1027 -38.59 5.66 22.88
CA TYR B 1027 -37.84 6.56 22.03
C TYR B 1027 -37.17 7.66 22.83
N ARG B 1028 -37.87 8.28 23.77
CA ARG B 1028 -37.20 9.32 24.54
C ARG B 1028 -36.22 8.73 25.55
N GLU B 1029 -36.39 7.44 25.82
CA GLU B 1029 -35.48 6.70 26.65
C GLU B 1029 -34.15 6.55 25.90
N GLY B 1030 -34.25 6.34 24.58
CA GLY B 1030 -33.10 6.12 23.73
C GLY B 1030 -32.21 7.33 23.67
N MET B 1031 -32.76 8.47 23.25
CA MET B 1031 -32.01 9.69 23.08
C MET B 1031 -31.30 10.14 24.34
N SER B 1032 -31.72 9.63 25.50
CA SER B 1032 -31.09 9.95 26.77
C SER B 1032 -29.94 9.00 27.09
N ALA B 1033 -30.24 7.71 27.25
CA ALA B 1033 -29.20 6.75 27.50
C ALA B 1033 -29.20 5.73 26.37
N PRO B 1034 -28.05 5.24 25.98
CA PRO B 1034 -28.00 4.27 24.89
C PRO B 1034 -28.70 2.99 25.28
N LEU B 1035 -30.02 3.03 25.20
CA LEU B 1035 -30.85 1.89 25.57
C LEU B 1035 -30.34 0.61 24.94
N LEU B 1036 -30.14 -0.41 25.75
CA LEU B 1036 -29.63 -1.68 25.27
C LEU B 1036 -30.81 -2.59 25.09
N VAL B 1037 -31.19 -2.80 23.84
CA VAL B 1037 -32.15 -3.82 23.48
C VAL B 1037 -31.62 -4.48 22.23
N LEU B 1038 -31.33 -5.77 22.30
CA LEU B 1038 -30.82 -6.43 21.13
C LEU B 1038 -31.95 -7.16 20.41
N PRO B 1039 -32.42 -6.64 19.29
CA PRO B 1039 -33.58 -7.21 18.62
C PRO B 1039 -33.44 -8.68 18.24
N GLU B 1040 -32.24 -9.21 18.18
CA GLU B 1040 -32.13 -10.64 17.92
C GLU B 1040 -31.77 -11.44 19.14
N SER B 1041 -30.60 -11.20 19.73
CA SER B 1041 -30.20 -11.97 20.90
C SER B 1041 -31.21 -11.88 22.03
N GLY B 1042 -31.61 -10.66 22.41
CA GLY B 1042 -32.70 -10.52 23.34
C GLY B 1042 -33.95 -11.25 22.85
N GLY B 1043 -34.21 -11.17 21.55
CA GLY B 1043 -35.32 -11.93 21.00
C GLY B 1043 -35.17 -13.42 21.22
N ALA B 1044 -33.94 -13.92 21.06
CA ALA B 1044 -33.67 -15.32 21.31
C ALA B 1044 -33.87 -15.71 22.77
N TRP B 1045 -33.44 -14.88 23.69
CA TRP B 1045 -33.67 -15.13 25.11
C TRP B 1045 -35.15 -15.11 25.46
N LEU B 1046 -35.91 -14.20 24.86
CA LEU B 1046 -37.34 -14.13 25.14
C LEU B 1046 -38.10 -15.25 24.44
N LYS B 1047 -37.54 -15.83 23.39
CA LYS B 1047 -38.17 -16.98 22.76
C LYS B 1047 -38.26 -18.15 23.71
N THR B 1048 -37.17 -18.46 24.39
CA THR B 1048 -37.20 -19.59 25.31
C THR B 1048 -38.15 -19.37 26.47
N CYS B 1049 -37.98 -18.27 27.20
CA CYS B 1049 -38.70 -18.07 28.45
C CYS B 1049 -40.21 -17.97 28.26
N TYR B 1050 -40.67 -17.23 27.26
CA TYR B 1050 -42.10 -16.98 27.13
C TYR B 1050 -42.84 -18.25 26.74
N ASP B 1051 -44.06 -18.39 27.28
CA ASP B 1051 -44.91 -19.54 26.98
C ASP B 1051 -46.27 -19.03 26.50
N ALA B 1052 -46.58 -19.33 25.23
CA ALA B 1052 -47.77 -18.77 24.62
C ALA B 1052 -49.05 -19.38 25.18
N GLN B 1053 -48.98 -20.62 25.66
CA GLN B 1053 -50.20 -21.25 26.16
C GLN B 1053 -50.62 -20.65 27.49
N ASN B 1054 -49.65 -20.39 28.36
CA ASN B 1054 -49.93 -19.75 29.63
C ASN B 1054 -49.83 -18.24 29.57
N ASP B 1055 -49.36 -17.68 28.46
CA ASP B 1055 -49.18 -16.23 28.32
C ASP B 1055 -48.33 -15.68 29.45
N ALA B 1056 -47.34 -16.46 29.88
CA ALA B 1056 -46.46 -16.05 30.96
C ALA B 1056 -45.07 -16.60 30.71
N MET B 1057 -44.07 -15.78 30.97
CA MET B 1057 -42.70 -16.22 30.82
C MET B 1057 -42.34 -17.20 31.93
N LEU B 1058 -41.68 -18.29 31.54
CA LEU B 1058 -41.28 -19.27 32.51
C LEU B 1058 -40.22 -18.70 33.46
N ASP B 1059 -40.09 -19.37 34.58
CA ASP B 1059 -39.22 -19.02 35.69
C ASP B 1059 -38.12 -20.03 35.90
N ASP B 1060 -38.48 -21.31 36.03
CA ASP B 1060 -37.58 -22.36 36.50
C ASP B 1060 -36.22 -22.30 35.84
N ASP B 1061 -35.18 -22.45 36.67
CA ASP B 1061 -33.80 -22.25 36.25
C ASP B 1061 -33.33 -23.26 35.22
N SER B 1062 -34.04 -24.37 35.04
CA SER B 1062 -33.69 -25.26 33.93
C SER B 1062 -33.73 -24.49 32.61
N THR B 1063 -34.88 -23.90 32.30
CA THR B 1063 -34.97 -23.06 31.12
C THR B 1063 -34.10 -21.82 31.25
N LEU B 1064 -33.92 -21.30 32.45
CA LEU B 1064 -33.07 -20.13 32.50
C LEU B 1064 -31.67 -20.43 32.20
N GLN B 1065 -31.19 -21.66 32.12
CA GLN B 1065 -29.92 -21.90 31.46
C GLN B 1065 -30.10 -22.33 30.02
N LYS B 1066 -31.34 -22.47 29.55
CA LYS B 1066 -31.56 -22.61 28.12
C LYS B 1066 -31.50 -21.26 27.45
N ALA B 1067 -32.17 -20.26 28.03
CA ALA B 1067 -32.24 -18.95 27.39
C ALA B 1067 -30.88 -18.28 27.39
N ARG B 1068 -29.99 -18.68 28.31
CA ARG B 1068 -28.65 -18.10 28.30
C ARG B 1068 -27.83 -18.68 27.17
N THR B 1069 -27.82 -20.00 27.03
CA THR B 1069 -27.10 -20.62 25.93
C THR B 1069 -27.66 -20.20 24.57
N LYS B 1070 -28.98 -20.13 24.45
CA LYS B 1070 -29.57 -19.65 23.21
C LYS B 1070 -29.36 -18.16 23.04
N PHE B 1071 -29.08 -17.45 24.12
CA PHE B 1071 -28.73 -16.04 24.00
C PHE B 1071 -27.33 -15.88 23.44
N LEU B 1072 -26.31 -16.29 24.20
CA LEU B 1072 -24.95 -16.21 23.71
C LEU B 1072 -24.81 -16.79 22.32
N GLN B 1073 -25.41 -17.96 22.08
CA GLN B 1073 -25.39 -18.51 20.73
C GLN B 1073 -25.85 -17.50 19.69
N ALA B 1074 -26.84 -16.68 20.04
CA ALA B 1074 -27.33 -15.69 19.09
C ALA B 1074 -26.42 -14.47 19.05
N TYR B 1075 -25.76 -14.15 20.16
CA TYR B 1075 -24.99 -12.93 20.28
C TYR B 1075 -23.72 -13.07 19.45
N GLU B 1076 -22.82 -13.92 19.91
CA GLU B 1076 -21.69 -14.31 19.10
C GLU B 1076 -22.12 -15.43 18.17
N GLY B 1077 -21.67 -15.37 16.93
CA GLY B 1077 -22.13 -16.28 15.90
C GLY B 1077 -21.28 -17.53 15.81
N ASN B 1078 -21.57 -18.33 14.80
CA ASN B 1078 -20.81 -19.54 14.54
C ASN B 1078 -19.54 -19.15 13.81
N MET B 1079 -18.82 -20.14 13.32
CA MET B 1079 -17.79 -19.87 12.33
C MET B 1079 -18.38 -19.72 10.94
N MET B 1080 -19.70 -19.87 10.82
CA MET B 1080 -20.42 -19.64 9.57
C MET B 1080 -21.06 -18.26 9.54
N VAL B 1081 -22.13 -18.06 10.30
CA VAL B 1081 -22.88 -16.81 10.33
C VAL B 1081 -22.30 -15.88 11.39
N ARG B 1082 -22.13 -14.62 11.01
CA ARG B 1082 -21.69 -13.60 11.95
C ARG B 1082 -22.75 -13.32 13.01
N GLY B 1083 -22.31 -13.23 14.26
CA GLY B 1083 -23.21 -13.01 15.37
C GLY B 1083 -23.54 -11.55 15.58
N GLU B 1084 -24.76 -11.31 16.07
CA GLU B 1084 -25.25 -9.98 16.39
C GLU B 1084 -24.24 -9.25 17.25
N GLY B 1085 -23.54 -10.01 18.08
CA GLY B 1085 -22.62 -9.42 19.01
C GLY B 1085 -21.45 -8.72 18.37
N ASP B 1086 -21.14 -9.02 17.12
CA ASP B 1086 -20.00 -8.39 16.47
C ASP B 1086 -20.58 -7.29 15.58
N ASP B 1087 -20.46 -6.06 16.05
CA ASP B 1087 -20.85 -4.88 15.29
C ASP B 1087 -20.10 -3.68 15.84
N ILE B 1088 -19.74 -2.72 14.98
CA ILE B 1088 -19.05 -1.54 15.47
C ILE B 1088 -19.89 -0.81 16.50
N TRP B 1089 -21.21 -0.83 16.37
CA TRP B 1089 -22.01 -0.07 17.32
C TRP B 1089 -21.95 -0.67 18.71
N TYR B 1090 -21.89 -2.00 18.82
CA TYR B 1090 -21.74 -2.65 20.11
C TYR B 1090 -20.30 -2.73 20.56
N GLN B 1091 -19.34 -2.51 19.68
CA GLN B 1091 -17.97 -2.50 20.12
C GLN B 1091 -17.65 -1.27 20.95
N ARG B 1092 -18.25 -0.14 20.62
CA ARG B 1092 -17.90 1.08 21.34
C ARG B 1092 -18.37 1.03 22.78
N LEU B 1093 -19.45 0.31 23.07
CA LEU B 1093 -19.99 0.25 24.41
C LEU B 1093 -19.21 -0.68 25.33
N TRP B 1094 -18.95 -1.91 24.89
CA TRP B 1094 -18.16 -2.84 25.67
C TRP B 1094 -17.30 -3.67 24.75
N ARG B 1095 -16.05 -3.89 25.16
CA ARG B 1095 -15.17 -4.76 24.39
C ARG B 1095 -15.46 -6.22 24.67
N GLN B 1096 -15.99 -6.51 25.85
CA GLN B 1096 -16.21 -7.87 26.31
C GLN B 1096 -17.49 -7.92 27.11
N LEU B 1097 -18.30 -8.93 26.87
CA LEU B 1097 -19.63 -8.96 27.43
C LEU B 1097 -19.58 -9.40 28.89
N THR B 1098 -20.03 -8.55 29.78
CA THR B 1098 -20.06 -9.03 31.15
C THR B 1098 -21.41 -9.69 31.44
N PRO B 1099 -21.41 -10.74 32.25
CA PRO B 1099 -22.68 -11.34 32.64
C PRO B 1099 -23.64 -10.35 33.24
N GLU B 1100 -23.12 -9.30 33.87
CA GLU B 1100 -23.98 -8.21 34.32
C GLU B 1100 -24.68 -7.54 33.15
N THR B 1101 -23.89 -7.04 32.19
CA THR B 1101 -24.46 -6.39 31.02
C THR B 1101 -25.42 -7.30 30.29
N MET B 1102 -25.13 -8.61 30.28
CA MET B 1102 -26.10 -9.56 29.77
C MET B 1102 -27.46 -9.38 30.44
N GLU B 1103 -27.45 -9.37 31.76
CA GLU B 1103 -28.69 -9.15 32.51
C GLU B 1103 -29.33 -7.83 32.13
N ALA B 1104 -28.53 -6.76 32.09
CA ALA B 1104 -29.05 -5.46 31.70
C ALA B 1104 -29.79 -5.52 30.38
N ILE B 1105 -29.27 -6.24 29.40
CA ILE B 1105 -29.93 -6.37 28.12
C ILE B 1105 -31.22 -7.16 28.27
N VAL B 1106 -31.17 -8.25 29.03
CA VAL B 1106 -32.33 -9.12 29.18
C VAL B 1106 -33.49 -8.36 29.80
N GLU B 1107 -33.19 -7.44 30.71
CA GLU B 1107 -34.25 -6.75 31.42
C GLU B 1107 -35.00 -5.79 30.50
N GLN B 1108 -34.28 -4.95 29.78
CA GLN B 1108 -34.96 -3.99 28.90
C GLN B 1108 -35.62 -4.72 27.73
N SER B 1109 -34.90 -5.66 27.13
CA SER B 1109 -35.48 -6.46 26.07
C SER B 1109 -36.80 -7.10 26.50
N GLN B 1110 -36.81 -7.71 27.68
CA GLN B 1110 -38.06 -8.20 28.26
C GLN B 1110 -39.13 -7.12 28.34
N ARG B 1111 -38.72 -5.86 28.50
CA ARG B 1111 -39.66 -4.76 28.66
C ARG B 1111 -40.33 -4.40 27.33
N PHE B 1112 -39.54 -4.00 26.34
CA PHE B 1112 -40.13 -3.59 25.07
C PHE B 1112 -40.55 -4.74 24.18
N LEU B 1113 -39.78 -5.84 24.15
CA LEU B 1113 -40.04 -6.85 23.13
C LEU B 1113 -41.29 -7.66 23.42
N LEU B 1114 -41.57 -7.95 24.67
CA LEU B 1114 -42.61 -8.90 25.05
C LEU B 1114 -43.91 -8.75 24.26
N PRO B 1115 -44.48 -7.55 24.15
CA PRO B 1115 -45.76 -7.44 23.42
C PRO B 1115 -45.69 -7.96 22.00
N LEU B 1116 -44.48 -8.07 21.45
CA LEU B 1116 -44.33 -8.79 20.19
C LEU B 1116 -44.84 -10.22 20.31
N PHE B 1117 -44.09 -11.06 21.01
CA PHE B 1117 -44.42 -12.46 21.04
C PHE B 1117 -45.80 -12.68 21.65
N ARG B 1118 -46.22 -11.80 22.54
CA ARG B 1118 -47.53 -11.94 23.18
C ARG B 1118 -48.69 -11.91 22.19
N PHE B 1119 -48.64 -11.02 21.22
CA PHE B 1119 -49.70 -10.96 20.21
C PHE B 1119 -49.39 -11.65 18.89
N ASN B 1120 -48.16 -12.09 18.65
CA ASN B 1120 -47.86 -12.78 17.40
C ASN B 1120 -48.67 -14.06 17.29
N GLN B 1121 -49.07 -14.40 16.07
CA GLN B 1121 -49.83 -15.62 15.88
C GLN B 1121 -49.69 -16.12 14.46
N LYS C 3 -11.78 2.51 -41.52
CA LYS C 3 -12.91 3.10 -42.22
C LYS C 3 -12.91 4.60 -42.02
N LEU C 4 -14.12 5.18 -41.96
CA LEU C 4 -14.26 6.58 -41.58
C LEU C 4 -13.83 6.82 -40.14
N GLN C 5 -13.58 5.77 -39.37
CA GLN C 5 -13.01 5.90 -38.05
C GLN C 5 -11.80 6.83 -38.06
N LYS C 6 -10.74 6.41 -38.77
CA LYS C 6 -9.53 7.22 -38.84
C LYS C 6 -9.82 8.63 -39.37
N GLN C 7 -10.81 8.76 -40.25
CA GLN C 7 -11.29 10.09 -40.61
C GLN C 7 -11.67 10.87 -39.37
N LEU C 8 -12.54 10.30 -38.53
CA LEU C 8 -12.97 10.97 -37.32
C LEU C 8 -11.82 11.24 -36.37
N LEU C 9 -10.72 10.50 -36.49
CA LEU C 9 -9.55 10.82 -35.68
C LEU C 9 -9.02 12.22 -35.97
N GLU C 10 -9.37 12.81 -37.11
CA GLU C 10 -8.88 14.15 -37.44
C GLU C 10 -9.65 15.23 -36.69
N ALA C 11 -10.97 15.14 -36.66
CA ALA C 11 -11.79 16.19 -36.06
C ALA C 11 -11.46 16.42 -34.60
N VAL C 12 -10.79 15.47 -33.95
CA VAL C 12 -10.31 15.69 -32.60
C VAL C 12 -9.07 16.59 -32.61
N GLU C 13 -8.16 16.35 -33.55
CA GLU C 13 -7.06 17.29 -33.76
C GLU C 13 -7.60 18.66 -34.12
N HIS C 14 -8.60 18.68 -35.00
CA HIS C 14 -9.34 19.89 -35.29
C HIS C 14 -10.23 20.31 -34.12
N LYS C 15 -10.38 19.45 -33.12
CA LYS C 15 -11.16 19.69 -31.91
C LYS C 15 -12.61 20.03 -32.23
N GLN C 16 -13.09 19.61 -33.40
CA GLN C 16 -14.49 19.78 -33.72
C GLN C 16 -15.34 18.69 -33.09
N LEU C 17 -14.73 17.62 -32.59
CA LEU C 17 -15.46 16.52 -31.96
C LEU C 17 -14.85 16.18 -30.62
N ARG C 18 -15.68 16.03 -29.61
CA ARG C 18 -15.18 15.57 -28.34
C ARG C 18 -14.81 14.10 -28.45
N PRO C 19 -13.83 13.65 -27.66
CA PRO C 19 -13.47 12.23 -27.70
C PRO C 19 -14.64 11.32 -27.36
N LEU C 20 -15.44 11.73 -26.38
CA LEU C 20 -16.70 11.03 -26.10
C LEU C 20 -17.50 10.83 -27.37
N ASP C 21 -17.66 11.89 -28.16
CA ASP C 21 -18.43 11.80 -29.39
C ASP C 21 -17.91 10.67 -30.26
N VAL C 22 -16.61 10.71 -30.56
CA VAL C 22 -16.02 9.71 -31.45
C VAL C 22 -16.25 8.31 -30.90
N GLN C 23 -15.88 8.09 -29.63
CA GLN C 23 -15.99 6.75 -29.06
C GLN C 23 -17.42 6.25 -29.13
N PHE C 24 -18.36 7.10 -28.77
CA PHE C 24 -19.77 6.75 -28.88
C PHE C 24 -20.11 6.28 -30.27
N ALA C 25 -19.82 7.12 -31.27
CA ALA C 25 -20.15 6.77 -32.65
C ALA C 25 -19.51 5.44 -33.04
N LEU C 26 -18.31 5.18 -32.53
CA LEU C 26 -17.65 3.92 -32.85
C LEU C 26 -18.42 2.74 -32.29
N THR C 27 -18.74 2.78 -30.99
CA THR C 27 -19.40 1.63 -30.38
C THR C 27 -20.79 1.44 -30.94
N VAL C 28 -21.63 2.47 -30.81
CA VAL C 28 -23.02 2.30 -31.21
C VAL C 28 -23.15 2.19 -32.72
N ALA C 29 -22.51 3.10 -33.44
CA ALA C 29 -22.58 3.06 -34.90
C ALA C 29 -22.07 1.75 -35.46
N GLY C 30 -21.18 1.08 -34.75
CA GLY C 30 -20.70 -0.20 -35.22
C GLY C 30 -19.98 -0.08 -36.55
N ASP C 31 -20.25 -1.04 -37.43
CA ASP C 31 -19.60 -1.17 -38.72
C ASP C 31 -20.40 -0.57 -39.87
N GLU C 32 -21.50 0.12 -39.58
CA GLU C 32 -22.49 0.45 -40.60
C GLU C 32 -21.94 1.45 -41.61
N HIS C 33 -22.81 1.85 -42.54
CA HIS C 33 -22.44 2.83 -43.54
C HIS C 33 -21.97 4.10 -42.85
N PRO C 34 -20.86 4.67 -43.28
CA PRO C 34 -20.26 5.79 -42.54
C PRO C 34 -21.23 6.93 -42.29
N ALA C 35 -22.30 7.02 -43.06
CA ALA C 35 -23.34 7.99 -42.75
C ALA C 35 -23.84 7.77 -41.33
N VAL C 36 -23.96 6.50 -40.94
CA VAL C 36 -24.40 6.20 -39.58
C VAL C 36 -23.36 6.70 -38.58
N THR C 37 -22.11 6.35 -38.81
CA THR C 37 -21.06 6.69 -37.85
C THR C 37 -20.94 8.20 -37.69
N LEU C 38 -20.66 8.89 -38.79
CA LEU C 38 -20.55 10.34 -38.73
C LEU C 38 -21.81 10.97 -38.16
N ALA C 39 -22.97 10.59 -38.70
CA ALA C 39 -24.23 11.14 -38.22
C ALA C 39 -24.33 11.03 -36.70
N ALA C 40 -24.01 9.86 -36.16
CA ALA C 40 -24.09 9.68 -34.72
C ALA C 40 -23.10 10.60 -34.02
N ALA C 41 -21.86 10.65 -34.49
CA ALA C 41 -20.87 11.50 -33.85
C ALA C 41 -21.35 12.95 -33.80
N LEU C 42 -21.96 13.44 -34.88
CA LEU C 42 -22.50 14.79 -34.85
C LEU C 42 -23.65 14.89 -33.86
N LEU C 43 -24.45 13.85 -33.74
CA LEU C 43 -25.52 13.88 -32.75
C LEU C 43 -24.94 14.04 -31.35
N SER C 44 -23.93 13.22 -31.03
CA SER C 44 -23.28 13.34 -29.73
C SER C 44 -22.64 14.70 -29.55
N HIS C 45 -22.16 15.31 -30.64
CA HIS C 45 -21.51 16.61 -30.51
C HIS C 45 -22.51 17.71 -30.20
N ASP C 46 -23.53 17.85 -31.05
CA ASP C 46 -24.53 18.88 -30.79
C ASP C 46 -25.23 18.65 -29.47
N ALA C 47 -25.47 17.38 -29.12
CA ALA C 47 -26.01 17.10 -27.81
C ALA C 47 -25.01 17.43 -26.72
N GLY C 48 -23.71 17.46 -27.03
CA GLY C 48 -22.74 17.84 -26.04
C GLY C 48 -22.75 19.33 -25.78
N GLU C 49 -22.82 20.12 -26.84
CA GLU C 49 -22.92 21.56 -26.66
C GLU C 49 -24.28 21.98 -26.11
N GLY C 50 -25.20 21.05 -25.91
CA GLY C 50 -26.45 21.35 -25.26
C GLY C 50 -27.67 21.36 -26.13
N HIS C 51 -27.54 21.04 -27.42
CA HIS C 51 -28.71 20.92 -28.26
C HIS C 51 -29.44 19.63 -27.95
N VAL C 52 -30.77 19.69 -28.01
CA VAL C 52 -31.55 18.49 -27.71
C VAL C 52 -31.61 17.57 -28.91
N CYS C 53 -31.78 18.12 -30.11
CA CYS C 53 -31.96 17.28 -31.29
C CYS C 53 -30.95 17.62 -32.37
N LEU C 54 -31.07 16.95 -33.51
CA LEU C 54 -30.21 17.22 -34.67
C LEU C 54 -31.05 17.09 -35.93
N PRO C 55 -31.77 18.14 -36.32
CA PRO C 55 -32.63 18.04 -37.50
C PRO C 55 -31.80 17.73 -38.73
N LEU C 56 -32.24 16.70 -39.47
CA LEU C 56 -31.41 16.14 -40.53
C LEU C 56 -31.00 17.18 -41.55
N SER C 57 -31.81 18.23 -41.71
CA SER C 57 -31.49 19.30 -42.64
C SER C 57 -30.07 19.78 -42.45
N ARG C 58 -29.69 20.02 -41.19
CA ARG C 58 -28.40 20.64 -40.92
C ARG C 58 -27.27 19.71 -41.32
N LEU C 59 -27.34 18.45 -40.90
CA LEU C 59 -26.26 17.51 -41.15
C LEU C 59 -26.16 17.11 -42.61
N GLU C 60 -27.27 17.11 -43.34
CA GLU C 60 -27.19 16.83 -44.77
C GLU C 60 -26.79 18.05 -45.58
N ASN C 61 -27.11 19.24 -45.11
CA ASN C 61 -26.81 20.46 -45.85
C ASN C 61 -25.35 20.86 -45.68
N ASN C 62 -24.81 20.71 -44.48
CA ASN C 62 -23.43 21.15 -44.27
C ASN C 62 -22.45 20.23 -45.01
N GLU C 63 -22.54 18.92 -44.78
CA GLU C 63 -21.56 17.96 -45.28
C GLU C 63 -20.14 18.39 -44.96
N ALA C 64 -19.96 19.06 -43.82
CA ALA C 64 -18.67 19.64 -43.51
C ALA C 64 -17.67 18.57 -43.11
N SER C 65 -18.12 17.55 -42.37
CA SER C 65 -17.20 16.53 -41.88
C SER C 65 -16.75 15.56 -42.98
N HIS C 66 -17.47 15.51 -44.10
CA HIS C 66 -17.15 14.61 -45.20
C HIS C 66 -18.12 14.88 -46.35
N PRO C 67 -17.73 14.60 -47.60
CA PRO C 67 -18.67 14.72 -48.71
C PRO C 67 -19.73 13.63 -48.66
N LEU C 68 -20.78 13.91 -47.90
CA LEU C 68 -21.84 12.97 -47.56
C LEU C 68 -22.58 12.47 -48.81
N LEU C 69 -22.18 12.94 -49.98
CA LEU C 69 -22.48 12.18 -51.18
C LEU C 69 -21.92 10.78 -51.05
N ALA C 70 -20.58 10.66 -51.05
CA ALA C 70 -19.95 9.35 -51.02
C ALA C 70 -20.22 8.62 -49.70
N THR C 71 -20.26 9.37 -48.60
CA THR C 71 -20.61 8.77 -47.32
C THR C 71 -22.06 8.32 -47.31
N CYS C 72 -22.96 9.21 -47.71
CA CYS C 72 -24.39 8.95 -47.63
C CYS C 72 -24.86 7.98 -48.70
N VAL C 73 -24.32 8.06 -49.91
CA VAL C 73 -24.70 7.12 -50.96
C VAL C 73 -23.72 5.96 -50.87
N SER C 74 -24.23 4.80 -50.43
CA SER C 74 -23.35 3.66 -50.21
C SER C 74 -23.63 2.57 -51.25
N GLU C 75 -24.72 1.83 -51.05
CA GLU C 75 -25.07 0.71 -51.92
C GLU C 75 -26.58 0.52 -51.88
N ILE C 76 -27.03 -0.62 -52.40
CA ILE C 76 -28.43 -1.07 -52.31
C ILE C 76 -29.36 -0.03 -52.92
N GLY C 77 -29.11 0.33 -54.18
CA GLY C 77 -29.92 1.32 -54.84
C GLY C 77 -29.71 2.69 -54.26
N GLU C 78 -30.78 3.42 -53.98
CA GLU C 78 -30.68 4.74 -53.36
C GLU C 78 -30.86 4.57 -51.86
N LEU C 79 -29.76 4.68 -51.12
CA LEU C 79 -29.78 4.89 -49.68
C LEU C 79 -29.60 6.35 -49.31
N GLN C 80 -29.40 7.21 -50.30
CA GLN C 80 -29.07 8.61 -50.08
C GLN C 80 -30.10 9.33 -49.22
N ASN C 81 -31.31 8.81 -49.12
CA ASN C 81 -32.27 9.39 -48.20
C ASN C 81 -31.77 9.12 -46.80
N TRP C 82 -31.57 10.20 -46.02
CA TRP C 82 -30.98 10.04 -44.70
C TRP C 82 -31.90 9.25 -43.78
N GLU C 83 -33.19 9.53 -43.85
CA GLU C 83 -34.14 8.71 -43.09
C GLU C 83 -34.03 7.25 -43.49
N GLU C 84 -33.85 6.98 -44.79
CA GLU C 84 -33.68 5.61 -45.23
C GLU C 84 -32.42 4.97 -44.67
N CYS C 85 -31.25 5.54 -45.01
CA CYS C 85 -30.00 4.91 -44.61
C CYS C 85 -29.91 4.79 -43.10
N LEU C 86 -30.11 5.90 -42.40
CA LEU C 86 -30.02 5.88 -40.94
C LEU C 86 -31.05 4.94 -40.34
N LEU C 87 -32.34 5.18 -40.61
CA LEU C 87 -33.39 4.37 -40.02
C LEU C 87 -33.25 2.90 -40.36
N ALA C 88 -32.46 2.56 -41.38
CA ALA C 88 -32.21 1.16 -41.70
C ALA C 88 -31.46 0.47 -40.58
N SER C 89 -30.36 1.07 -40.12
CA SER C 89 -29.50 0.42 -39.16
C SER C 89 -30.20 0.26 -37.82
N GLN C 90 -29.67 -0.64 -37.00
CA GLN C 90 -30.28 -0.90 -35.70
C GLN C 90 -29.87 0.12 -34.65
N ALA C 91 -28.86 0.94 -34.92
CA ALA C 91 -28.53 2.01 -33.98
C ALA C 91 -29.56 3.13 -34.01
N VAL C 92 -30.51 3.10 -34.92
CA VAL C 92 -31.55 4.11 -35.00
C VAL C 92 -32.88 3.40 -35.13
N SER C 93 -33.93 3.98 -34.56
CA SER C 93 -35.27 3.43 -34.70
C SER C 93 -36.27 4.56 -34.68
N ARG C 94 -37.53 4.19 -34.84
CA ARG C 94 -38.64 5.12 -34.80
C ARG C 94 -39.20 5.30 -33.39
N GLY C 95 -38.58 4.67 -32.40
CA GLY C 95 -39.11 4.65 -31.05
C GLY C 95 -39.76 3.34 -30.68
N ASP C 96 -39.82 2.38 -31.60
CA ASP C 96 -40.43 1.09 -31.31
C ASP C 96 -39.53 0.24 -30.43
N GLU C 97 -38.29 0.04 -30.85
CA GLU C 97 -37.34 -0.79 -30.13
C GLU C 97 -36.54 0.00 -29.12
N PRO C 98 -35.92 -0.68 -28.17
CA PRO C 98 -35.01 0.00 -27.24
C PRO C 98 -33.73 0.38 -27.94
N THR C 99 -33.73 1.51 -28.61
CA THR C 99 -32.61 1.83 -29.47
C THR C 99 -31.87 3.06 -28.94
N PRO C 100 -30.54 3.09 -29.07
CA PRO C 100 -29.79 4.27 -28.61
C PRO C 100 -30.32 5.57 -29.15
N MET C 101 -30.64 5.64 -30.44
CA MET C 101 -31.04 6.88 -31.07
C MET C 101 -32.46 6.76 -31.60
N ILE C 102 -33.14 7.90 -31.64
CA ILE C 102 -34.52 8.00 -32.09
C ILE C 102 -34.58 8.94 -33.28
N LEU C 103 -35.34 8.54 -34.30
CA LEU C 103 -35.67 9.42 -35.41
C LEU C 103 -37.18 9.58 -35.45
N CYS C 104 -37.65 10.81 -35.23
CA CYS C 104 -39.07 11.08 -35.19
C CYS C 104 -39.47 12.16 -36.19
N GLY C 105 -39.14 13.42 -35.93
CA GLY C 105 -39.70 14.52 -36.69
C GLY C 105 -38.82 15.07 -37.79
N ASP C 106 -37.94 14.21 -38.33
CA ASP C 106 -36.77 14.54 -39.15
C ASP C 106 -35.62 14.86 -38.20
N ARG C 107 -35.89 14.82 -36.91
CA ARG C 107 -34.93 15.20 -35.88
C ARG C 107 -34.38 13.92 -35.27
N LEU C 108 -33.12 13.64 -35.54
CA LEU C 108 -32.43 12.50 -34.95
C LEU C 108 -31.85 12.92 -33.62
N TYR C 109 -32.09 12.13 -32.58
CA TYR C 109 -31.60 12.52 -31.26
C TYR C 109 -31.82 11.41 -30.26
N LEU C 110 -31.13 11.54 -29.13
CA LEU C 110 -30.90 10.44 -28.23
C LEU C 110 -32.19 9.96 -27.58
N ASN C 111 -32.21 8.67 -27.26
CA ASN C 111 -33.39 8.07 -26.66
C ASN C 111 -33.76 8.79 -25.36
N ARG C 112 -32.78 9.00 -24.49
CA ARG C 112 -33.02 9.71 -23.24
C ARG C 112 -33.67 11.06 -23.49
N MET C 113 -33.08 11.84 -24.41
CA MET C 113 -33.64 13.14 -24.72
C MET C 113 -35.04 13.03 -25.30
N TRP C 114 -35.32 11.94 -26.01
CA TRP C 114 -36.65 11.80 -26.59
C TRP C 114 -37.69 11.49 -25.54
N CYS C 115 -37.36 10.66 -24.56
CA CYS C 115 -38.31 10.38 -23.50
C CYS C 115 -38.53 11.59 -22.61
N ASN C 116 -37.45 12.18 -22.10
CA ASN C 116 -37.58 13.38 -21.30
C ASN C 116 -38.33 14.45 -22.08
N GLU C 117 -37.96 14.60 -23.35
CA GLU C 117 -38.63 15.52 -24.26
C GLU C 117 -40.13 15.31 -24.23
N ARG C 118 -40.56 14.08 -24.51
CA ARG C 118 -41.98 13.82 -24.59
C ARG C 118 -42.67 14.10 -23.27
N THR C 119 -42.06 13.69 -22.16
CA THR C 119 -42.64 13.96 -20.85
C THR C 119 -42.89 15.44 -20.68
N VAL C 120 -41.89 16.26 -20.97
CA VAL C 120 -42.06 17.71 -20.86
C VAL C 120 -43.22 18.18 -21.72
N ALA C 121 -43.20 17.80 -23.00
CA ALA C 121 -44.24 18.23 -23.93
C ALA C 121 -45.62 17.90 -23.39
N ARG C 122 -45.91 16.61 -23.24
CA ARG C 122 -47.24 16.20 -22.79
C ARG C 122 -47.60 16.85 -21.48
N PHE C 123 -46.62 17.16 -20.64
CA PHE C 123 -46.95 17.79 -19.37
C PHE C 123 -47.41 19.23 -19.57
N PHE C 124 -46.79 19.95 -20.50
CA PHE C 124 -47.24 21.32 -20.74
C PHE C 124 -48.50 21.40 -21.60
N ASN C 125 -48.76 20.42 -22.45
CA ASN C 125 -49.92 20.54 -23.33
C ASN C 125 -51.18 19.97 -22.70
N GLU C 126 -51.25 18.64 -22.64
CA GLU C 126 -52.48 17.99 -22.22
C GLU C 126 -52.65 17.91 -20.70
N VAL C 127 -51.57 17.70 -19.95
CA VAL C 127 -51.72 17.32 -18.55
C VAL C 127 -52.28 18.47 -17.72
N ASN C 128 -51.77 19.68 -17.89
CA ASN C 128 -52.29 20.80 -17.10
C ASN C 128 -53.74 21.08 -17.47
N HIS C 129 -54.52 21.54 -16.49
CA HIS C 129 -55.96 21.66 -16.62
C HIS C 129 -56.42 23.06 -16.23
N ALA C 130 -57.68 23.33 -16.54
CA ALA C 130 -58.28 24.59 -16.12
C ALA C 130 -59.02 24.40 -14.81
N ILE C 131 -58.61 25.16 -13.79
CA ILE C 131 -59.28 25.18 -12.49
C ILE C 131 -60.32 26.30 -12.51
N GLU C 132 -61.50 26.01 -11.98
CA GLU C 132 -62.61 26.95 -12.04
C GLU C 132 -63.02 27.38 -10.64
N VAL C 133 -63.21 28.69 -10.48
CA VAL C 133 -63.67 29.30 -9.23
C VAL C 133 -64.63 30.43 -9.58
N ASP C 134 -65.29 30.95 -8.55
CA ASP C 134 -66.08 32.17 -8.72
C ASP C 134 -65.20 33.30 -9.20
N GLU C 135 -65.59 33.92 -10.32
CA GLU C 135 -64.81 35.02 -10.85
C GLU C 135 -65.01 36.29 -10.04
N ALA C 136 -66.21 36.48 -9.47
CA ALA C 136 -66.48 37.70 -8.72
C ALA C 136 -65.70 37.72 -7.41
N LEU C 137 -65.83 36.66 -6.61
CA LEU C 137 -65.09 36.57 -5.36
C LEU C 137 -63.59 36.67 -5.61
N LEU C 138 -63.09 35.90 -6.56
CA LEU C 138 -61.68 35.91 -6.88
C LEU C 138 -61.24 37.32 -7.26
N ALA C 139 -62.04 37.99 -8.10
CA ALA C 139 -61.70 39.34 -8.52
C ALA C 139 -61.66 40.28 -7.32
N GLN C 140 -62.56 40.09 -6.36
CA GLN C 140 -62.55 40.94 -5.16
C GLN C 140 -61.28 40.70 -4.37
N THR C 141 -60.92 39.44 -4.15
CA THR C 141 -59.68 39.13 -3.46
C THR C 141 -58.50 39.83 -4.10
N LEU C 142 -58.38 39.71 -5.43
CA LEU C 142 -57.31 40.41 -6.12
C LEU C 142 -57.39 41.91 -5.90
N ASP C 143 -58.61 42.46 -5.88
CA ASP C 143 -58.79 43.90 -5.68
C ASP C 143 -58.24 44.33 -4.33
N LYS C 144 -58.44 43.52 -3.29
CA LYS C 144 -57.81 43.80 -2.01
C LYS C 144 -56.32 43.52 -2.04
N LEU C 145 -55.85 42.69 -2.96
CA LEU C 145 -54.41 42.47 -3.06
C LEU C 145 -53.73 43.65 -3.75
N PHE C 146 -54.32 44.16 -4.82
CA PHE C 146 -53.68 45.16 -5.66
C PHE C 146 -54.44 46.48 -5.62
N PRO C 147 -53.84 47.53 -5.08
CA PRO C 147 -54.60 48.77 -4.87
C PRO C 147 -55.00 49.49 -6.14
N VAL C 148 -54.12 49.57 -7.14
CA VAL C 148 -54.31 50.48 -8.26
C VAL C 148 -55.07 49.77 -9.36
N SER C 149 -56.28 50.24 -9.64
CA SER C 149 -57.11 49.71 -10.71
C SER C 149 -57.07 50.54 -11.98
N ASP C 150 -56.36 51.67 -11.98
CA ASP C 150 -56.55 52.66 -13.04
C ASP C 150 -55.89 52.27 -14.36
N GLU C 151 -54.93 51.37 -14.34
CA GLU C 151 -54.22 50.97 -15.54
C GLU C 151 -54.10 49.46 -15.59
N ILE C 152 -53.68 48.95 -16.75
CA ILE C 152 -53.47 47.52 -16.89
C ILE C 152 -52.27 47.11 -16.06
N ASN C 153 -52.49 46.20 -15.12
CA ASN C 153 -51.44 45.69 -14.26
C ASN C 153 -51.05 44.33 -14.77
N TRP C 154 -49.79 44.18 -15.17
CA TRP C 154 -49.32 42.86 -15.59
C TRP C 154 -49.36 41.88 -14.44
N GLN C 155 -48.96 42.32 -13.25
CA GLN C 155 -48.90 41.42 -12.11
C GLN C 155 -50.26 40.81 -11.82
N LYS C 156 -51.30 41.64 -11.83
CA LYS C 156 -52.63 41.12 -11.54
C LYS C 156 -53.05 40.08 -12.56
N VAL C 157 -52.71 40.31 -13.83
CA VAL C 157 -52.90 39.29 -14.85
C VAL C 157 -52.19 38.02 -14.46
N ALA C 158 -50.92 38.13 -14.04
CA ALA C 158 -50.13 36.94 -13.71
C ALA C 158 -50.80 36.13 -12.61
N ALA C 159 -51.22 36.79 -11.54
CA ALA C 159 -51.90 36.09 -10.46
C ALA C 159 -53.17 35.42 -10.98
N ALA C 160 -53.97 36.14 -11.75
CA ALA C 160 -55.19 35.56 -12.30
C ALA C 160 -54.88 34.29 -13.09
N VAL C 161 -53.91 34.36 -13.99
CA VAL C 161 -53.54 33.22 -14.81
C VAL C 161 -53.14 32.04 -13.94
N ALA C 162 -52.17 32.26 -13.05
CA ALA C 162 -51.68 31.16 -12.22
C ALA C 162 -52.78 30.58 -11.35
N LEU C 163 -53.77 31.39 -10.97
CA LEU C 163 -54.89 30.86 -10.23
C LEU C 163 -55.82 30.02 -11.11
N THR C 164 -55.99 30.40 -12.36
CA THR C 164 -56.85 29.60 -13.23
C THR C 164 -56.17 28.30 -13.63
N ARG C 165 -54.95 28.38 -14.16
CA ARG C 165 -54.33 27.23 -14.79
C ARG C 165 -53.51 26.44 -13.80
N ARG C 166 -53.63 25.11 -13.87
CA ARG C 166 -52.90 24.24 -12.98
C ARG C 166 -51.40 24.49 -13.05
N ILE C 167 -50.83 24.49 -14.26
CA ILE C 167 -49.42 24.78 -14.46
C ILE C 167 -49.31 26.10 -15.20
N SER C 168 -48.48 26.99 -14.68
CA SER C 168 -48.37 28.33 -15.21
C SER C 168 -46.97 28.86 -14.97
N VAL C 169 -46.50 29.70 -15.88
CA VAL C 169 -45.18 30.29 -15.81
C VAL C 169 -45.34 31.81 -15.82
N ILE C 170 -44.45 32.50 -15.12
CA ILE C 170 -44.43 33.96 -15.07
C ILE C 170 -43.04 34.42 -15.43
N SER C 171 -42.92 35.11 -16.55
CA SER C 171 -41.64 35.56 -17.07
C SER C 171 -41.44 37.04 -16.83
N GLY C 172 -40.19 37.42 -16.60
CA GLY C 172 -39.85 38.82 -16.44
C GLY C 172 -38.40 39.07 -16.09
N GLY C 173 -37.94 40.29 -16.29
CA GLY C 173 -36.56 40.63 -16.02
C GLY C 173 -36.30 40.72 -14.53
N PRO C 174 -35.04 40.90 -14.17
CA PRO C 174 -34.70 41.07 -12.76
C PRO C 174 -35.22 42.39 -12.23
N GLY C 175 -35.69 42.38 -10.99
CA GLY C 175 -36.22 43.59 -10.41
C GLY C 175 -37.50 44.06 -11.03
N THR C 176 -38.20 43.18 -11.74
CA THR C 176 -39.52 43.49 -12.28
C THR C 176 -40.62 43.15 -11.29
N GLY C 177 -40.26 42.73 -10.07
CA GLY C 177 -41.25 42.48 -9.04
C GLY C 177 -41.82 41.09 -9.04
N LYS C 178 -41.08 40.11 -9.55
CA LYS C 178 -41.60 38.75 -9.58
C LYS C 178 -41.97 38.26 -8.19
N THR C 179 -41.02 38.31 -7.27
CA THR C 179 -41.22 37.68 -5.97
C THR C 179 -42.44 38.24 -5.27
N THR C 180 -42.53 39.56 -5.17
CA THR C 180 -43.72 40.18 -4.58
C THR C 180 -44.98 39.64 -5.22
N THR C 181 -44.99 39.57 -6.55
CA THR C 181 -46.14 39.02 -7.25
C THR C 181 -46.45 37.61 -6.77
N VAL C 182 -45.42 36.79 -6.56
CA VAL C 182 -45.64 35.42 -6.11
C VAL C 182 -46.26 35.43 -4.72
N ALA C 183 -45.80 36.32 -3.85
CA ALA C 183 -46.40 36.42 -2.53
C ALA C 183 -47.89 36.76 -2.65
N LYS C 184 -48.21 37.72 -3.52
CA LYS C 184 -49.60 38.06 -3.77
C LYS C 184 -50.39 36.83 -4.20
N LEU C 185 -49.84 36.07 -5.15
CA LEU C 185 -50.48 34.85 -5.59
C LEU C 185 -50.75 33.90 -4.44
N LEU C 186 -49.69 33.50 -3.74
CA LEU C 186 -49.82 32.53 -2.66
C LEU C 186 -50.84 32.99 -1.64
N ALA C 187 -50.85 34.29 -1.33
CA ALA C 187 -51.87 34.82 -0.43
C ALA C 187 -53.25 34.56 -0.99
N ALA C 188 -53.46 34.89 -2.27
CA ALA C 188 -54.75 34.61 -2.88
C ALA C 188 -55.08 33.13 -2.83
N LEU C 189 -54.05 32.28 -2.83
CA LEU C 189 -54.27 30.85 -2.81
C LEU C 189 -54.77 30.39 -1.45
N ILE C 190 -54.05 30.76 -0.40
CA ILE C 190 -54.45 30.35 0.94
C ILE C 190 -55.81 30.93 1.28
N GLN C 191 -55.93 32.26 1.15
CA GLN C 191 -57.21 32.89 1.43
C GLN C 191 -58.30 32.42 0.48
N MET C 192 -57.93 31.80 -0.64
CA MET C 192 -58.93 31.32 -1.59
C MET C 192 -59.62 30.06 -1.07
N ALA C 193 -58.85 29.08 -0.63
CA ALA C 193 -59.40 27.84 -0.10
C ALA C 193 -59.34 27.87 1.42
N ASP C 194 -60.49 28.04 2.06
CA ASP C 194 -60.50 28.21 3.51
C ASP C 194 -60.39 26.88 4.24
N GLY C 195 -61.21 25.91 3.86
CA GLY C 195 -61.30 24.68 4.62
C GLY C 195 -60.42 23.56 4.11
N GLU C 196 -60.00 23.65 2.86
CA GLU C 196 -59.19 22.60 2.27
C GLU C 196 -57.75 22.74 2.72
N ARG C 197 -57.06 21.61 2.83
CA ARG C 197 -55.65 21.65 3.16
C ARG C 197 -54.88 22.23 1.98
N CYS C 198 -54.10 23.27 2.24
CA CYS C 198 -53.26 23.88 1.22
C CYS C 198 -51.82 23.66 1.62
N ARG C 199 -51.14 22.77 0.92
CA ARG C 199 -49.74 22.44 1.20
C ARG C 199 -48.88 23.16 0.19
N ILE C 200 -48.14 24.14 0.66
CA ILE C 200 -47.26 24.93 -0.19
C ILE C 200 -45.87 24.36 -0.09
N ARG C 201 -45.14 24.38 -1.20
CA ARG C 201 -43.76 23.94 -1.19
C ARG C 201 -42.95 24.89 -2.07
N LEU C 202 -41.77 25.24 -1.60
CA LEU C 202 -40.94 26.23 -2.28
C LEU C 202 -39.62 25.59 -2.65
N ALA C 203 -39.33 25.53 -3.94
CA ALA C 203 -38.14 24.88 -4.45
C ALA C 203 -37.36 25.84 -5.33
N ALA C 204 -36.04 25.75 -5.27
CA ALA C 204 -35.21 26.51 -6.15
C ALA C 204 -34.03 25.64 -6.56
N PRO C 205 -33.55 25.76 -7.79
CA PRO C 205 -32.51 24.83 -8.25
C PRO C 205 -31.19 24.98 -7.53
N THR C 206 -30.94 26.09 -6.84
CA THR C 206 -29.69 26.27 -6.13
C THR C 206 -29.97 26.68 -4.69
N GLY C 207 -29.30 26.02 -3.75
CA GLY C 207 -29.56 26.28 -2.34
C GLY C 207 -29.42 27.75 -1.99
N LYS C 208 -28.51 28.45 -2.65
CA LYS C 208 -28.40 29.89 -2.44
C LYS C 208 -29.69 30.59 -2.83
N ALA C 209 -30.13 30.38 -4.07
CA ALA C 209 -31.40 30.95 -4.49
C ALA C 209 -32.54 30.47 -3.62
N ALA C 210 -32.45 29.24 -3.11
CA ALA C 210 -33.46 28.77 -2.17
C ALA C 210 -33.52 29.66 -0.96
N ALA C 211 -32.37 29.98 -0.37
CA ALA C 211 -32.35 30.86 0.78
C ALA C 211 -32.92 32.23 0.43
N ARG C 212 -32.49 32.79 -0.69
CA ARG C 212 -33.03 34.08 -1.13
C ARG C 212 -34.55 34.03 -1.18
N LEU C 213 -35.09 32.92 -1.68
CA LEU C 213 -36.54 32.79 -1.75
C LEU C 213 -37.15 32.70 -0.37
N THR C 214 -36.49 31.97 0.55
CA THR C 214 -37.00 31.88 1.90
C THR C 214 -37.16 33.25 2.53
N GLU C 215 -36.08 34.04 2.54
CA GLU C 215 -36.18 35.36 3.14
C GLU C 215 -37.18 36.22 2.39
N SER C 216 -37.21 36.11 1.07
CA SER C 216 -38.06 36.98 0.26
C SER C 216 -39.53 36.74 0.56
N LEU C 217 -39.98 35.50 0.45
CA LEU C 217 -41.38 35.23 0.71
C LEU C 217 -41.70 35.29 2.19
N GLY C 218 -40.72 35.15 3.06
CA GLY C 218 -41.00 35.39 4.45
C GLY C 218 -41.39 36.84 4.65
N LYS C 219 -40.50 37.76 4.27
CA LYS C 219 -40.77 39.17 4.51
C LYS C 219 -41.97 39.64 3.70
N ALA C 220 -42.14 39.09 2.50
CA ALA C 220 -43.23 39.54 1.64
C ALA C 220 -44.57 39.04 2.15
N LEU C 221 -44.62 37.78 2.60
CA LEU C 221 -45.87 37.25 3.11
C LEU C 221 -46.23 37.83 4.47
N ARG C 222 -45.24 38.22 5.27
CA ARG C 222 -45.58 38.84 6.55
C ARG C 222 -46.34 40.15 6.37
N GLN C 223 -46.16 40.83 5.24
CA GLN C 223 -46.78 42.14 5.06
C GLN C 223 -48.29 42.02 4.96
N LEU C 224 -48.77 41.05 4.25
CA LEU C 224 -50.19 41.01 3.96
C LEU C 224 -50.96 40.38 5.12
N PRO C 225 -52.15 40.89 5.45
CA PRO C 225 -52.87 40.39 6.62
C PRO C 225 -53.30 38.94 6.45
N LEU C 226 -53.03 38.14 7.48
CA LEU C 226 -53.41 36.73 7.53
C LEU C 226 -53.68 36.36 8.97
N THR C 227 -54.60 35.42 9.16
CA THR C 227 -54.90 34.96 10.51
C THR C 227 -53.87 33.91 10.91
N ASP C 228 -53.93 33.46 12.17
CA ASP C 228 -52.98 32.47 12.65
C ASP C 228 -53.11 31.16 11.89
N GLU C 229 -54.30 30.88 11.36
CA GLU C 229 -54.48 29.70 10.51
C GLU C 229 -53.67 29.84 9.24
N GLN C 230 -53.88 30.93 8.51
CA GLN C 230 -53.10 31.21 7.31
C GLN C 230 -51.62 31.25 7.64
N LYS C 231 -51.26 31.95 8.72
CA LYS C 231 -49.86 31.98 9.10
C LYS C 231 -49.34 30.62 9.52
N LYS C 232 -50.22 29.66 9.77
CA LYS C 232 -49.78 28.27 9.83
C LYS C 232 -49.61 27.68 8.44
N ARG C 233 -50.48 28.05 7.51
CA ARG C 233 -50.37 27.55 6.15
C ARG C 233 -49.33 28.31 5.35
N ILE C 234 -48.70 29.32 5.93
CA ILE C 234 -47.51 29.89 5.30
C ILE C 234 -46.41 28.85 5.32
N PRO C 235 -45.74 28.59 4.20
CA PRO C 235 -44.71 27.55 4.17
C PRO C 235 -43.53 27.92 5.04
N GLU C 236 -42.89 26.89 5.60
CA GLU C 236 -41.79 27.10 6.52
C GLU C 236 -40.56 27.57 5.78
N ASP C 237 -39.99 26.68 4.96
CA ASP C 237 -38.76 26.99 4.25
C ASP C 237 -38.85 26.50 2.81
N ALA C 238 -37.87 26.92 2.02
CA ALA C 238 -37.68 26.48 0.66
C ALA C 238 -36.44 25.60 0.61
N SER C 239 -36.42 24.67 -0.33
CA SER C 239 -35.32 23.74 -0.43
C SER C 239 -34.79 23.66 -1.85
N THR C 240 -33.72 22.90 -1.98
CA THR C 240 -33.16 22.58 -3.27
C THR C 240 -34.18 21.77 -4.06
N LEU C 241 -34.09 21.87 -5.38
CA LEU C 241 -34.86 20.96 -6.22
C LEU C 241 -34.51 19.52 -5.91
N HIS C 242 -33.21 19.23 -5.82
CA HIS C 242 -32.75 17.87 -5.55
C HIS C 242 -33.28 17.37 -4.22
N ARG C 243 -32.97 18.08 -3.15
CA ARG C 243 -33.43 17.67 -1.83
C ARG C 243 -34.92 17.40 -1.85
N LEU C 244 -35.67 18.20 -2.60
CA LEU C 244 -37.09 17.93 -2.76
C LEU C 244 -37.32 16.58 -3.39
N LEU C 245 -36.68 16.32 -4.53
CA LEU C 245 -36.76 15.00 -5.11
C LEU C 245 -35.96 13.97 -4.34
N GLY C 246 -35.19 14.39 -3.34
CA GLY C 246 -34.41 13.47 -2.56
C GLY C 246 -33.44 12.66 -3.39
N ALA C 247 -32.59 13.34 -4.14
CA ALA C 247 -31.63 12.65 -4.99
C ALA C 247 -30.51 12.08 -4.13
N GLN C 248 -30.32 10.77 -4.22
CA GLN C 248 -29.27 10.14 -3.44
C GLN C 248 -27.92 10.57 -3.99
N PRO C 249 -26.94 10.82 -3.12
CA PRO C 249 -25.67 11.39 -3.60
C PRO C 249 -24.96 10.53 -4.64
N GLY C 250 -24.83 9.24 -4.38
CA GLY C 250 -24.14 8.38 -5.31
C GLY C 250 -24.93 8.02 -6.55
N SER C 251 -26.18 7.61 -6.35
CA SER C 251 -26.95 6.98 -7.42
C SER C 251 -27.75 8.03 -8.19
N GLN C 252 -28.45 7.56 -9.21
CA GLN C 252 -29.47 8.35 -9.89
C GLN C 252 -30.86 8.08 -9.35
N ARG C 253 -30.96 7.20 -8.36
CA ARG C 253 -32.26 6.87 -7.78
C ARG C 253 -32.89 8.10 -7.13
N LEU C 254 -34.21 8.13 -7.13
CA LEU C 254 -34.97 9.21 -6.52
C LEU C 254 -35.99 8.61 -5.58
N ARG C 255 -36.12 9.19 -4.39
CA ARG C 255 -37.08 8.64 -3.45
C ARG C 255 -38.52 8.93 -3.85
N HIS C 256 -38.75 9.69 -4.92
CA HIS C 256 -40.10 9.98 -5.36
C HIS C 256 -40.41 9.33 -6.71
N HIS C 257 -39.90 9.90 -7.81
CA HIS C 257 -40.18 9.47 -9.18
C HIS C 257 -41.67 9.27 -9.42
N ALA C 258 -42.03 8.25 -10.21
CA ALA C 258 -43.43 8.00 -10.51
C ALA C 258 -44.11 7.18 -9.43
N GLY C 259 -43.40 6.23 -8.85
CA GLY C 259 -43.97 5.43 -7.79
C GLY C 259 -44.43 6.27 -6.62
N ASN C 260 -43.52 7.08 -6.07
CA ASN C 260 -43.88 7.97 -4.99
C ASN C 260 -44.12 9.35 -5.56
N PRO C 261 -45.35 9.81 -5.67
CA PRO C 261 -45.56 11.25 -5.87
C PRO C 261 -45.21 11.97 -4.57
N LEU C 262 -44.41 13.02 -4.69
CA LEU C 262 -44.20 13.87 -3.53
C LEU C 262 -45.50 14.58 -3.19
N HIS C 263 -45.78 14.69 -1.89
CA HIS C 263 -47.12 15.06 -1.43
C HIS C 263 -47.20 16.55 -1.28
N LEU C 264 -47.93 17.20 -2.18
CA LEU C 264 -48.06 18.65 -2.17
C LEU C 264 -49.46 19.07 -2.55
N ASP C 265 -49.73 20.35 -2.36
CA ASP C 265 -50.80 21.04 -3.04
C ASP C 265 -50.25 21.89 -4.17
N VAL C 266 -49.38 22.85 -3.84
CA VAL C 266 -48.74 23.69 -4.84
C VAL C 266 -47.24 23.70 -4.64
N LEU C 267 -46.52 23.92 -5.73
CA LEU C 267 -45.07 23.98 -5.75
C LEU C 267 -44.64 25.21 -6.53
N VAL C 268 -43.63 25.91 -6.00
CA VAL C 268 -43.14 27.14 -6.60
C VAL C 268 -41.65 26.99 -6.83
N VAL C 269 -41.24 26.95 -8.10
CA VAL C 269 -39.83 26.79 -8.43
C VAL C 269 -39.31 28.14 -8.91
N ASP C 270 -38.50 28.78 -8.08
CA ASP C 270 -37.96 30.07 -8.47
C ASP C 270 -36.76 29.89 -9.39
N GLU C 271 -36.49 30.91 -10.18
CA GLU C 271 -35.31 30.96 -11.05
C GLU C 271 -35.28 29.76 -11.98
N ALA C 272 -36.42 29.48 -12.62
CA ALA C 272 -36.54 28.29 -13.44
C ALA C 272 -35.63 28.31 -14.64
N SER C 273 -34.97 29.44 -14.92
CA SER C 273 -34.00 29.47 -16.01
C SER C 273 -32.93 28.42 -15.83
N MET C 274 -32.51 28.17 -14.60
CA MET C 274 -31.48 27.18 -14.37
C MET C 274 -32.02 25.75 -14.43
N ILE C 275 -33.33 25.56 -14.50
CA ILE C 275 -33.86 24.23 -14.67
C ILE C 275 -33.52 23.75 -16.06
N ASP C 276 -32.81 22.64 -16.16
CA ASP C 276 -32.49 22.05 -17.44
C ASP C 276 -33.50 20.94 -17.75
N LEU C 277 -33.35 20.35 -18.93
CA LEU C 277 -34.34 19.36 -19.36
C LEU C 277 -34.33 18.11 -18.48
N PRO C 278 -33.20 17.44 -18.24
CA PRO C 278 -33.27 16.22 -17.41
C PRO C 278 -33.90 16.44 -16.06
N MET C 279 -33.47 17.46 -15.33
CA MET C 279 -34.09 17.71 -14.04
C MET C 279 -35.55 18.10 -14.18
N MET C 280 -35.91 18.73 -15.28
CA MET C 280 -37.29 19.10 -15.48
C MET C 280 -38.16 17.86 -15.58
N SER C 281 -37.77 16.91 -16.43
CA SER C 281 -38.56 15.69 -16.56
C SER C 281 -38.58 14.92 -15.25
N ARG C 282 -37.40 14.65 -14.70
CA ARG C 282 -37.32 13.90 -13.45
C ARG C 282 -38.16 14.55 -12.36
N LEU C 283 -38.30 15.87 -12.40
CA LEU C 283 -39.30 16.53 -11.58
C LEU C 283 -40.69 16.06 -11.95
N ILE C 284 -41.05 16.24 -13.22
CA ILE C 284 -42.44 16.07 -13.65
C ILE C 284 -42.95 14.71 -13.24
N ASP C 285 -42.10 13.69 -13.28
CA ASP C 285 -42.57 12.37 -12.85
C ASP C 285 -43.04 12.33 -11.41
N ALA C 286 -42.67 13.31 -10.59
CA ALA C 286 -43.01 13.27 -9.18
C ALA C 286 -44.30 14.01 -8.86
N LEU C 287 -44.92 14.50 -9.78
CA LEU C 287 -46.07 15.31 -9.41
C LEU C 287 -47.34 14.48 -9.37
N PRO C 288 -48.26 14.83 -8.47
CA PRO C 288 -49.59 14.21 -8.50
C PRO C 288 -50.50 14.91 -9.47
N ASP C 289 -51.78 14.54 -9.52
CA ASP C 289 -52.71 15.15 -10.46
C ASP C 289 -53.44 16.36 -9.90
N HIS C 290 -53.35 16.59 -8.60
CA HIS C 290 -53.97 17.76 -8.00
C HIS C 290 -52.98 18.91 -7.77
N ALA C 291 -51.73 18.73 -8.14
CA ALA C 291 -50.70 19.71 -7.78
C ALA C 291 -50.72 20.88 -8.74
N ARG C 292 -50.67 22.10 -8.21
CA ARG C 292 -50.50 23.30 -9.01
C ARG C 292 -49.09 23.80 -8.87
N VAL C 293 -48.42 24.00 -10.01
CA VAL C 293 -47.00 24.32 -10.05
C VAL C 293 -46.82 25.65 -10.75
N ILE C 294 -45.86 26.43 -10.27
CA ILE C 294 -45.55 27.74 -10.85
C ILE C 294 -44.04 27.87 -10.99
N PHE C 295 -43.62 28.39 -12.13
CA PHE C 295 -42.21 28.60 -12.44
C PHE C 295 -41.88 30.09 -12.47
N LEU C 296 -40.65 30.41 -12.13
CA LEU C 296 -40.21 31.79 -12.10
C LEU C 296 -38.89 31.92 -12.84
N GLY C 297 -38.80 32.91 -13.72
CA GLY C 297 -37.54 33.19 -14.37
C GLY C 297 -37.67 34.14 -15.52
N ASP C 298 -36.54 34.68 -15.97
CA ASP C 298 -36.52 35.55 -17.13
C ASP C 298 -36.41 34.73 -18.40
N ARG C 299 -37.11 35.19 -19.43
CA ARG C 299 -37.03 34.54 -20.73
C ARG C 299 -35.62 34.60 -21.28
N ASP C 300 -34.93 35.72 -21.08
CA ASP C 300 -33.62 35.94 -21.66
C ASP C 300 -32.48 35.62 -20.71
N GLN C 301 -32.78 35.16 -19.50
CA GLN C 301 -31.70 34.85 -18.57
C GLN C 301 -30.82 33.76 -19.17
N LEU C 302 -29.54 33.79 -18.78
CA LEU C 302 -28.57 32.83 -19.27
C LEU C 302 -29.05 31.40 -19.03
N ALA C 303 -29.01 30.60 -20.09
CA ALA C 303 -29.65 29.29 -20.10
C ALA C 303 -28.97 28.30 -19.18
N SER C 304 -29.67 27.23 -18.82
CA SER C 304 -29.10 26.20 -17.97
C SER C 304 -27.90 25.54 -18.66
N VAL C 305 -26.97 25.05 -17.83
CA VAL C 305 -25.73 24.50 -18.36
C VAL C 305 -25.98 23.18 -19.07
N GLU C 306 -26.54 22.20 -18.37
CA GLU C 306 -26.74 20.91 -19.00
C GLU C 306 -27.79 21.01 -20.08
N ALA C 307 -27.82 20.01 -20.96
CA ALA C 307 -28.38 20.21 -22.29
C ALA C 307 -29.87 20.47 -22.23
N GLY C 308 -30.28 21.60 -22.76
CA GLY C 308 -31.67 21.84 -23.07
C GLY C 308 -31.94 23.33 -22.99
N ALA C 309 -33.09 23.78 -23.48
CA ALA C 309 -33.62 25.05 -23.01
C ALA C 309 -35.11 24.84 -22.82
N VAL C 310 -35.59 24.93 -21.59
CA VAL C 310 -37.00 24.71 -21.35
C VAL C 310 -37.72 26.03 -21.37
N LEU C 311 -37.46 26.85 -20.35
CA LEU C 311 -38.20 28.08 -20.17
C LEU C 311 -38.07 28.98 -21.38
N GLY C 312 -36.93 28.92 -22.07
CA GLY C 312 -36.78 29.69 -23.29
C GLY C 312 -37.76 29.24 -24.35
N ASP C 313 -37.75 27.95 -24.68
CA ASP C 313 -38.64 27.45 -25.72
C ASP C 313 -40.09 27.67 -25.35
N ILE C 314 -40.39 27.70 -24.04
CA ILE C 314 -41.77 27.91 -23.63
C ILE C 314 -42.17 29.36 -23.81
N CYS C 315 -41.36 30.28 -23.27
CA CYS C 315 -41.72 31.70 -23.33
C CYS C 315 -41.68 32.22 -24.75
N ALA C 316 -40.92 31.56 -25.63
CA ALA C 316 -40.89 31.97 -27.03
C ALA C 316 -42.29 32.02 -27.62
N TYR C 317 -43.18 31.18 -27.15
CA TYR C 317 -44.59 31.22 -27.55
C TYR C 317 -45.40 32.29 -26.84
N ALA C 318 -44.85 32.93 -25.81
CA ALA C 318 -45.59 34.01 -25.17
C ALA C 318 -45.72 35.20 -26.10
N ASN C 319 -44.79 35.34 -27.06
CA ASN C 319 -44.81 36.49 -27.96
C ASN C 319 -46.15 36.61 -28.67
N ALA C 320 -46.76 35.48 -29.03
CA ALA C 320 -48.06 35.53 -29.67
C ALA C 320 -49.10 36.18 -28.76
N GLY C 321 -49.02 35.91 -27.47
CA GLY C 321 -49.98 36.47 -26.53
C GLY C 321 -51.06 35.47 -26.14
N PHE C 322 -52.04 35.98 -25.41
CA PHE C 322 -53.10 35.14 -24.90
C PHE C 322 -54.02 34.66 -26.00
N THR C 323 -54.70 33.56 -25.73
CA THR C 323 -55.79 33.11 -26.58
C THR C 323 -56.90 34.17 -26.57
N ALA C 324 -57.62 34.26 -27.68
CA ALA C 324 -58.64 35.29 -27.83
C ALA C 324 -59.62 35.30 -26.66
N GLU C 325 -60.15 34.13 -26.31
CA GLU C 325 -61.18 34.08 -25.27
C GLU C 325 -60.58 34.33 -23.88
N ARG C 326 -59.43 33.71 -23.60
CA ARG C 326 -58.77 33.88 -22.32
C ARG C 326 -58.57 35.36 -21.99
N ALA C 327 -58.33 36.17 -23.01
CA ALA C 327 -58.22 37.61 -22.79
C ALA C 327 -59.51 38.18 -22.23
N ARG C 328 -60.65 37.72 -22.75
CA ARG C 328 -61.92 38.20 -22.21
C ARG C 328 -62.14 37.68 -20.80
N GLN C 329 -61.81 36.42 -20.55
CA GLN C 329 -61.94 35.87 -19.21
C GLN C 329 -61.15 36.68 -18.20
N LEU C 330 -59.87 36.92 -18.50
CA LEU C 330 -59.04 37.70 -17.60
C LEU C 330 -59.55 39.14 -17.49
N SER C 331 -60.08 39.68 -18.59
CA SER C 331 -60.67 41.01 -18.53
C SER C 331 -61.79 41.07 -17.51
N ARG C 332 -62.57 39.98 -17.42
CA ARG C 332 -63.53 39.87 -16.34
C ARG C 332 -62.83 39.70 -15.00
N LEU C 333 -61.68 39.04 -14.99
CA LEU C 333 -61.03 38.71 -13.71
C LEU C 333 -60.34 39.91 -13.09
N THR C 334 -59.32 40.43 -13.77
CA THR C 334 -58.63 41.61 -13.24
C THR C 334 -59.53 42.84 -13.17
N GLY C 335 -60.73 42.79 -13.77
CA GLY C 335 -61.53 43.98 -13.87
C GLY C 335 -60.91 45.05 -14.75
N THR C 336 -60.28 44.63 -15.85
CA THR C 336 -59.58 45.53 -16.76
C THR C 336 -59.84 45.05 -18.18
N HIS C 337 -59.12 45.64 -19.14
CA HIS C 337 -59.06 45.12 -20.50
C HIS C 337 -57.72 44.44 -20.70
N VAL C 338 -57.76 43.15 -20.95
CA VAL C 338 -56.56 42.35 -21.21
C VAL C 338 -56.39 42.22 -22.71
N PRO C 339 -55.25 42.58 -23.29
CA PRO C 339 -55.08 42.45 -24.74
C PRO C 339 -55.11 40.99 -25.15
N ALA C 340 -55.49 40.76 -26.40
CA ALA C 340 -55.64 39.42 -26.95
C ALA C 340 -54.65 39.22 -28.08
N GLY C 341 -53.88 38.15 -28.01
CA GLY C 341 -52.99 37.81 -29.12
C GLY C 341 -53.79 37.34 -30.32
N THR C 342 -53.47 37.86 -31.49
CA THR C 342 -54.24 37.51 -32.68
C THR C 342 -53.85 36.13 -33.19
N GLY C 343 -54.86 35.36 -33.57
CA GLY C 343 -54.64 34.08 -34.19
C GLY C 343 -54.69 32.92 -33.23
N THR C 344 -54.58 31.72 -33.80
CA THR C 344 -54.63 30.48 -33.05
C THR C 344 -53.38 29.65 -33.34
N GLU C 345 -52.66 29.29 -32.28
CA GLU C 345 -51.49 28.43 -32.41
C GLU C 345 -51.60 27.27 -31.43
N ALA C 346 -51.46 27.56 -30.15
CA ALA C 346 -51.75 26.58 -29.11
C ALA C 346 -52.51 27.33 -28.02
N ALA C 347 -53.74 26.91 -27.74
CA ALA C 347 -54.53 27.60 -26.72
C ALA C 347 -53.99 27.30 -25.33
N SER C 348 -53.74 26.03 -25.05
CA SER C 348 -53.37 25.61 -23.70
C SER C 348 -52.04 26.23 -23.28
N LEU C 349 -51.06 26.24 -24.19
CA LEU C 349 -49.77 26.80 -23.81
C LEU C 349 -49.82 28.32 -23.74
N ARG C 350 -50.36 28.97 -24.77
CA ARG C 350 -50.42 30.42 -24.78
C ARG C 350 -51.16 30.96 -23.56
N ASP C 351 -52.17 30.23 -23.08
CA ASP C 351 -52.92 30.73 -21.94
C ASP C 351 -52.12 30.61 -20.66
N SER C 352 -51.18 29.67 -20.62
CA SER C 352 -50.48 29.40 -19.38
C SER C 352 -49.38 30.43 -19.11
N LEU C 353 -49.01 31.22 -20.12
CA LEU C 353 -47.84 32.07 -20.02
C LEU C 353 -48.23 33.53 -19.80
N CYS C 354 -47.67 34.13 -18.76
CA CYS C 354 -47.78 35.56 -18.52
C CYS C 354 -46.39 36.15 -18.50
N LEU C 355 -46.28 37.38 -19.00
CA LEU C 355 -45.00 38.05 -19.19
C LEU C 355 -45.09 39.42 -18.55
N LEU C 356 -44.25 39.69 -17.56
CA LEU C 356 -44.30 40.93 -16.80
C LEU C 356 -43.38 41.95 -17.45
N GLN C 357 -43.97 42.98 -18.05
CA GLN C 357 -43.23 43.96 -18.81
C GLN C 357 -42.96 45.26 -18.04
N LYS C 358 -43.37 45.35 -16.78
CA LYS C 358 -43.09 46.53 -15.97
C LYS C 358 -42.05 46.22 -14.92
N SER C 359 -40.99 47.03 -14.87
CA SER C 359 -39.92 46.89 -13.89
C SER C 359 -39.97 48.09 -12.96
N TYR C 360 -40.38 47.85 -11.71
CA TYR C 360 -40.47 48.94 -10.75
C TYR C 360 -39.12 49.50 -10.36
N ARG C 361 -37.93 48.65 -10.44
CA ARG C 361 -36.56 49.02 -10.01
C ARG C 361 -35.95 50.24 -10.73
N PHE C 362 -36.06 50.26 -12.05
CA PHE C 362 -35.63 51.40 -12.85
C PHE C 362 -36.38 51.41 -14.18
N GLY C 363 -36.54 52.61 -14.75
CA GLY C 363 -37.35 52.78 -15.94
C GLY C 363 -36.53 53.00 -17.20
N SER C 364 -37.17 53.64 -18.17
CA SER C 364 -36.53 53.87 -19.47
C SER C 364 -35.49 54.97 -19.40
N ASP C 365 -35.66 55.91 -18.46
CA ASP C 365 -34.67 56.98 -18.31
C ASP C 365 -33.34 56.41 -17.84
N SER C 366 -33.38 55.41 -16.97
CA SER C 366 -32.16 54.70 -16.59
C SER C 366 -31.59 53.95 -17.79
N GLY C 367 -30.28 54.10 -17.99
CA GLY C 367 -29.65 53.52 -19.17
C GLY C 367 -29.52 52.02 -19.11
N ILE C 368 -29.75 51.43 -17.93
CA ILE C 368 -29.62 49.99 -17.79
C ILE C 368 -30.82 49.27 -18.41
N GLY C 369 -32.02 49.82 -18.19
CA GLY C 369 -33.20 49.21 -18.79
C GLY C 369 -33.30 49.48 -20.28
N GLN C 370 -32.87 50.67 -20.71
CA GLN C 370 -32.84 50.96 -22.14
C GLN C 370 -31.82 50.10 -22.86
N LEU C 371 -30.62 49.98 -22.29
CA LEU C 371 -29.58 49.15 -22.90
C LEU C 371 -29.98 47.69 -22.89
N ALA C 372 -30.47 47.19 -21.75
CA ALA C 372 -30.88 45.80 -21.66
C ALA C 372 -32.05 45.51 -22.59
N ALA C 373 -32.96 46.48 -22.75
CA ALA C 373 -34.04 46.33 -23.71
C ALA C 373 -33.51 46.40 -25.14
N ALA C 374 -32.35 47.03 -25.33
CA ALA C 374 -31.74 47.10 -26.65
C ALA C 374 -30.87 45.88 -26.95
N ILE C 375 -30.62 45.06 -25.95
CA ILE C 375 -29.85 43.83 -26.13
C ILE C 375 -30.60 42.83 -27.03
N ASN C 376 -31.91 42.73 -26.83
CA ASN C 376 -32.74 41.81 -27.61
C ASN C 376 -32.79 42.22 -29.08
N ARG C 377 -32.46 43.46 -29.39
CA ARG C 377 -32.44 43.97 -30.75
C ARG C 377 -31.03 43.86 -31.32
N GLY C 378 -30.78 44.52 -32.46
CA GLY C 378 -29.48 44.53 -33.06
C GLY C 378 -28.53 45.57 -32.49
N ASP C 379 -27.25 45.40 -32.81
CA ASP C 379 -26.19 46.19 -32.20
C ASP C 379 -26.27 47.68 -32.51
N LYS C 380 -26.88 48.06 -33.62
CA LYS C 380 -26.98 49.48 -33.97
C LYS C 380 -27.75 50.27 -32.92
N THR C 381 -28.60 49.60 -32.15
CA THR C 381 -29.23 50.24 -31.00
C THR C 381 -28.29 50.33 -29.80
N ALA C 382 -27.44 49.32 -29.61
CA ALA C 382 -26.62 49.27 -28.41
C ALA C 382 -25.43 50.22 -28.49
N VAL C 383 -24.74 50.25 -29.63
CA VAL C 383 -23.68 51.26 -29.79
C VAL C 383 -24.28 52.65 -29.66
N LYS C 384 -25.49 52.84 -30.16
CA LYS C 384 -26.21 54.09 -29.98
C LYS C 384 -26.37 54.43 -28.50
N THR C 385 -26.97 53.53 -27.74
CA THR C 385 -27.25 53.81 -26.34
C THR C 385 -25.97 54.04 -25.55
N VAL C 386 -25.03 53.12 -25.65
CA VAL C 386 -23.73 53.29 -24.99
C VAL C 386 -23.12 54.62 -25.39
N PHE C 387 -23.35 55.03 -26.63
CA PHE C 387 -22.78 56.30 -27.12
C PHE C 387 -23.54 57.51 -26.56
N GLN C 388 -24.80 57.67 -26.94
CA GLN C 388 -25.49 58.92 -26.71
C GLN C 388 -25.86 59.10 -25.25
N GLN C 389 -25.67 60.33 -24.76
CA GLN C 389 -26.23 60.81 -23.51
C GLN C 389 -25.53 60.23 -22.29
N ASP C 390 -24.92 59.05 -22.47
CA ASP C 390 -24.15 58.34 -21.45
C ASP C 390 -25.02 57.94 -20.26
N PHE C 391 -26.19 58.57 -20.09
CA PHE C 391 -27.20 58.21 -19.12
C PHE C 391 -26.70 58.30 -17.68
N THR C 392 -25.39 58.53 -17.51
CA THR C 392 -24.70 58.63 -16.23
C THR C 392 -24.67 57.29 -15.49
N ASP C 393 -25.47 56.33 -15.94
CA ASP C 393 -25.50 55.01 -15.32
C ASP C 393 -24.69 53.97 -16.06
N ILE C 394 -24.10 54.32 -17.20
CA ILE C 394 -23.44 53.37 -18.06
C ILE C 394 -22.24 54.05 -18.71
N GLU C 395 -21.15 53.31 -18.81
CA GLU C 395 -19.93 53.79 -19.41
C GLU C 395 -19.20 52.63 -20.05
N LYS C 396 -18.50 52.92 -21.14
CA LYS C 396 -17.72 51.90 -21.83
C LYS C 396 -16.27 52.33 -21.93
N ARG C 397 -15.37 51.44 -21.56
CA ARG C 397 -13.94 51.69 -21.66
C ARG C 397 -13.33 50.71 -22.65
N LEU C 398 -12.55 51.23 -23.58
CA LEU C 398 -11.98 50.39 -24.62
C LEU C 398 -10.78 49.64 -24.07
N LEU C 399 -10.80 48.32 -24.20
CA LEU C 399 -9.67 47.48 -23.82
C LEU C 399 -9.17 46.78 -25.07
N GLN C 400 -8.00 47.19 -25.53
CA GLN C 400 -7.36 46.55 -26.67
C GLN C 400 -5.92 46.27 -26.29
N SER C 401 -5.18 47.35 -26.04
CA SER C 401 -3.82 47.27 -25.55
C SER C 401 -3.82 47.18 -24.03
N GLY C 402 -2.89 46.38 -23.51
CA GLY C 402 -2.81 46.19 -22.06
C GLY C 402 -2.61 47.47 -21.29
N GLU C 403 -2.01 48.48 -21.94
CA GLU C 403 -1.93 49.80 -21.32
C GLU C 403 -3.30 50.40 -21.06
N ASP C 404 -4.33 49.88 -21.72
CA ASP C 404 -5.70 50.20 -21.32
C ASP C 404 -6.13 49.34 -20.13
N TYR C 405 -5.75 48.08 -20.16
CA TYR C 405 -6.11 47.13 -19.10
C TYR C 405 -5.67 47.63 -17.74
N ILE C 406 -4.42 48.09 -17.63
CA ILE C 406 -3.95 48.68 -16.39
C ILE C 406 -4.91 49.77 -15.93
N ALA C 407 -5.38 50.60 -16.85
CA ALA C 407 -6.33 51.64 -16.47
C ALA C 407 -7.64 51.06 -16.00
N MET C 408 -8.10 49.98 -16.64
CA MET C 408 -9.29 49.29 -16.13
C MET C 408 -9.11 48.94 -14.67
N LEU C 409 -7.96 48.34 -14.33
CA LEU C 409 -7.69 48.05 -12.92
C LEU C 409 -7.69 49.33 -12.10
N GLU C 410 -7.17 50.41 -12.68
CA GLU C 410 -7.14 51.68 -11.99
C GLU C 410 -8.54 52.09 -11.54
N GLU C 411 -9.52 51.98 -12.43
CA GLU C 411 -10.88 52.27 -12.01
C GLU C 411 -11.41 51.21 -11.06
N ALA C 412 -10.96 49.97 -11.21
CA ALA C 412 -11.38 48.92 -10.28
C ALA C 412 -11.03 49.27 -8.85
N LEU C 413 -9.87 49.90 -8.63
CA LEU C 413 -9.56 50.40 -7.29
C LEU C 413 -10.72 51.19 -6.72
N ALA C 414 -11.01 52.35 -7.30
CA ALA C 414 -12.12 53.17 -6.83
C ALA C 414 -13.45 52.40 -6.82
N GLY C 415 -13.59 51.37 -7.66
CA GLY C 415 -14.73 50.50 -7.53
C GLY C 415 -14.77 49.85 -6.16
N TYR C 416 -13.63 49.41 -5.66
CA TYR C 416 -13.54 48.85 -4.33
C TYR C 416 -13.21 49.88 -3.26
N GLY C 417 -13.18 51.16 -3.60
CA GLY C 417 -12.62 52.15 -2.71
C GLY C 417 -13.23 52.21 -1.33
N ARG C 418 -14.54 52.43 -1.27
CA ARG C 418 -15.23 52.53 0.02
C ARG C 418 -14.93 51.31 0.88
N TYR C 419 -15.03 50.13 0.29
CA TYR C 419 -14.68 48.89 0.99
C TYR C 419 -13.26 48.94 1.53
N LEU C 420 -12.29 49.21 0.65
CA LEU C 420 -10.89 49.20 1.04
C LEU C 420 -10.62 50.13 2.21
N ASP C 421 -11.17 51.35 2.15
CA ASP C 421 -10.99 52.28 3.26
C ASP C 421 -11.64 51.72 4.52
N LEU C 422 -12.89 51.29 4.43
CA LEU C 422 -13.57 50.74 5.60
C LEU C 422 -12.76 49.63 6.24
N LEU C 423 -11.95 48.92 5.47
CA LEU C 423 -10.99 48.00 6.08
C LEU C 423 -9.83 48.76 6.69
N GLN C 424 -9.26 49.71 5.96
CA GLN C 424 -8.17 50.50 6.52
C GLN C 424 -8.64 51.28 7.74
N ALA C 425 -9.85 51.83 7.70
CA ALA C 425 -10.41 52.49 8.87
C ALA C 425 -10.60 51.52 10.03
N ARG C 426 -10.49 50.21 9.77
CA ARG C 426 -10.57 49.18 10.80
C ARG C 426 -11.94 49.23 11.50
N ALA C 427 -12.94 48.81 10.75
CA ALA C 427 -14.34 48.90 11.14
C ALA C 427 -14.88 47.53 11.56
N GLU C 428 -16.18 47.51 11.87
CA GLU C 428 -16.89 46.29 12.25
C GLU C 428 -17.32 45.52 11.01
N PRO C 429 -17.51 44.20 11.13
CA PRO C 429 -17.65 43.39 9.91
C PRO C 429 -18.92 43.68 9.12
N ASP C 430 -20.03 43.98 9.79
CA ASP C 430 -21.31 44.09 9.10
C ASP C 430 -21.25 45.13 8.00
N LEU C 431 -20.93 46.38 8.37
CA LEU C 431 -20.94 47.43 7.37
C LEU C 431 -19.92 47.17 6.28
N ILE C 432 -18.84 46.46 6.61
CA ILE C 432 -17.87 46.09 5.58
C ILE C 432 -18.51 45.16 4.56
N ILE C 433 -19.19 44.12 5.04
CA ILE C 433 -19.80 43.16 4.13
C ILE C 433 -20.85 43.86 3.27
N GLN C 434 -21.74 44.61 3.91
CA GLN C 434 -22.71 45.37 3.13
C GLN C 434 -22.02 46.28 2.12
N ALA C 435 -20.84 46.77 2.45
CA ALA C 435 -20.11 47.61 1.50
C ALA C 435 -19.63 46.82 0.31
N PHE C 436 -19.20 45.58 0.54
CA PHE C 436 -18.61 44.80 -0.54
C PHE C 436 -19.57 44.55 -1.68
N ASN C 437 -20.88 44.69 -1.45
CA ASN C 437 -21.86 44.39 -2.47
C ASN C 437 -22.21 45.59 -3.34
N GLU C 438 -21.56 46.73 -3.18
CA GLU C 438 -21.88 47.84 -4.06
C GLU C 438 -21.21 47.70 -5.42
N TYR C 439 -20.09 47.00 -5.50
CA TYR C 439 -19.31 46.95 -6.72
C TYR C 439 -18.80 45.54 -6.97
N GLN C 440 -18.88 45.08 -8.21
CA GLN C 440 -18.39 43.75 -8.52
C GLN C 440 -17.90 43.64 -9.95
N LEU C 441 -16.84 42.86 -10.15
CA LEU C 441 -16.30 42.56 -11.46
C LEU C 441 -16.86 41.24 -11.98
N LEU C 442 -17.28 41.24 -13.23
CA LEU C 442 -17.89 40.08 -13.85
C LEU C 442 -17.14 39.77 -15.13
N CYS C 443 -16.47 38.62 -15.17
CA CYS C 443 -15.77 38.16 -16.36
C CYS C 443 -16.34 36.84 -16.82
N ALA C 444 -16.45 36.66 -18.14
CA ALA C 444 -17.10 35.47 -18.66
C ALA C 444 -16.24 34.23 -18.44
N LEU C 445 -15.00 34.26 -18.91
CA LEU C 445 -14.12 33.11 -18.84
C LEU C 445 -13.61 32.92 -17.42
N ARG C 446 -13.20 31.69 -17.11
CA ARG C 446 -12.59 31.44 -15.81
C ARG C 446 -11.11 31.79 -15.77
N GLU C 447 -10.39 31.55 -16.85
CA GLU C 447 -8.94 31.50 -16.80
C GLU C 447 -8.32 32.32 -17.92
N GLY C 448 -7.02 32.51 -17.82
CA GLY C 448 -6.29 33.25 -18.82
C GLY C 448 -6.11 34.69 -18.39
N PRO C 449 -5.81 35.57 -19.35
CA PRO C 449 -5.65 36.99 -19.00
C PRO C 449 -6.94 37.59 -18.48
N PHE C 450 -8.05 37.30 -19.13
CA PHE C 450 -9.35 37.75 -18.65
C PHE C 450 -10.09 36.51 -18.11
N GLY C 451 -10.23 36.46 -16.79
CA GLY C 451 -10.91 35.37 -16.14
C GLY C 451 -10.77 35.46 -14.63
N VAL C 452 -11.69 34.80 -13.94
CA VAL C 452 -11.66 34.78 -12.48
C VAL C 452 -10.28 34.37 -11.99
N ALA C 453 -9.75 33.31 -12.60
CA ALA C 453 -8.44 32.80 -12.22
C ALA C 453 -7.33 33.79 -12.53
N GLY C 454 -7.40 34.52 -13.64
CA GLY C 454 -6.34 35.47 -13.94
C GLY C 454 -6.50 36.79 -13.19
N LEU C 455 -7.74 37.25 -13.05
CA LEU C 455 -7.95 38.59 -12.53
C LEU C 455 -7.65 38.65 -11.04
N ASN C 456 -7.77 37.51 -10.35
CA ASN C 456 -7.45 37.42 -8.92
C ASN C 456 -5.94 37.67 -8.72
N GLU C 457 -5.14 37.03 -9.57
CA GLU C 457 -3.70 37.23 -9.59
C GLU C 457 -3.35 38.67 -9.93
N ARG C 458 -3.85 39.15 -11.07
CA ARG C 458 -3.43 40.47 -11.53
C ARG C 458 -3.88 41.56 -10.57
N ILE C 459 -5.09 41.44 -10.02
CA ILE C 459 -5.57 42.46 -9.10
C ILE C 459 -4.78 42.44 -7.81
N GLU C 460 -4.49 41.25 -7.27
CA GLU C 460 -3.73 41.21 -6.03
C GLU C 460 -2.30 41.70 -6.21
N GLN C 461 -1.75 41.42 -7.38
CA GLN C 461 -0.43 41.90 -7.72
C GLN C 461 -0.53 43.43 -7.75
N PHE C 462 -1.65 43.95 -8.26
CA PHE C 462 -1.86 45.38 -8.35
C PHE C 462 -2.18 45.96 -6.98
N MET C 463 -2.48 45.09 -6.01
CA MET C 463 -2.58 45.52 -4.63
C MET C 463 -1.19 45.60 -4.01
N GLN C 464 -0.28 44.77 -4.49
CA GLN C 464 1.08 44.81 -3.99
C GLN C 464 1.84 45.98 -4.58
N GLN C 465 1.43 46.45 -5.77
CA GLN C 465 2.08 47.60 -6.37
C GLN C 465 1.69 48.91 -5.67
N LYS C 466 0.40 49.07 -5.39
CA LYS C 466 -0.09 50.27 -4.73
C LYS C 466 -0.63 49.87 -3.36
N ARG C 467 -0.17 50.54 -2.31
CA ARG C 467 -0.53 50.09 -0.98
C ARG C 467 -2.03 50.19 -0.77
N LYS C 468 -2.66 49.04 -0.54
CA LYS C 468 -4.05 48.95 -0.18
C LYS C 468 -4.23 47.96 0.96
N ILE C 469 -3.94 46.70 0.68
CA ILE C 469 -4.07 45.62 1.65
C ILE C 469 -2.82 44.76 1.58
N HIS C 470 -2.12 44.64 2.70
CA HIS C 470 -0.87 43.91 2.71
C HIS C 470 -1.09 42.41 2.66
N ARG C 471 -0.19 41.73 1.95
CA ARG C 471 -0.29 40.29 1.77
C ARG C 471 0.95 39.52 2.19
N HIS C 472 0.75 38.38 2.87
CA HIS C 472 1.85 37.53 3.28
C HIS C 472 1.80 36.30 2.39
N PRO C 473 2.96 36.02 1.66
CA PRO C 473 2.85 34.84 0.78
C PRO C 473 2.64 33.51 1.51
N HIS C 474 3.35 33.30 2.62
CA HIS C 474 3.26 32.06 3.38
C HIS C 474 1.91 31.71 4.03
N SER C 475 1.24 32.70 4.62
CA SER C 475 -0.06 32.46 5.25
C SER C 475 -1.17 32.14 4.26
N ARG C 476 -1.26 32.91 3.19
CA ARG C 476 -2.27 32.68 2.17
C ARG C 476 -3.63 33.24 2.56
N TRP C 477 -3.70 33.87 3.73
CA TRP C 477 -4.95 34.47 4.19
C TRP C 477 -4.71 35.84 4.79
N TYR C 478 -4.33 36.78 3.93
CA TYR C 478 -4.08 38.14 4.39
C TYR C 478 -5.42 38.76 4.72
N GLU C 479 -5.43 39.67 5.68
CA GLU C 479 -6.67 40.29 6.12
C GLU C 479 -7.28 41.10 4.98
N GLY C 480 -8.61 41.01 4.85
CA GLY C 480 -9.35 41.76 3.87
C GLY C 480 -9.72 41.00 2.62
N ARG C 481 -9.02 39.92 2.28
CA ARG C 481 -9.33 39.22 1.05
C ARG C 481 -10.74 38.64 1.10
N PRO C 482 -11.60 38.95 0.14
CA PRO C 482 -12.89 38.28 0.09
C PRO C 482 -12.73 36.89 -0.51
N VAL C 483 -13.49 35.95 0.02
CA VAL C 483 -13.52 34.58 -0.50
C VAL C 483 -14.97 34.16 -0.68
N MET C 484 -15.18 33.10 -1.43
CA MET C 484 -16.51 32.57 -1.68
C MET C 484 -16.49 31.06 -1.64
N ILE C 485 -17.67 30.48 -1.45
CA ILE C 485 -17.77 29.06 -1.16
C ILE C 485 -17.92 28.28 -2.45
N ALA C 486 -17.24 27.14 -2.55
CA ALA C 486 -17.31 26.34 -3.76
C ALA C 486 -18.54 25.43 -3.77
N ARG C 487 -18.88 24.85 -2.62
CA ARG C 487 -19.97 23.88 -2.56
C ARG C 487 -20.79 24.09 -1.30
N ASN C 488 -22.05 23.67 -1.37
CA ASN C 488 -22.97 23.90 -0.26
C ASN C 488 -22.51 23.15 0.97
N ASP C 489 -22.95 23.62 2.13
CA ASP C 489 -22.63 22.98 3.40
C ASP C 489 -23.86 23.01 4.29
N SER C 490 -24.18 21.86 4.87
CA SER C 490 -25.28 21.79 5.83
C SER C 490 -24.81 22.25 7.20
N ALA C 491 -23.55 21.99 7.54
CA ALA C 491 -23.07 22.25 8.88
C ALA C 491 -23.08 23.73 9.21
N LEU C 492 -22.36 24.53 8.44
CA LEU C 492 -22.21 25.95 8.71
C LEU C 492 -23.36 26.76 8.17
N GLY C 493 -24.35 26.12 7.55
CA GLY C 493 -25.51 26.82 7.05
C GLY C 493 -25.21 27.83 5.97
N LEU C 494 -24.05 27.71 5.33
CA LEU C 494 -23.68 28.58 4.22
C LEU C 494 -23.69 27.78 2.94
N PHE C 495 -24.02 28.43 1.84
CA PHE C 495 -24.28 27.75 0.59
C PHE C 495 -23.27 28.15 -0.47
N ASN C 496 -23.13 27.29 -1.48
CA ASN C 496 -22.34 27.63 -2.64
C ASN C 496 -22.85 28.92 -3.28
N GLY C 497 -21.93 29.67 -3.86
CA GLY C 497 -22.27 30.96 -4.42
C GLY C 497 -22.43 32.07 -3.40
N ASP C 498 -21.81 31.94 -2.24
CA ASP C 498 -21.94 32.93 -1.18
C ASP C 498 -20.58 33.51 -0.85
N ILE C 499 -20.59 34.79 -0.48
CA ILE C 499 -19.37 35.58 -0.24
C ILE C 499 -19.14 35.74 1.25
N GLY C 500 -17.88 35.83 1.64
CA GLY C 500 -17.54 36.20 2.99
C GLY C 500 -16.20 36.91 2.99
N ILE C 501 -15.88 37.66 4.03
CA ILE C 501 -14.70 38.52 4.05
C ILE C 501 -13.74 38.02 5.12
N ALA C 502 -12.50 37.74 4.71
CA ALA C 502 -11.44 37.34 5.62
C ALA C 502 -10.88 38.55 6.32
N LEU C 503 -10.94 38.56 7.65
CA LEU C 503 -10.42 39.67 8.42
C LEU C 503 -10.10 39.21 9.83
N ASP C 504 -9.21 39.95 10.49
CA ASP C 504 -8.84 39.67 11.87
C ASP C 504 -9.53 40.69 12.75
N ARG C 505 -10.55 40.25 13.49
CA ARG C 505 -11.17 41.13 14.48
C ARG C 505 -10.28 41.35 15.69
N GLY C 506 -9.18 40.60 15.79
CA GLY C 506 -8.36 40.60 16.97
C GLY C 506 -8.55 39.37 17.84
N GLN C 507 -9.70 38.70 17.72
CA GLN C 507 -9.82 37.34 18.22
C GLN C 507 -8.99 36.39 17.38
N GLY C 508 -8.86 36.68 16.11
CA GLY C 508 -8.04 35.86 15.23
C GLY C 508 -8.45 36.09 13.79
N THR C 509 -7.67 35.51 12.89
CA THR C 509 -8.00 35.58 11.47
C THR C 509 -9.24 34.73 11.26
N ARG C 510 -10.31 35.35 10.80
CA ARG C 510 -11.62 34.70 10.74
C ARG C 510 -12.39 35.25 9.57
N VAL C 511 -13.22 34.43 8.99
CA VAL C 511 -14.03 34.85 7.86
C VAL C 511 -15.39 35.25 8.37
N TRP C 512 -15.97 36.28 7.78
CA TRP C 512 -17.26 36.80 8.24
C TRP C 512 -18.27 36.69 7.11
N PHE C 513 -19.42 36.08 7.42
CA PHE C 513 -20.50 35.92 6.46
C PHE C 513 -21.73 36.63 6.96
N ALA C 514 -22.53 37.11 6.02
CA ALA C 514 -23.81 37.72 6.31
C ALA C 514 -24.90 36.69 6.06
N MET C 515 -25.63 36.34 7.10
CA MET C 515 -26.73 35.41 6.88
C MET C 515 -27.94 36.14 6.33
N PRO C 516 -28.88 35.40 5.72
CA PRO C 516 -30.16 36.02 5.35
C PRO C 516 -30.91 36.55 6.53
N ASP C 517 -30.53 36.15 7.73
CA ASP C 517 -31.14 36.62 8.96
C ASP C 517 -30.46 37.88 9.49
N GLY C 518 -29.48 38.41 8.76
CA GLY C 518 -28.75 39.58 9.19
C GLY C 518 -27.65 39.29 10.18
N ASN C 519 -27.67 38.11 10.79
CA ASN C 519 -26.64 37.74 11.75
C ASN C 519 -25.32 37.49 11.04
N ILE C 520 -24.22 37.79 11.73
CA ILE C 520 -22.90 37.57 11.16
C ILE C 520 -22.24 36.38 11.84
N LYS C 521 -21.78 35.43 11.03
CA LYS C 521 -21.15 34.23 11.54
C LYS C 521 -19.68 34.19 11.17
N SER C 522 -18.82 33.99 12.15
CA SER C 522 -17.39 33.93 11.91
C SER C 522 -16.96 32.48 11.84
N VAL C 523 -16.29 32.13 10.75
CA VAL C 523 -15.83 30.77 10.55
C VAL C 523 -14.31 30.72 10.43
N GLN C 524 -13.71 29.74 11.11
CA GLN C 524 -12.27 29.58 11.06
C GLN C 524 -11.84 29.21 9.66
N PRO C 525 -10.56 29.60 9.28
CA PRO C 525 -10.19 29.23 7.90
C PRO C 525 -10.22 27.73 7.67
N SER C 526 -9.79 26.95 8.65
CA SER C 526 -9.77 25.50 8.53
C SER C 526 -11.19 24.96 8.34
N ARG C 527 -12.14 25.59 9.02
CA ARG C 527 -13.53 25.17 8.96
C ARG C 527 -14.17 25.28 7.58
N LEU C 528 -13.83 26.32 6.82
CA LEU C 528 -14.45 26.51 5.51
C LEU C 528 -14.28 25.24 4.68
N PRO C 529 -15.34 24.85 3.99
CA PRO C 529 -15.33 23.63 3.17
C PRO C 529 -14.51 23.74 1.91
N GLU C 530 -14.84 24.74 1.09
CA GLU C 530 -14.13 25.07 -0.14
C GLU C 530 -14.23 26.58 -0.32
N HIS C 531 -13.30 27.19 -1.05
CA HIS C 531 -13.36 28.63 -1.22
C HIS C 531 -12.51 29.04 -2.40
N GLU C 532 -12.88 30.18 -2.96
CA GLU C 532 -12.22 30.66 -4.11
C GLU C 532 -12.14 32.13 -3.85
N THR C 533 -11.07 32.71 -4.34
CA THR C 533 -10.86 34.10 -4.18
C THR C 533 -12.01 34.71 -5.04
N THR C 534 -12.80 35.64 -4.49
CA THR C 534 -13.98 36.23 -5.16
C THR C 534 -13.87 37.64 -5.73
N TRP C 535 -12.65 38.10 -6.03
CA TRP C 535 -12.52 39.44 -6.57
C TRP C 535 -13.31 39.55 -7.86
N ALA C 536 -13.25 38.52 -8.69
CA ALA C 536 -13.99 38.51 -9.94
C ALA C 536 -14.90 37.28 -10.07
N MET C 537 -16.15 37.49 -10.43
CA MET C 537 -17.08 36.38 -10.58
C MET C 537 -17.30 36.09 -12.06
N THR C 538 -17.49 34.81 -12.39
CA THR C 538 -18.05 34.52 -13.70
C THR C 538 -19.48 35.01 -13.75
N VAL C 539 -19.93 35.35 -14.95
CA VAL C 539 -21.31 35.82 -15.10
C VAL C 539 -22.28 34.77 -14.61
N HIS C 540 -21.98 33.50 -14.88
CA HIS C 540 -22.85 32.41 -14.47
C HIS C 540 -23.15 32.48 -12.97
N LYS C 541 -22.11 32.51 -12.14
CA LYS C 541 -22.31 32.43 -10.70
C LYS C 541 -23.00 33.65 -10.13
N SER C 542 -23.00 34.74 -10.87
CA SER C 542 -23.56 35.99 -10.40
C SER C 542 -25.07 36.05 -10.50
N GLN C 543 -25.70 35.06 -11.12
CA GLN C 543 -27.14 35.08 -11.29
C GLN C 543 -27.86 35.17 -9.95
N GLY C 544 -28.90 35.99 -9.90
CA GLY C 544 -29.68 36.22 -8.72
C GLY C 544 -29.14 37.32 -7.82
N SER C 545 -27.85 37.59 -7.90
CA SER C 545 -27.25 38.64 -7.09
C SER C 545 -27.60 40.01 -7.67
N GLU C 546 -27.42 41.03 -6.85
CA GLU C 546 -27.57 42.41 -7.28
C GLU C 546 -26.47 43.26 -6.70
N PHE C 547 -25.78 44.01 -7.55
CA PHE C 547 -24.74 44.92 -7.13
C PHE C 547 -25.12 46.34 -7.54
N ASP C 548 -24.75 47.32 -6.72
CA ASP C 548 -25.07 48.70 -7.09
C ASP C 548 -24.26 49.15 -8.29
N HIS C 549 -22.99 48.79 -8.35
CA HIS C 549 -22.15 49.10 -9.49
C HIS C 549 -21.44 47.83 -9.93
N ALA C 550 -21.75 47.39 -11.14
CA ALA C 550 -21.14 46.22 -11.73
C ALA C 550 -20.26 46.63 -12.90
N ALA C 551 -19.23 45.84 -13.17
CA ALA C 551 -18.32 46.11 -14.26
C ALA C 551 -18.12 44.83 -15.06
N LEU C 552 -18.47 44.86 -16.33
CA LEU C 552 -18.38 43.70 -17.19
C LEU C 552 -17.05 43.71 -17.93
N ILE C 553 -16.46 42.54 -18.12
CA ILE C 553 -15.20 42.41 -18.84
C ILE C 553 -15.36 41.31 -19.88
N LEU C 554 -15.25 41.67 -21.15
CA LEU C 554 -15.34 40.74 -22.25
C LEU C 554 -13.99 40.54 -22.90
N PRO C 555 -13.56 39.29 -23.07
CA PRO C 555 -12.24 39.04 -23.66
C PRO C 555 -12.19 39.48 -25.12
N SER C 556 -10.96 39.56 -25.63
CA SER C 556 -10.75 40.08 -26.97
C SER C 556 -11.13 39.07 -28.04
N GLN C 557 -10.90 37.78 -27.79
CA GLN C 557 -11.12 36.78 -28.82
C GLN C 557 -12.62 36.60 -29.06
N ARG C 558 -12.94 35.66 -29.95
CA ARG C 558 -14.31 35.26 -30.21
C ARG C 558 -14.48 33.82 -29.76
N THR C 559 -15.23 33.63 -28.68
CA THR C 559 -15.39 32.31 -28.08
C THR C 559 -16.87 31.98 -27.97
N PRO C 560 -17.22 30.69 -28.12
CA PRO C 560 -18.64 30.31 -28.09
C PRO C 560 -19.33 30.62 -26.78
N VAL C 561 -18.59 30.88 -25.70
CA VAL C 561 -19.23 31.25 -24.45
C VAL C 561 -19.83 32.65 -24.54
N VAL C 562 -19.07 33.60 -25.08
CA VAL C 562 -19.57 34.96 -25.16
C VAL C 562 -20.74 34.99 -26.14
N THR C 563 -21.89 35.44 -25.67
CA THR C 563 -23.14 35.33 -26.42
C THR C 563 -24.00 36.54 -26.09
N ARG C 564 -25.25 36.49 -26.50
CA ARG C 564 -26.18 37.56 -26.16
C ARG C 564 -26.64 37.47 -24.72
N GLU C 565 -27.12 36.30 -24.31
CA GLU C 565 -27.72 36.17 -22.98
C GLU C 565 -26.71 36.42 -21.88
N LEU C 566 -25.47 35.97 -22.07
CA LEU C 566 -24.41 36.28 -21.12
C LEU C 566 -24.35 37.77 -20.84
N VAL C 567 -24.16 38.56 -21.90
CA VAL C 567 -24.11 40.01 -21.75
C VAL C 567 -25.38 40.52 -21.11
N TYR C 568 -26.53 39.97 -21.52
CA TYR C 568 -27.79 40.42 -20.96
C TYR C 568 -27.80 40.31 -19.45
N THR C 569 -27.55 39.11 -18.94
CA THR C 569 -27.50 38.93 -17.49
C THR C 569 -26.53 39.89 -16.85
N ALA C 570 -25.36 40.06 -17.46
CA ALA C 570 -24.42 41.03 -16.93
C ALA C 570 -25.04 42.41 -16.81
N VAL C 571 -25.84 42.80 -17.79
CA VAL C 571 -26.44 44.12 -17.77
C VAL C 571 -27.48 44.22 -16.67
N THR C 572 -28.42 43.29 -16.64
CA THR C 572 -29.45 43.34 -15.60
C THR C 572 -28.88 43.12 -14.22
N ARG C 573 -27.60 42.76 -14.12
CA ARG C 573 -27.04 42.39 -12.83
C ARG C 573 -26.89 43.60 -11.91
N ALA C 574 -26.48 44.73 -12.47
CA ALA C 574 -26.29 45.93 -11.69
C ALA C 574 -27.61 46.59 -11.28
N ARG C 575 -27.72 46.94 -10.00
CA ARG C 575 -28.94 47.58 -9.50
C ARG C 575 -29.15 48.94 -10.16
N ARG C 576 -28.08 49.73 -10.25
CA ARG C 576 -28.16 51.06 -10.86
C ARG C 576 -26.98 51.36 -11.77
N ARG C 577 -25.80 51.51 -11.16
CA ARG C 577 -24.59 51.81 -11.91
C ARG C 577 -24.08 50.61 -12.71
N LEU C 578 -23.44 50.89 -13.84
CA LEU C 578 -22.90 49.87 -14.72
C LEU C 578 -21.69 50.39 -15.47
N SER C 579 -20.75 49.50 -15.78
CA SER C 579 -19.63 49.81 -16.66
C SER C 579 -19.32 48.61 -17.53
N LEU C 580 -18.73 48.89 -18.69
CA LEU C 580 -18.41 47.86 -19.67
C LEU C 580 -16.95 47.99 -20.09
N TYR C 581 -16.31 46.85 -20.37
CA TYR C 581 -15.02 46.85 -21.02
C TYR C 581 -15.08 45.85 -22.16
N ALA C 582 -15.05 46.34 -23.39
CA ALA C 582 -15.14 45.43 -24.53
C ALA C 582 -14.69 46.14 -25.79
N ASP C 583 -14.38 45.34 -26.80
CA ASP C 583 -14.21 45.85 -28.16
C ASP C 583 -15.58 45.96 -28.81
N GLU C 584 -15.79 47.09 -29.50
CA GLU C 584 -17.08 47.32 -30.16
C GLU C 584 -17.37 46.23 -31.19
N ARG C 585 -16.33 45.64 -31.76
CA ARG C 585 -16.52 44.55 -32.71
C ARG C 585 -16.83 43.25 -32.00
N ILE C 586 -16.10 42.92 -30.94
CA ILE C 586 -16.34 41.67 -30.24
C ILE C 586 -17.71 41.69 -29.58
N LEU C 587 -18.01 42.78 -28.86
CA LEU C 587 -19.33 42.93 -28.28
C LEU C 587 -20.41 43.01 -29.35
N SER C 588 -20.20 43.90 -30.33
CA SER C 588 -21.23 44.16 -31.33
C SER C 588 -21.57 42.92 -32.14
N ALA C 589 -20.60 42.07 -32.40
CA ALA C 589 -20.91 40.81 -33.05
C ALA C 589 -21.52 39.83 -32.06
N ALA C 590 -21.07 39.87 -30.81
CA ALA C 590 -21.58 38.96 -29.80
C ALA C 590 -23.07 39.11 -29.63
N ILE C 591 -23.56 40.35 -29.58
CA ILE C 591 -24.99 40.56 -29.38
C ILE C 591 -25.80 40.02 -30.55
N ALA C 592 -25.24 40.02 -31.76
CA ALA C 592 -25.99 39.55 -32.91
C ALA C 592 -26.22 38.05 -32.87
N THR C 593 -25.36 37.31 -32.17
CA THR C 593 -25.42 35.86 -32.16
C THR C 593 -26.23 35.40 -30.95
N ARG C 594 -27.40 34.83 -31.21
CA ARG C 594 -28.29 34.37 -30.16
C ARG C 594 -28.04 32.89 -29.88
N THR C 595 -28.17 32.51 -28.61
CA THR C 595 -28.01 31.12 -28.23
C THR C 595 -29.24 30.35 -28.67
N GLU C 596 -29.04 29.34 -29.51
CA GLU C 596 -30.08 28.44 -29.92
C GLU C 596 -29.71 27.03 -29.49
N ARG C 597 -30.67 26.32 -28.93
CA ARG C 597 -30.50 24.90 -28.60
C ARG C 597 -31.68 24.17 -29.20
N ARG C 598 -31.40 23.29 -30.16
CA ARG C 598 -32.44 22.74 -31.00
C ARG C 598 -33.20 21.67 -30.26
N SER C 599 -34.51 21.85 -30.15
CA SER C 599 -35.38 20.86 -29.55
C SER C 599 -36.69 20.82 -30.33
N GLY C 600 -37.31 19.65 -30.34
CA GLY C 600 -38.57 19.53 -31.04
C GLY C 600 -39.71 20.24 -30.38
N LEU C 601 -39.50 20.80 -29.18
CA LEU C 601 -40.58 21.47 -28.46
C LEU C 601 -41.31 22.44 -29.36
N ALA C 602 -40.57 23.32 -30.04
CA ALA C 602 -41.19 24.24 -30.98
C ALA C 602 -42.11 23.50 -31.95
N ALA C 603 -41.67 22.33 -32.42
CA ALA C 603 -42.54 21.52 -33.27
C ALA C 603 -43.61 20.83 -32.44
N LEU C 604 -43.26 20.34 -31.25
CA LEU C 604 -44.17 19.51 -30.48
C LEU C 604 -45.43 20.28 -30.10
N PHE C 605 -45.28 21.52 -29.61
CA PHE C 605 -46.44 22.26 -29.15
C PHE C 605 -47.37 22.65 -30.28
N SER C 606 -46.89 22.67 -31.52
CA SER C 606 -47.74 22.92 -32.67
C SER C 606 -48.41 21.66 -33.20
N SER C 607 -47.96 20.48 -32.78
CA SER C 607 -48.55 19.24 -33.24
C SER C 607 -48.68 18.25 -32.09
#